data_8ZLY
#
_entry.id   8ZLY
#
_cell.length_a   115.809
_cell.length_b   403.204
_cell.length_c   113.593
_cell.angle_alpha   90.00
_cell.angle_beta   90.00
_cell.angle_gamma   90.00
#
_symmetry.space_group_name_H-M   'P 21 21 2'
#
loop_
_entity.id
_entity.type
_entity.pdbx_description
1 polymer 'Pyruvate kinase'
2 non-polymer 1,6-di-O-phosphono-beta-D-fructofuranose
3 non-polymer 'MAGNESIUM ION'
4 non-polymer "URIDINE-5'-DIPHOSPHATE"
5 non-polymer 'POTASSIUM ION'
6 non-polymer 'OXALATE ION'
7 water water
#
_entity_poly.entity_id   1
_entity_poly.type   'polypeptide(L)'
_entity_poly.pdbx_seq_one_letter_code
;MGSSHHHHHHSSGLVPRGSHMNKRVKIVATLGPAVEIRGGKKFGEDGYWGEKLDVEASAKNIAKLIEAGANTFRFNFSHG
DHQEQGERMATVKLAEKIAGKKVGFLLDTKGPEIRTELFEGEAKEYSYKTGEKIRVATKQGIKSTREVIALNVAGALDIY
DDVEVGRQVLVDDGKLGLRVVAKDDATREFEVEVENDGIIAKQKGVNIPNTKIPFPALAERDNDDIRFGLEQGINFIAIS
FVRTAKDVNEVRAICEETGNGHVQLFAKIENQQGIDNLDEIIEAADGIMIARGDMGIEVPFEMVPVYQKMIIKKVNAAGK
VVITATNMLETMTEKPRATRSEVSDVFNAVIDGTDATMLSGESANGKYPLESVTTMATIDKNAQALLNEYGRLDSDSFER
NSKTEVMASAVKDATSSMDIKLVVTLTKTGHTARLISKYRPNADILALTFDELTERGLMLNWGVIPMLTDAPSSTDDMFE
IAERKAVEAGLVESGDDIVIVAGVPVGEAVRTNTMRIRTVR
;
_entity_poly.pdbx_strand_id   A,B,C,D,E,F,G,H
#
# COMPACT_ATOMS: atom_id res chain seq x y z
N MET A 21 -23.64 -3.40 -27.43
CA MET A 21 -23.63 -3.20 -25.95
C MET A 21 -22.44 -2.32 -25.56
N ASN A 22 -22.73 -1.08 -25.16
CA ASN A 22 -21.87 -0.30 -24.24
C ASN A 22 -22.13 -0.80 -22.82
N LYS A 23 -21.11 -0.78 -21.99
CA LYS A 23 -21.23 -1.32 -20.62
C LYS A 23 -21.80 -0.19 -19.76
N ARG A 24 -23.02 -0.30 -19.26
CA ARG A 24 -23.65 0.76 -18.40
C ARG A 24 -23.14 0.70 -16.94
N VAL A 25 -22.87 -0.49 -16.42
CA VAL A 25 -22.30 -0.66 -15.06
C VAL A 25 -20.83 -0.25 -15.10
N LYS A 26 -20.44 0.63 -14.18
CA LYS A 26 -19.08 1.22 -14.18
C LYS A 26 -18.13 0.29 -13.45
N ILE A 27 -16.87 0.28 -13.86
CA ILE A 27 -15.85 -0.58 -13.21
C ILE A 27 -14.89 0.38 -12.50
N VAL A 28 -14.70 0.17 -11.21
CA VAL A 28 -13.57 0.74 -10.43
C VAL A 28 -12.47 -0.32 -10.39
N ALA A 29 -11.30 0.01 -10.94
CA ALA A 29 -10.12 -0.88 -10.90
C ALA A 29 -9.10 -0.28 -9.93
N THR A 30 -8.67 -1.03 -8.94
CA THR A 30 -7.60 -0.63 -7.98
C THR A 30 -6.25 -0.79 -8.68
N LEU A 31 -5.42 0.25 -8.66
CA LEU A 31 -4.06 0.14 -9.25
C LEU A 31 -3.04 -0.27 -8.18
N GLY A 32 -1.98 -0.93 -8.64
CA GLY A 32 -0.92 -1.47 -7.79
C GLY A 32 0.18 -1.99 -8.68
N PRO A 33 1.12 -2.77 -8.12
CA PRO A 33 2.27 -3.21 -8.88
C PRO A 33 1.93 -4.12 -10.06
N ALA A 34 0.78 -4.81 -10.04
CA ALA A 34 0.44 -5.80 -11.09
C ALA A 34 0.57 -5.18 -12.50
N VAL A 35 0.26 -3.91 -12.66
CA VAL A 35 0.24 -3.26 -14.00
C VAL A 35 1.55 -2.51 -14.23
N GLU A 36 2.40 -2.41 -13.21
CA GLU A 36 3.58 -1.53 -13.24
C GLU A 36 4.80 -2.33 -13.70
N ILE A 37 5.47 -1.78 -14.69
CA ILE A 37 6.78 -2.28 -15.15
C ILE A 37 7.85 -1.39 -14.49
N ARG A 38 8.86 -2.04 -13.96
CA ARG A 38 10.04 -1.42 -13.28
C ARG A 38 11.28 -1.94 -14.02
N GLY A 39 12.03 -1.05 -14.68
CA GLY A 39 13.26 -1.38 -15.45
C GLY A 39 13.06 -2.60 -16.34
N GLY A 40 11.96 -2.63 -17.08
CA GLY A 40 11.65 -3.69 -18.06
C GLY A 40 11.19 -4.96 -17.39
N LYS A 41 10.97 -5.00 -16.07
CA LYS A 41 10.52 -6.24 -15.42
C LYS A 41 9.03 -6.11 -15.06
N LYS A 42 8.30 -7.22 -15.07
CA LYS A 42 6.88 -7.23 -14.64
C LYS A 42 6.80 -7.76 -13.21
N PHE A 43 5.75 -7.36 -12.52
CA PHE A 43 5.48 -7.78 -11.13
C PHE A 43 5.64 -9.29 -11.06
N GLY A 44 6.33 -9.74 -10.01
CA GLY A 44 6.65 -11.17 -9.81
C GLY A 44 8.02 -11.56 -10.35
N GLU A 45 8.64 -10.78 -11.25
CA GLU A 45 9.94 -11.21 -11.85
C GLU A 45 11.05 -10.92 -10.83
N ASP A 46 12.08 -11.76 -10.81
CA ASP A 46 13.31 -11.57 -9.98
C ASP A 46 13.89 -10.18 -10.27
N GLY A 47 14.26 -9.46 -9.19
CA GLY A 47 14.90 -8.13 -9.21
C GLY A 47 13.92 -6.99 -9.50
N TYR A 48 12.61 -7.27 -9.57
CA TYR A 48 11.55 -6.27 -9.84
C TYR A 48 11.69 -5.07 -8.91
N TRP A 49 11.76 -5.32 -7.60
CA TRP A 49 11.78 -4.26 -6.58
C TRP A 49 13.11 -3.48 -6.57
N GLY A 50 14.14 -3.99 -7.20
CA GLY A 50 15.44 -3.31 -7.30
C GLY A 50 15.43 -2.28 -8.41
N GLU A 51 14.38 -2.27 -9.24
CA GLU A 51 14.27 -1.30 -10.37
C GLU A 51 13.40 -0.14 -9.95
N LYS A 52 13.44 0.98 -10.69
CA LYS A 52 12.47 2.09 -10.55
C LYS A 52 11.34 1.93 -11.58
N LEU A 53 10.26 2.67 -11.38
CA LEU A 53 9.05 2.65 -12.26
C LEU A 53 9.40 3.08 -13.69
N ASP A 54 9.04 2.27 -14.69
CA ASP A 54 9.01 2.69 -16.11
C ASP A 54 7.63 3.30 -16.40
N VAL A 55 7.53 4.63 -16.44
CA VAL A 55 6.22 5.33 -16.47
C VAL A 55 5.52 5.03 -17.80
N GLU A 56 6.21 5.07 -18.94
CA GLU A 56 5.55 4.94 -20.26
C GLU A 56 5.07 3.49 -20.42
N ALA A 57 5.92 2.53 -20.12
CA ALA A 57 5.58 1.10 -20.21
C ALA A 57 4.41 0.81 -19.26
N SER A 58 4.37 1.44 -18.09
CA SER A 58 3.29 1.27 -17.08
C SER A 58 1.98 1.88 -17.59
N ALA A 59 2.07 3.09 -18.18
CA ALA A 59 0.92 3.85 -18.70
C ALA A 59 0.31 3.09 -19.90
N LYS A 60 1.13 2.41 -20.70
CA LYS A 60 0.65 1.55 -21.80
C LYS A 60 -0.20 0.42 -21.22
N ASN A 61 0.25 -0.26 -20.17
CA ASN A 61 -0.54 -1.35 -19.52
C ASN A 61 -1.88 -0.76 -19.04
N ILE A 62 -1.84 0.42 -18.43
CA ILE A 62 -3.02 1.03 -17.75
C ILE A 62 -4.03 1.45 -18.83
N ALA A 63 -3.53 1.98 -19.96
CA ALA A 63 -4.33 2.35 -21.15
C ALA A 63 -5.12 1.12 -21.60
N LYS A 64 -4.58 -0.10 -21.50
CA LYS A 64 -5.32 -1.31 -21.92
C LYS A 64 -6.47 -1.60 -20.95
N LEU A 65 -6.29 -1.38 -19.66
CA LEU A 65 -7.41 -1.50 -18.68
C LEU A 65 -8.47 -0.45 -19.01
N ILE A 66 -8.10 0.76 -19.37
CA ILE A 66 -9.10 1.80 -19.72
C ILE A 66 -9.94 1.31 -20.92
N GLU A 67 -9.26 0.87 -21.98
CA GLU A 67 -9.91 0.35 -23.22
C GLU A 67 -10.83 -0.82 -22.88
N ALA A 68 -10.50 -1.66 -21.90
CA ALA A 68 -11.29 -2.85 -21.55
C ALA A 68 -12.51 -2.48 -20.71
N GLY A 69 -12.62 -1.24 -20.23
CA GLY A 69 -13.84 -0.77 -19.54
C GLY A 69 -13.64 -0.32 -18.11
N ALA A 70 -12.41 -0.11 -17.63
CA ALA A 70 -12.19 0.55 -16.33
C ALA A 70 -12.58 2.01 -16.49
N ASN A 71 -13.45 2.51 -15.63
CA ASN A 71 -14.07 3.85 -15.70
C ASN A 71 -13.43 4.77 -14.64
N THR A 72 -12.81 4.20 -13.61
CA THR A 72 -12.24 4.97 -12.47
C THR A 72 -11.14 4.11 -11.89
N PHE A 73 -10.00 4.70 -11.59
CA PHE A 73 -8.92 4.00 -10.86
C PHE A 73 -8.91 4.47 -9.41
N ARG A 74 -8.73 3.48 -8.55
CA ARG A 74 -8.69 3.59 -7.09
C ARG A 74 -7.23 3.53 -6.65
N PHE A 75 -6.83 4.53 -5.88
CA PHE A 75 -5.51 4.71 -5.25
C PHE A 75 -5.73 4.51 -3.74
N ASN A 76 -5.38 3.32 -3.28
CA ASN A 76 -5.57 2.87 -1.89
C ASN A 76 -4.40 3.40 -1.04
N PHE A 77 -4.60 4.48 -0.30
CA PHE A 77 -3.55 5.11 0.56
C PHE A 77 -3.24 4.25 1.82
N SER A 78 -3.79 3.05 1.98
CA SER A 78 -3.31 2.13 3.04
C SER A 78 -1.99 1.48 2.58
N HIS A 79 -1.71 1.58 1.29
CA HIS A 79 -0.52 0.99 0.65
C HIS A 79 0.43 2.08 0.17
N GLY A 80 1.72 1.77 0.24
CA GLY A 80 2.80 2.65 -0.25
C GLY A 80 2.91 3.90 0.58
N ASP A 81 3.40 4.96 -0.02
CA ASP A 81 3.65 6.27 0.62
C ASP A 81 3.17 7.32 -0.40
N HIS A 82 3.28 8.61 -0.09
CA HIS A 82 2.75 9.65 -1.00
C HIS A 82 3.45 9.58 -2.34
N GLN A 83 4.77 9.44 -2.36
CA GLN A 83 5.54 9.44 -3.61
C GLN A 83 5.01 8.35 -4.55
N GLU A 84 4.81 7.14 -4.04
CA GLU A 84 4.33 5.98 -4.84
C GLU A 84 2.92 6.27 -5.38
N GLN A 85 2.06 6.86 -4.56
CA GLN A 85 0.67 7.22 -4.97
C GLN A 85 0.75 8.30 -6.05
N GLY A 86 1.60 9.30 -5.83
CA GLY A 86 1.74 10.47 -6.71
C GLY A 86 2.20 10.09 -8.09
N GLU A 87 3.17 9.18 -8.18
CA GLU A 87 3.71 8.69 -9.47
C GLU A 87 2.66 7.80 -10.16
N ARG A 88 1.97 6.98 -9.40
CA ARG A 88 0.92 6.11 -9.98
C ARG A 88 -0.16 7.02 -10.60
N MET A 89 -0.52 8.14 -9.94
CA MET A 89 -1.53 9.08 -10.47
C MET A 89 -1.02 9.74 -11.73
N ALA A 90 0.27 10.12 -11.77
CA ALA A 90 0.91 10.67 -12.99
C ALA A 90 0.87 9.63 -14.13
N THR A 91 1.07 8.36 -13.82
CA THR A 91 1.11 7.27 -14.83
C THR A 91 -0.28 7.13 -15.48
N VAL A 92 -1.33 7.29 -14.68
CA VAL A 92 -2.73 7.20 -15.20
C VAL A 92 -3.01 8.41 -16.11
N LYS A 93 -2.53 9.61 -15.77
CA LYS A 93 -2.72 10.83 -16.60
C LYS A 93 -2.11 10.57 -17.98
N LEU A 94 -1.00 9.84 -18.02
CA LEU A 94 -0.37 9.48 -19.31
C LEU A 94 -1.22 8.43 -20.03
N ALA A 95 -1.72 7.42 -19.29
CA ALA A 95 -2.54 6.31 -19.82
C ALA A 95 -3.79 6.86 -20.49
N GLU A 96 -4.43 7.87 -19.93
CA GLU A 96 -5.62 8.53 -20.50
C GLU A 96 -5.30 9.03 -21.91
N LYS A 97 -4.15 9.68 -22.06
CA LYS A 97 -3.70 10.28 -23.35
C LYS A 97 -3.45 9.15 -24.35
N ILE A 98 -2.88 8.04 -23.94
CA ILE A 98 -2.58 6.89 -24.84
C ILE A 98 -3.90 6.22 -25.28
N ALA A 99 -4.82 6.01 -24.35
CA ALA A 99 -6.14 5.37 -24.60
C ALA A 99 -7.07 6.31 -25.38
N GLY A 100 -6.79 7.59 -25.34
CA GLY A 100 -7.68 8.69 -25.78
C GLY A 100 -9.00 8.70 -25.02
N LYS A 101 -9.04 8.18 -23.78
CA LYS A 101 -10.27 8.15 -22.95
C LYS A 101 -9.91 8.59 -21.54
N LYS A 102 -10.77 9.38 -20.91
CA LYS A 102 -10.57 9.88 -19.54
C LYS A 102 -11.18 8.89 -18.57
N VAL A 103 -10.64 8.84 -17.36
CA VAL A 103 -11.19 8.01 -16.26
C VAL A 103 -11.28 8.87 -15.00
N GLY A 104 -12.06 8.42 -14.04
CA GLY A 104 -12.12 9.04 -12.71
C GLY A 104 -10.88 8.67 -11.88
N PHE A 105 -10.54 9.52 -10.92
CA PHE A 105 -9.43 9.32 -9.97
C PHE A 105 -10.04 9.21 -8.59
N LEU A 106 -9.93 8.04 -7.96
CA LEU A 106 -10.58 7.80 -6.66
C LEU A 106 -9.48 7.53 -5.63
N LEU A 107 -9.47 8.35 -4.59
CA LEU A 107 -8.57 8.13 -3.43
C LEU A 107 -9.30 7.36 -2.35
N ASP A 108 -8.75 6.26 -1.86
CA ASP A 108 -9.35 5.46 -0.78
C ASP A 108 -8.51 5.71 0.50
N THR A 109 -9.14 6.20 1.56
CA THR A 109 -8.44 6.65 2.80
C THR A 109 -8.12 5.44 3.67
N LYS A 110 -7.18 5.60 4.60
CA LYS A 110 -6.89 4.61 5.65
C LYS A 110 -8.11 4.45 6.57
N GLY A 111 -8.54 5.58 7.13
CA GLY A 111 -9.62 5.64 8.12
C GLY A 111 -9.18 5.10 9.46
N PRO A 112 -10.12 4.92 10.38
CA PRO A 112 -9.84 4.38 11.71
C PRO A 112 -9.60 2.87 11.66
N GLU A 113 -8.43 2.48 11.15
CA GLU A 113 -8.06 1.09 10.81
C GLU A 113 -6.76 0.66 11.51
N ILE A 114 -6.52 -0.64 11.55
CA ILE A 114 -5.24 -1.27 11.98
C ILE A 114 -4.65 -1.94 10.73
N ARG A 115 -3.39 -1.64 10.43
CA ARG A 115 -2.61 -2.24 9.34
C ARG A 115 -1.33 -2.86 9.93
N THR A 116 -0.88 -3.97 9.36
CA THR A 116 0.44 -4.58 9.64
C THR A 116 1.52 -3.60 9.18
N GLU A 117 2.68 -3.61 9.82
CA GLU A 117 3.75 -2.63 9.53
C GLU A 117 4.58 -3.11 8.34
N LEU A 118 5.41 -2.23 7.81
CA LEU A 118 6.58 -2.65 6.99
C LEU A 118 7.38 -3.68 7.78
N PHE A 119 8.13 -4.54 7.10
CA PHE A 119 9.04 -5.52 7.76
C PHE A 119 10.48 -4.99 7.76
N GLU A 120 11.29 -5.46 8.69
CA GLU A 120 12.76 -5.21 8.72
C GLU A 120 13.35 -5.76 7.42
N GLY A 121 14.21 -4.98 6.77
CA GLY A 121 15.01 -5.43 5.61
C GLY A 121 14.17 -5.57 4.34
N GLU A 122 13.00 -4.92 4.30
CA GLU A 122 12.11 -4.81 3.12
C GLU A 122 11.87 -6.19 2.45
N ALA A 123 11.92 -7.28 3.22
CA ALA A 123 11.03 -8.44 3.05
C ALA A 123 9.63 -7.83 2.97
N LYS A 124 8.74 -8.42 2.18
CA LYS A 124 7.39 -7.86 1.91
C LYS A 124 6.35 -8.73 2.67
N GLU A 125 6.65 -9.99 2.91
CA GLU A 125 5.71 -10.89 3.61
C GLU A 125 6.45 -12.11 4.12
N TYR A 126 5.81 -12.87 5.00
CA TYR A 126 6.19 -14.26 5.33
C TYR A 126 4.95 -15.17 5.25
N SER A 127 5.16 -16.48 5.25
CA SER A 127 4.14 -17.56 5.26
C SER A 127 4.22 -18.30 6.56
N TYR A 128 3.07 -18.65 7.12
CA TYR A 128 2.89 -19.30 8.42
C TYR A 128 2.00 -20.53 8.27
N LYS A 129 2.18 -21.49 9.18
CA LYS A 129 1.48 -22.79 9.20
C LYS A 129 0.67 -22.83 10.51
N THR A 130 -0.48 -23.47 10.45
CA THR A 130 -1.39 -23.72 11.59
C THR A 130 -0.50 -24.16 12.74
N GLY A 131 -0.67 -23.57 13.91
CA GLY A 131 -0.02 -24.02 15.16
C GLY A 131 1.29 -23.30 15.48
N GLU A 132 1.86 -22.52 14.55
CA GLU A 132 3.02 -21.61 14.84
C GLU A 132 2.62 -20.65 15.96
N LYS A 133 3.55 -20.35 16.87
CA LYS A 133 3.38 -19.37 17.96
C LYS A 133 4.21 -18.15 17.58
N ILE A 134 3.56 -17.03 17.30
CA ILE A 134 4.28 -15.77 16.98
C ILE A 134 3.77 -14.68 17.91
N ARG A 135 4.28 -13.48 17.69
CA ARG A 135 3.87 -12.36 18.54
C ARG A 135 3.31 -11.24 17.67
N VAL A 136 2.38 -10.49 18.26
CA VAL A 136 1.94 -9.22 17.64
C VAL A 136 2.30 -8.08 18.60
N ALA A 137 3.13 -7.12 18.13
CA ALA A 137 3.52 -5.92 18.90
C ALA A 137 2.40 -4.87 18.87
N THR A 138 2.31 -4.08 19.94
CA THR A 138 1.42 -2.91 20.05
C THR A 138 2.26 -1.63 19.93
N LYS A 139 3.56 -1.69 20.14
CA LYS A 139 4.37 -0.45 20.18
C LYS A 139 4.30 0.17 18.78
N GLN A 140 3.97 1.45 18.70
CA GLN A 140 3.75 2.16 17.42
C GLN A 140 5.10 2.63 16.87
N GLY A 141 5.22 2.70 15.55
CA GLY A 141 6.37 3.34 14.86
C GLY A 141 7.53 2.38 14.71
N ILE A 142 7.36 1.08 14.97
CA ILE A 142 8.43 0.08 14.72
C ILE A 142 8.09 -0.76 13.48
N LYS A 143 9.04 -1.56 13.03
CA LYS A 143 8.87 -2.46 11.87
C LYS A 143 8.59 -3.86 12.38
N SER A 144 7.95 -4.67 11.54
CA SER A 144 7.67 -6.09 11.83
C SER A 144 8.93 -6.88 11.57
N THR A 145 8.96 -8.05 12.17
CA THR A 145 9.80 -9.19 11.77
C THR A 145 8.87 -10.39 11.54
N ARG A 146 9.35 -11.47 10.96
CA ARG A 146 8.52 -12.70 10.80
C ARG A 146 7.91 -13.12 12.14
N GLU A 147 8.64 -13.07 13.25
CA GLU A 147 8.16 -13.65 14.56
C GLU A 147 7.37 -12.62 15.38
N VAL A 148 7.48 -11.33 15.05
CA VAL A 148 6.85 -10.23 15.85
C VAL A 148 6.26 -9.21 14.90
N ILE A 149 4.95 -9.35 14.67
CA ILE A 149 4.21 -8.53 13.67
C ILE A 149 3.87 -7.23 14.38
N ALA A 150 4.27 -6.10 13.82
CA ALA A 150 3.98 -4.78 14.40
C ALA A 150 2.73 -4.21 13.70
N LEU A 151 1.93 -3.45 14.45
CA LEU A 151 0.68 -2.81 13.97
C LEU A 151 0.87 -1.32 13.82
N ASN A 152 0.32 -0.79 12.73
CA ASN A 152 0.07 0.65 12.50
C ASN A 152 -1.40 0.87 12.82
N VAL A 153 -1.67 1.40 14.01
CA VAL A 153 -3.03 1.67 14.54
C VAL A 153 -3.30 3.15 14.27
N ALA A 154 -4.41 3.47 13.60
CA ALA A 154 -4.77 4.88 13.31
C ALA A 154 -4.77 5.69 14.61
N GLY A 155 -4.21 6.91 14.56
CA GLY A 155 -4.02 7.75 15.76
C GLY A 155 -2.83 7.33 16.62
N ALA A 156 -2.01 6.38 16.15
CA ALA A 156 -0.86 5.73 16.85
C ALA A 156 -1.30 5.30 18.26
N LEU A 157 -2.51 4.78 18.35
CA LEU A 157 -3.16 4.40 19.62
C LEU A 157 -2.46 3.15 20.16
N ASP A 158 -2.49 2.96 21.48
CA ASP A 158 -1.91 1.78 22.17
C ASP A 158 -3.10 0.88 22.46
N ILE A 159 -3.16 -0.31 21.88
CA ILE A 159 -4.40 -1.13 21.97
C ILE A 159 -4.15 -2.31 22.87
N TYR A 160 -2.97 -2.41 23.48
CA TYR A 160 -2.60 -3.57 24.33
C TYR A 160 -3.69 -3.87 25.35
N ASP A 161 -4.28 -2.85 25.98
CA ASP A 161 -5.28 -3.08 27.07
C ASP A 161 -6.70 -3.26 26.52
N ASP A 162 -6.95 -3.07 25.22
CA ASP A 162 -8.31 -3.18 24.62
C ASP A 162 -8.57 -4.61 24.13
N VAL A 163 -7.53 -5.47 24.12
CA VAL A 163 -7.57 -6.82 23.49
C VAL A 163 -7.21 -7.82 24.59
N GLU A 164 -8.17 -8.65 24.99
CA GLU A 164 -7.95 -9.67 26.03
C GLU A 164 -7.55 -10.99 25.39
N VAL A 165 -6.98 -11.89 26.19
CA VAL A 165 -6.74 -13.33 25.83
C VAL A 165 -8.05 -13.88 25.25
N GLY A 166 -8.02 -14.66 24.15
CA GLY A 166 -9.23 -15.27 23.56
C GLY A 166 -9.78 -14.48 22.38
N ARG A 167 -9.35 -13.23 22.21
CA ARG A 167 -9.69 -12.43 21.01
C ARG A 167 -9.01 -13.04 19.79
N GLN A 168 -9.63 -12.82 18.63
CA GLN A 168 -9.07 -13.23 17.33
C GLN A 168 -8.51 -11.99 16.67
N VAL A 169 -7.27 -12.07 16.21
CA VAL A 169 -6.67 -11.05 15.30
C VAL A 169 -6.70 -11.63 13.87
N LEU A 170 -7.41 -10.93 12.97
CA LEU A 170 -7.58 -11.35 11.57
C LEU A 170 -6.72 -10.46 10.69
N VAL A 171 -5.96 -11.11 9.81
CA VAL A 171 -5.10 -10.42 8.85
C VAL A 171 -5.62 -10.64 7.41
N ASP A 172 -5.73 -9.52 6.70
CA ASP A 172 -6.03 -9.43 5.25
C ASP A 172 -7.45 -9.92 4.96
N ASP A 173 -8.48 -9.11 5.25
CA ASP A 173 -9.90 -9.49 4.95
C ASP A 173 -10.20 -10.82 5.64
N GLY A 174 -9.57 -11.11 6.79
CA GLY A 174 -9.81 -12.35 7.57
C GLY A 174 -9.30 -13.63 6.93
N LYS A 175 -8.37 -13.55 5.97
CA LYS A 175 -7.76 -14.76 5.37
C LYS A 175 -6.99 -15.56 6.42
N LEU A 176 -6.23 -14.87 7.30
CA LEU A 176 -5.39 -15.53 8.34
C LEU A 176 -5.87 -15.11 9.73
N GLY A 177 -6.15 -16.09 10.58
CA GLY A 177 -6.58 -15.84 11.97
C GLY A 177 -5.43 -16.10 12.94
N LEU A 178 -5.27 -15.20 13.92
CA LEU A 178 -4.30 -15.34 15.04
C LEU A 178 -5.09 -15.30 16.35
N ARG A 179 -5.06 -16.39 17.12
CA ARG A 179 -5.76 -16.48 18.42
C ARG A 179 -4.80 -15.97 19.52
N VAL A 180 -5.19 -14.93 20.22
CA VAL A 180 -4.44 -14.39 21.40
C VAL A 180 -4.53 -15.42 22.52
N VAL A 181 -3.43 -16.12 22.84
CA VAL A 181 -3.44 -17.16 23.92
C VAL A 181 -2.85 -16.54 25.21
N ALA A 182 -2.03 -15.49 25.12
CA ALA A 182 -1.39 -14.80 26.28
C ALA A 182 -1.00 -13.36 25.93
N LYS A 183 -0.72 -12.55 26.94
CA LYS A 183 -0.19 -11.17 26.77
C LYS A 183 1.13 -11.04 27.55
N ASP A 184 2.22 -10.65 26.88
CA ASP A 184 3.56 -10.42 27.47
C ASP A 184 3.72 -8.93 27.80
N ASP A 185 3.54 -8.57 29.07
CA ASP A 185 3.69 -7.19 29.61
C ASP A 185 5.11 -6.63 29.40
N ALA A 186 6.17 -7.44 29.46
CA ALA A 186 7.54 -6.92 29.31
C ALA A 186 7.62 -6.23 27.94
N THR A 187 7.07 -6.85 26.88
CA THR A 187 7.19 -6.29 25.49
C THR A 187 5.88 -5.63 25.01
N ARG A 188 4.77 -5.78 25.74
CA ARG A 188 3.41 -5.34 25.34
C ARG A 188 3.10 -6.00 23.99
N GLU A 189 3.32 -7.31 23.93
CA GLU A 189 3.09 -8.16 22.74
C GLU A 189 1.94 -9.11 23.05
N PHE A 190 1.07 -9.34 22.07
CA PHE A 190 0.08 -10.44 22.13
C PHE A 190 0.82 -11.69 21.66
N GLU A 191 0.75 -12.75 22.44
CA GLU A 191 1.27 -14.11 22.12
C GLU A 191 0.17 -14.82 21.36
N VAL A 192 0.43 -15.16 20.11
CA VAL A 192 -0.67 -15.69 19.25
C VAL A 192 -0.30 -17.07 18.69
N GLU A 193 -1.35 -17.85 18.44
CA GLU A 193 -1.31 -19.12 17.71
C GLU A 193 -1.92 -18.88 16.32
N VAL A 194 -1.17 -19.20 15.28
CA VAL A 194 -1.66 -19.14 13.89
C VAL A 194 -2.78 -20.18 13.74
N GLU A 195 -4.01 -19.77 13.39
CA GLU A 195 -5.18 -20.71 13.36
C GLU A 195 -5.24 -21.50 12.03
N ASN A 196 -4.60 -21.03 10.97
CA ASN A 196 -4.75 -21.61 9.62
C ASN A 196 -3.53 -21.15 8.84
N ASP A 197 -3.16 -21.91 7.81
CA ASP A 197 -2.07 -21.55 6.88
C ASP A 197 -2.41 -20.22 6.19
N GLY A 198 -1.46 -19.31 6.13
CA GLY A 198 -1.65 -18.07 5.37
C GLY A 198 -0.43 -17.17 5.48
N ILE A 199 -0.58 -15.98 4.95
CA ILE A 199 0.52 -15.01 4.71
C ILE A 199 0.23 -13.80 5.57
N ILE A 200 1.30 -13.17 6.06
CA ILE A 200 1.26 -11.79 6.59
C ILE A 200 2.21 -10.98 5.75
N ALA A 201 1.62 -10.10 4.95
CA ALA A 201 2.32 -9.12 4.13
C ALA A 201 2.26 -7.78 4.84
N LYS A 202 3.09 -6.87 4.38
CA LYS A 202 3.19 -5.48 4.87
C LYS A 202 1.88 -4.77 4.49
N GLN A 203 1.45 -3.86 5.36
CA GLN A 203 0.35 -2.89 5.12
C GLN A 203 -0.95 -3.64 4.84
N LYS A 204 -1.19 -4.76 5.55
CA LYS A 204 -2.41 -5.59 5.40
C LYS A 204 -3.42 -5.18 6.48
N GLY A 205 -4.71 -5.22 6.10
CA GLY A 205 -5.80 -4.90 7.03
C GLY A 205 -5.84 -5.87 8.18
N VAL A 206 -6.03 -5.35 9.39
CA VAL A 206 -6.14 -6.17 10.62
C VAL A 206 -7.47 -5.89 11.27
N ASN A 207 -8.19 -6.96 11.58
CA ASN A 207 -9.50 -6.87 12.28
C ASN A 207 -9.38 -7.61 13.60
N ILE A 208 -9.90 -7.04 14.68
CA ILE A 208 -9.99 -7.75 15.99
C ILE A 208 -11.45 -7.66 16.41
N PRO A 209 -12.29 -8.63 16.03
CA PRO A 209 -13.72 -8.54 16.27
C PRO A 209 -14.02 -8.43 17.76
N ASN A 210 -15.15 -7.78 18.09
CA ASN A 210 -15.70 -7.68 19.47
C ASN A 210 -14.71 -6.94 20.37
N THR A 211 -13.98 -5.98 19.82
CA THR A 211 -13.17 -5.02 20.61
C THR A 211 -13.67 -3.63 20.23
N LYS A 212 -13.40 -2.61 21.03
CA LYS A 212 -13.99 -1.26 20.86
C LYS A 212 -12.89 -0.22 21.02
N ILE A 213 -11.87 -0.32 20.18
CA ILE A 213 -10.71 0.60 20.12
C ILE A 213 -11.21 2.02 19.83
N PRO A 214 -10.86 3.04 20.67
CA PRO A 214 -11.37 4.40 20.51
C PRO A 214 -10.61 5.23 19.47
N PHE A 215 -10.83 4.95 18.18
CA PHE A 215 -10.15 5.70 17.11
C PHE A 215 -10.60 7.15 17.16
N PRO A 216 -9.72 8.12 16.81
CA PRO A 216 -10.10 9.53 16.81
C PRO A 216 -11.06 9.90 15.66
N ALA A 217 -11.48 11.17 15.66
CA ALA A 217 -12.45 11.78 14.72
C ALA A 217 -11.93 11.67 13.28
N LEU A 218 -10.73 12.18 13.04
CA LEU A 218 -10.06 12.12 11.72
C LEU A 218 -8.55 12.19 11.96
N ALA A 219 -7.89 11.07 11.74
CA ALA A 219 -6.46 10.87 12.05
C ALA A 219 -5.64 11.85 11.23
N GLU A 220 -4.53 12.31 11.80
CA GLU A 220 -3.64 13.30 11.16
C GLU A 220 -3.21 12.75 9.80
N ARG A 221 -2.90 11.45 9.76
CA ARG A 221 -2.48 10.70 8.56
C ARG A 221 -3.55 10.88 7.46
N ASP A 222 -4.82 10.71 7.80
CA ASP A 222 -5.94 10.84 6.83
C ASP A 222 -5.98 12.28 6.33
N ASN A 223 -5.82 13.24 7.23
CA ASN A 223 -5.85 14.65 6.85
C ASN A 223 -4.76 14.91 5.82
N ASP A 224 -3.52 14.46 6.06
CA ASP A 224 -2.37 14.61 5.12
C ASP A 224 -2.63 13.86 3.79
N ASP A 225 -3.03 12.59 3.84
CA ASP A 225 -3.35 11.76 2.63
C ASP A 225 -4.37 12.50 1.76
N ILE A 226 -5.48 12.94 2.35
CA ILE A 226 -6.58 13.64 1.62
C ILE A 226 -6.03 14.90 0.98
N ARG A 227 -5.31 15.74 1.75
CA ARG A 227 -4.75 17.00 1.22
C ARG A 227 -3.73 16.72 0.10
N PHE A 228 -2.92 15.67 0.20
CA PHE A 228 -1.94 15.33 -0.86
C PHE A 228 -2.69 14.97 -2.16
N GLY A 229 -3.70 14.11 -2.02
CA GLY A 229 -4.50 13.61 -3.17
C GLY A 229 -5.25 14.75 -3.82
N LEU A 230 -5.81 15.65 -2.99
CA LEU A 230 -6.53 16.84 -3.50
C LEU A 230 -5.55 17.70 -4.29
N GLU A 231 -4.26 17.78 -3.87
CA GLU A 231 -3.23 18.58 -4.61
C GLU A 231 -2.93 17.91 -5.96
N GLN A 232 -2.91 16.58 -6.01
CA GLN A 232 -2.54 15.84 -7.24
C GLN A 232 -3.66 15.97 -8.30
N GLY A 233 -4.90 16.12 -7.84
CA GLY A 233 -6.12 16.22 -8.67
C GLY A 233 -6.87 14.90 -8.65
N ILE A 234 -7.94 14.83 -7.87
CA ILE A 234 -8.81 13.64 -7.77
C ILE A 234 -10.27 14.07 -7.98
N ASN A 235 -11.13 13.11 -8.25
CA ASN A 235 -12.58 13.32 -8.52
C ASN A 235 -13.39 12.78 -7.36
N PHE A 236 -12.86 11.75 -6.71
CA PHE A 236 -13.60 10.99 -5.69
C PHE A 236 -12.70 10.64 -4.51
N ILE A 237 -13.32 10.62 -3.34
CA ILE A 237 -12.68 10.04 -2.14
C ILE A 237 -13.62 9.00 -1.58
N ALA A 238 -13.12 7.80 -1.34
CA ALA A 238 -13.84 6.75 -0.61
C ALA A 238 -13.28 6.76 0.80
N ILE A 239 -14.12 7.09 1.77
CA ILE A 239 -13.72 7.26 3.19
C ILE A 239 -13.90 5.92 3.87
N SER A 240 -12.81 5.30 4.34
CA SER A 240 -12.89 3.98 4.99
C SER A 240 -13.57 4.10 6.35
N PHE A 241 -14.33 3.06 6.70
CA PHE A 241 -14.98 2.88 7.99
C PHE A 241 -15.75 4.13 8.38
N VAL A 242 -16.59 4.64 7.49
CA VAL A 242 -17.48 5.75 7.91
C VAL A 242 -18.39 5.25 9.02
N ARG A 243 -18.39 5.93 10.16
CA ARG A 243 -19.18 5.54 11.36
C ARG A 243 -20.45 6.38 11.47
N THR A 244 -20.37 7.66 11.14
CA THR A 244 -21.48 8.62 11.25
C THR A 244 -21.35 9.62 10.13
N ALA A 245 -22.33 10.51 9.97
CA ALA A 245 -22.27 11.62 9.01
C ALA A 245 -21.09 12.53 9.33
N LYS A 246 -20.69 12.67 10.60
CA LYS A 246 -19.53 13.53 10.94
C LYS A 246 -18.29 13.07 10.18
N ASP A 247 -18.05 11.77 10.08
CA ASP A 247 -16.89 11.24 9.33
C ASP A 247 -16.90 11.79 7.90
N VAL A 248 -18.07 11.85 7.25
CA VAL A 248 -18.19 12.41 5.87
C VAL A 248 -18.00 13.93 5.90
N ASN A 249 -18.60 14.62 6.86
CA ASN A 249 -18.53 16.11 6.95
C ASN A 249 -17.10 16.57 7.27
N GLU A 250 -16.31 15.81 8.04
CA GLU A 250 -14.87 16.15 8.31
C GLU A 250 -14.12 16.20 6.98
N VAL A 251 -14.40 15.26 6.07
CA VAL A 251 -13.67 15.22 4.78
C VAL A 251 -14.24 16.31 3.89
N ARG A 252 -15.55 16.48 3.90
CA ARG A 252 -16.21 17.55 3.10
C ARG A 252 -15.55 18.90 3.43
N ALA A 253 -15.29 19.16 4.70
CA ALA A 253 -14.78 20.46 5.18
C ALA A 253 -13.46 20.75 4.47
N ILE A 254 -12.62 19.73 4.40
CA ILE A 254 -11.28 19.84 3.79
C ILE A 254 -11.42 20.09 2.30
N CYS A 255 -12.30 19.35 1.62
CA CYS A 255 -12.52 19.55 0.18
C CYS A 255 -12.93 21.00 -0.10
N GLU A 256 -13.83 21.56 0.70
CA GLU A 256 -14.39 22.92 0.42
C GLU A 256 -13.32 23.97 0.75
N GLU A 257 -12.55 23.79 1.81
CA GLU A 257 -11.53 24.79 2.24
C GLU A 257 -10.40 24.86 1.20
N THR A 258 -10.05 23.77 0.52
CA THR A 258 -8.92 23.69 -0.45
C THR A 258 -9.36 24.06 -1.87
N GLY A 259 -10.61 24.50 -2.08
CA GLY A 259 -11.14 24.84 -3.41
C GLY A 259 -11.47 23.60 -4.22
N ASN A 260 -11.92 22.52 -3.57
CA ASN A 260 -12.14 21.17 -4.16
C ASN A 260 -13.56 20.69 -3.84
N GLY A 261 -14.53 21.60 -3.85
CA GLY A 261 -15.97 21.31 -3.63
C GLY A 261 -16.55 20.38 -4.69
N HIS A 262 -15.88 20.21 -5.83
CA HIS A 262 -16.37 19.32 -6.93
C HIS A 262 -16.11 17.85 -6.61
N VAL A 263 -15.19 17.57 -5.67
CA VAL A 263 -14.80 16.19 -5.30
C VAL A 263 -16.01 15.55 -4.59
N GLN A 264 -16.31 14.32 -5.00
CA GLN A 264 -17.44 13.54 -4.45
C GLN A 264 -16.91 12.56 -3.41
N LEU A 265 -17.67 12.42 -2.33
CA LEU A 265 -17.35 11.55 -1.17
C LEU A 265 -18.24 10.33 -1.21
N PHE A 266 -17.61 9.18 -1.27
CA PHE A 266 -18.27 7.88 -1.09
C PHE A 266 -17.92 7.38 0.29
N ALA A 267 -18.92 7.26 1.16
CA ALA A 267 -18.76 6.60 2.46
C ALA A 267 -18.57 5.09 2.23
N LYS A 268 -17.47 4.51 2.72
CA LYS A 268 -17.35 3.04 2.80
C LYS A 268 -18.11 2.56 4.04
N ILE A 269 -19.10 1.69 3.84
CA ILE A 269 -19.85 1.04 4.93
C ILE A 269 -19.17 -0.30 5.15
N GLU A 270 -18.52 -0.47 6.30
CA GLU A 270 -17.78 -1.72 6.59
C GLU A 270 -17.81 -2.06 8.09
N ASN A 271 -18.79 -1.55 8.82
CA ASN A 271 -18.98 -1.89 10.26
C ASN A 271 -20.41 -1.60 10.68
N GLN A 272 -20.76 -2.08 11.87
CA GLN A 272 -22.15 -2.02 12.39
C GLN A 272 -22.54 -0.54 12.54
N GLN A 273 -21.61 0.33 12.92
CA GLN A 273 -21.96 1.74 13.21
C GLN A 273 -22.37 2.42 11.90
N GLY A 274 -21.59 2.21 10.84
CA GLY A 274 -21.97 2.60 9.48
C GLY A 274 -23.34 2.07 9.07
N ILE A 275 -23.65 0.80 9.33
CA ILE A 275 -25.00 0.26 8.99
C ILE A 275 -26.07 0.99 9.83
N ASP A 276 -25.84 1.14 11.14
CA ASP A 276 -26.76 1.79 12.10
C ASP A 276 -27.03 3.23 11.63
N ASN A 277 -26.05 3.93 11.07
CA ASN A 277 -26.14 5.36 10.69
C ASN A 277 -26.35 5.52 9.18
N LEU A 278 -26.80 4.47 8.49
CA LEU A 278 -26.77 4.49 7.00
C LEU A 278 -27.49 5.71 6.44
N ASP A 279 -28.69 5.99 6.95
CA ASP A 279 -29.57 7.04 6.36
C ASP A 279 -28.85 8.40 6.44
N GLU A 280 -28.22 8.73 7.58
CA GLU A 280 -27.57 10.06 7.74
C GLU A 280 -26.31 10.09 6.87
N ILE A 281 -25.62 8.95 6.73
CA ILE A 281 -24.38 8.85 5.91
C ILE A 281 -24.75 9.08 4.45
N ILE A 282 -25.83 8.46 3.98
CA ILE A 282 -26.28 8.63 2.56
C ILE A 282 -26.59 10.09 2.29
N GLU A 283 -27.26 10.78 3.21
CA GLU A 283 -27.67 12.20 3.05
C GLU A 283 -26.41 13.08 2.99
N ALA A 284 -25.38 12.75 3.77
CA ALA A 284 -24.15 13.56 3.85
C ALA A 284 -23.23 13.29 2.65
N ALA A 285 -23.21 12.06 2.12
CA ALA A 285 -22.23 11.61 1.10
C ALA A 285 -22.82 11.78 -0.31
N ASP A 286 -22.00 11.50 -1.31
CA ASP A 286 -22.38 11.51 -2.75
C ASP A 286 -22.68 10.09 -3.19
N GLY A 287 -22.44 9.13 -2.32
CA GLY A 287 -22.58 7.72 -2.64
C GLY A 287 -22.01 6.85 -1.55
N ILE A 288 -22.16 5.55 -1.75
CA ILE A 288 -21.76 4.49 -0.81
C ILE A 288 -20.89 3.50 -1.58
N MET A 289 -19.80 3.11 -0.95
CA MET A 289 -19.03 1.92 -1.34
C MET A 289 -19.35 0.83 -0.34
N ILE A 290 -19.91 -0.27 -0.82
CA ILE A 290 -20.25 -1.45 -0.01
C ILE A 290 -18.96 -2.25 0.09
N ALA A 291 -18.20 -1.99 1.14
CA ALA A 291 -16.82 -2.48 1.35
C ALA A 291 -16.96 -3.83 2.02
N ARG A 292 -17.24 -4.89 1.26
CA ARG A 292 -17.70 -6.15 1.88
C ARG A 292 -16.53 -6.85 2.60
N GLY A 293 -15.27 -6.58 2.23
CA GLY A 293 -14.12 -7.22 2.88
C GLY A 293 -14.21 -7.07 4.39
N ASP A 294 -14.07 -5.83 4.87
CA ASP A 294 -14.21 -5.52 6.30
C ASP A 294 -15.64 -5.82 6.75
N MET A 295 -16.67 -5.47 5.96
CA MET A 295 -18.07 -5.61 6.45
C MET A 295 -18.34 -7.04 6.92
N GLY A 296 -17.94 -8.05 6.16
CA GLY A 296 -18.21 -9.46 6.47
C GLY A 296 -17.40 -10.00 7.67
N ILE A 297 -16.48 -9.22 8.21
CA ILE A 297 -15.75 -9.54 9.46
C ILE A 297 -16.33 -8.72 10.60
N GLU A 298 -16.76 -7.47 10.36
CA GLU A 298 -17.23 -6.56 11.42
C GLU A 298 -18.70 -6.83 11.74
N VAL A 299 -19.46 -7.44 10.82
CA VAL A 299 -20.87 -7.84 11.03
C VAL A 299 -20.98 -9.30 10.62
N PRO A 300 -22.05 -10.01 11.02
CA PRO A 300 -22.21 -11.40 10.62
C PRO A 300 -22.09 -11.54 9.09
N PHE A 301 -21.21 -12.40 8.62
CA PHE A 301 -20.92 -12.56 7.17
C PHE A 301 -22.24 -12.81 6.41
N GLU A 302 -23.19 -13.53 7.00
CA GLU A 302 -24.43 -13.97 6.28
C GLU A 302 -25.38 -12.79 6.12
N MET A 303 -25.08 -11.66 6.79
CA MET A 303 -25.90 -10.42 6.74
C MET A 303 -25.42 -9.53 5.59
N VAL A 304 -24.21 -9.74 5.06
CA VAL A 304 -23.67 -8.81 4.04
C VAL A 304 -24.60 -8.77 2.81
N PRO A 305 -25.11 -9.91 2.29
CA PRO A 305 -26.02 -9.86 1.13
C PRO A 305 -27.31 -9.09 1.39
N VAL A 306 -27.83 -9.13 2.63
CA VAL A 306 -29.03 -8.36 3.03
C VAL A 306 -28.69 -6.88 2.95
N TYR A 307 -27.61 -6.46 3.61
CA TYR A 307 -27.19 -5.06 3.61
C TYR A 307 -26.85 -4.57 2.20
N GLN A 308 -26.22 -5.42 1.38
CA GLN A 308 -25.88 -5.02 0.00
C GLN A 308 -27.15 -4.60 -0.75
N LYS A 309 -28.19 -5.42 -0.69
CA LYS A 309 -29.40 -5.19 -1.51
C LYS A 309 -30.08 -3.94 -0.99
N MET A 310 -30.10 -3.76 0.32
CA MET A 310 -30.83 -2.64 0.96
C MET A 310 -30.07 -1.35 0.69
N ILE A 311 -28.73 -1.38 0.72
CA ILE A 311 -27.93 -0.15 0.49
C ILE A 311 -28.12 0.28 -0.97
N ILE A 312 -28.03 -0.65 -1.91
CA ILE A 312 -28.15 -0.27 -3.34
C ILE A 312 -29.52 0.39 -3.53
N LYS A 313 -30.58 -0.19 -2.98
CA LYS A 313 -31.93 0.38 -3.16
C LYS A 313 -31.96 1.81 -2.61
N LYS A 314 -31.45 2.04 -1.40
CA LYS A 314 -31.57 3.35 -0.74
C LYS A 314 -30.74 4.38 -1.48
N VAL A 315 -29.55 3.99 -1.94
CA VAL A 315 -28.65 4.94 -2.61
C VAL A 315 -29.27 5.35 -3.95
N ASN A 316 -29.81 4.37 -4.68
CA ASN A 316 -30.47 4.69 -5.96
C ASN A 316 -31.69 5.59 -5.69
N ALA A 317 -32.48 5.34 -4.65
CA ALA A 317 -33.66 6.18 -4.28
C ALA A 317 -33.24 7.62 -3.97
N ALA A 318 -32.00 7.80 -3.52
CA ALA A 318 -31.44 9.13 -3.18
C ALA A 318 -30.79 9.76 -4.41
N GLY A 319 -30.77 9.09 -5.56
CA GLY A 319 -30.12 9.68 -6.74
C GLY A 319 -28.61 9.76 -6.62
N LYS A 320 -28.00 8.84 -5.87
CA LYS A 320 -26.54 8.86 -5.59
C LYS A 320 -25.93 7.60 -6.22
N VAL A 321 -24.62 7.47 -6.08
CA VAL A 321 -23.82 6.38 -6.71
C VAL A 321 -23.52 5.27 -5.72
N VAL A 322 -23.73 4.03 -6.11
CA VAL A 322 -23.33 2.89 -5.25
C VAL A 322 -22.28 2.01 -5.96
N ILE A 323 -21.21 1.68 -5.25
CA ILE A 323 -20.14 0.75 -5.67
C ILE A 323 -20.20 -0.53 -4.85
N THR A 324 -20.25 -1.68 -5.51
CA THR A 324 -20.16 -2.99 -4.82
C THR A 324 -18.70 -3.45 -4.92
N ALA A 325 -18.09 -3.82 -3.80
CA ALA A 325 -16.61 -4.01 -3.74
C ALA A 325 -16.26 -5.31 -3.02
N THR A 326 -15.14 -5.90 -3.46
CA THR A 326 -14.30 -6.92 -2.78
C THR A 326 -14.70 -8.37 -3.11
N ASN A 327 -13.72 -9.13 -3.58
CA ASN A 327 -13.75 -10.59 -3.86
C ASN A 327 -14.62 -10.88 -5.09
N MET A 328 -14.92 -9.87 -5.90
CA MET A 328 -15.91 -10.04 -7.01
C MET A 328 -15.36 -11.06 -8.02
N LEU A 329 -14.07 -10.98 -8.39
CA LEU A 329 -13.42 -12.00 -9.26
C LEU A 329 -12.13 -12.51 -8.61
N GLU A 330 -12.22 -12.85 -7.34
CA GLU A 330 -11.05 -13.08 -6.47
C GLU A 330 -10.09 -14.08 -7.12
N THR A 331 -10.61 -15.21 -7.57
CA THR A 331 -9.79 -16.29 -8.18
C THR A 331 -8.98 -15.79 -9.36
N MET A 332 -9.39 -14.71 -10.03
CA MET A 332 -8.66 -14.23 -11.23
C MET A 332 -7.36 -13.54 -10.77
N THR A 333 -7.12 -13.47 -9.46
CA THR A 333 -5.82 -13.01 -8.92
C THR A 333 -4.74 -14.00 -9.38
N GLU A 334 -5.06 -15.29 -9.46
CA GLU A 334 -4.08 -16.36 -9.79
C GLU A 334 -4.42 -17.12 -11.08
N LYS A 335 -5.69 -17.08 -11.53
CA LYS A 335 -6.19 -17.99 -12.61
C LYS A 335 -6.88 -17.16 -13.69
N PRO A 336 -6.87 -17.60 -14.96
CA PRO A 336 -7.44 -16.82 -16.04
C PRO A 336 -8.98 -16.88 -16.04
N ARG A 337 -9.60 -17.78 -15.28
CA ARG A 337 -11.09 -17.93 -15.24
C ARG A 337 -11.58 -17.84 -13.79
N ALA A 338 -12.64 -17.04 -13.60
CA ALA A 338 -13.39 -16.88 -12.34
C ALA A 338 -14.12 -18.17 -11.98
N THR A 339 -14.42 -18.34 -10.71
CA THR A 339 -15.32 -19.43 -10.22
C THR A 339 -16.78 -19.08 -10.57
N ARG A 340 -17.64 -20.07 -10.46
CA ARG A 340 -19.08 -19.93 -10.75
C ARG A 340 -19.70 -18.95 -9.74
N SER A 341 -19.22 -18.99 -8.50
CA SER A 341 -19.70 -18.13 -7.39
C SER A 341 -19.28 -16.69 -7.66
N GLU A 342 -18.11 -16.45 -8.25
CA GLU A 342 -17.65 -15.08 -8.56
C GLU A 342 -18.50 -14.47 -9.68
N VAL A 343 -18.70 -15.22 -10.76
CA VAL A 343 -19.52 -14.73 -11.89
C VAL A 343 -20.93 -14.47 -11.34
N SER A 344 -21.48 -15.36 -10.54
CA SER A 344 -22.83 -15.19 -9.92
C SER A 344 -22.86 -13.87 -9.11
N ASP A 345 -21.80 -13.59 -8.37
CA ASP A 345 -21.71 -12.37 -7.51
C ASP A 345 -21.75 -11.11 -8.36
N VAL A 346 -20.94 -11.02 -9.41
CA VAL A 346 -20.91 -9.86 -10.29
C VAL A 346 -22.29 -9.67 -10.94
N PHE A 347 -22.83 -10.76 -11.45
CA PHE A 347 -24.13 -10.71 -12.16
C PHE A 347 -25.21 -10.14 -11.22
N ASN A 348 -25.25 -10.69 -10.03
CA ASN A 348 -26.30 -10.38 -9.03
C ASN A 348 -26.10 -8.99 -8.44
N ALA A 349 -24.86 -8.49 -8.35
CA ALA A 349 -24.64 -7.07 -7.98
C ALA A 349 -25.31 -6.16 -9.03
N VAL A 350 -25.18 -6.51 -10.31
CA VAL A 350 -25.81 -5.67 -11.37
C VAL A 350 -27.35 -5.74 -11.22
N ILE A 351 -27.89 -6.94 -11.08
CA ILE A 351 -29.35 -7.18 -10.94
C ILE A 351 -29.89 -6.43 -9.72
N ASP A 352 -29.13 -6.41 -8.62
CA ASP A 352 -29.50 -5.67 -7.38
C ASP A 352 -29.62 -4.18 -7.68
N GLY A 353 -28.92 -3.62 -8.67
CA GLY A 353 -29.03 -2.19 -9.05
C GLY A 353 -27.74 -1.39 -8.89
N THR A 354 -26.58 -2.03 -8.73
CA THR A 354 -25.32 -1.29 -8.47
C THR A 354 -25.00 -0.37 -9.65
N ASP A 355 -24.48 0.81 -9.36
CA ASP A 355 -23.92 1.73 -10.38
C ASP A 355 -22.62 1.13 -10.89
N ALA A 356 -21.83 0.54 -9.99
CA ALA A 356 -20.42 0.20 -10.26
C ALA A 356 -20.03 -1.06 -9.51
N THR A 357 -19.14 -1.83 -10.13
CA THR A 357 -18.54 -3.05 -9.57
C THR A 357 -17.05 -2.75 -9.42
N MET A 358 -16.37 -3.36 -8.45
CA MET A 358 -14.97 -2.97 -8.18
C MET A 358 -14.08 -4.20 -8.25
N LEU A 359 -12.87 -3.95 -8.72
CA LEU A 359 -11.74 -4.90 -8.62
C LEU A 359 -10.73 -4.29 -7.63
N SER A 360 -10.17 -5.15 -6.83
CA SER A 360 -9.15 -4.85 -5.80
C SER A 360 -7.87 -5.57 -6.18
N GLY A 361 -7.54 -6.67 -5.52
CA GLY A 361 -6.32 -7.44 -5.84
C GLY A 361 -6.29 -7.98 -7.26
N GLU A 362 -7.47 -8.29 -7.85
CA GLU A 362 -7.54 -8.75 -9.25
C GLU A 362 -6.80 -7.80 -10.18
N SER A 363 -6.97 -6.50 -9.99
CA SER A 363 -6.31 -5.49 -10.84
C SER A 363 -5.00 -5.00 -10.21
N ALA A 364 -4.87 -4.95 -8.89
CA ALA A 364 -3.73 -4.26 -8.21
C ALA A 364 -2.54 -5.23 -8.02
N ASN A 365 -2.81 -6.50 -7.83
CA ASN A 365 -1.95 -7.49 -7.16
C ASN A 365 -1.82 -8.77 -7.96
N GLY A 366 -2.60 -8.96 -9.02
CA GLY A 366 -2.79 -10.30 -9.62
C GLY A 366 -2.00 -10.51 -10.89
N LYS A 367 -2.03 -11.74 -11.37
CA LYS A 367 -1.36 -12.19 -12.61
C LYS A 367 -2.20 -11.80 -13.84
N TYR A 368 -3.47 -11.38 -13.67
CA TYR A 368 -4.37 -11.19 -14.84
C TYR A 368 -5.19 -9.89 -14.74
N PRO A 369 -4.55 -8.72 -14.51
CA PRO A 369 -5.30 -7.49 -14.33
C PRO A 369 -6.17 -7.12 -15.53
N LEU A 370 -5.61 -7.18 -16.75
CA LEU A 370 -6.38 -6.86 -17.97
C LEU A 370 -7.55 -7.86 -18.11
N GLU A 371 -7.32 -9.17 -17.92
CA GLU A 371 -8.32 -10.24 -18.15
C GLU A 371 -9.42 -10.09 -17.09
N SER A 372 -9.08 -9.62 -15.88
CA SER A 372 -10.03 -9.31 -14.78
C SER A 372 -10.99 -8.22 -15.21
N VAL A 373 -10.50 -7.15 -15.79
CA VAL A 373 -11.38 -6.02 -16.22
C VAL A 373 -12.26 -6.51 -17.38
N THR A 374 -11.66 -7.21 -18.34
CA THR A 374 -12.39 -7.82 -19.48
C THR A 374 -13.52 -8.72 -18.98
N THR A 375 -13.23 -9.63 -18.06
CA THR A 375 -14.18 -10.62 -17.53
C THR A 375 -15.30 -9.89 -16.80
N MET A 376 -14.93 -8.91 -15.97
CA MET A 376 -15.95 -8.11 -15.26
C MET A 376 -16.83 -7.38 -16.29
N ALA A 377 -16.26 -6.80 -17.34
CA ALA A 377 -16.99 -6.04 -18.36
C ALA A 377 -17.99 -6.97 -19.09
N THR A 378 -17.57 -8.18 -19.41
CA THR A 378 -18.39 -9.23 -20.08
C THR A 378 -19.59 -9.62 -19.20
N ILE A 379 -19.37 -9.89 -17.91
CA ILE A 379 -20.46 -10.23 -16.96
C ILE A 379 -21.42 -9.04 -16.86
N ASP A 380 -20.90 -7.83 -16.65
CA ASP A 380 -21.70 -6.60 -16.38
C ASP A 380 -22.60 -6.34 -17.60
N LYS A 381 -22.02 -6.47 -18.80
CA LYS A 381 -22.73 -6.24 -20.08
C LYS A 381 -23.83 -7.28 -20.26
N ASN A 382 -23.63 -8.55 -19.88
CA ASN A 382 -24.67 -9.61 -19.99
C ASN A 382 -25.75 -9.38 -18.94
N ALA A 383 -25.39 -8.91 -17.75
CA ALA A 383 -26.38 -8.72 -16.67
C ALA A 383 -27.26 -7.51 -17.02
N GLN A 384 -26.75 -6.46 -17.64
CA GLN A 384 -27.54 -5.22 -17.93
C GLN A 384 -28.70 -5.56 -18.88
N ALA A 385 -28.54 -6.57 -19.74
CA ALA A 385 -29.62 -7.07 -20.62
C ALA A 385 -30.73 -7.78 -19.84
N LEU A 386 -30.55 -8.15 -18.56
CA LEU A 386 -31.60 -8.87 -17.81
C LEU A 386 -32.26 -7.93 -16.81
N LEU A 387 -31.90 -6.64 -16.79
CA LEU A 387 -32.46 -5.69 -15.79
C LEU A 387 -33.98 -5.56 -16.00
N ASN A 388 -34.48 -5.55 -17.23
CA ASN A 388 -35.95 -5.43 -17.49
C ASN A 388 -36.66 -6.63 -16.87
N GLU A 389 -36.11 -7.83 -16.99
CA GLU A 389 -36.75 -9.07 -16.46
C GLU A 389 -36.53 -9.26 -14.94
N TYR A 390 -35.34 -9.01 -14.40
CA TYR A 390 -34.93 -9.52 -13.06
C TYR A 390 -34.55 -8.36 -12.12
N GLY A 391 -34.40 -7.16 -12.66
CA GLY A 391 -33.81 -6.02 -11.94
C GLY A 391 -34.61 -5.71 -10.69
N ARG A 392 -33.93 -5.45 -9.57
CA ARG A 392 -34.58 -5.18 -8.25
C ARG A 392 -35.05 -3.73 -8.14
N LEU A 393 -34.39 -2.78 -8.78
CA LEU A 393 -34.72 -1.35 -8.61
C LEU A 393 -36.07 -1.10 -9.27
N ASP A 394 -36.85 -0.19 -8.69
CA ASP A 394 -38.24 0.07 -9.12
C ASP A 394 -38.45 1.58 -9.22
N SER A 395 -38.15 2.16 -10.38
CA SER A 395 -38.25 3.61 -10.66
C SER A 395 -39.71 4.06 -10.58
N ASP A 396 -40.68 3.15 -10.79
CA ASP A 396 -42.14 3.47 -10.76
C ASP A 396 -42.53 3.94 -9.35
N SER A 397 -41.82 3.48 -8.33
CA SER A 397 -42.09 3.80 -6.91
C SER A 397 -41.63 5.21 -6.54
N PHE A 398 -40.75 5.87 -7.30
CA PHE A 398 -40.15 7.17 -6.88
C PHE A 398 -41.19 8.28 -6.92
N GLU A 399 -41.14 9.20 -5.95
CA GLU A 399 -41.74 10.55 -6.13
C GLU A 399 -40.83 11.35 -7.05
N ARG A 400 -41.41 11.99 -8.06
CA ARG A 400 -40.67 12.90 -8.97
C ARG A 400 -40.66 14.25 -8.26
N ASN A 401 -39.50 14.65 -7.69
CA ASN A 401 -39.44 15.73 -6.66
C ASN A 401 -39.09 17.06 -7.30
N SER A 402 -38.82 17.08 -8.59
CA SER A 402 -38.47 18.32 -9.30
C SER A 402 -38.84 18.18 -10.78
N LYS A 403 -38.87 19.29 -11.51
CA LYS A 403 -39.21 19.26 -12.94
C LYS A 403 -38.11 18.55 -13.73
N THR A 404 -36.83 18.58 -13.31
CA THR A 404 -35.78 17.79 -14.00
C THR A 404 -36.04 16.31 -13.79
N GLU A 405 -36.48 15.92 -12.58
CA GLU A 405 -36.81 14.51 -12.34
C GLU A 405 -38.05 14.11 -13.16
N VAL A 406 -39.02 15.01 -13.33
CA VAL A 406 -40.19 14.69 -14.17
C VAL A 406 -39.68 14.36 -15.57
N MET A 407 -38.78 15.19 -16.07
CA MET A 407 -38.19 14.96 -17.40
C MET A 407 -37.46 13.61 -17.43
N ALA A 408 -36.68 13.27 -16.41
CA ALA A 408 -35.98 11.97 -16.33
C ALA A 408 -36.96 10.80 -16.36
N SER A 409 -38.08 10.90 -15.65
CA SER A 409 -39.18 9.90 -15.70
C SER A 409 -39.71 9.74 -17.13
N ALA A 410 -39.90 10.85 -17.85
CA ALA A 410 -40.43 10.88 -19.24
C ALA A 410 -39.43 10.23 -20.20
N VAL A 411 -38.14 10.47 -20.01
CA VAL A 411 -37.06 9.80 -20.81
C VAL A 411 -37.11 8.28 -20.58
N LYS A 412 -37.22 7.82 -19.33
CA LYS A 412 -37.34 6.39 -19.01
C LYS A 412 -38.54 5.84 -19.81
N ASP A 413 -39.65 6.52 -19.73
CA ASP A 413 -40.90 6.10 -20.42
C ASP A 413 -40.64 5.95 -21.93
N ALA A 414 -40.01 6.93 -22.58
CA ALA A 414 -39.70 6.85 -24.03
C ALA A 414 -38.84 5.62 -24.34
N THR A 415 -37.81 5.34 -23.52
CA THR A 415 -36.90 4.19 -23.72
C THR A 415 -37.62 2.88 -23.43
N SER A 416 -38.69 2.88 -22.62
CA SER A 416 -39.57 1.71 -22.40
C SER A 416 -40.54 1.55 -23.58
N SER A 417 -40.98 2.64 -24.21
CA SER A 417 -42.03 2.59 -25.28
C SER A 417 -41.47 2.12 -26.62
N MET A 418 -40.20 2.37 -26.90
CA MET A 418 -39.63 2.05 -28.23
C MET A 418 -38.13 1.83 -28.02
N ASP A 419 -37.45 1.39 -29.07
CA ASP A 419 -35.98 1.09 -29.03
C ASP A 419 -35.21 2.39 -29.20
N ILE A 420 -34.65 2.87 -28.11
CA ILE A 420 -33.83 4.10 -28.10
C ILE A 420 -32.37 3.66 -27.92
N LYS A 421 -31.52 4.05 -28.86
CA LYS A 421 -30.09 3.65 -28.87
C LYS A 421 -29.37 4.47 -27.79
N LEU A 422 -29.71 5.74 -27.63
CA LEU A 422 -28.94 6.68 -26.78
C LEU A 422 -29.89 7.76 -26.26
N VAL A 423 -29.70 8.15 -24.99
CA VAL A 423 -30.21 9.42 -24.43
C VAL A 423 -29.03 10.38 -24.34
N VAL A 424 -29.18 11.58 -24.86
CA VAL A 424 -28.17 12.66 -24.81
C VAL A 424 -28.75 13.75 -23.95
N THR A 425 -27.97 14.21 -22.97
CA THR A 425 -28.33 15.35 -22.11
C THR A 425 -27.20 16.38 -22.21
N LEU A 426 -27.56 17.64 -22.48
CA LEU A 426 -26.65 18.78 -22.35
C LEU A 426 -26.77 19.29 -20.92
N THR A 427 -25.72 19.07 -20.13
CA THR A 427 -25.76 19.20 -18.66
C THR A 427 -24.55 20.07 -18.23
N LYS A 428 -24.85 21.19 -17.59
CA LYS A 428 -23.84 22.12 -17.04
C LYS A 428 -23.16 21.47 -15.82
N THR A 429 -23.92 20.86 -14.91
CA THR A 429 -23.38 20.34 -13.62
C THR A 429 -23.46 18.83 -13.53
N GLY A 430 -24.11 18.16 -14.50
CA GLY A 430 -24.37 16.73 -14.41
C GLY A 430 -25.68 16.38 -13.74
N HIS A 431 -26.46 17.37 -13.27
CA HIS A 431 -27.72 17.12 -12.51
C HIS A 431 -28.68 16.28 -13.38
N THR A 432 -28.94 16.68 -14.63
CA THR A 432 -29.90 15.96 -15.49
C THR A 432 -29.39 14.54 -15.75
N ALA A 433 -28.09 14.37 -16.00
CA ALA A 433 -27.51 13.05 -16.26
C ALA A 433 -27.67 12.14 -15.03
N ARG A 434 -27.44 12.64 -13.80
CA ARG A 434 -27.60 11.86 -12.56
C ARG A 434 -29.07 11.45 -12.43
N LEU A 435 -30.02 12.34 -12.67
CA LEU A 435 -31.44 11.96 -12.53
C LEU A 435 -31.86 10.96 -13.62
N ILE A 436 -31.42 11.13 -14.85
CA ILE A 436 -31.71 10.11 -15.92
C ILE A 436 -31.11 8.78 -15.47
N SER A 437 -29.88 8.78 -14.97
CA SER A 437 -29.18 7.55 -14.54
C SER A 437 -29.95 6.86 -13.41
N LYS A 438 -30.45 7.65 -12.46
CA LYS A 438 -31.24 7.15 -11.32
C LYS A 438 -32.40 6.27 -11.81
N TYR A 439 -33.05 6.65 -12.92
CA TYR A 439 -34.25 5.97 -13.47
C TYR A 439 -33.87 4.75 -14.31
N ARG A 440 -32.60 4.57 -14.61
CA ARG A 440 -32.11 3.31 -15.21
C ARG A 440 -32.84 3.10 -16.54
N PRO A 441 -32.72 4.02 -17.51
CA PRO A 441 -33.37 3.83 -18.80
C PRO A 441 -32.76 2.66 -19.57
N ASN A 442 -33.51 2.13 -20.53
CA ASN A 442 -33.02 1.04 -21.41
C ASN A 442 -32.27 1.67 -22.57
N ALA A 443 -31.23 2.44 -22.25
CA ALA A 443 -30.37 3.14 -23.22
C ALA A 443 -29.12 3.63 -22.49
N ASP A 444 -28.06 3.84 -23.26
CA ASP A 444 -26.83 4.50 -22.76
C ASP A 444 -27.19 5.96 -22.64
N ILE A 445 -26.47 6.69 -21.78
CA ILE A 445 -26.69 8.13 -21.55
C ILE A 445 -25.42 8.88 -21.92
N LEU A 446 -25.47 9.67 -22.97
CA LEU A 446 -24.37 10.57 -23.33
C LEU A 446 -24.58 11.87 -22.57
N ALA A 447 -23.67 12.18 -21.64
CA ALA A 447 -23.72 13.45 -20.90
C ALA A 447 -22.71 14.44 -21.51
N LEU A 448 -23.20 15.41 -22.27
CA LEU A 448 -22.38 16.52 -22.82
C LEU A 448 -22.29 17.60 -21.76
N THR A 449 -21.09 17.83 -21.23
CA THR A 449 -20.88 18.90 -20.24
C THR A 449 -19.68 19.76 -20.69
N PHE A 450 -19.40 20.86 -19.99
CA PHE A 450 -18.61 21.99 -20.56
C PHE A 450 -17.36 22.24 -19.74
N ASP A 451 -17.03 21.38 -18.80
CA ASP A 451 -15.78 21.47 -18.00
C ASP A 451 -15.37 20.06 -17.63
N GLU A 452 -14.07 19.83 -17.51
CA GLU A 452 -13.46 18.50 -17.25
C GLU A 452 -13.87 17.99 -15.86
N LEU A 453 -14.03 18.87 -14.87
CA LEU A 453 -14.30 18.40 -13.48
C LEU A 453 -15.70 17.76 -13.45
N THR A 454 -16.67 18.37 -14.12
CA THR A 454 -18.03 17.78 -14.24
C THR A 454 -17.92 16.46 -15.01
N GLU A 455 -17.19 16.43 -16.12
CA GLU A 455 -17.05 15.24 -16.97
C GLU A 455 -16.54 14.07 -16.15
N ARG A 456 -15.46 14.26 -15.41
CA ARG A 456 -14.86 13.16 -14.62
C ARG A 456 -15.80 12.76 -13.49
N GLY A 457 -16.53 13.73 -12.94
CA GLY A 457 -17.47 13.54 -11.83
C GLY A 457 -18.61 12.55 -12.14
N LEU A 458 -18.88 12.30 -13.43
CA LEU A 458 -20.03 11.48 -13.90
C LEU A 458 -19.59 10.08 -14.27
N MET A 459 -18.29 9.76 -14.12
CA MET A 459 -17.72 8.51 -14.65
C MET A 459 -18.20 7.30 -13.85
N LEU A 460 -18.80 7.45 -12.64
CA LEU A 460 -19.27 6.26 -11.88
C LEU A 460 -20.82 6.14 -11.83
N ASN A 461 -21.53 7.07 -12.47
CA ASN A 461 -23.01 6.98 -12.61
C ASN A 461 -23.39 5.89 -13.63
N TRP A 462 -24.29 5.03 -13.25
CA TRP A 462 -24.83 4.00 -14.18
C TRP A 462 -25.19 4.61 -15.53
N GLY A 463 -24.69 3.99 -16.61
CA GLY A 463 -25.05 4.25 -18.01
C GLY A 463 -24.45 5.52 -18.54
N VAL A 464 -23.80 6.35 -17.75
CA VAL A 464 -23.42 7.71 -18.20
C VAL A 464 -22.03 7.67 -18.88
N ILE A 465 -22.01 8.12 -20.12
CA ILE A 465 -20.79 8.36 -20.93
C ILE A 465 -20.57 9.85 -20.93
N PRO A 466 -19.65 10.38 -20.09
CA PRO A 466 -19.40 11.80 -20.08
C PRO A 466 -18.56 12.20 -21.28
N MET A 467 -18.82 13.37 -21.82
CA MET A 467 -18.04 13.89 -22.95
C MET A 467 -18.02 15.41 -22.84
N LEU A 468 -16.82 15.95 -22.99
CA LEU A 468 -16.55 17.41 -22.94
C LEU A 468 -16.93 18.03 -24.28
N THR A 469 -17.60 19.17 -24.24
CA THR A 469 -17.95 19.96 -25.44
C THR A 469 -18.01 21.45 -25.05
N ASP A 470 -17.99 22.32 -26.05
CA ASP A 470 -18.14 23.79 -25.81
C ASP A 470 -19.55 24.04 -25.33
N ALA A 471 -19.70 24.99 -24.38
CA ALA A 471 -20.97 25.54 -23.90
C ALA A 471 -21.72 26.10 -25.10
N PRO A 472 -22.97 25.67 -25.33
CA PRO A 472 -23.74 26.21 -26.44
C PRO A 472 -24.00 27.71 -26.23
N SER A 473 -23.98 28.42 -27.35
CA SER A 473 -24.33 29.86 -27.51
C SER A 473 -25.79 29.89 -27.92
N SER A 474 -26.41 31.06 -27.87
CA SER A 474 -27.87 31.21 -28.03
C SER A 474 -28.22 31.00 -29.50
N THR A 475 -27.24 31.06 -30.41
CA THR A 475 -27.43 30.81 -31.88
C THR A 475 -27.20 29.34 -32.23
N ASP A 476 -26.57 28.55 -31.35
CA ASP A 476 -26.31 27.10 -31.59
C ASP A 476 -27.63 26.33 -31.59
N ASP A 477 -27.72 25.30 -32.43
CA ASP A 477 -28.79 24.27 -32.35
C ASP A 477 -28.30 23.16 -31.41
N MET A 478 -28.83 23.08 -30.18
CA MET A 478 -28.33 22.07 -29.19
C MET A 478 -28.69 20.67 -29.64
N PHE A 479 -29.79 20.49 -30.38
CA PHE A 479 -30.19 19.15 -30.88
C PHE A 479 -29.24 18.66 -31.97
N GLU A 480 -28.77 19.55 -32.85
CA GLU A 480 -27.76 19.23 -33.89
C GLU A 480 -26.44 18.86 -33.19
N ILE A 481 -26.04 19.66 -32.19
CA ILE A 481 -24.81 19.41 -31.38
C ILE A 481 -24.91 18.01 -30.78
N ALA A 482 -26.05 17.70 -30.16
CA ALA A 482 -26.22 16.40 -29.49
C ALA A 482 -26.01 15.27 -30.49
N GLU A 483 -26.68 15.34 -31.62
CA GLU A 483 -26.56 14.28 -32.64
C GLU A 483 -25.12 14.23 -33.16
N ARG A 484 -24.52 15.38 -33.50
CA ARG A 484 -23.14 15.42 -34.08
C ARG A 484 -22.15 14.79 -33.08
N LYS A 485 -22.23 15.13 -31.79
CA LYS A 485 -21.26 14.60 -30.78
C LYS A 485 -21.46 13.08 -30.63
N ALA A 486 -22.70 12.61 -30.59
CA ALA A 486 -23.01 11.17 -30.54
C ALA A 486 -22.43 10.47 -31.77
N VAL A 487 -22.61 11.03 -32.96
CA VAL A 487 -22.11 10.38 -34.21
C VAL A 487 -20.58 10.34 -34.14
N GLU A 488 -19.97 11.47 -33.81
CA GLU A 488 -18.48 11.63 -33.83
C GLU A 488 -17.82 10.72 -32.79
N ALA A 489 -18.50 10.36 -31.70
CA ALA A 489 -18.04 9.38 -30.69
C ALA A 489 -18.38 7.93 -31.08
N GLY A 490 -18.99 7.69 -32.24
CA GLY A 490 -19.34 6.34 -32.73
C GLY A 490 -20.37 5.63 -31.88
N LEU A 491 -21.19 6.32 -31.07
CA LEU A 491 -22.26 5.70 -30.23
C LEU A 491 -23.52 5.44 -31.06
N VAL A 492 -23.76 6.21 -32.11
CA VAL A 492 -24.98 6.03 -32.94
C VAL A 492 -24.58 6.19 -34.41
N GLU A 493 -25.42 5.70 -35.30
CA GLU A 493 -25.25 5.89 -36.75
C GLU A 493 -26.60 6.26 -37.36
N SER A 494 -26.54 6.61 -38.64
CA SER A 494 -27.72 6.93 -39.46
C SER A 494 -28.81 5.90 -39.16
N GLY A 495 -30.01 6.38 -38.86
CA GLY A 495 -31.20 5.54 -38.67
C GLY A 495 -31.48 5.24 -37.22
N ASP A 496 -30.53 5.46 -36.31
CA ASP A 496 -30.76 5.16 -34.88
C ASP A 496 -31.71 6.21 -34.32
N ASP A 497 -32.55 5.81 -33.38
CA ASP A 497 -33.49 6.72 -32.69
C ASP A 497 -32.89 7.12 -31.35
N ILE A 498 -32.76 8.40 -31.13
CA ILE A 498 -32.18 8.93 -29.87
C ILE A 498 -33.17 9.90 -29.22
N VAL A 499 -33.00 10.04 -27.92
CA VAL A 499 -33.77 11.00 -27.11
C VAL A 499 -32.77 12.06 -26.69
N ILE A 500 -33.04 13.32 -26.99
CA ILE A 500 -32.16 14.43 -26.53
C ILE A 500 -32.95 15.24 -25.52
N VAL A 501 -32.30 15.59 -24.39
CA VAL A 501 -32.87 16.60 -23.46
C VAL A 501 -31.92 17.78 -23.31
N ALA A 502 -32.48 18.96 -23.14
CA ALA A 502 -31.73 20.21 -22.98
C ALA A 502 -32.63 21.24 -22.31
N GLY A 503 -32.00 22.31 -21.82
CA GLY A 503 -32.68 23.52 -21.33
C GLY A 503 -32.76 24.52 -22.45
N VAL A 504 -33.97 24.71 -22.98
CA VAL A 504 -34.17 25.49 -24.22
C VAL A 504 -34.96 26.75 -23.90
N PRO A 505 -34.55 27.96 -24.37
CA PRO A 505 -33.21 28.17 -24.94
C PRO A 505 -32.10 28.43 -23.92
N VAL A 506 -30.84 28.31 -24.36
CA VAL A 506 -29.63 28.65 -23.57
C VAL A 506 -29.78 30.07 -23.08
N GLY A 507 -29.62 30.28 -21.77
CA GLY A 507 -29.63 31.63 -21.19
C GLY A 507 -31.02 32.13 -20.90
N GLU A 508 -32.05 31.29 -21.05
CA GLU A 508 -33.44 31.59 -20.64
C GLU A 508 -33.96 30.42 -19.78
N ALA A 509 -33.87 29.19 -20.30
CA ALA A 509 -34.21 27.95 -19.56
C ALA A 509 -33.63 28.00 -18.16
N VAL A 510 -34.40 27.58 -17.16
CA VAL A 510 -33.93 27.42 -15.76
C VAL A 510 -33.25 26.06 -15.65
N ARG A 511 -33.83 25.10 -16.33
CA ARG A 511 -33.47 23.69 -16.17
C ARG A 511 -33.70 22.96 -17.49
N THR A 512 -33.31 21.69 -17.53
CA THR A 512 -33.68 20.77 -18.61
C THR A 512 -35.22 20.80 -18.70
N ASN A 513 -35.74 21.28 -19.82
CA ASN A 513 -37.19 21.52 -19.98
C ASN A 513 -37.70 20.90 -21.28
N THR A 514 -36.84 20.32 -22.12
CA THR A 514 -37.22 19.88 -23.48
C THR A 514 -36.72 18.47 -23.71
N MET A 515 -37.56 17.62 -24.28
CA MET A 515 -37.20 16.27 -24.76
C MET A 515 -37.54 16.22 -26.25
N ARG A 516 -36.61 15.76 -27.05
CA ARG A 516 -36.77 15.58 -28.52
C ARG A 516 -36.50 14.10 -28.85
N ILE A 517 -37.37 13.48 -29.64
CA ILE A 517 -37.08 12.13 -30.23
C ILE A 517 -36.63 12.39 -31.68
N ARG A 518 -35.42 11.93 -32.01
CA ARG A 518 -34.72 12.32 -33.24
C ARG A 518 -34.15 11.08 -33.89
N THR A 519 -34.35 10.96 -35.20
CA THR A 519 -33.71 9.92 -36.02
C THR A 519 -32.38 10.50 -36.49
N VAL A 520 -31.30 9.77 -36.23
CA VAL A 520 -29.96 10.25 -36.63
C VAL A 520 -29.84 10.22 -38.16
N ARG A 521 -29.35 11.31 -38.73
CA ARG A 521 -29.17 11.44 -40.20
C ARG A 521 -27.83 10.85 -40.61
N MET B 21 -34.88 -22.28 14.99
CA MET B 21 -35.10 -22.03 13.53
C MET B 21 -34.50 -23.17 12.69
N ASN B 22 -35.32 -23.75 11.82
CA ASN B 22 -35.01 -24.95 11.01
C ASN B 22 -34.56 -24.49 9.63
N LYS B 23 -33.56 -25.14 9.07
CA LYS B 23 -33.00 -24.78 7.74
C LYS B 23 -33.89 -25.37 6.63
N ARG B 24 -34.56 -24.52 5.86
CA ARG B 24 -35.49 -25.00 4.79
C ARG B 24 -34.72 -25.43 3.55
N VAL B 25 -33.70 -24.68 3.17
CA VAL B 25 -32.87 -25.05 1.99
C VAL B 25 -31.97 -26.26 2.37
N LYS B 26 -32.00 -27.29 1.54
CA LYS B 26 -31.34 -28.58 1.85
C LYS B 26 -29.89 -28.51 1.38
N ILE B 27 -29.04 -29.31 2.02
CA ILE B 27 -27.61 -29.31 1.68
C ILE B 27 -27.23 -30.69 1.18
N VAL B 28 -26.70 -30.72 -0.03
CA VAL B 28 -25.99 -31.92 -0.56
C VAL B 28 -24.51 -31.74 -0.24
N ALA B 29 -23.92 -32.65 0.54
CA ALA B 29 -22.46 -32.65 0.83
C ALA B 29 -21.80 -33.87 0.15
N THR B 30 -20.86 -33.60 -0.73
CA THR B 30 -20.04 -34.64 -1.37
C THR B 30 -19.05 -35.20 -0.33
N LEU B 31 -19.05 -36.52 -0.16
CA LEU B 31 -18.09 -37.19 0.74
C LEU B 31 -16.86 -37.64 -0.05
N GLY B 32 -15.78 -37.80 0.70
CA GLY B 32 -14.43 -37.98 0.17
C GLY B 32 -13.46 -38.19 1.33
N PRO B 33 -12.15 -38.26 1.01
CA PRO B 33 -11.12 -38.48 2.03
C PRO B 33 -11.07 -37.38 3.10
N ALA B 34 -11.46 -36.14 2.76
CA ALA B 34 -11.44 -34.99 3.69
C ALA B 34 -12.03 -35.34 5.06
N VAL B 35 -13.09 -36.15 5.18
CA VAL B 35 -13.77 -36.47 6.46
C VAL B 35 -13.24 -37.82 7.01
N GLU B 36 -12.36 -38.51 6.30
CA GLU B 36 -11.97 -39.90 6.66
C GLU B 36 -10.70 -39.85 7.52
N ILE B 37 -10.74 -40.51 8.68
CA ILE B 37 -9.55 -40.69 9.58
C ILE B 37 -8.90 -42.01 9.19
N ARG B 38 -7.58 -41.99 9.07
CA ARG B 38 -6.74 -43.17 8.74
C ARG B 38 -5.75 -43.38 9.90
N GLY B 39 -5.85 -44.52 10.63
CA GLY B 39 -5.04 -44.82 11.83
C GLY B 39 -4.59 -43.55 12.54
N GLY B 40 -5.53 -42.80 13.11
CA GLY B 40 -5.25 -41.57 13.88
C GLY B 40 -4.98 -40.33 13.05
N LYS B 41 -4.74 -40.42 11.73
CA LYS B 41 -4.31 -39.30 10.85
C LYS B 41 -5.51 -38.66 10.09
N LYS B 42 -5.53 -37.33 9.99
CA LYS B 42 -6.45 -36.51 9.14
C LYS B 42 -5.87 -36.35 7.73
N PHE B 43 -6.74 -36.17 6.73
CA PHE B 43 -6.40 -35.84 5.33
C PHE B 43 -5.48 -34.61 5.31
N GLY B 44 -4.40 -34.65 4.52
CA GLY B 44 -3.40 -33.57 4.42
C GLY B 44 -2.24 -33.68 5.43
N GLU B 45 -2.24 -34.66 6.34
CA GLU B 45 -1.14 -34.93 7.31
C GLU B 45 -0.21 -36.00 6.73
N ASP B 46 1.11 -35.88 6.96
CA ASP B 46 2.16 -36.79 6.42
C ASP B 46 1.82 -38.26 6.70
N GLY B 47 1.90 -39.10 5.66
CA GLY B 47 1.66 -40.57 5.74
C GLY B 47 0.20 -40.92 5.95
N TYR B 48 -0.73 -40.00 5.62
CA TYR B 48 -2.20 -40.21 5.72
C TYR B 48 -2.54 -41.53 5.00
N TRP B 49 -2.04 -41.68 3.78
CA TRP B 49 -2.45 -42.76 2.85
C TRP B 49 -1.85 -44.11 3.24
N GLY B 50 -0.79 -44.12 4.06
CA GLY B 50 -0.15 -45.36 4.55
C GLY B 50 -1.10 -46.17 5.42
N GLU B 51 -1.93 -45.49 6.22
CA GLU B 51 -2.76 -46.09 7.30
C GLU B 51 -4.03 -46.76 6.77
N LYS B 52 -4.54 -47.74 7.50
CA LYS B 52 -5.89 -48.35 7.33
C LYS B 52 -6.97 -47.31 7.68
N LEU B 53 -8.17 -47.45 7.11
CA LEU B 53 -9.30 -46.53 7.33
C LEU B 53 -9.85 -46.76 8.74
N ASP B 54 -9.96 -45.72 9.56
CA ASP B 54 -10.60 -45.80 10.90
C ASP B 54 -12.12 -45.58 10.72
N VAL B 55 -12.86 -46.64 10.49
CA VAL B 55 -14.29 -46.59 10.07
C VAL B 55 -15.06 -45.80 11.11
N GLU B 56 -14.92 -46.15 12.39
CA GLU B 56 -15.70 -45.59 13.51
C GLU B 56 -15.35 -44.10 13.67
N ALA B 57 -14.06 -43.73 13.59
CA ALA B 57 -13.60 -42.33 13.71
C ALA B 57 -14.13 -41.53 12.51
N SER B 58 -14.16 -42.16 11.34
CA SER B 58 -14.70 -41.54 10.12
C SER B 58 -16.22 -41.32 10.31
N ALA B 59 -16.95 -42.29 10.84
CA ALA B 59 -18.41 -42.18 11.00
C ALA B 59 -18.72 -41.06 12.00
N LYS B 60 -17.86 -40.87 13.01
CA LYS B 60 -18.06 -39.79 14.02
C LYS B 60 -17.91 -38.44 13.32
N ASN B 61 -16.99 -38.36 12.36
CA ASN B 61 -16.73 -37.13 11.57
C ASN B 61 -17.95 -36.84 10.70
N ILE B 62 -18.45 -37.87 10.03
CA ILE B 62 -19.56 -37.70 9.04
C ILE B 62 -20.77 -37.32 9.86
N ALA B 63 -20.94 -37.92 11.04
CA ALA B 63 -22.05 -37.62 11.98
C ALA B 63 -22.13 -36.13 12.32
N LYS B 64 -21.00 -35.44 12.49
CA LYS B 64 -20.95 -33.97 12.73
C LYS B 64 -21.48 -33.22 11.51
N LEU B 65 -21.12 -33.62 10.28
CA LEU B 65 -21.67 -33.01 9.05
C LEU B 65 -23.20 -33.14 9.05
N ILE B 66 -23.75 -34.28 9.49
CA ILE B 66 -25.23 -34.52 9.54
C ILE B 66 -25.84 -33.51 10.53
N GLU B 67 -25.24 -33.39 11.71
CA GLU B 67 -25.72 -32.48 12.78
C GLU B 67 -25.65 -31.03 12.29
N ALA B 68 -24.65 -30.69 11.48
CA ALA B 68 -24.42 -29.32 11.00
C ALA B 68 -25.42 -28.95 9.88
N GLY B 69 -26.12 -29.92 9.28
CA GLY B 69 -27.23 -29.67 8.33
C GLY B 69 -27.10 -30.35 6.98
N ALA B 70 -26.17 -31.29 6.79
CA ALA B 70 -26.08 -32.09 5.55
C ALA B 70 -27.34 -32.95 5.48
N ASN B 71 -28.09 -32.84 4.40
CA ASN B 71 -29.38 -33.53 4.25
C ASN B 71 -29.22 -34.73 3.33
N THR B 72 -28.19 -34.72 2.50
CA THR B 72 -27.91 -35.84 1.59
C THR B 72 -26.41 -35.85 1.35
N PHE B 73 -25.81 -37.04 1.30
CA PHE B 73 -24.42 -37.16 0.87
C PHE B 73 -24.37 -37.62 -0.58
N ARG B 74 -23.45 -37.03 -1.31
CA ARG B 74 -23.15 -37.34 -2.70
C ARG B 74 -21.89 -38.22 -2.79
N PHE B 75 -22.04 -39.36 -3.46
CA PHE B 75 -20.97 -40.35 -3.76
C PHE B 75 -20.66 -40.19 -5.23
N ASN B 76 -19.55 -39.51 -5.52
CA ASN B 76 -19.16 -39.16 -6.90
C ASN B 76 -18.36 -40.34 -7.48
N PHE B 77 -19.00 -41.10 -8.37
CA PHE B 77 -18.40 -42.32 -8.99
C PHE B 77 -17.36 -41.97 -10.06
N SER B 78 -17.06 -40.70 -10.31
CA SER B 78 -15.88 -40.35 -11.12
C SER B 78 -14.60 -40.62 -10.33
N HIS B 79 -14.69 -40.84 -9.03
CA HIS B 79 -13.49 -41.08 -8.16
C HIS B 79 -13.60 -42.43 -7.49
N GLY B 80 -12.45 -43.05 -7.31
CA GLY B 80 -12.29 -44.32 -6.59
C GLY B 80 -12.91 -45.45 -7.37
N ASP B 81 -13.24 -46.51 -6.66
CA ASP B 81 -13.65 -47.80 -7.25
C ASP B 81 -14.86 -48.27 -6.45
N HIS B 82 -15.52 -49.33 -6.86
CA HIS B 82 -16.71 -49.84 -6.14
C HIS B 82 -16.37 -50.06 -4.66
N GLN B 83 -15.28 -50.76 -4.35
CA GLN B 83 -14.83 -51.00 -2.95
C GLN B 83 -14.91 -49.70 -2.12
N GLU B 84 -14.21 -48.65 -2.57
CA GLU B 84 -14.11 -47.32 -1.89
C GLU B 84 -15.51 -46.72 -1.68
N GLN B 85 -16.31 -46.66 -2.73
CA GLN B 85 -17.70 -46.12 -2.70
C GLN B 85 -18.53 -46.93 -1.72
N GLY B 86 -18.52 -48.26 -1.84
CA GLY B 86 -19.32 -49.14 -0.96
C GLY B 86 -18.94 -49.01 0.50
N GLU B 87 -17.66 -48.86 0.77
CA GLU B 87 -17.16 -48.65 2.16
C GLU B 87 -17.70 -47.32 2.70
N ARG B 88 -17.56 -46.27 1.91
CA ARG B 88 -17.99 -44.91 2.31
C ARG B 88 -19.49 -44.98 2.64
N MET B 89 -20.30 -45.61 1.78
CA MET B 89 -21.77 -45.70 1.99
C MET B 89 -22.05 -46.44 3.30
N ALA B 90 -21.30 -47.49 3.62
CA ALA B 90 -21.43 -48.23 4.90
C ALA B 90 -21.09 -47.32 6.09
N THR B 91 -20.09 -46.45 5.93
CA THR B 91 -19.59 -45.54 7.00
C THR B 91 -20.66 -44.47 7.27
N VAL B 92 -21.33 -44.01 6.23
CA VAL B 92 -22.46 -43.04 6.37
C VAL B 92 -23.58 -43.72 7.14
N LYS B 93 -23.89 -44.97 6.82
CA LYS B 93 -24.94 -45.75 7.53
C LYS B 93 -24.63 -45.81 9.02
N LEU B 94 -23.36 -45.93 9.45
CA LEU B 94 -23.04 -45.85 10.91
C LEU B 94 -23.21 -44.41 11.42
N ALA B 95 -22.75 -43.43 10.66
CA ALA B 95 -22.87 -41.99 11.00
C ALA B 95 -24.32 -41.61 11.34
N GLU B 96 -25.29 -42.20 10.64
CA GLU B 96 -26.72 -41.91 10.88
C GLU B 96 -27.10 -42.35 12.29
N LYS B 97 -26.58 -43.50 12.73
CA LYS B 97 -26.96 -44.10 14.04
C LYS B 97 -26.28 -43.25 15.12
N ILE B 98 -25.08 -42.76 14.89
CA ILE B 98 -24.37 -41.83 15.80
C ILE B 98 -25.13 -40.51 15.89
N ALA B 99 -25.47 -39.90 14.76
CA ALA B 99 -26.13 -38.58 14.70
C ALA B 99 -27.57 -38.68 15.21
N GLY B 100 -28.18 -39.87 15.12
CA GLY B 100 -29.61 -40.11 15.40
C GLY B 100 -30.50 -39.48 14.33
N LYS B 101 -29.95 -39.26 13.14
CA LYS B 101 -30.66 -38.54 12.05
C LYS B 101 -30.29 -39.25 10.76
N LYS B 102 -31.29 -39.49 9.91
CA LYS B 102 -31.06 -40.10 8.59
C LYS B 102 -30.71 -39.03 7.56
N VAL B 103 -30.08 -39.48 6.47
CA VAL B 103 -29.75 -38.61 5.31
C VAL B 103 -30.07 -39.39 4.03
N GLY B 104 -30.21 -38.63 2.95
CA GLY B 104 -30.33 -39.17 1.59
C GLY B 104 -28.97 -39.63 1.08
N PHE B 105 -28.97 -40.60 0.18
CA PHE B 105 -27.78 -41.20 -0.45
C PHE B 105 -27.93 -40.96 -1.93
N LEU B 106 -27.07 -40.12 -2.48
CA LEU B 106 -27.09 -39.68 -3.88
C LEU B 106 -25.84 -40.21 -4.58
N LEU B 107 -26.05 -40.97 -5.64
CA LEU B 107 -24.95 -41.44 -6.53
C LEU B 107 -24.84 -40.48 -7.68
N ASP B 108 -23.65 -39.95 -7.94
CA ASP B 108 -23.37 -39.05 -9.09
C ASP B 108 -22.56 -39.88 -10.09
N THR B 109 -23.08 -39.98 -11.32
CA THR B 109 -22.53 -40.88 -12.37
C THR B 109 -21.31 -40.21 -13.03
N LYS B 110 -20.46 -41.03 -13.62
CA LYS B 110 -19.29 -40.59 -14.41
C LYS B 110 -19.84 -39.85 -15.65
N GLY B 111 -20.72 -40.52 -16.38
CA GLY B 111 -21.42 -39.95 -17.53
C GLY B 111 -20.53 -39.82 -18.75
N PRO B 112 -21.11 -39.38 -19.89
CA PRO B 112 -20.38 -39.29 -21.15
C PRO B 112 -19.33 -38.19 -20.99
N GLU B 113 -18.22 -38.49 -20.28
CA GLU B 113 -17.15 -37.51 -19.94
C GLU B 113 -15.73 -38.02 -20.21
N ILE B 114 -14.76 -37.10 -20.10
CA ILE B 114 -13.30 -37.32 -20.24
C ILE B 114 -12.69 -37.04 -18.87
N ARG B 115 -11.98 -38.02 -18.29
CA ARG B 115 -11.20 -37.84 -17.03
C ARG B 115 -9.71 -37.95 -17.40
N THR B 116 -8.81 -37.43 -16.56
CA THR B 116 -7.37 -37.80 -16.54
C THR B 116 -7.31 -39.22 -15.92
N GLU B 117 -6.37 -40.06 -16.37
CA GLU B 117 -6.17 -41.44 -15.83
C GLU B 117 -5.38 -41.36 -14.51
N LEU B 118 -5.19 -42.50 -13.84
CA LEU B 118 -4.19 -42.66 -12.73
C LEU B 118 -2.78 -42.40 -13.30
N PHE B 119 -1.85 -41.93 -12.44
CA PHE B 119 -0.42 -41.68 -12.80
C PHE B 119 0.40 -42.95 -12.48
N GLU B 120 1.56 -43.11 -13.12
CA GLU B 120 2.48 -44.25 -12.87
C GLU B 120 3.09 -44.08 -11.47
N GLY B 121 3.24 -45.19 -10.73
CA GLY B 121 3.87 -45.26 -9.39
C GLY B 121 3.12 -44.46 -8.34
N GLU B 122 1.78 -44.58 -8.32
CA GLU B 122 0.82 -43.95 -7.36
C GLU B 122 1.29 -42.53 -6.94
N ALA B 123 1.81 -41.74 -7.89
CA ALA B 123 1.91 -40.26 -7.77
C ALA B 123 0.51 -39.68 -7.92
N LYS B 124 0.09 -38.79 -7.02
CA LYS B 124 -1.34 -38.37 -6.86
C LYS B 124 -1.69 -37.33 -7.95
N GLU B 125 -0.73 -36.51 -8.37
CA GLU B 125 -0.91 -35.30 -9.22
C GLU B 125 0.44 -34.63 -9.55
N TYR B 126 0.50 -33.67 -10.48
CA TYR B 126 1.74 -32.92 -10.86
C TYR B 126 1.41 -31.42 -11.03
N SER B 127 2.43 -30.56 -11.04
CA SER B 127 2.32 -29.08 -11.18
C SER B 127 3.02 -28.63 -12.47
N TYR B 128 2.46 -27.66 -13.20
CA TYR B 128 2.93 -27.21 -14.53
C TYR B 128 2.89 -25.68 -14.62
N LYS B 129 3.87 -25.11 -15.34
CA LYS B 129 4.05 -23.64 -15.53
C LYS B 129 3.81 -23.30 -16.99
N THR B 130 3.30 -22.08 -17.24
CA THR B 130 2.89 -21.51 -18.55
C THR B 130 4.02 -21.66 -19.57
N GLY B 131 3.70 -22.11 -20.79
CA GLY B 131 4.65 -22.26 -21.91
C GLY B 131 5.30 -23.66 -21.96
N GLU B 132 5.23 -24.41 -20.84
CA GLU B 132 5.58 -25.85 -20.78
C GLU B 132 4.92 -26.62 -21.93
N LYS B 133 5.72 -27.33 -22.74
CA LYS B 133 5.26 -28.27 -23.81
C LYS B 133 5.21 -29.70 -23.24
N ILE B 134 4.01 -30.31 -23.23
CA ILE B 134 3.78 -31.71 -22.79
C ILE B 134 2.89 -32.42 -23.83
N ARG B 135 2.46 -33.67 -23.59
CA ARG B 135 1.58 -34.40 -24.56
C ARG B 135 0.35 -34.96 -23.87
N VAL B 136 -0.75 -35.03 -24.61
CA VAL B 136 -1.98 -35.69 -24.15
C VAL B 136 -2.24 -36.85 -25.09
N ALA B 137 -2.38 -38.03 -24.51
CA ALA B 137 -2.56 -39.34 -25.18
C ALA B 137 -4.07 -39.67 -25.31
N THR B 138 -4.41 -40.34 -26.41
CA THR B 138 -5.76 -40.82 -26.82
C THR B 138 -5.86 -42.34 -26.63
N LYS B 139 -4.74 -43.07 -26.56
CA LYS B 139 -4.75 -44.53 -26.30
C LYS B 139 -5.38 -44.78 -24.93
N GLN B 140 -6.33 -45.71 -24.87
CA GLN B 140 -7.09 -46.04 -23.64
C GLN B 140 -6.39 -47.16 -22.85
N GLY B 141 -6.70 -47.28 -21.55
CA GLY B 141 -6.19 -48.33 -20.65
C GLY B 141 -4.73 -48.14 -20.26
N ILE B 142 -4.11 -47.00 -20.58
CA ILE B 142 -2.73 -46.62 -20.13
C ILE B 142 -2.86 -45.59 -18.99
N LYS B 143 -1.84 -45.49 -18.15
CA LYS B 143 -1.75 -44.58 -16.95
C LYS B 143 -0.91 -43.36 -17.34
N SER B 144 -1.14 -42.19 -16.71
CA SER B 144 -0.48 -40.91 -17.13
C SER B 144 0.96 -40.88 -16.63
N THR B 145 1.84 -40.23 -17.39
CA THR B 145 3.13 -39.69 -16.89
C THR B 145 2.95 -38.18 -16.75
N ARG B 146 3.78 -37.49 -15.95
CA ARG B 146 3.78 -36.01 -15.89
C ARG B 146 3.83 -35.47 -17.33
N GLU B 147 4.68 -36.05 -18.19
CA GLU B 147 4.99 -35.53 -19.55
C GLU B 147 3.96 -36.05 -20.58
N VAL B 148 3.21 -37.13 -20.29
CA VAL B 148 2.15 -37.66 -21.21
C VAL B 148 0.90 -38.06 -20.42
N ILE B 149 -0.15 -37.23 -20.56
CA ILE B 149 -1.42 -37.35 -19.77
C ILE B 149 -2.37 -38.30 -20.52
N ALA B 150 -2.61 -39.46 -19.92
CA ALA B 150 -3.57 -40.47 -20.41
C ALA B 150 -4.96 -39.93 -20.11
N LEU B 151 -5.93 -40.32 -20.94
CA LEU B 151 -7.37 -40.00 -20.82
C LEU B 151 -8.15 -41.28 -20.61
N ASN B 152 -9.00 -41.31 -19.59
CA ASN B 152 -10.12 -42.27 -19.43
C ASN B 152 -11.35 -41.62 -20.09
N VAL B 153 -11.54 -41.93 -21.38
CA VAL B 153 -12.67 -41.41 -22.21
C VAL B 153 -13.84 -42.39 -22.05
N ALA B 154 -15.00 -41.90 -21.65
CA ALA B 154 -16.22 -42.75 -21.56
C ALA B 154 -16.37 -43.53 -22.88
N GLY B 155 -16.74 -44.80 -22.78
CA GLY B 155 -16.87 -45.73 -23.93
C GLY B 155 -15.51 -46.16 -24.47
N ALA B 156 -14.42 -45.87 -23.76
CA ALA B 156 -13.01 -46.06 -24.21
C ALA B 156 -12.84 -45.55 -25.65
N LEU B 157 -13.63 -44.53 -26.01
CA LEU B 157 -13.64 -43.92 -27.36
C LEU B 157 -12.24 -43.44 -27.69
N ASP B 158 -11.81 -43.64 -28.94
CA ASP B 158 -10.61 -42.98 -29.54
C ASP B 158 -11.08 -41.58 -30.02
N ILE B 159 -10.57 -40.50 -29.41
CA ILE B 159 -11.07 -39.14 -29.72
C ILE B 159 -10.05 -38.39 -30.58
N TYR B 160 -8.89 -39.00 -30.87
CA TYR B 160 -7.76 -38.36 -31.59
C TYR B 160 -8.29 -37.65 -32.87
N ASP B 161 -9.13 -38.32 -33.68
CA ASP B 161 -9.74 -37.74 -34.91
C ASP B 161 -10.85 -36.71 -34.53
N ASP B 162 -11.26 -36.61 -33.26
CA ASP B 162 -12.38 -35.69 -32.88
C ASP B 162 -11.87 -34.26 -32.57
N VAL B 163 -10.55 -34.11 -32.40
CA VAL B 163 -9.91 -32.91 -31.75
C VAL B 163 -8.92 -32.28 -32.73
N GLU B 164 -9.29 -31.11 -33.28
CA GLU B 164 -8.45 -30.24 -34.18
C GLU B 164 -7.34 -29.50 -33.40
N VAL B 165 -6.29 -29.06 -34.12
CA VAL B 165 -5.24 -28.10 -33.65
C VAL B 165 -5.95 -26.78 -33.32
N GLY B 166 -5.43 -26.00 -32.36
CA GLY B 166 -6.06 -24.77 -31.84
C GLY B 166 -7.25 -25.05 -30.94
N ARG B 167 -7.69 -26.30 -30.76
CA ARG B 167 -8.72 -26.65 -29.74
C ARG B 167 -8.14 -26.48 -28.33
N GLN B 168 -9.00 -26.19 -27.35
CA GLN B 168 -8.58 -26.02 -25.95
C GLN B 168 -8.96 -27.27 -25.18
N VAL B 169 -8.02 -27.79 -24.39
CA VAL B 169 -8.21 -28.91 -23.42
C VAL B 169 -8.09 -28.36 -22.00
N LEU B 170 -9.19 -28.40 -21.23
CA LEU B 170 -9.24 -27.85 -19.85
C LEU B 170 -9.26 -28.98 -18.82
N VAL B 171 -8.43 -28.89 -17.77
CA VAL B 171 -8.40 -29.90 -16.67
C VAL B 171 -8.94 -29.27 -15.37
N ASP B 172 -9.80 -29.99 -14.62
CA ASP B 172 -10.23 -29.69 -13.21
C ASP B 172 -11.21 -28.49 -13.24
N ASP B 173 -12.48 -28.69 -13.61
CA ASP B 173 -13.51 -27.62 -13.83
C ASP B 173 -12.86 -26.37 -14.49
N GLY B 174 -11.87 -26.56 -15.38
CA GLY B 174 -11.36 -25.51 -16.28
C GLY B 174 -10.24 -24.70 -15.67
N LYS B 175 -9.70 -25.16 -14.53
CA LYS B 175 -8.60 -24.47 -13.79
C LYS B 175 -7.39 -24.31 -14.72
N LEU B 176 -6.99 -25.38 -15.42
CA LEU B 176 -5.77 -25.42 -16.28
C LEU B 176 -6.18 -25.61 -17.74
N GLY B 177 -5.69 -24.70 -18.60
CA GLY B 177 -5.85 -24.74 -20.05
C GLY B 177 -4.61 -25.27 -20.75
N LEU B 178 -4.82 -26.06 -21.82
CA LEU B 178 -3.79 -26.70 -22.69
C LEU B 178 -4.16 -26.45 -24.15
N ARG B 179 -3.40 -25.66 -24.88
CA ARG B 179 -3.69 -25.34 -26.29
C ARG B 179 -3.12 -26.49 -27.14
N VAL B 180 -3.94 -27.11 -28.00
CA VAL B 180 -3.45 -28.13 -28.98
C VAL B 180 -2.65 -27.35 -30.03
N VAL B 181 -1.32 -27.52 -30.07
CA VAL B 181 -0.44 -26.83 -31.04
C VAL B 181 -0.20 -27.77 -32.22
N ALA B 182 -0.01 -29.05 -31.99
CA ALA B 182 0.12 -30.07 -33.05
C ALA B 182 -0.46 -31.42 -32.60
N LYS B 183 -0.59 -32.33 -33.59
CA LYS B 183 -1.09 -33.73 -33.44
C LYS B 183 -0.03 -34.72 -33.96
N ASP B 184 0.32 -35.71 -33.12
CA ASP B 184 1.34 -36.73 -33.44
C ASP B 184 0.62 -38.00 -33.92
N ASP B 185 0.59 -38.24 -35.24
CA ASP B 185 -0.09 -39.42 -35.87
C ASP B 185 0.52 -40.76 -35.39
N ALA B 186 1.82 -40.79 -35.08
CA ALA B 186 2.61 -42.02 -34.83
C ALA B 186 2.37 -42.56 -33.41
N THR B 187 2.07 -41.68 -32.45
CA THR B 187 1.63 -42.07 -31.08
C THR B 187 0.17 -41.69 -30.86
N ARG B 188 -0.48 -40.97 -31.78
CA ARG B 188 -1.89 -40.48 -31.63
C ARG B 188 -1.98 -39.62 -30.35
N GLU B 189 -1.04 -38.68 -30.19
CA GLU B 189 -0.93 -37.77 -29.01
C GLU B 189 -1.20 -36.33 -29.48
N PHE B 190 -1.80 -35.51 -28.60
CA PHE B 190 -1.83 -34.03 -28.69
C PHE B 190 -0.54 -33.46 -28.09
N GLU B 191 0.16 -32.63 -28.87
CA GLU B 191 1.30 -31.82 -28.41
C GLU B 191 0.68 -30.51 -27.92
N VAL B 192 0.78 -30.25 -26.62
CA VAL B 192 -0.03 -29.19 -25.94
C VAL B 192 0.90 -28.23 -25.19
N GLU B 193 0.65 -26.92 -25.33
CA GLU B 193 1.29 -25.80 -24.56
C GLU B 193 0.43 -25.49 -23.32
N VAL B 194 1.01 -25.59 -22.12
CA VAL B 194 0.37 -25.17 -20.83
C VAL B 194 0.06 -23.65 -20.95
N GLU B 195 -1.20 -23.23 -20.79
CA GLU B 195 -1.63 -21.82 -21.01
C GLU B 195 -1.39 -20.99 -19.72
N ASN B 196 -1.44 -21.64 -18.56
CA ASN B 196 -1.52 -20.99 -17.22
C ASN B 196 -0.96 -21.97 -16.19
N ASP B 197 -0.48 -21.47 -15.05
CA ASP B 197 0.02 -22.33 -13.94
C ASP B 197 -1.15 -23.15 -13.41
N GLY B 198 -0.93 -24.42 -13.09
CA GLY B 198 -1.98 -25.27 -12.50
C GLY B 198 -1.57 -26.73 -12.38
N ILE B 199 -2.50 -27.53 -11.88
CA ILE B 199 -2.28 -28.93 -11.42
C ILE B 199 -3.06 -29.88 -12.35
N ILE B 200 -2.41 -30.97 -12.78
CA ILE B 200 -3.03 -32.17 -13.39
C ILE B 200 -3.00 -33.30 -12.35
N ALA B 201 -4.15 -33.59 -11.71
CA ALA B 201 -4.32 -34.72 -10.76
C ALA B 201 -4.90 -35.94 -11.50
N LYS B 202 -5.11 -37.03 -10.75
CA LYS B 202 -5.78 -38.27 -11.19
C LYS B 202 -7.30 -38.07 -11.14
N GLN B 203 -8.03 -38.64 -12.12
CA GLN B 203 -9.52 -38.74 -12.21
C GLN B 203 -10.17 -37.34 -12.16
N LYS B 204 -9.56 -36.34 -12.80
CA LYS B 204 -10.06 -34.96 -12.91
C LYS B 204 -10.77 -34.80 -14.26
N GLY B 205 -11.82 -33.97 -14.30
CA GLY B 205 -12.52 -33.53 -15.53
C GLY B 205 -11.58 -33.01 -16.62
N VAL B 206 -11.84 -33.39 -17.88
CA VAL B 206 -11.25 -32.74 -19.09
C VAL B 206 -12.40 -32.30 -20.01
N ASN B 207 -12.40 -31.03 -20.40
CA ASN B 207 -13.43 -30.39 -21.24
C ASN B 207 -12.71 -29.95 -22.49
N ILE B 208 -13.28 -30.24 -23.63
CA ILE B 208 -12.77 -29.81 -24.95
C ILE B 208 -13.93 -29.10 -25.59
N PRO B 209 -14.20 -27.85 -25.22
CA PRO B 209 -15.35 -27.12 -25.72
C PRO B 209 -15.41 -27.18 -27.24
N ASN B 210 -16.63 -27.12 -27.78
CA ASN B 210 -16.93 -27.11 -29.24
C ASN B 210 -16.33 -28.35 -29.92
N THR B 211 -16.38 -29.52 -29.30
CA THR B 211 -16.17 -30.81 -30.00
C THR B 211 -17.45 -31.64 -29.80
N LYS B 212 -17.68 -32.59 -30.70
CA LYS B 212 -18.89 -33.45 -30.77
C LYS B 212 -18.44 -34.91 -30.65
N ILE B 213 -17.93 -35.30 -29.49
CA ILE B 213 -17.57 -36.72 -29.26
C ILE B 213 -18.88 -37.52 -29.19
N PRO B 214 -19.03 -38.62 -30.00
CA PRO B 214 -20.29 -39.37 -30.02
C PRO B 214 -20.37 -40.34 -28.84
N PHE B 215 -20.39 -39.82 -27.61
CA PHE B 215 -20.47 -40.68 -26.41
C PHE B 215 -21.71 -41.56 -26.48
N PRO B 216 -21.65 -42.81 -25.99
CA PRO B 216 -22.82 -43.68 -25.99
C PRO B 216 -24.04 -43.09 -25.28
N ALA B 217 -25.19 -43.72 -25.53
CA ALA B 217 -26.51 -43.45 -24.92
C ALA B 217 -26.39 -43.53 -23.39
N LEU B 218 -25.92 -44.68 -22.93
CA LEU B 218 -25.55 -44.94 -21.52
C LEU B 218 -24.32 -45.85 -21.58
N ALA B 219 -23.20 -45.40 -21.02
CA ALA B 219 -21.91 -46.15 -21.02
C ALA B 219 -22.03 -47.37 -20.12
N GLU B 220 -21.32 -48.45 -20.47
CA GLU B 220 -21.28 -49.72 -19.70
C GLU B 220 -20.87 -49.41 -18.27
N ARG B 221 -19.87 -48.55 -18.12
CA ARG B 221 -19.33 -48.09 -16.83
C ARG B 221 -20.45 -47.47 -15.97
N ASP B 222 -21.26 -46.59 -16.57
CA ASP B 222 -22.41 -45.98 -15.84
C ASP B 222 -23.41 -47.08 -15.47
N ASN B 223 -23.69 -47.98 -16.40
CA ASN B 223 -24.63 -49.10 -16.15
C ASN B 223 -24.13 -49.88 -14.94
N ASP B 224 -22.83 -50.22 -14.91
CA ASP B 224 -22.21 -50.98 -13.77
C ASP B 224 -22.32 -50.16 -12.48
N ASP B 225 -21.98 -48.86 -12.53
CA ASP B 225 -21.92 -47.98 -11.33
C ASP B 225 -23.33 -47.88 -10.73
N ILE B 226 -24.33 -47.62 -11.57
CA ILE B 226 -25.76 -47.46 -11.14
C ILE B 226 -26.18 -48.77 -10.49
N ARG B 227 -25.87 -49.91 -11.11
CA ARG B 227 -26.32 -51.23 -10.60
C ARG B 227 -25.67 -51.53 -9.24
N PHE B 228 -24.39 -51.23 -9.07
CA PHE B 228 -23.68 -51.38 -7.77
C PHE B 228 -24.35 -50.44 -6.74
N GLY B 229 -24.50 -49.16 -7.10
CA GLY B 229 -25.19 -48.16 -6.26
C GLY B 229 -26.55 -48.64 -5.79
N LEU B 230 -27.36 -49.13 -6.72
CA LEU B 230 -28.72 -49.62 -6.40
C LEU B 230 -28.61 -50.82 -5.45
N GLU B 231 -27.61 -51.68 -5.64
CA GLU B 231 -27.42 -52.87 -4.76
C GLU B 231 -27.07 -52.38 -3.34
N GLN B 232 -26.30 -51.31 -3.21
CA GLN B 232 -25.88 -50.79 -1.86
C GLN B 232 -27.09 -50.18 -1.13
N GLY B 233 -28.02 -49.56 -1.86
CA GLY B 233 -29.16 -48.84 -1.28
C GLY B 233 -28.92 -47.35 -1.41
N ILE B 234 -29.54 -46.72 -2.42
CA ILE B 234 -29.48 -45.25 -2.65
C ILE B 234 -30.90 -44.70 -2.78
N ASN B 235 -31.02 -43.38 -2.65
CA ASN B 235 -32.29 -42.64 -2.76
C ASN B 235 -32.30 -41.83 -4.06
N PHE B 236 -31.15 -41.35 -4.51
CA PHE B 236 -31.05 -40.44 -5.66
C PHE B 236 -29.90 -40.88 -6.56
N ILE B 237 -30.07 -40.60 -7.84
CA ILE B 237 -29.03 -40.62 -8.89
C ILE B 237 -29.03 -39.27 -9.57
N ALA B 238 -27.86 -38.64 -9.59
CA ALA B 238 -27.54 -37.43 -10.37
C ALA B 238 -26.81 -37.89 -11.63
N ILE B 239 -27.42 -37.68 -12.79
CA ILE B 239 -26.92 -38.21 -14.08
C ILE B 239 -26.11 -37.11 -14.74
N SER B 240 -24.81 -37.32 -14.84
CA SER B 240 -23.88 -36.35 -15.47
C SER B 240 -24.19 -36.20 -16.95
N PHE B 241 -24.01 -34.98 -17.45
CA PHE B 241 -24.11 -34.56 -18.86
C PHE B 241 -25.37 -35.15 -19.50
N VAL B 242 -26.53 -35.01 -18.86
CA VAL B 242 -27.85 -35.31 -19.49
C VAL B 242 -27.98 -34.41 -20.71
N ARG B 243 -28.13 -35.02 -21.88
CA ARG B 243 -28.21 -34.35 -23.20
C ARG B 243 -29.69 -34.31 -23.64
N THR B 244 -30.46 -35.36 -23.37
CA THR B 244 -31.87 -35.50 -23.80
C THR B 244 -32.60 -36.29 -22.75
N ALA B 245 -33.93 -36.38 -22.90
CA ALA B 245 -34.78 -37.20 -22.02
C ALA B 245 -34.30 -38.66 -22.05
N LYS B 246 -33.72 -39.12 -23.18
CA LYS B 246 -33.31 -40.54 -23.34
C LYS B 246 -32.26 -40.91 -22.30
N ASP B 247 -31.33 -40.00 -22.02
CA ASP B 247 -30.30 -40.16 -20.95
C ASP B 247 -31.00 -40.43 -19.63
N VAL B 248 -32.12 -39.77 -19.33
CA VAL B 248 -32.86 -40.02 -18.06
C VAL B 248 -33.56 -41.37 -18.13
N ASN B 249 -34.21 -41.67 -19.26
CA ASN B 249 -35.05 -42.89 -19.40
C ASN B 249 -34.22 -44.18 -19.33
N GLU B 250 -33.01 -44.20 -19.87
CA GLU B 250 -32.08 -45.37 -19.75
C GLU B 250 -31.86 -45.68 -18.27
N VAL B 251 -31.66 -44.67 -17.44
CA VAL B 251 -31.37 -44.91 -16.02
C VAL B 251 -32.66 -45.30 -15.32
N ARG B 252 -33.77 -44.63 -15.65
CA ARG B 252 -35.10 -44.98 -15.07
C ARG B 252 -35.39 -46.46 -15.32
N ALA B 253 -35.08 -46.93 -16.53
CA ALA B 253 -35.34 -48.35 -16.92
C ALA B 253 -34.55 -49.30 -16.01
N ILE B 254 -33.33 -48.94 -15.60
CA ILE B 254 -32.53 -49.80 -14.68
C ILE B 254 -33.13 -49.77 -13.28
N CYS B 255 -33.57 -48.59 -12.85
CA CYS B 255 -34.21 -48.44 -11.51
C CYS B 255 -35.45 -49.34 -11.44
N GLU B 256 -36.29 -49.31 -12.47
CA GLU B 256 -37.57 -50.10 -12.49
C GLU B 256 -37.25 -51.60 -12.55
N GLU B 257 -36.33 -52.00 -13.44
CA GLU B 257 -35.89 -53.40 -13.68
C GLU B 257 -35.41 -54.02 -12.38
N THR B 258 -34.66 -53.28 -11.56
CA THR B 258 -34.04 -53.87 -10.34
C THR B 258 -34.97 -53.76 -9.14
N GLY B 259 -36.18 -53.23 -9.30
CA GLY B 259 -37.16 -53.01 -8.21
C GLY B 259 -36.80 -51.76 -7.40
N ASN B 260 -36.17 -50.76 -8.00
CA ASN B 260 -35.69 -49.53 -7.30
C ASN B 260 -36.44 -48.32 -7.85
N GLY B 261 -37.74 -48.47 -8.05
CA GLY B 261 -38.59 -47.48 -8.76
C GLY B 261 -38.78 -46.22 -7.93
N HIS B 262 -38.57 -46.33 -6.61
CA HIS B 262 -38.55 -45.21 -5.61
C HIS B 262 -37.34 -44.28 -5.77
N VAL B 263 -36.31 -44.72 -6.50
CA VAL B 263 -35.07 -43.92 -6.71
C VAL B 263 -35.41 -42.74 -7.63
N GLN B 264 -35.03 -41.55 -7.20
CA GLN B 264 -35.34 -40.30 -7.93
C GLN B 264 -34.11 -39.95 -8.74
N LEU B 265 -34.34 -39.48 -9.96
CA LEU B 265 -33.30 -39.10 -10.93
C LEU B 265 -33.19 -37.58 -11.03
N PHE B 266 -32.03 -37.03 -10.69
CA PHE B 266 -31.71 -35.64 -11.01
C PHE B 266 -30.87 -35.63 -12.27
N ALA B 267 -31.35 -34.93 -13.29
CA ALA B 267 -30.56 -34.71 -14.50
C ALA B 267 -29.57 -33.58 -14.18
N LYS B 268 -28.29 -33.80 -14.46
CA LYS B 268 -27.29 -32.71 -14.37
C LYS B 268 -27.27 -32.04 -15.71
N ILE B 269 -27.49 -30.75 -15.68
CA ILE B 269 -27.45 -29.89 -16.86
C ILE B 269 -26.09 -29.23 -16.85
N GLU B 270 -25.28 -29.54 -17.84
CA GLU B 270 -23.90 -29.03 -17.83
C GLU B 270 -23.38 -28.86 -19.24
N ASN B 271 -24.26 -28.72 -20.24
CA ASN B 271 -23.85 -28.32 -21.60
C ASN B 271 -25.05 -27.74 -22.36
N GLN B 272 -24.78 -27.20 -23.56
CA GLN B 272 -25.79 -26.49 -24.39
C GLN B 272 -26.94 -27.46 -24.75
N GLN B 273 -26.64 -28.72 -25.02
CA GLN B 273 -27.66 -29.71 -25.42
C GLN B 273 -28.68 -29.89 -24.27
N GLY B 274 -28.18 -30.11 -23.05
CA GLY B 274 -29.00 -30.19 -21.83
C GLY B 274 -29.91 -28.96 -21.66
N ILE B 275 -29.37 -27.77 -21.85
CA ILE B 275 -30.10 -26.48 -21.84
C ILE B 275 -31.19 -26.54 -22.95
N ASP B 276 -30.82 -26.88 -24.18
CA ASP B 276 -31.76 -26.84 -25.34
C ASP B 276 -32.95 -27.76 -25.08
N ASN B 277 -32.72 -28.91 -24.46
CA ASN B 277 -33.72 -29.99 -24.19
C ASN B 277 -34.28 -29.91 -22.77
N LEU B 278 -34.05 -28.79 -22.07
CA LEU B 278 -34.37 -28.70 -20.62
C LEU B 278 -35.80 -29.15 -20.34
N ASP B 279 -36.78 -28.67 -21.12
CA ASP B 279 -38.23 -28.97 -20.88
C ASP B 279 -38.48 -30.49 -20.90
N GLU B 280 -38.01 -31.22 -21.92
CA GLU B 280 -38.23 -32.68 -22.02
C GLU B 280 -37.42 -33.39 -20.93
N ILE B 281 -36.26 -32.84 -20.52
CA ILE B 281 -35.47 -33.45 -19.40
C ILE B 281 -36.24 -33.25 -18.08
N ILE B 282 -36.77 -32.06 -17.82
CA ILE B 282 -37.51 -31.84 -16.56
C ILE B 282 -38.66 -32.85 -16.51
N GLU B 283 -39.36 -33.00 -17.64
CA GLU B 283 -40.52 -33.92 -17.75
C GLU B 283 -40.08 -35.36 -17.42
N ALA B 284 -38.91 -35.85 -17.88
CA ALA B 284 -38.44 -37.24 -17.63
C ALA B 284 -37.87 -37.44 -16.21
N ALA B 285 -37.31 -36.37 -15.61
CA ALA B 285 -36.50 -36.42 -14.37
C ALA B 285 -37.37 -36.11 -13.15
N ASP B 286 -36.85 -36.35 -11.95
CA ASP B 286 -37.49 -35.97 -10.65
C ASP B 286 -36.93 -34.62 -10.18
N GLY B 287 -36.00 -34.06 -10.94
CA GLY B 287 -35.20 -32.91 -10.49
C GLY B 287 -34.04 -32.62 -11.39
N ILE B 288 -33.45 -31.45 -11.18
CA ILE B 288 -32.32 -30.94 -11.96
C ILE B 288 -31.21 -30.57 -10.96
N MET B 289 -30.00 -31.01 -11.22
CA MET B 289 -28.78 -30.44 -10.59
C MET B 289 -28.17 -29.47 -11.58
N ILE B 290 -28.05 -28.21 -11.17
CA ILE B 290 -27.44 -27.16 -12.01
C ILE B 290 -25.94 -27.32 -11.78
N ALA B 291 -25.29 -28.06 -12.66
CA ALA B 291 -23.87 -28.50 -12.55
C ALA B 291 -22.98 -27.42 -13.14
N ARG B 292 -22.71 -26.36 -12.39
CA ARG B 292 -22.25 -25.10 -12.99
C ARG B 292 -20.76 -25.20 -13.38
N GLY B 293 -20.03 -26.15 -12.81
CA GLY B 293 -18.58 -26.27 -13.12
C GLY B 293 -18.42 -26.51 -14.61
N ASP B 294 -18.98 -27.63 -15.07
CA ASP B 294 -18.96 -27.98 -16.50
C ASP B 294 -19.75 -26.93 -17.28
N MET B 295 -20.90 -26.51 -16.76
CA MET B 295 -21.78 -25.63 -17.58
C MET B 295 -21.01 -24.38 -17.95
N GLY B 296 -20.22 -23.81 -17.03
CA GLY B 296 -19.55 -22.53 -17.27
C GLY B 296 -18.30 -22.64 -18.11
N ILE B 297 -17.96 -23.85 -18.53
CA ILE B 297 -16.88 -24.06 -19.53
C ILE B 297 -17.53 -24.46 -20.85
N GLU B 298 -18.66 -25.16 -20.81
CA GLU B 298 -19.30 -25.69 -22.06
C GLU B 298 -20.11 -24.58 -22.71
N VAL B 299 -20.70 -23.66 -21.94
CA VAL B 299 -21.40 -22.46 -22.47
C VAL B 299 -20.69 -21.24 -21.93
N PRO B 300 -20.97 -20.03 -22.46
CA PRO B 300 -20.33 -18.80 -21.99
C PRO B 300 -20.57 -18.61 -20.49
N PHE B 301 -19.49 -18.39 -19.75
CA PHE B 301 -19.53 -18.31 -18.27
C PHE B 301 -20.59 -17.29 -17.83
N GLU B 302 -20.72 -16.19 -18.54
CA GLU B 302 -21.58 -15.04 -18.13
C GLU B 302 -23.05 -15.41 -18.34
N MET B 303 -23.37 -16.54 -18.95
CA MET B 303 -24.76 -16.99 -19.17
C MET B 303 -25.20 -17.91 -18.04
N VAL B 304 -24.27 -18.41 -17.23
CA VAL B 304 -24.67 -19.42 -16.24
C VAL B 304 -25.71 -18.80 -15.32
N PRO B 305 -25.54 -17.56 -14.82
CA PRO B 305 -26.54 -17.00 -13.89
C PRO B 305 -27.93 -16.90 -14.53
N VAL B 306 -27.99 -16.66 -15.83
CA VAL B 306 -29.26 -16.52 -16.60
C VAL B 306 -29.95 -17.89 -16.56
N TYR B 307 -29.20 -18.92 -16.93
CA TYR B 307 -29.70 -20.30 -16.90
C TYR B 307 -30.03 -20.78 -15.51
N GLN B 308 -29.23 -20.41 -14.50
CA GLN B 308 -29.53 -20.84 -13.13
C GLN B 308 -30.93 -20.32 -12.72
N LYS B 309 -31.23 -19.06 -12.96
CA LYS B 309 -32.52 -18.46 -12.48
C LYS B 309 -33.71 -19.10 -13.20
N MET B 310 -33.56 -19.30 -14.50
CA MET B 310 -34.58 -19.89 -15.38
C MET B 310 -34.82 -21.36 -15.01
N ILE B 311 -33.76 -22.16 -14.76
CA ILE B 311 -33.92 -23.60 -14.38
C ILE B 311 -34.66 -23.67 -13.05
N ILE B 312 -34.25 -22.86 -12.08
CA ILE B 312 -34.89 -23.00 -10.74
C ILE B 312 -36.39 -22.71 -10.91
N LYS B 313 -36.74 -21.68 -11.65
CA LYS B 313 -38.17 -21.28 -11.85
C LYS B 313 -38.94 -22.45 -12.52
N LYS B 314 -38.37 -23.01 -13.59
CA LYS B 314 -39.03 -24.10 -14.35
C LYS B 314 -39.17 -25.35 -13.49
N VAL B 315 -38.14 -25.70 -12.72
CA VAL B 315 -38.19 -26.97 -11.96
C VAL B 315 -39.22 -26.81 -10.86
N ASN B 316 -39.25 -25.65 -10.23
CA ASN B 316 -40.24 -25.37 -9.14
C ASN B 316 -41.66 -25.44 -9.72
N ALA B 317 -41.88 -24.87 -10.89
CA ALA B 317 -43.23 -24.86 -11.52
C ALA B 317 -43.67 -26.31 -11.78
N ALA B 318 -42.72 -27.21 -12.03
CA ALA B 318 -42.99 -28.63 -12.32
C ALA B 318 -43.20 -29.40 -11.02
N GLY B 319 -43.01 -28.79 -9.86
CA GLY B 319 -43.16 -29.48 -8.57
C GLY B 319 -42.02 -30.46 -8.31
N LYS B 320 -40.85 -30.18 -8.85
CA LYS B 320 -39.69 -31.11 -8.77
C LYS B 320 -38.59 -30.41 -7.98
N VAL B 321 -37.46 -31.09 -7.81
CA VAL B 321 -36.37 -30.59 -6.92
C VAL B 321 -35.26 -29.99 -7.75
N VAL B 322 -34.75 -28.81 -7.35
CA VAL B 322 -33.56 -28.22 -8.03
C VAL B 322 -32.41 -28.13 -7.02
N ILE B 323 -31.21 -28.54 -7.45
CA ILE B 323 -29.94 -28.43 -6.67
C ILE B 323 -29.03 -27.45 -7.40
N THR B 324 -28.54 -26.41 -6.71
CA THR B 324 -27.56 -25.49 -7.30
C THR B 324 -26.18 -26.00 -6.83
N ALA B 325 -25.21 -26.15 -7.75
CA ALA B 325 -23.95 -26.86 -7.44
C ALA B 325 -22.73 -26.11 -7.98
N THR B 326 -21.63 -26.32 -7.24
CA THR B 326 -20.24 -26.13 -7.66
C THR B 326 -19.74 -24.72 -7.34
N ASN B 327 -18.60 -24.68 -6.63
CA ASN B 327 -17.86 -23.44 -6.31
C ASN B 327 -18.60 -22.57 -5.29
N MET B 328 -19.64 -23.08 -4.63
CA MET B 328 -20.51 -22.24 -3.78
C MET B 328 -19.70 -21.65 -2.61
N LEU B 329 -18.82 -22.44 -1.98
CA LEU B 329 -17.93 -21.95 -0.89
C LEU B 329 -16.48 -22.35 -1.21
N GLU B 330 -16.06 -22.18 -2.46
CA GLU B 330 -14.85 -22.81 -3.04
C GLU B 330 -13.61 -22.53 -2.15
N THR B 331 -13.40 -21.28 -1.76
CA THR B 331 -12.25 -20.82 -0.93
C THR B 331 -12.16 -21.66 0.35
N MET B 332 -13.25 -22.22 0.86
CA MET B 332 -13.20 -23.00 2.12
C MET B 332 -12.56 -24.38 1.93
N THR B 333 -12.14 -24.72 0.71
CA THR B 333 -11.29 -25.91 0.46
C THR B 333 -9.98 -25.73 1.24
N GLU B 334 -9.44 -24.51 1.23
CA GLU B 334 -8.11 -24.14 1.77
C GLU B 334 -8.18 -23.17 2.96
N LYS B 335 -9.27 -22.41 3.15
CA LYS B 335 -9.34 -21.33 4.17
C LYS B 335 -10.55 -21.59 5.04
N PRO B 336 -10.49 -21.21 6.33
CA PRO B 336 -11.63 -21.41 7.22
C PRO B 336 -12.81 -20.48 6.94
N ARG B 337 -12.63 -19.41 6.18
CA ARG B 337 -13.73 -18.45 5.90
C ARG B 337 -13.88 -18.29 4.41
N ALA B 338 -15.12 -18.17 3.97
CA ALA B 338 -15.46 -18.02 2.54
C ALA B 338 -15.30 -16.57 2.15
N THR B 339 -15.18 -16.31 0.86
CA THR B 339 -15.10 -14.96 0.29
C THR B 339 -16.49 -14.32 0.31
N ARG B 340 -16.55 -13.03 0.04
CA ARG B 340 -17.83 -12.28 0.04
C ARG B 340 -18.66 -12.72 -1.17
N SER B 341 -17.99 -13.08 -2.28
CA SER B 341 -18.65 -13.52 -3.52
C SER B 341 -19.25 -14.91 -3.28
N GLU B 342 -18.60 -15.74 -2.48
CA GLU B 342 -19.15 -17.08 -2.19
C GLU B 342 -20.39 -16.97 -1.31
N VAL B 343 -20.37 -16.12 -0.28
CA VAL B 343 -21.55 -15.95 0.59
C VAL B 343 -22.69 -15.37 -0.26
N SER B 344 -22.39 -14.42 -1.15
CA SER B 344 -23.36 -13.79 -2.10
C SER B 344 -23.98 -14.88 -2.97
N ASP B 345 -23.15 -15.74 -3.54
CA ASP B 345 -23.59 -16.88 -4.37
C ASP B 345 -24.57 -17.81 -3.64
N VAL B 346 -24.24 -18.26 -2.44
CA VAL B 346 -25.14 -19.16 -1.66
C VAL B 346 -26.46 -18.44 -1.37
N PHE B 347 -26.36 -17.20 -0.94
CA PHE B 347 -27.55 -16.40 -0.55
C PHE B 347 -28.45 -16.26 -1.78
N ASN B 348 -27.88 -15.83 -2.92
CA ASN B 348 -28.65 -15.55 -4.16
C ASN B 348 -29.26 -16.82 -4.70
N ALA B 349 -28.66 -18.00 -4.47
CA ALA B 349 -29.21 -19.29 -4.94
C ALA B 349 -30.49 -19.55 -4.18
N VAL B 350 -30.48 -19.27 -2.88
CA VAL B 350 -31.69 -19.44 -2.04
C VAL B 350 -32.77 -18.46 -2.54
N ILE B 351 -32.41 -17.20 -2.76
CA ILE B 351 -33.39 -16.13 -3.16
C ILE B 351 -33.96 -16.55 -4.52
N ASP B 352 -33.15 -17.10 -5.40
CA ASP B 352 -33.57 -17.56 -6.75
C ASP B 352 -34.69 -18.61 -6.63
N GLY B 353 -34.74 -19.39 -5.54
CA GLY B 353 -35.75 -20.44 -5.31
C GLY B 353 -35.18 -21.84 -5.22
N THR B 354 -33.85 -22.02 -5.09
CA THR B 354 -33.25 -23.38 -5.05
C THR B 354 -33.84 -24.22 -3.90
N ASP B 355 -34.12 -25.48 -4.14
CA ASP B 355 -34.48 -26.45 -3.10
C ASP B 355 -33.26 -26.74 -2.23
N ALA B 356 -32.10 -26.83 -2.86
CA ALA B 356 -30.89 -27.35 -2.22
C ALA B 356 -29.63 -26.67 -2.78
N THR B 357 -28.62 -26.56 -1.92
CA THR B 357 -27.30 -26.02 -2.27
C THR B 357 -26.30 -27.15 -2.06
N MET B 358 -25.20 -27.14 -2.78
CA MET B 358 -24.31 -28.31 -2.80
C MET B 358 -22.87 -27.90 -2.45
N LEU B 359 -22.20 -28.81 -1.78
CA LEU B 359 -20.74 -28.71 -1.59
C LEU B 359 -20.11 -29.90 -2.32
N SER B 360 -18.99 -29.64 -3.01
CA SER B 360 -18.20 -30.63 -3.76
C SER B 360 -16.84 -30.79 -3.04
N GLY B 361 -15.78 -30.18 -3.55
CA GLY B 361 -14.43 -30.25 -2.98
C GLY B 361 -14.37 -29.70 -1.56
N GLU B 362 -15.26 -28.76 -1.22
CA GLU B 362 -15.33 -28.14 0.14
C GLU B 362 -15.56 -29.22 1.18
N SER B 363 -16.41 -30.21 0.90
CA SER B 363 -16.71 -31.27 1.87
C SER B 363 -15.88 -32.53 1.57
N ALA B 364 -15.47 -32.74 0.33
CA ALA B 364 -14.89 -34.02 -0.13
C ALA B 364 -13.36 -34.01 0.02
N ASN B 365 -12.76 -32.85 -0.15
CA ASN B 365 -11.36 -32.67 -0.58
C ASN B 365 -10.66 -31.54 0.16
N GLY B 366 -11.30 -30.99 1.19
CA GLY B 366 -10.83 -29.72 1.75
C GLY B 366 -10.36 -29.91 3.16
N LYS B 367 -9.79 -28.84 3.71
CA LYS B 367 -9.30 -28.83 5.10
C LYS B 367 -10.46 -28.54 6.04
N TYR B 368 -11.61 -28.07 5.56
CA TYR B 368 -12.67 -27.53 6.45
C TYR B 368 -14.05 -28.09 6.09
N PRO B 369 -14.25 -29.42 6.00
CA PRO B 369 -15.54 -29.98 5.60
C PRO B 369 -16.67 -29.64 6.58
N LEU B 370 -16.47 -29.84 7.89
CA LEU B 370 -17.52 -29.49 8.88
C LEU B 370 -17.86 -28.00 8.79
N GLU B 371 -16.86 -27.12 8.79
CA GLU B 371 -17.05 -25.64 8.77
C GLU B 371 -17.74 -25.21 7.48
N SER B 372 -17.48 -25.89 6.36
CA SER B 372 -18.12 -25.64 5.06
C SER B 372 -19.62 -25.91 5.20
N VAL B 373 -20.00 -27.02 5.83
CA VAL B 373 -21.43 -27.37 6.01
C VAL B 373 -22.09 -26.33 6.93
N THR B 374 -21.47 -26.07 8.08
CA THR B 374 -21.92 -25.04 9.06
C THR B 374 -22.13 -23.69 8.37
N THR B 375 -21.17 -23.23 7.57
CA THR B 375 -21.19 -21.90 6.89
C THR B 375 -22.36 -21.88 5.91
N MET B 376 -22.46 -22.89 5.06
CA MET B 376 -23.56 -22.99 4.08
C MET B 376 -24.89 -22.97 4.85
N ALA B 377 -25.00 -23.74 5.91
CA ALA B 377 -26.23 -23.81 6.71
C ALA B 377 -26.57 -22.42 7.26
N THR B 378 -25.60 -21.70 7.81
CA THR B 378 -25.81 -20.34 8.37
C THR B 378 -26.37 -19.40 7.28
N ILE B 379 -25.75 -19.39 6.10
CA ILE B 379 -26.16 -18.50 4.99
C ILE B 379 -27.58 -18.92 4.55
N ASP B 380 -27.79 -20.20 4.30
CA ASP B 380 -29.10 -20.74 3.84
C ASP B 380 -30.21 -20.34 4.83
N LYS B 381 -29.98 -20.50 6.13
CA LYS B 381 -30.95 -20.11 7.20
C LYS B 381 -31.24 -18.60 7.12
N ASN B 382 -30.23 -17.73 6.98
CA ASN B 382 -30.47 -16.27 6.90
C ASN B 382 -31.25 -15.92 5.62
N ALA B 383 -30.90 -16.52 4.47
CA ALA B 383 -31.53 -16.21 3.16
C ALA B 383 -33.01 -16.58 3.20
N GLN B 384 -33.35 -17.65 3.88
CA GLN B 384 -34.75 -18.12 3.90
C GLN B 384 -35.66 -17.05 4.57
N ALA B 385 -35.11 -16.27 5.50
CA ALA B 385 -35.84 -15.19 6.21
C ALA B 385 -36.15 -14.05 5.23
N LEU B 386 -35.51 -13.98 4.06
CA LEU B 386 -35.74 -12.88 3.09
C LEU B 386 -36.51 -13.32 1.83
N LEU B 387 -37.05 -14.52 1.79
CA LEU B 387 -37.84 -15.02 0.64
C LEU B 387 -39.18 -14.26 0.51
N ASN B 388 -39.87 -13.91 1.61
CA ASN B 388 -41.04 -12.97 1.55
C ASN B 388 -40.66 -11.70 0.79
N GLU B 389 -39.58 -11.04 1.19
CA GLU B 389 -39.19 -9.73 0.61
C GLU B 389 -38.64 -9.90 -0.81
N TYR B 390 -37.75 -10.85 -1.06
CA TYR B 390 -36.85 -10.83 -2.25
C TYR B 390 -37.12 -12.05 -3.14
N GLY B 391 -37.77 -13.08 -2.63
CA GLY B 391 -37.93 -14.39 -3.32
C GLY B 391 -38.36 -14.21 -4.76
N ARG B 392 -37.69 -14.91 -5.67
CA ARG B 392 -38.03 -14.88 -7.11
C ARG B 392 -39.25 -15.77 -7.41
N LEU B 393 -39.45 -16.87 -6.71
CA LEU B 393 -40.54 -17.78 -7.10
C LEU B 393 -41.86 -17.08 -6.79
N ASP B 394 -42.89 -17.41 -7.57
CA ASP B 394 -44.23 -16.78 -7.48
C ASP B 394 -45.30 -17.89 -7.58
N SER B 395 -45.75 -18.44 -6.47
CA SER B 395 -46.74 -19.54 -6.44
C SER B 395 -48.12 -19.05 -6.91
N ASP B 396 -48.34 -17.74 -6.95
CA ASP B 396 -49.66 -17.21 -7.37
C ASP B 396 -49.89 -17.49 -8.84
N SER B 397 -48.84 -17.68 -9.64
CA SER B 397 -48.97 -17.84 -11.12
C SER B 397 -49.35 -19.28 -11.50
N PHE B 398 -49.17 -20.25 -10.60
CA PHE B 398 -49.32 -21.70 -10.90
C PHE B 398 -50.78 -22.01 -11.22
N GLU B 399 -50.98 -22.88 -12.17
CA GLU B 399 -52.23 -23.67 -12.31
C GLU B 399 -52.25 -24.71 -11.18
N ARG B 400 -53.34 -24.79 -10.41
CA ARG B 400 -53.54 -25.85 -9.41
C ARG B 400 -54.16 -27.04 -10.17
N ASN B 401 -53.42 -28.13 -10.40
CA ASN B 401 -53.79 -29.10 -11.45
C ASN B 401 -54.38 -30.36 -10.84
N SER B 402 -54.61 -30.39 -9.54
CA SER B 402 -55.21 -31.55 -8.84
C SER B 402 -55.76 -31.09 -7.51
N LYS B 403 -56.57 -31.93 -6.87
CA LYS B 403 -57.18 -31.61 -5.55
C LYS B 403 -56.10 -31.53 -4.46
N THR B 404 -55.07 -32.36 -4.52
CA THR B 404 -53.96 -32.23 -3.54
C THR B 404 -53.25 -30.88 -3.73
N GLU B 405 -53.04 -30.42 -4.96
CA GLU B 405 -52.39 -29.13 -5.22
C GLU B 405 -53.27 -27.95 -4.75
N VAL B 406 -54.58 -28.07 -4.89
CA VAL B 406 -55.56 -27.10 -4.31
C VAL B 406 -55.33 -27.07 -2.80
N MET B 407 -55.21 -28.22 -2.16
CA MET B 407 -54.95 -28.23 -0.70
C MET B 407 -53.60 -27.53 -0.43
N ALA B 408 -52.60 -27.74 -1.28
CA ALA B 408 -51.26 -27.12 -1.09
C ALA B 408 -51.39 -25.59 -1.18
N SER B 409 -52.15 -25.08 -2.14
CA SER B 409 -52.41 -23.63 -2.33
C SER B 409 -53.13 -23.09 -1.08
N ALA B 410 -54.07 -23.85 -0.52
CA ALA B 410 -54.84 -23.41 0.67
C ALA B 410 -53.92 -23.33 1.90
N VAL B 411 -53.04 -24.31 2.05
CA VAL B 411 -52.03 -24.34 3.12
C VAL B 411 -51.19 -23.06 3.00
N LYS B 412 -50.68 -22.77 1.82
CA LYS B 412 -49.83 -21.58 1.58
C LYS B 412 -50.63 -20.33 1.96
N ASP B 413 -51.90 -20.27 1.56
CA ASP B 413 -52.78 -19.12 1.90
C ASP B 413 -52.86 -18.95 3.42
N ALA B 414 -53.05 -20.04 4.18
CA ALA B 414 -53.13 -20.00 5.66
C ALA B 414 -51.82 -19.45 6.23
N THR B 415 -50.68 -19.88 5.71
CA THR B 415 -49.36 -19.41 6.23
C THR B 415 -49.08 -17.96 5.85
N SER B 416 -49.79 -17.39 4.88
CA SER B 416 -49.70 -15.96 4.47
C SER B 416 -50.69 -15.14 5.29
N SER B 417 -51.78 -15.75 5.76
CA SER B 417 -52.85 -15.05 6.50
C SER B 417 -52.46 -14.85 7.96
N MET B 418 -51.71 -15.75 8.56
CA MET B 418 -51.43 -15.70 10.01
C MET B 418 -50.09 -16.40 10.24
N ASP B 419 -49.56 -16.26 11.43
CA ASP B 419 -48.22 -16.79 11.77
C ASP B 419 -48.41 -18.28 12.09
N ILE B 420 -47.97 -19.14 11.18
CA ILE B 420 -48.00 -20.60 11.33
C ILE B 420 -46.56 -21.06 11.57
N LYS B 421 -46.35 -21.81 12.64
CA LYS B 421 -45.02 -22.29 13.09
C LYS B 421 -44.66 -23.48 12.23
N LEU B 422 -45.66 -24.30 11.88
CA LEU B 422 -45.39 -25.62 11.23
C LEU B 422 -46.60 -26.06 10.41
N VAL B 423 -46.32 -26.64 9.27
CA VAL B 423 -47.28 -27.41 8.45
C VAL B 423 -46.97 -28.86 8.70
N VAL B 424 -47.97 -29.67 8.97
CA VAL B 424 -47.80 -31.12 9.15
C VAL B 424 -48.64 -31.80 8.07
N THR B 425 -48.04 -32.73 7.34
CA THR B 425 -48.73 -33.57 6.33
C THR B 425 -48.53 -35.03 6.72
N LEU B 426 -49.61 -35.78 6.83
CA LEU B 426 -49.54 -37.26 6.93
C LEU B 426 -49.61 -37.80 5.51
N THR B 427 -48.48 -38.29 4.98
CA THR B 427 -48.24 -38.48 3.53
C THR B 427 -47.71 -39.90 3.33
N LYS B 428 -48.42 -40.73 2.56
CA LYS B 428 -48.04 -42.14 2.30
C LYS B 428 -46.82 -42.15 1.39
N THR B 429 -46.82 -41.35 0.33
CA THR B 429 -45.80 -41.41 -0.76
C THR B 429 -44.95 -40.14 -0.78
N GLY B 430 -45.35 -39.10 -0.04
CA GLY B 430 -44.66 -37.79 -0.07
C GLY B 430 -45.28 -36.82 -1.05
N HIS B 431 -46.27 -37.24 -1.83
CA HIS B 431 -46.90 -36.38 -2.88
C HIS B 431 -47.43 -35.08 -2.21
N THR B 432 -48.13 -35.16 -1.09
CA THR B 432 -48.72 -33.94 -0.43
C THR B 432 -47.56 -33.06 0.04
N ALA B 433 -46.50 -33.65 0.58
CA ALA B 433 -45.35 -32.86 1.08
C ALA B 433 -44.68 -32.15 -0.09
N ARG B 434 -44.58 -32.82 -1.25
CA ARG B 434 -43.90 -32.26 -2.44
C ARG B 434 -44.69 -31.07 -2.96
N LEU B 435 -46.01 -31.18 -2.96
CA LEU B 435 -46.87 -30.05 -3.43
C LEU B 435 -46.81 -28.92 -2.41
N ILE B 436 -46.86 -29.19 -1.12
CA ILE B 436 -46.80 -28.08 -0.12
C ILE B 436 -45.46 -27.38 -0.30
N SER B 437 -44.38 -28.17 -0.45
CA SER B 437 -43.00 -27.67 -0.69
C SER B 437 -42.93 -26.80 -1.94
N LYS B 438 -43.52 -27.22 -3.04
CA LYS B 438 -43.60 -26.44 -4.31
C LYS B 438 -44.11 -25.01 -4.03
N TYR B 439 -45.09 -24.85 -3.14
CA TYR B 439 -45.77 -23.56 -2.84
C TYR B 439 -44.91 -22.70 -1.88
N ARG B 440 -43.83 -23.24 -1.31
CA ARG B 440 -42.89 -22.45 -0.47
C ARG B 440 -43.70 -21.70 0.61
N PRO B 441 -44.41 -22.41 1.49
CA PRO B 441 -45.13 -21.75 2.57
C PRO B 441 -44.17 -21.09 3.55
N ASN B 442 -44.66 -20.06 4.24
CA ASN B 442 -43.89 -19.37 5.30
C ASN B 442 -43.94 -20.20 6.59
N ALA B 443 -43.33 -21.37 6.55
CA ALA B 443 -43.36 -22.38 7.64
C ALA B 443 -42.50 -23.59 7.27
N ASP B 444 -42.07 -24.31 8.29
CA ASP B 444 -41.41 -25.62 8.12
C ASP B 444 -42.54 -26.60 7.76
N ILE B 445 -42.20 -27.65 7.05
CA ILE B 445 -43.15 -28.74 6.68
C ILE B 445 -42.70 -30.05 7.32
N LEU B 446 -43.43 -30.54 8.30
CA LEU B 446 -43.17 -31.86 8.90
C LEU B 446 -43.94 -32.90 8.09
N ALA B 447 -43.22 -33.80 7.41
CA ALA B 447 -43.85 -34.84 6.58
C ALA B 447 -43.83 -36.17 7.35
N LEU B 448 -44.98 -36.56 7.90
CA LEU B 448 -45.15 -37.82 8.67
C LEU B 448 -45.43 -38.90 7.63
N THR B 449 -44.48 -39.82 7.45
CA THR B 449 -44.60 -40.90 6.47
C THR B 449 -44.28 -42.23 7.16
N PHE B 450 -44.61 -43.35 6.50
CA PHE B 450 -44.78 -44.66 7.15
C PHE B 450 -43.70 -45.64 6.65
N ASP B 451 -42.78 -45.23 5.80
CA ASP B 451 -41.63 -46.10 5.38
C ASP B 451 -40.38 -45.25 5.16
N GLU B 452 -39.23 -45.88 5.40
CA GLU B 452 -37.90 -45.22 5.34
C GLU B 452 -37.59 -44.73 3.92
N LEU B 453 -38.01 -45.43 2.88
CA LEU B 453 -37.66 -45.04 1.49
C LEU B 453 -38.36 -43.71 1.14
N THR B 454 -39.58 -43.52 1.61
CA THR B 454 -40.37 -42.31 1.31
C THR B 454 -39.73 -41.18 2.14
N GLU B 455 -39.42 -41.48 3.39
CA GLU B 455 -38.72 -40.57 4.33
C GLU B 455 -37.47 -40.01 3.65
N ARG B 456 -36.53 -40.88 3.27
CA ARG B 456 -35.25 -40.45 2.70
C ARG B 456 -35.51 -39.71 1.39
N GLY B 457 -36.48 -40.13 0.60
CA GLY B 457 -36.73 -39.52 -0.71
C GLY B 457 -37.23 -38.07 -0.63
N LEU B 458 -37.61 -37.58 0.55
CA LEU B 458 -38.14 -36.20 0.75
C LEU B 458 -37.00 -35.31 1.22
N MET B 459 -35.79 -35.84 1.39
CA MET B 459 -34.75 -35.10 2.17
C MET B 459 -34.16 -33.92 1.39
N LEU B 460 -34.41 -33.82 0.07
CA LEU B 460 -33.92 -32.66 -0.72
C LEU B 460 -35.06 -31.68 -1.10
N ASN B 461 -36.28 -31.93 -0.65
CA ASN B 461 -37.37 -30.95 -0.93
C ASN B 461 -37.27 -29.78 0.03
N TRP B 462 -37.34 -28.58 -0.49
CA TRP B 462 -37.37 -27.34 0.29
C TRP B 462 -38.31 -27.48 1.49
N GLY B 463 -37.82 -27.17 2.69
CA GLY B 463 -38.65 -27.01 3.90
C GLY B 463 -39.13 -28.30 4.51
N VAL B 464 -38.92 -29.44 3.85
CA VAL B 464 -39.53 -30.71 4.34
C VAL B 464 -38.64 -31.38 5.38
N ILE B 465 -39.24 -31.64 6.53
CA ILE B 465 -38.67 -32.44 7.64
C ILE B 465 -39.39 -33.77 7.63
N PRO B 466 -38.76 -34.80 7.01
CA PRO B 466 -39.32 -36.15 6.97
C PRO B 466 -39.18 -36.80 8.33
N MET B 467 -40.24 -37.48 8.78
CA MET B 467 -40.24 -38.21 10.06
C MET B 467 -41.03 -39.50 9.87
N LEU B 468 -40.48 -40.61 10.32
CA LEU B 468 -41.08 -41.95 10.21
C LEU B 468 -42.06 -42.15 11.37
N THR B 469 -43.26 -42.64 11.08
CA THR B 469 -44.28 -42.94 12.12
C THR B 469 -45.07 -44.16 11.67
N ASP B 470 -45.80 -44.78 12.59
CA ASP B 470 -46.75 -45.88 12.25
C ASP B 470 -47.88 -45.32 11.36
N ALA B 471 -48.25 -46.04 10.32
CA ALA B 471 -49.46 -45.78 9.50
C ALA B 471 -50.63 -45.64 10.45
N PRO B 472 -51.39 -44.52 10.45
CA PRO B 472 -52.58 -44.41 11.27
C PRO B 472 -53.65 -45.42 10.79
N SER B 473 -54.39 -45.98 11.74
CA SER B 473 -55.62 -46.78 11.49
C SER B 473 -56.81 -45.82 11.39
N SER B 474 -57.99 -46.33 11.10
CA SER B 474 -59.24 -45.52 11.01
C SER B 474 -59.74 -45.22 12.44
N THR B 475 -59.17 -45.85 13.46
CA THR B 475 -59.41 -45.61 14.91
C THR B 475 -58.71 -44.31 15.33
N ASP B 476 -57.54 -44.01 14.77
CA ASP B 476 -56.61 -42.95 15.26
C ASP B 476 -57.15 -41.57 14.92
N ASP B 477 -56.81 -40.57 15.74
CA ASP B 477 -57.04 -39.13 15.46
C ASP B 477 -55.74 -38.58 14.87
N MET B 478 -55.68 -38.41 13.55
CA MET B 478 -54.42 -38.02 12.89
C MET B 478 -54.00 -36.62 13.28
N PHE B 479 -54.93 -35.77 13.75
CA PHE B 479 -54.58 -34.36 14.14
C PHE B 479 -53.89 -34.36 15.52
N GLU B 480 -54.35 -35.20 16.44
CA GLU B 480 -53.66 -35.47 17.74
C GLU B 480 -52.25 -36.01 17.43
N ILE B 481 -52.14 -36.95 16.49
CA ILE B 481 -50.85 -37.62 16.14
C ILE B 481 -49.88 -36.54 15.66
N ALA B 482 -50.33 -35.69 14.74
CA ALA B 482 -49.53 -34.62 14.13
C ALA B 482 -49.00 -33.74 15.24
N GLU B 483 -49.87 -33.25 16.12
CA GLU B 483 -49.43 -32.37 17.24
C GLU B 483 -48.39 -33.12 18.09
N ARG B 484 -48.68 -34.38 18.44
CA ARG B 484 -47.80 -35.16 19.36
C ARG B 484 -46.43 -35.34 18.71
N LYS B 485 -46.36 -35.67 17.43
CA LYS B 485 -45.05 -35.88 16.74
C LYS B 485 -44.30 -34.55 16.63
N ALA B 486 -45.00 -33.43 16.37
CA ALA B 486 -44.37 -32.11 16.27
C ALA B 486 -43.80 -31.71 17.64
N VAL B 487 -44.50 -31.97 18.73
CA VAL B 487 -44.02 -31.63 20.10
C VAL B 487 -42.81 -32.51 20.42
N GLU B 488 -42.90 -33.82 20.16
CA GLU B 488 -41.84 -34.82 20.44
C GLU B 488 -40.58 -34.46 19.64
N ALA B 489 -40.72 -33.82 18.47
CA ALA B 489 -39.55 -33.40 17.65
C ALA B 489 -39.06 -32.01 18.06
N GLY B 490 -39.70 -31.38 19.04
CA GLY B 490 -39.32 -30.03 19.52
C GLY B 490 -39.42 -28.99 18.42
N LEU B 491 -40.38 -29.13 17.49
CA LEU B 491 -40.60 -28.14 16.39
C LEU B 491 -41.61 -27.07 16.84
N VAL B 492 -42.44 -27.36 17.84
CA VAL B 492 -43.51 -26.44 18.28
C VAL B 492 -43.60 -26.50 19.79
N GLU B 493 -44.23 -25.51 20.39
CA GLU B 493 -44.52 -25.52 21.84
C GLU B 493 -45.94 -25.01 22.04
N SER B 494 -46.47 -25.26 23.24
CA SER B 494 -47.73 -24.67 23.76
C SER B 494 -47.95 -23.29 23.15
N GLY B 495 -49.12 -23.07 22.55
CA GLY B 495 -49.55 -21.76 22.05
C GLY B 495 -49.20 -21.55 20.58
N ASP B 496 -48.34 -22.38 20.00
CA ASP B 496 -48.00 -22.28 18.56
C ASP B 496 -49.20 -22.73 17.73
N ASP B 497 -49.42 -22.05 16.62
CA ASP B 497 -50.49 -22.41 15.64
C ASP B 497 -49.86 -23.25 14.53
N ILE B 498 -50.52 -24.34 14.18
CA ILE B 498 -50.01 -25.27 13.14
C ILE B 498 -51.16 -25.59 12.19
N VAL B 499 -50.80 -25.94 10.95
CA VAL B 499 -51.74 -26.36 9.87
C VAL B 499 -51.42 -27.81 9.62
N ILE B 500 -52.41 -28.68 9.76
CA ILE B 500 -52.26 -30.13 9.55
C ILE B 500 -53.12 -30.51 8.36
N VAL B 501 -52.56 -31.28 7.43
CA VAL B 501 -53.37 -31.89 6.33
C VAL B 501 -53.23 -33.41 6.38
N ALA B 502 -54.30 -34.08 6.00
CA ALA B 502 -54.40 -35.55 6.01
C ALA B 502 -55.53 -35.99 5.08
N GLY B 503 -55.52 -37.27 4.68
CA GLY B 503 -56.64 -37.96 4.00
C GLY B 503 -57.56 -38.58 5.02
N VAL B 504 -58.70 -37.94 5.30
CA VAL B 504 -59.63 -38.32 6.40
C VAL B 504 -60.90 -38.92 5.80
N PRO B 505 -61.42 -40.08 6.29
CA PRO B 505 -60.70 -40.98 7.20
C PRO B 505 -59.83 -41.96 6.41
N VAL B 506 -58.81 -42.53 7.05
CA VAL B 506 -57.94 -43.58 6.47
C VAL B 506 -58.83 -44.74 6.00
N GLY B 507 -58.62 -45.22 4.77
CA GLY B 507 -59.33 -46.37 4.20
C GLY B 507 -60.60 -45.94 3.46
N GLU B 508 -60.89 -44.64 3.44
CA GLU B 508 -62.02 -44.01 2.68
C GLU B 508 -61.43 -42.89 1.80
N ALA B 509 -60.67 -41.96 2.38
CA ALA B 509 -60.00 -40.87 1.62
C ALA B 509 -59.15 -41.48 0.53
N VAL B 510 -59.18 -40.92 -0.68
CA VAL B 510 -58.30 -41.33 -1.81
C VAL B 510 -57.18 -40.30 -1.96
N ARG B 511 -57.18 -39.26 -1.12
CA ARG B 511 -56.09 -38.24 -1.22
C ARG B 511 -56.19 -37.36 0.03
N THR B 512 -55.18 -36.54 0.24
CA THR B 512 -55.26 -35.44 1.23
C THR B 512 -56.50 -34.59 0.90
N ASN B 513 -57.41 -34.47 1.88
CA ASN B 513 -58.72 -33.82 1.62
C ASN B 513 -59.12 -32.87 2.76
N THR B 514 -58.32 -32.77 3.82
CA THR B 514 -58.70 -32.05 5.06
C THR B 514 -57.57 -31.13 5.47
N MET B 515 -57.90 -29.90 5.85
CA MET B 515 -56.92 -28.97 6.47
C MET B 515 -57.47 -28.53 7.84
N ARG B 516 -56.64 -28.60 8.88
CA ARG B 516 -57.00 -28.26 10.27
C ARG B 516 -56.05 -27.17 10.71
N ILE B 517 -56.56 -26.09 11.29
CA ILE B 517 -55.70 -25.08 11.95
C ILE B 517 -55.81 -25.34 13.44
N ARG B 518 -54.70 -25.66 14.09
CA ARG B 518 -54.72 -26.18 15.48
C ARG B 518 -53.73 -25.35 16.32
N THR B 519 -54.13 -25.07 17.55
CA THR B 519 -53.21 -24.47 18.56
C THR B 519 -52.67 -25.60 19.43
N VAL B 520 -51.34 -25.69 19.50
CA VAL B 520 -50.64 -26.69 20.32
C VAL B 520 -50.97 -26.40 21.78
N ARG B 521 -51.41 -27.40 22.52
CA ARG B 521 -51.76 -27.16 23.94
C ARG B 521 -50.46 -27.22 24.76
N MET C 21 -44.56 -32.43 60.91
CA MET C 21 -43.71 -31.29 61.40
C MET C 21 -44.45 -30.55 62.53
N ASN C 22 -43.78 -30.32 63.64
CA ASN C 22 -44.43 -29.72 64.82
C ASN C 22 -44.11 -28.23 64.83
N LYS C 23 -45.08 -27.42 65.21
CA LYS C 23 -44.88 -25.96 65.29
C LYS C 23 -44.12 -25.66 66.59
N ARG C 24 -42.88 -25.23 66.50
CA ARG C 24 -42.07 -24.97 67.72
C ARG C 24 -42.41 -23.59 68.32
N VAL C 25 -42.63 -22.59 67.47
CA VAL C 25 -43.02 -21.23 67.92
C VAL C 25 -44.47 -21.30 68.42
N LYS C 26 -44.72 -20.79 69.61
CA LYS C 26 -46.05 -20.93 70.27
C LYS C 26 -46.96 -19.81 69.78
N ILE C 27 -48.24 -20.07 69.75
CA ILE C 27 -49.25 -19.06 69.34
C ILE C 27 -50.12 -18.71 70.55
N VAL C 28 -50.17 -17.44 70.88
CA VAL C 28 -51.17 -16.86 71.82
C VAL C 28 -52.29 -16.29 70.96
N ALA C 29 -53.51 -16.76 71.14
CA ALA C 29 -54.71 -16.27 70.44
C ALA C 29 -55.61 -15.54 71.45
N THR C 30 -55.93 -14.31 71.15
CA THR C 30 -56.86 -13.49 71.97
C THR C 30 -58.27 -13.92 71.62
N LEU C 31 -59.07 -14.21 72.62
CA LEU C 31 -60.47 -14.61 72.36
C LEU C 31 -61.38 -13.40 72.56
N GLY C 32 -62.49 -13.42 71.85
CA GLY C 32 -63.49 -12.33 71.95
C GLY C 32 -64.70 -12.82 71.20
N PRO C 33 -65.59 -11.92 70.78
CA PRO C 33 -66.83 -12.32 70.13
C PRO C 33 -66.66 -13.03 68.79
N ALA C 34 -65.54 -12.82 68.07
CA ALA C 34 -65.30 -13.42 66.74
C ALA C 34 -65.62 -14.91 66.69
N VAL C 35 -65.27 -15.65 67.72
CA VAL C 35 -65.41 -17.13 67.78
C VAL C 35 -66.75 -17.51 68.42
N GLU C 36 -67.51 -16.56 68.94
CA GLU C 36 -68.72 -16.87 69.74
C GLU C 36 -69.96 -16.85 68.87
N ILE C 37 -70.77 -17.88 69.04
CA ILE C 37 -72.10 -18.00 68.39
C ILE C 37 -73.13 -17.50 69.41
N ARG C 38 -74.06 -16.68 68.95
CA ARG C 38 -75.16 -16.16 69.82
C ARG C 38 -76.49 -16.47 69.13
N GLY C 39 -77.32 -17.30 69.73
CA GLY C 39 -78.62 -17.61 69.12
C GLY C 39 -78.46 -18.08 67.67
N GLY C 40 -77.44 -18.90 67.39
CA GLY C 40 -77.23 -19.47 66.04
C GLY C 40 -76.58 -18.46 65.12
N LYS C 41 -76.29 -17.26 65.61
CA LYS C 41 -75.75 -16.18 64.76
C LYS C 41 -74.23 -16.07 64.99
N LYS C 42 -73.50 -15.73 63.95
CA LYS C 42 -72.04 -15.52 64.08
C LYS C 42 -71.78 -14.02 64.12
N PHE C 43 -70.64 -13.65 64.68
CA PHE C 43 -70.19 -12.28 64.84
C PHE C 43 -70.32 -11.57 63.50
N GLY C 44 -70.90 -10.39 63.49
CA GLY C 44 -71.15 -9.61 62.28
C GLY C 44 -72.57 -9.74 61.75
N GLU C 45 -73.36 -10.76 62.11
CA GLU C 45 -74.72 -10.93 61.56
C GLU C 45 -75.71 -9.94 62.24
N ASP C 46 -76.71 -9.50 61.48
CA ASP C 46 -77.84 -8.69 62.04
C ASP C 46 -78.45 -9.46 63.24
N GLY C 47 -78.69 -8.76 64.34
CA GLY C 47 -79.36 -9.24 65.55
C GLY C 47 -78.44 -10.02 66.48
N TYR C 48 -77.15 -10.20 66.13
CA TYR C 48 -76.18 -10.98 66.93
C TYR C 48 -76.19 -10.54 68.39
N TRP C 49 -76.16 -9.23 68.68
CA TRP C 49 -76.01 -8.77 70.08
C TRP C 49 -77.33 -8.90 70.88
N GLY C 50 -78.49 -9.04 70.24
CA GLY C 50 -79.77 -9.23 70.96
C GLY C 50 -79.92 -10.68 71.39
N GLU C 51 -79.03 -11.58 70.93
CA GLU C 51 -79.06 -13.04 71.28
C GLU C 51 -78.15 -13.26 72.47
N LYS C 52 -78.34 -14.37 73.16
CA LYS C 52 -77.44 -14.78 74.24
C LYS C 52 -76.38 -15.76 73.68
N LEU C 53 -75.26 -15.89 74.38
CA LEU C 53 -74.16 -16.83 74.01
C LEU C 53 -74.67 -18.27 73.87
N ASP C 54 -74.33 -18.94 72.78
CA ASP C 54 -74.49 -20.42 72.61
C ASP C 54 -73.15 -21.09 72.99
N VAL C 55 -73.08 -21.67 74.18
CA VAL C 55 -71.82 -22.08 74.84
C VAL C 55 -71.21 -23.24 74.05
N GLU C 56 -72.00 -24.27 73.72
CA GLU C 56 -71.46 -25.49 73.09
C GLU C 56 -70.94 -25.15 71.69
N ALA C 57 -71.71 -24.41 70.89
CA ALA C 57 -71.34 -23.97 69.53
C ALA C 57 -70.04 -23.14 69.58
N SER C 58 -69.90 -22.29 70.58
CA SER C 58 -68.75 -21.38 70.78
C SER C 58 -67.53 -22.23 71.19
N ALA C 59 -67.74 -23.22 72.05
CA ALA C 59 -66.68 -24.16 72.50
C ALA C 59 -66.19 -25.00 71.30
N LYS C 60 -67.07 -25.42 70.40
CA LYS C 60 -66.65 -26.15 69.19
C LYS C 60 -65.78 -25.26 68.29
N ASN C 61 -66.13 -23.98 68.13
CA ASN C 61 -65.32 -22.99 67.36
C ASN C 61 -63.92 -22.86 67.97
N ILE C 62 -63.83 -22.67 69.29
CA ILE C 62 -62.55 -22.50 70.04
C ILE C 62 -61.74 -23.80 69.95
N ALA C 63 -62.37 -24.96 70.00
CA ALA C 63 -61.67 -26.28 69.83
C ALA C 63 -60.94 -26.31 68.47
N LYS C 64 -61.50 -25.73 67.41
CA LYS C 64 -60.84 -25.69 66.09
C LYS C 64 -59.55 -24.86 66.18
N LEU C 65 -59.56 -23.76 66.92
CA LEU C 65 -58.36 -22.91 67.10
C LEU C 65 -57.31 -23.74 67.84
N ILE C 66 -57.71 -24.48 68.86
CA ILE C 66 -56.78 -25.35 69.61
C ILE C 66 -56.14 -26.33 68.62
N GLU C 67 -56.94 -27.02 67.83
CA GLU C 67 -56.40 -28.00 66.86
C GLU C 67 -55.50 -27.32 65.83
N ALA C 68 -55.78 -26.08 65.45
CA ALA C 68 -54.99 -25.36 64.42
C ALA C 68 -53.61 -24.90 64.97
N GLY C 69 -53.42 -24.85 66.28
CA GLY C 69 -52.12 -24.52 66.87
C GLY C 69 -52.16 -23.40 67.88
N ALA C 70 -53.31 -22.92 68.35
CA ALA C 70 -53.29 -22.00 69.51
C ALA C 70 -52.83 -22.77 70.75
N ASN C 71 -51.83 -22.25 71.44
CA ASN C 71 -51.13 -22.89 72.57
C ASN C 71 -51.60 -22.29 73.89
N THR C 72 -52.19 -21.09 73.82
CA THR C 72 -52.59 -20.29 74.99
C THR C 72 -53.66 -19.33 74.50
N PHE C 73 -54.68 -19.11 75.29
CA PHE C 73 -55.69 -18.07 74.97
C PHE C 73 -55.51 -16.91 75.93
N ARG C 74 -55.65 -15.72 75.37
CA ARG C 74 -55.52 -14.43 76.05
C ARG C 74 -56.93 -13.88 76.27
N PHE C 75 -57.19 -13.53 77.53
CA PHE C 75 -58.44 -12.91 78.06
C PHE C 75 -58.04 -11.48 78.44
N ASN C 76 -58.45 -10.53 77.61
CA ASN C 76 -58.05 -9.11 77.76
C ASN C 76 -59.06 -8.41 78.68
N PHE C 77 -58.66 -8.17 79.93
CA PHE C 77 -59.56 -7.56 80.94
C PHE C 77 -59.82 -6.07 80.70
N SER C 78 -59.25 -5.45 79.67
CA SER C 78 -59.61 -4.09 79.23
C SER C 78 -60.99 -4.10 78.57
N HIS C 79 -61.49 -5.27 78.16
CA HIS C 79 -62.78 -5.48 77.47
C HIS C 79 -63.76 -6.29 78.33
N GLY C 80 -65.03 -5.96 78.18
CA GLY C 80 -66.17 -6.65 78.82
C GLY C 80 -66.14 -6.41 80.30
N ASP C 81 -66.65 -7.37 81.07
CA ASP C 81 -66.69 -7.31 82.54
C ASP C 81 -66.30 -8.70 83.05
N HIS C 82 -66.29 -8.89 84.38
CA HIS C 82 -65.84 -10.15 85.01
C HIS C 82 -66.70 -11.30 84.51
N GLN C 83 -68.01 -11.08 84.40
CA GLN C 83 -68.89 -12.19 84.02
C GLN C 83 -68.56 -12.63 82.60
N GLU C 84 -68.37 -11.71 81.67
CA GLU C 84 -68.05 -12.08 80.29
C GLU C 84 -66.71 -12.85 80.28
N GLN C 85 -65.70 -12.40 81.00
CA GLN C 85 -64.34 -13.02 81.04
C GLN C 85 -64.48 -14.43 81.65
N GLY C 86 -65.20 -14.52 82.75
CA GLY C 86 -65.44 -15.78 83.47
C GLY C 86 -66.14 -16.79 82.60
N GLU C 87 -67.16 -16.36 81.88
CA GLU C 87 -67.91 -17.32 81.03
C GLU C 87 -67.01 -17.72 79.86
N ARG C 88 -66.18 -16.81 79.35
CA ARG C 88 -65.34 -17.15 78.20
C ARG C 88 -64.27 -18.16 78.65
N MET C 89 -63.71 -18.00 79.84
CA MET C 89 -62.76 -18.99 80.41
C MET C 89 -63.45 -20.37 80.56
N ALA C 90 -64.70 -20.41 81.02
CA ALA C 90 -65.46 -21.67 81.12
C ALA C 90 -65.69 -22.24 79.71
N THR C 91 -65.94 -21.42 78.69
CA THR C 91 -66.18 -21.90 77.32
C THR C 91 -64.89 -22.57 76.80
N VAL C 92 -63.73 -22.02 77.11
CA VAL C 92 -62.42 -22.62 76.72
C VAL C 92 -62.23 -23.98 77.41
N LYS C 93 -62.60 -24.12 78.67
CA LYS C 93 -62.42 -25.39 79.40
C LYS C 93 -63.28 -26.48 78.73
N LEU C 94 -64.46 -26.14 78.22
CA LEU C 94 -65.28 -27.07 77.40
C LEU C 94 -64.55 -27.36 76.08
N ALA C 95 -63.96 -26.34 75.44
CA ALA C 95 -63.25 -26.46 74.16
C ALA C 95 -62.07 -27.45 74.30
N GLU C 96 -61.32 -27.41 75.40
CA GLU C 96 -60.17 -28.34 75.66
C GLU C 96 -60.66 -29.79 75.59
N LYS C 97 -61.79 -30.06 76.23
CA LYS C 97 -62.38 -31.43 76.26
C LYS C 97 -62.85 -31.81 74.88
N ILE C 98 -63.47 -30.88 74.12
CA ILE C 98 -63.84 -31.20 72.73
C ILE C 98 -62.57 -31.51 71.93
N ALA C 99 -61.51 -30.73 72.11
CA ALA C 99 -60.34 -30.86 71.23
C ALA C 99 -59.49 -32.05 71.69
N GLY C 100 -59.65 -32.50 72.94
CA GLY C 100 -58.75 -33.46 73.59
C GLY C 100 -57.35 -32.86 73.77
N LYS C 101 -57.22 -31.55 73.87
CA LYS C 101 -55.90 -30.91 73.98
C LYS C 101 -56.04 -29.75 74.98
N LYS C 102 -55.07 -29.61 75.85
CA LYS C 102 -55.03 -28.51 76.84
C LYS C 102 -54.35 -27.29 76.24
N VAL C 103 -54.66 -26.14 76.81
CA VAL C 103 -54.06 -24.85 76.41
C VAL C 103 -53.81 -24.03 77.67
N GLY C 104 -52.91 -23.08 77.55
CA GLY C 104 -52.61 -22.14 78.64
C GLY C 104 -53.70 -21.08 78.71
N PHE C 105 -53.91 -20.53 79.90
CA PHE C 105 -54.88 -19.46 80.15
C PHE C 105 -54.09 -18.22 80.57
N LEU C 106 -54.16 -17.17 79.77
CA LEU C 106 -53.40 -15.94 80.04
C LEU C 106 -54.38 -14.77 80.26
N LEU C 107 -54.21 -14.06 81.38
CA LEU C 107 -55.00 -12.87 81.70
C LEU C 107 -54.15 -11.65 81.38
N ASP C 108 -54.69 -10.71 80.63
CA ASP C 108 -54.01 -9.45 80.27
C ASP C 108 -54.70 -8.33 81.09
N THR C 109 -53.93 -7.65 81.94
CA THR C 109 -54.41 -6.59 82.87
C THR C 109 -54.64 -5.27 82.10
N LYS C 110 -55.46 -4.42 82.67
CA LYS C 110 -55.66 -3.00 82.27
C LYS C 110 -54.34 -2.25 82.43
N GLY C 111 -53.77 -2.27 83.63
CA GLY C 111 -52.56 -1.51 83.99
C GLY C 111 -52.82 0.00 84.00
N PRO C 112 -51.76 0.81 84.06
CA PRO C 112 -51.89 2.28 84.06
C PRO C 112 -52.17 2.86 82.67
N GLU C 113 -53.41 2.67 82.23
CA GLU C 113 -53.86 2.95 80.86
C GLU C 113 -55.04 3.92 80.92
N ILE C 114 -55.31 4.49 79.76
CA ILE C 114 -56.54 5.25 79.46
C ILE C 114 -57.34 4.44 78.45
N ARG C 115 -58.62 4.25 78.72
CA ARG C 115 -59.56 3.60 77.79
C ARG C 115 -60.75 4.52 77.54
N THR C 116 -61.36 4.38 76.37
CA THR C 116 -62.66 5.04 76.09
C THR C 116 -63.72 4.37 76.96
N GLU C 117 -64.71 5.16 77.38
CA GLU C 117 -65.82 4.64 78.20
C GLU C 117 -66.85 3.92 77.33
N LEU C 118 -67.77 3.23 77.99
CA LEU C 118 -69.04 2.80 77.40
C LEU C 118 -69.77 4.05 76.90
N PHE C 119 -70.62 3.86 75.94
CA PHE C 119 -71.46 4.92 75.37
C PHE C 119 -72.82 4.91 76.09
N GLU C 120 -73.44 6.08 76.20
CA GLU C 120 -74.88 6.23 76.58
C GLU C 120 -75.75 5.42 75.63
N GLY C 121 -76.66 4.62 76.18
CA GLY C 121 -77.65 3.83 75.39
C GLY C 121 -77.04 2.63 74.71
N GLU C 122 -75.90 2.16 75.21
CA GLU C 122 -75.22 0.92 74.74
C GLU C 122 -75.03 0.94 73.19
N ALA C 123 -74.88 2.10 72.55
CA ALA C 123 -74.17 2.21 71.27
C ALA C 123 -72.79 1.63 71.56
N LYS C 124 -72.18 0.94 70.60
CA LYS C 124 -70.86 0.31 70.79
C LYS C 124 -69.77 1.23 70.21
N GLU C 125 -70.10 2.01 69.20
CA GLU C 125 -69.08 2.82 68.49
C GLU C 125 -69.78 3.89 67.67
N TYR C 126 -69.07 4.92 67.27
CA TYR C 126 -69.50 5.86 66.22
C TYR C 126 -68.34 6.00 65.23
N SER C 127 -68.67 6.42 64.01
CA SER C 127 -67.74 6.71 62.87
C SER C 127 -67.63 8.21 62.73
N TYR C 128 -66.42 8.69 62.53
CA TYR C 128 -66.14 10.14 62.42
C TYR C 128 -65.36 10.40 61.13
N LYS C 129 -65.48 11.64 60.68
CA LYS C 129 -64.89 12.15 59.42
C LYS C 129 -63.85 13.19 59.77
N THR C 130 -62.77 13.22 59.00
CA THR C 130 -61.74 14.25 59.12
C THR C 130 -62.43 15.61 59.26
N GLY C 131 -61.97 16.43 60.19
CA GLY C 131 -62.41 17.83 60.36
C GLY C 131 -63.61 17.97 61.31
N GLU C 132 -64.25 16.88 61.73
CA GLU C 132 -65.30 17.01 62.78
C GLU C 132 -64.66 17.62 64.04
N LYS C 133 -65.44 18.43 64.73
CA LYS C 133 -65.03 19.04 66.02
C LYS C 133 -65.85 18.36 67.11
N ILE C 134 -65.19 17.61 68.00
CA ILE C 134 -65.88 16.89 69.10
C ILE C 134 -65.14 17.22 70.36
N ARG C 135 -65.52 16.61 71.46
CA ARG C 135 -64.95 16.91 72.78
C ARG C 135 -64.51 15.60 73.44
N VAL C 136 -63.49 15.71 74.25
CA VAL C 136 -63.01 14.62 75.11
C VAL C 136 -63.16 15.08 76.55
N ALA C 137 -64.00 14.40 77.30
CA ALA C 137 -64.25 14.65 78.73
C ALA C 137 -63.15 13.99 79.55
N THR C 138 -62.76 14.65 80.65
CA THR C 138 -61.83 14.17 81.67
C THR C 138 -62.57 13.74 82.94
N LYS C 139 -63.81 14.20 83.17
CA LYS C 139 -64.56 13.78 84.37
C LYS C 139 -64.64 12.24 84.38
N GLN C 140 -64.40 11.64 85.53
CA GLN C 140 -64.36 10.18 85.63
C GLN C 140 -65.73 9.62 86.01
N GLY C 141 -66.00 8.40 85.59
CA GLY C 141 -67.17 7.58 85.99
C GLY C 141 -68.42 7.99 85.25
N ILE C 142 -68.32 8.60 84.07
CA ILE C 142 -69.47 8.92 83.20
C ILE C 142 -69.34 8.09 81.92
N LYS C 143 -70.35 8.16 81.07
CA LYS C 143 -70.33 7.52 79.73
C LYS C 143 -70.08 8.53 78.62
N SER C 144 -69.63 7.99 77.50
CA SER C 144 -69.39 8.75 76.26
C SER C 144 -70.72 9.01 75.58
N THR C 145 -70.76 10.06 74.78
CA THR C 145 -71.74 10.22 73.69
C THR C 145 -70.96 10.32 72.38
N ARG C 146 -71.64 10.40 71.25
CA ARG C 146 -70.91 10.54 69.97
C ARG C 146 -70.10 11.81 70.02
N GLU C 147 -70.63 12.90 70.62
CA GLU C 147 -69.96 14.23 70.51
C GLU C 147 -69.02 14.47 71.68
N VAL C 148 -69.20 13.76 72.78
CA VAL C 148 -68.32 13.91 73.97
C VAL C 148 -67.83 12.54 74.42
N ILE C 149 -66.59 12.24 74.03
CA ILE C 149 -65.91 10.97 74.40
C ILE C 149 -65.41 11.10 75.82
N ALA C 150 -65.82 10.16 76.67
CA ALA C 150 -65.37 10.08 78.08
C ALA C 150 -64.26 9.03 78.19
N LEU C 151 -63.35 9.27 79.11
CA LEU C 151 -62.19 8.40 79.35
C LEU C 151 -62.34 7.67 80.69
N ASN C 152 -61.84 6.45 80.68
CA ASN C 152 -61.62 5.64 81.89
C ASN C 152 -60.11 5.66 82.09
N VAL C 153 -59.67 6.50 83.01
CA VAL C 153 -58.23 6.68 83.38
C VAL C 153 -57.97 5.83 84.60
N ALA C 154 -57.01 4.92 84.52
CA ALA C 154 -56.66 4.05 85.65
C ALA C 154 -56.44 4.93 86.90
N GLY C 155 -56.97 4.49 88.03
CA GLY C 155 -56.89 5.26 89.29
C GLY C 155 -57.90 6.39 89.36
N ALA C 156 -58.81 6.49 88.37
CA ALA C 156 -59.80 7.59 88.22
C ALA C 156 -59.10 8.95 88.32
N LEU C 157 -57.94 9.08 87.72
CA LEU C 157 -57.17 10.35 87.73
C LEU C 157 -57.88 11.38 86.86
N ASP C 158 -57.75 12.63 87.26
CA ASP C 158 -58.12 13.83 86.47
C ASP C 158 -56.89 14.23 85.66
N ILE C 159 -56.93 14.14 84.34
CA ILE C 159 -55.75 14.42 83.48
C ILE C 159 -55.86 15.78 82.80
N TYR C 160 -56.89 16.57 83.11
CA TYR C 160 -57.20 17.82 82.38
C TYR C 160 -55.96 18.72 82.37
N ASP C 161 -55.29 18.86 83.52
CA ASP C 161 -54.12 19.78 83.68
C ASP C 161 -52.87 19.15 83.05
N ASP C 162 -52.90 17.86 82.72
CA ASP C 162 -51.69 17.13 82.23
C ASP C 162 -51.60 17.22 80.71
N VAL C 163 -52.63 17.73 80.02
CA VAL C 163 -52.70 17.74 78.54
C VAL C 163 -52.83 19.18 78.03
N GLU C 164 -51.83 19.65 77.29
CA GLU C 164 -51.85 21.03 76.71
C GLU C 164 -52.55 21.05 75.35
N VAL C 165 -53.03 22.22 74.97
CA VAL C 165 -53.40 22.51 73.56
C VAL C 165 -52.22 22.08 72.67
N GLY C 166 -52.53 21.52 71.51
CA GLY C 166 -51.51 21.05 70.56
C GLY C 166 -51.20 19.57 70.73
N ARG C 167 -51.51 18.94 71.87
CA ARG C 167 -51.28 17.49 72.05
C ARG C 167 -52.26 16.70 71.18
N GLN C 168 -51.94 15.42 70.94
CA GLN C 168 -52.72 14.52 70.09
C GLN C 168 -53.31 13.46 71.01
N VAL C 169 -54.60 13.19 70.88
CA VAL C 169 -55.26 12.05 71.57
C VAL C 169 -55.47 10.97 70.51
N LEU C 170 -54.83 9.82 70.69
CA LEU C 170 -54.99 8.70 69.73
C LEU C 170 -55.92 7.64 70.31
N VAL C 171 -56.80 7.11 69.48
CA VAL C 171 -57.73 6.03 69.90
C VAL C 171 -57.42 4.73 69.13
N ASP C 172 -57.41 3.61 69.85
CA ASP C 172 -57.29 2.23 69.30
C ASP C 172 -55.95 2.04 68.57
N ASP C 173 -54.84 1.97 69.30
CA ASP C 173 -53.49 1.66 68.71
C ASP C 173 -53.19 2.76 67.68
N GLY C 174 -53.70 3.98 67.89
CA GLY C 174 -53.39 5.12 67.02
C GLY C 174 -54.12 5.11 65.69
N LYS C 175 -55.19 4.33 65.54
CA LYS C 175 -55.94 4.31 64.26
C LYS C 175 -56.64 5.65 64.05
N LEU C 176 -57.11 6.31 65.12
CA LEU C 176 -57.80 7.62 64.98
C LEU C 176 -57.10 8.66 65.84
N GLY C 177 -56.79 9.78 65.25
CA GLY C 177 -56.12 10.89 65.92
C GLY C 177 -57.09 12.04 66.15
N LEU C 178 -57.00 12.64 67.32
CA LEU C 178 -57.78 13.84 67.71
C LEU C 178 -56.76 14.89 68.14
N ARG C 179 -56.83 16.08 67.56
CA ARG C 179 -55.91 17.18 67.94
C ARG C 179 -56.65 18.07 68.94
N VAL C 180 -56.03 18.29 70.08
CA VAL C 180 -56.51 19.22 71.11
C VAL C 180 -56.30 20.65 70.58
N VAL C 181 -57.39 21.32 70.19
CA VAL C 181 -57.30 22.70 69.62
C VAL C 181 -57.65 23.75 70.68
N ALA C 182 -58.33 23.38 71.76
CA ALA C 182 -58.69 24.29 72.87
C ALA C 182 -59.06 23.47 74.09
N LYS C 183 -59.08 24.09 75.26
CA LYS C 183 -59.51 23.47 76.52
C LYS C 183 -60.67 24.28 77.09
N ASP C 184 -61.75 23.61 77.42
CA ASP C 184 -62.98 24.21 77.98
C ASP C 184 -62.93 24.04 79.51
N ASP C 185 -62.49 25.08 80.21
CA ASP C 185 -62.36 25.07 81.70
C ASP C 185 -63.71 24.76 82.36
N ALA C 186 -64.83 25.20 81.76
CA ALA C 186 -66.17 25.08 82.38
C ALA C 186 -66.60 23.60 82.46
N THR C 187 -66.17 22.76 81.52
CA THR C 187 -66.55 21.31 81.51
C THR C 187 -65.34 20.39 81.74
N ARG C 188 -64.12 20.97 81.77
CA ARG C 188 -62.82 20.24 81.80
C ARG C 188 -62.83 19.24 80.63
N GLU C 189 -63.18 19.75 79.46
CA GLU C 189 -63.20 18.96 78.19
C GLU C 189 -62.10 19.51 77.29
N PHE C 190 -61.40 18.63 76.59
CA PHE C 190 -60.57 18.97 75.42
C PHE C 190 -61.50 19.18 74.23
N GLU C 191 -61.32 20.30 73.53
CA GLU C 191 -62.02 20.56 72.27
C GLU C 191 -61.07 20.02 71.20
N VAL C 192 -61.49 18.99 70.48
CA VAL C 192 -60.56 18.30 69.56
C VAL C 192 -61.13 18.38 68.15
N GLU C 193 -60.22 18.24 67.21
CA GLU C 193 -60.54 18.11 65.78
C GLU C 193 -60.14 16.69 65.40
N VAL C 194 -61.02 16.01 64.70
CA VAL C 194 -60.75 14.65 64.16
C VAL C 194 -59.76 14.81 62.99
N GLU C 195 -58.64 14.13 63.07
CA GLU C 195 -57.51 14.29 62.11
C GLU C 195 -57.68 13.37 60.90
N ASN C 196 -58.46 12.30 61.01
CA ASN C 196 -58.55 11.26 59.96
C ASN C 196 -59.85 10.51 60.16
N ASP C 197 -60.36 9.88 59.11
CA ASP C 197 -61.60 9.08 59.20
C ASP C 197 -61.36 7.87 60.11
N GLY C 198 -62.31 7.61 61.00
CA GLY C 198 -62.15 6.42 61.85
C GLY C 198 -63.28 6.26 62.85
N ILE C 199 -63.14 5.25 63.67
CA ILE C 199 -64.18 4.77 64.61
C ILE C 199 -63.69 5.06 66.02
N ILE C 200 -64.61 5.41 66.91
CA ILE C 200 -64.33 5.38 68.36
C ILE C 200 -65.32 4.39 68.94
N ALA C 201 -64.79 3.23 69.36
CA ALA C 201 -65.57 2.14 69.99
C ALA C 201 -65.33 2.25 71.49
N LYS C 202 -66.22 1.65 72.26
CA LYS C 202 -66.07 1.54 73.73
C LYS C 202 -64.82 0.72 74.06
N GLN C 203 -64.23 1.01 75.20
CA GLN C 203 -63.14 0.21 75.86
C GLN C 203 -61.94 0.10 74.89
N LYS C 204 -61.67 1.17 74.11
CA LYS C 204 -60.48 1.25 73.21
C LYS C 204 -59.36 2.04 73.87
N GLY C 205 -58.12 1.64 73.58
CA GLY C 205 -56.93 2.20 74.22
C GLY C 205 -56.76 3.62 73.75
N VAL C 206 -56.40 4.50 74.67
CA VAL C 206 -56.15 5.91 74.36
C VAL C 206 -54.71 6.23 74.76
N ASN C 207 -53.98 6.86 73.85
CA ASN C 207 -52.61 7.33 74.09
C ASN C 207 -52.62 8.85 73.93
N ILE C 208 -51.88 9.53 74.76
CA ILE C 208 -51.65 10.99 74.60
C ILE C 208 -50.15 11.16 74.67
N PRO C 209 -49.46 11.01 73.54
CA PRO C 209 -48.02 11.04 73.53
C PRO C 209 -47.44 12.31 74.19
N ASN C 210 -46.28 12.17 74.83
CA ASN C 210 -45.50 13.31 75.38
C ASN C 210 -46.23 13.95 76.57
N THR C 211 -47.00 13.19 77.33
CA THR C 211 -47.64 13.64 78.59
C THR C 211 -47.10 12.75 79.70
N LYS C 212 -47.25 13.15 80.95
CA LYS C 212 -46.68 12.44 82.11
C LYS C 212 -47.78 12.22 83.15
N ILE C 213 -48.82 11.49 82.81
CA ILE C 213 -49.91 11.27 83.80
C ILE C 213 -49.34 10.43 84.94
N PRO C 214 -49.60 10.81 86.22
CA PRO C 214 -49.03 10.12 87.39
C PRO C 214 -49.85 8.93 87.87
N PHE C 215 -49.81 7.85 87.11
CA PHE C 215 -50.68 6.69 87.43
C PHE C 215 -50.17 6.09 88.74
N PRO C 216 -51.07 5.59 89.59
CA PRO C 216 -50.64 4.99 90.85
C PRO C 216 -49.91 3.64 90.64
N ALA C 217 -49.51 3.04 91.75
CA ALA C 217 -48.64 1.84 91.84
C ALA C 217 -49.35 0.61 91.29
N LEU C 218 -50.59 0.37 91.70
CA LEU C 218 -51.42 -0.75 91.18
C LEU C 218 -52.88 -0.40 91.45
N ALA C 219 -53.64 -0.14 90.40
CA ALA C 219 -55.04 0.33 90.48
C ALA C 219 -55.92 -0.72 91.18
N GLU C 220 -56.90 -0.27 91.94
CA GLU C 220 -57.83 -1.18 92.65
C GLU C 220 -58.45 -2.14 91.63
N ARG C 221 -58.77 -1.63 90.43
CA ARG C 221 -59.46 -2.45 89.42
C ARG C 221 -58.55 -3.59 88.94
N ASP C 222 -57.24 -3.37 88.88
CA ASP C 222 -56.24 -4.39 88.46
C ASP C 222 -56.15 -5.44 89.56
N ASN C 223 -56.11 -5.00 90.80
CA ASN C 223 -56.12 -5.92 91.97
C ASN C 223 -57.36 -6.85 91.84
N ASP C 224 -58.55 -6.29 91.64
CA ASP C 224 -59.84 -7.03 91.54
C ASP C 224 -59.82 -7.99 90.33
N ASP C 225 -59.37 -7.49 89.17
CA ASP C 225 -59.25 -8.27 87.91
C ASP C 225 -58.33 -9.47 88.14
N ILE C 226 -57.15 -9.23 88.69
CA ILE C 226 -56.13 -10.28 88.91
C ILE C 226 -56.70 -11.33 89.86
N ARG C 227 -57.28 -10.91 90.97
CA ARG C 227 -57.84 -11.86 91.97
C ARG C 227 -58.99 -12.65 91.34
N PHE C 228 -59.85 -12.04 90.51
CA PHE C 228 -60.97 -12.72 89.85
C PHE C 228 -60.36 -13.79 88.93
N GLY C 229 -59.35 -13.40 88.14
CA GLY C 229 -58.71 -14.33 87.20
C GLY C 229 -58.06 -15.49 87.95
N LEU C 230 -57.38 -15.21 89.04
CA LEU C 230 -56.67 -16.28 89.82
C LEU C 230 -57.71 -17.26 90.37
N GLU C 231 -58.89 -16.77 90.74
CA GLU C 231 -59.96 -17.65 91.26
C GLU C 231 -60.48 -18.52 90.12
N GLN C 232 -60.56 -18.02 88.89
CA GLN C 232 -61.11 -18.85 87.76
C GLN C 232 -60.10 -19.95 87.43
N GLY C 233 -58.81 -19.68 87.59
CA GLY C 233 -57.75 -20.67 87.25
C GLY C 233 -57.02 -20.22 86.00
N ILE C 234 -55.86 -19.61 86.19
CA ILE C 234 -55.05 -19.13 85.04
C ILE C 234 -53.62 -19.62 85.21
N ASN C 235 -52.82 -19.54 84.14
CA ASN C 235 -51.42 -20.01 84.13
C ASN C 235 -50.47 -18.82 84.01
N PHE C 236 -50.96 -17.75 83.39
CA PHE C 236 -50.13 -16.59 83.00
C PHE C 236 -50.91 -15.31 83.23
N ILE C 237 -50.16 -14.28 83.62
CA ILE C 237 -50.68 -12.90 83.61
C ILE C 237 -49.71 -12.07 82.79
N ALA C 238 -50.25 -11.36 81.81
CA ALA C 238 -49.47 -10.35 81.07
C ALA C 238 -49.85 -9.01 81.69
N ILE C 239 -48.86 -8.32 82.26
CA ILE C 239 -49.07 -7.06 83.01
C ILE C 239 -48.88 -5.90 82.03
N SER C 240 -49.92 -5.11 81.81
CA SER C 240 -49.88 -4.01 80.84
C SER C 240 -49.02 -2.85 81.39
N PHE C 241 -48.28 -2.21 80.49
CA PHE C 241 -47.49 -1.00 80.78
C PHE C 241 -46.68 -1.21 82.04
N VAL C 242 -45.85 -2.28 82.07
CA VAL C 242 -44.85 -2.44 83.16
C VAL C 242 -43.80 -1.33 83.07
N ARG C 243 -43.65 -0.58 84.15
CA ARG C 243 -42.81 0.66 84.18
C ARG C 243 -41.50 0.31 84.87
N THR C 244 -41.57 -0.57 85.87
CA THR C 244 -40.44 -0.94 86.74
C THR C 244 -40.67 -2.34 87.29
N ALA C 245 -39.66 -2.89 87.90
CA ALA C 245 -39.74 -4.20 88.56
C ALA C 245 -40.85 -4.15 89.60
N LYS C 246 -41.11 -3.01 90.23
CA LYS C 246 -42.14 -2.95 91.31
C LYS C 246 -43.49 -3.37 90.73
N ASP C 247 -43.74 -3.01 89.47
CA ASP C 247 -45.06 -3.28 88.84
C ASP C 247 -45.25 -4.78 88.74
N VAL C 248 -44.15 -5.53 88.48
CA VAL C 248 -44.19 -7.01 88.44
C VAL C 248 -44.31 -7.57 89.86
N ASN C 249 -43.51 -7.06 90.79
CA ASN C 249 -43.47 -7.57 92.20
C ASN C 249 -44.84 -7.38 92.87
N GLU C 250 -45.58 -6.32 92.53
CA GLU C 250 -46.93 -6.08 93.12
C GLU C 250 -47.88 -7.22 92.72
N VAL C 251 -47.81 -7.66 91.46
CA VAL C 251 -48.65 -8.80 90.97
C VAL C 251 -48.16 -10.12 91.58
N ARG C 252 -46.85 -10.33 91.66
CA ARG C 252 -46.22 -11.55 92.22
C ARG C 252 -46.75 -11.73 93.65
N ALA C 253 -46.84 -10.65 94.40
CA ALA C 253 -47.25 -10.67 95.82
C ALA C 253 -48.68 -11.23 95.91
N ILE C 254 -49.56 -10.84 94.98
CA ILE C 254 -50.96 -11.31 94.98
C ILE C 254 -50.96 -12.79 94.63
N CYS C 255 -50.20 -13.18 93.61
CA CYS C 255 -50.10 -14.58 93.18
C CYS C 255 -49.65 -15.45 94.39
N GLU C 256 -48.64 -15.01 95.18
CA GLU C 256 -48.09 -15.84 96.29
C GLU C 256 -49.12 -15.87 97.41
N GLU C 257 -49.84 -14.78 97.62
CA GLU C 257 -50.77 -14.63 98.78
C GLU C 257 -51.94 -15.58 98.60
N THR C 258 -52.45 -15.72 97.39
CA THR C 258 -53.64 -16.54 97.06
C THR C 258 -53.29 -18.01 96.80
N GLY C 259 -52.06 -18.47 97.04
CA GLY C 259 -51.61 -19.84 96.72
C GLY C 259 -51.46 -20.08 95.24
N ASN C 260 -51.07 -19.06 94.46
CA ASN C 260 -51.00 -19.17 92.98
C ASN C 260 -49.57 -18.85 92.56
N GLY C 261 -48.58 -19.35 93.29
CA GLY C 261 -47.15 -19.12 93.02
C GLY C 261 -46.70 -19.72 91.70
N HIS C 262 -47.49 -20.64 91.15
CA HIS C 262 -47.19 -21.31 89.86
C HIS C 262 -47.50 -20.38 88.69
N VAL C 263 -48.30 -19.33 88.95
CA VAL C 263 -48.65 -18.35 87.88
C VAL C 263 -47.41 -17.61 87.40
N GLN C 264 -47.22 -17.54 86.09
CA GLN C 264 -46.07 -16.88 85.47
C GLN C 264 -46.48 -15.49 85.01
N LEU C 265 -45.62 -14.51 85.26
CA LEU C 265 -45.86 -13.09 84.92
C LEU C 265 -45.04 -12.68 83.70
N PHE C 266 -45.72 -12.22 82.66
CA PHE C 266 -45.11 -11.60 81.47
C PHE C 266 -45.30 -10.10 81.64
N ALA C 267 -44.21 -9.37 81.78
CA ALA C 267 -44.26 -7.90 81.73
C ALA C 267 -44.53 -7.48 80.29
N LYS C 268 -45.58 -6.65 80.05
CA LYS C 268 -45.74 -5.95 78.75
C LYS C 268 -44.85 -4.70 78.72
N ILE C 269 -43.97 -4.66 77.74
CA ILE C 269 -43.10 -3.51 77.50
C ILE C 269 -43.79 -2.69 76.41
N GLU C 270 -44.27 -1.52 76.77
CA GLU C 270 -45.02 -0.70 75.81
C GLU C 270 -44.84 0.81 76.08
N ASN C 271 -43.81 1.20 76.81
CA ASN C 271 -43.48 2.63 76.98
C ASN C 271 -41.99 2.80 77.28
N GLN C 272 -41.52 4.04 77.27
CA GLN C 272 -40.09 4.36 77.40
C GLN C 272 -39.61 3.87 78.77
N GLN C 273 -40.41 4.03 79.81
CA GLN C 273 -39.98 3.64 81.16
C GLN C 273 -39.68 2.14 81.20
N GLY C 274 -40.58 1.33 80.63
CA GLY C 274 -40.41 -0.12 80.44
C GLY C 274 -39.10 -0.44 79.75
N ILE C 275 -38.82 0.22 78.63
CA ILE C 275 -37.55 -0.02 77.90
C ILE C 275 -36.36 0.39 78.79
N ASP C 276 -36.46 1.52 79.47
CA ASP C 276 -35.39 2.10 80.34
C ASP C 276 -35.11 1.12 81.49
N ASN C 277 -36.13 0.45 82.02
CA ASN C 277 -35.99 -0.47 83.17
C ASN C 277 -36.00 -1.93 82.71
N LEU C 278 -35.71 -2.22 81.44
CA LEU C 278 -35.91 -3.60 80.88
C LEU C 278 -35.14 -4.67 81.67
N ASP C 279 -33.88 -4.43 82.02
CA ASP C 279 -33.06 -5.46 82.70
C ASP C 279 -33.70 -5.82 84.05
N GLU C 280 -34.11 -4.84 84.86
CA GLU C 280 -34.70 -5.14 86.18
C GLU C 280 -36.05 -5.83 85.97
N ILE C 281 -36.74 -5.53 84.87
CA ILE C 281 -38.12 -6.06 84.65
C ILE C 281 -37.97 -7.53 84.25
N ILE C 282 -37.03 -7.85 83.37
CA ILE C 282 -36.73 -9.25 82.98
C ILE C 282 -36.36 -10.06 84.22
N GLU C 283 -35.49 -9.53 85.07
CA GLU C 283 -35.06 -10.23 86.31
C GLU C 283 -36.32 -10.55 87.15
N ALA C 284 -37.27 -9.61 87.28
CA ALA C 284 -38.47 -9.82 88.15
C ALA C 284 -39.53 -10.76 87.53
N ALA C 285 -39.64 -10.79 86.21
CA ALA C 285 -40.74 -11.42 85.45
C ALA C 285 -40.31 -12.81 85.00
N ASP C 286 -41.26 -13.56 84.50
CA ASP C 286 -41.05 -14.92 83.94
C ASP C 286 -40.88 -14.75 82.45
N GLY C 287 -41.12 -13.56 81.94
CA GLY C 287 -41.00 -13.30 80.50
C GLY C 287 -41.48 -11.93 80.15
N ILE C 288 -41.43 -11.61 78.87
CA ILE C 288 -41.77 -10.30 78.29
C ILE C 288 -42.76 -10.50 77.14
N MET C 289 -43.80 -9.66 77.15
CA MET C 289 -44.64 -9.50 75.95
C MET C 289 -44.26 -8.17 75.30
N ILE C 290 -43.84 -8.24 74.04
CA ILE C 290 -43.45 -7.05 73.26
C ILE C 290 -44.75 -6.45 72.68
N ALA C 291 -45.32 -5.48 73.41
CA ALA C 291 -46.69 -4.99 73.19
C ALA C 291 -46.57 -3.87 72.16
N ARG C 292 -46.41 -4.21 70.88
CA ARG C 292 -45.91 -3.21 69.89
C ARG C 292 -47.00 -2.13 69.61
N GLY C 293 -48.28 -2.40 69.82
CA GLY C 293 -49.35 -1.44 69.50
C GLY C 293 -49.14 -0.16 70.30
N ASP C 294 -49.00 -0.29 71.61
CA ASP C 294 -48.74 0.88 72.50
C ASP C 294 -47.29 1.28 72.29
N MET C 295 -46.36 0.33 72.20
CA MET C 295 -44.94 0.73 72.16
C MET C 295 -44.71 1.74 71.02
N GLY C 296 -45.28 1.47 69.84
CA GLY C 296 -45.06 2.26 68.60
C GLY C 296 -45.75 3.62 68.61
N ILE C 297 -46.51 3.90 69.66
CA ILE C 297 -47.11 5.24 69.89
C ILE C 297 -46.36 5.91 71.02
N GLU C 298 -45.97 5.17 72.05
CA GLU C 298 -45.33 5.77 73.25
C GLU C 298 -43.83 5.98 72.98
N VAL C 299 -43.23 5.30 72.00
CA VAL C 299 -41.81 5.57 71.62
C VAL C 299 -41.80 5.76 70.11
N PRO C 300 -40.71 6.30 69.53
CA PRO C 300 -40.67 6.49 68.07
C PRO C 300 -40.98 5.17 67.37
N PHE C 301 -41.95 5.16 66.45
CA PHE C 301 -42.45 3.92 65.81
C PHE C 301 -41.27 3.19 65.17
N GLU C 302 -40.30 3.92 64.61
CA GLU C 302 -39.20 3.29 63.81
C GLU C 302 -38.18 2.62 64.75
N MET C 303 -38.23 2.89 66.05
CA MET C 303 -37.37 2.21 67.06
C MET C 303 -37.97 0.85 67.44
N VAL C 304 -39.24 0.62 67.21
CA VAL C 304 -39.86 -0.64 67.71
C VAL C 304 -39.09 -1.86 67.19
N PRO C 305 -38.71 -1.97 65.90
CA PRO C 305 -37.95 -3.14 65.43
C PRO C 305 -36.62 -3.29 66.16
N VAL C 306 -35.96 -2.19 66.51
CA VAL C 306 -34.67 -2.25 67.25
C VAL C 306 -34.96 -2.88 68.63
N TYR C 307 -35.92 -2.34 69.32
CA TYR C 307 -36.31 -2.84 70.66
C TYR C 307 -36.75 -4.28 70.59
N GLN C 308 -37.52 -4.65 69.57
CA GLN C 308 -37.97 -6.04 69.43
C GLN C 308 -36.77 -6.99 69.44
N LYS C 309 -35.80 -6.76 68.58
CA LYS C 309 -34.66 -7.70 68.43
C LYS C 309 -33.89 -7.75 69.74
N MET C 310 -33.68 -6.61 70.38
CA MET C 310 -32.88 -6.53 71.60
C MET C 310 -33.61 -7.25 72.73
N ILE C 311 -34.92 -7.06 72.87
CA ILE C 311 -35.70 -7.74 73.95
C ILE C 311 -35.62 -9.24 73.76
N ILE C 312 -35.82 -9.72 72.54
CA ILE C 312 -35.90 -11.17 72.30
C ILE C 312 -34.55 -11.77 72.74
N LYS C 313 -33.46 -11.13 72.35
CA LYS C 313 -32.13 -11.63 72.68
C LYS C 313 -31.93 -11.68 74.19
N LYS C 314 -32.23 -10.59 74.90
CA LYS C 314 -32.03 -10.54 76.37
C LYS C 314 -32.93 -11.53 77.09
N VAL C 315 -34.18 -11.66 76.68
CA VAL C 315 -35.11 -12.62 77.37
C VAL C 315 -34.63 -14.05 77.19
N ASN C 316 -34.22 -14.40 75.99
CA ASN C 316 -33.66 -15.72 75.68
C ASN C 316 -32.39 -16.00 76.53
N ALA C 317 -31.49 -15.02 76.61
CA ALA C 317 -30.27 -15.10 77.43
C ALA C 317 -30.62 -15.33 78.90
N ALA C 318 -31.77 -14.83 79.38
CA ALA C 318 -32.27 -15.05 80.75
C ALA C 318 -32.97 -16.39 80.89
N GLY C 319 -33.20 -17.12 79.81
CA GLY C 319 -33.88 -18.44 79.88
C GLY C 319 -35.36 -18.25 80.17
N LYS C 320 -35.92 -17.15 79.68
CA LYS C 320 -37.31 -16.74 79.95
C LYS C 320 -38.07 -16.71 78.63
N VAL C 321 -39.36 -16.44 78.66
CA VAL C 321 -40.26 -16.54 77.49
C VAL C 321 -40.51 -15.16 76.90
N VAL C 322 -40.39 -15.05 75.60
CA VAL C 322 -40.77 -13.79 74.93
C VAL C 322 -41.90 -14.04 73.91
N ILE C 323 -42.88 -13.15 73.97
CA ILE C 323 -44.06 -13.06 73.08
C ILE C 323 -43.98 -11.80 72.24
N THR C 324 -44.05 -11.94 70.93
CA THR C 324 -44.12 -10.81 69.99
C THR C 324 -45.58 -10.59 69.66
N ALA C 325 -46.07 -9.36 69.85
CA ALA C 325 -47.52 -9.08 69.75
C ALA C 325 -47.84 -7.89 68.85
N THR C 326 -49.03 -7.95 68.26
CA THR C 326 -49.83 -6.85 67.67
C THR C 326 -49.57 -6.63 66.19
N ASN C 327 -50.67 -6.67 65.43
CA ASN C 327 -50.77 -6.38 63.97
C ASN C 327 -50.06 -7.46 63.15
N MET C 328 -49.77 -8.62 63.72
CA MET C 328 -48.90 -9.61 63.01
C MET C 328 -49.60 -10.10 61.74
N LEU C 329 -50.90 -10.36 61.80
CA LEU C 329 -51.68 -10.70 60.57
C LEU C 329 -52.90 -9.78 60.48
N GLU C 330 -52.71 -8.49 60.68
CA GLU C 330 -53.81 -7.51 60.88
C GLU C 330 -54.89 -7.60 59.80
N THR C 331 -54.51 -7.60 58.53
CA THR C 331 -55.41 -7.62 57.37
C THR C 331 -56.35 -8.82 57.43
N MET C 332 -55.96 -9.89 58.09
CA MET C 332 -56.81 -11.10 58.15
C MET C 332 -58.00 -10.88 59.10
N THR C 333 -58.08 -9.72 59.76
CA THR C 333 -59.30 -9.28 60.47
C THR C 333 -60.44 -9.22 59.45
N GLU C 334 -60.17 -8.80 58.21
CA GLU C 334 -61.23 -8.56 57.19
C GLU C 334 -61.04 -9.44 55.95
N LYS C 335 -59.86 -10.03 55.73
CA LYS C 335 -59.55 -10.72 54.45
C LYS C 335 -58.99 -12.10 54.73
N PRO C 336 -59.21 -13.08 53.84
CA PRO C 336 -58.73 -14.43 54.08
C PRO C 336 -57.20 -14.57 53.94
N ARG C 337 -56.52 -13.57 53.37
CA ARG C 337 -55.06 -13.66 53.13
C ARG C 337 -54.36 -12.42 53.69
N ALA C 338 -53.23 -12.64 54.38
CA ALA C 338 -52.35 -11.61 54.95
C ALA C 338 -51.64 -10.82 53.84
N THR C 339 -51.20 -9.62 54.16
CA THR C 339 -50.35 -8.82 53.25
C THR C 339 -48.95 -9.43 53.26
N ARG C 340 -48.12 -8.99 52.32
CA ARG C 340 -46.71 -9.42 52.24
C ARG C 340 -45.94 -8.92 53.47
N SER C 341 -46.28 -7.75 54.00
CA SER C 341 -45.58 -7.12 55.16
C SER C 341 -45.95 -7.88 56.43
N GLU C 342 -47.19 -8.40 56.51
CA GLU C 342 -47.63 -9.23 57.65
C GLU C 342 -46.89 -10.56 57.68
N VAL C 343 -46.81 -11.23 56.54
CA VAL C 343 -46.15 -12.55 56.48
C VAL C 343 -44.66 -12.31 56.81
N SER C 344 -44.07 -11.26 56.30
CA SER C 344 -42.68 -10.88 56.62
C SER C 344 -42.48 -10.65 58.11
N ASP C 345 -43.39 -9.93 58.76
CA ASP C 345 -43.33 -9.65 60.21
C ASP C 345 -43.32 -10.95 61.01
N VAL C 346 -44.24 -11.86 60.75
CA VAL C 346 -44.31 -13.11 61.51
C VAL C 346 -42.99 -13.87 61.29
N PHE C 347 -42.58 -13.98 60.04
CA PHE C 347 -41.39 -14.76 59.69
C PHE C 347 -40.18 -14.23 60.45
N ASN C 348 -40.01 -12.92 60.40
CA ASN C 348 -38.86 -12.22 61.03
C ASN C 348 -38.95 -12.29 62.55
N ALA C 349 -40.14 -12.30 63.14
CA ALA C 349 -40.23 -12.45 64.61
C ALA C 349 -39.66 -13.84 64.97
N VAL C 350 -39.97 -14.87 64.19
CA VAL C 350 -39.42 -16.24 64.44
C VAL C 350 -37.88 -16.21 64.30
N ILE C 351 -37.38 -15.62 63.23
CA ILE C 351 -35.91 -15.56 62.96
C ILE C 351 -35.23 -14.78 64.09
N ASP C 352 -35.86 -13.72 64.59
CA ASP C 352 -35.30 -12.87 65.67
C ASP C 352 -35.14 -13.70 66.94
N GLY C 353 -35.92 -14.76 67.11
CA GLY C 353 -35.78 -15.68 68.25
C GLY C 353 -37.02 -15.77 69.11
N THR C 354 -38.16 -15.25 68.68
CA THR C 354 -39.35 -15.25 69.58
C THR C 354 -39.74 -16.68 70.02
N ASP C 355 -40.21 -16.82 71.25
CA ASP C 355 -40.80 -18.08 71.73
C ASP C 355 -42.19 -18.21 71.14
N ALA C 356 -42.91 -17.09 71.03
CA ALA C 356 -44.33 -17.05 70.70
C ALA C 356 -44.68 -15.83 69.88
N THR C 357 -45.67 -16.01 69.04
CA THR C 357 -46.30 -14.96 68.21
C THR C 357 -47.75 -14.84 68.70
N MET C 358 -48.36 -13.67 68.53
CA MET C 358 -49.69 -13.42 69.14
C MET C 358 -50.64 -12.89 68.10
N LEU C 359 -51.88 -13.33 68.22
CA LEU C 359 -53.03 -12.77 67.48
C LEU C 359 -53.88 -12.01 68.50
N SER C 360 -54.39 -10.88 68.06
CA SER C 360 -55.23 -9.98 68.88
C SER C 360 -56.59 -9.86 68.20
N GLY C 361 -56.86 -8.78 67.50
CA GLY C 361 -58.13 -8.63 66.76
C GLY C 361 -58.34 -9.70 65.71
N GLU C 362 -57.24 -10.25 65.15
CA GLU C 362 -57.41 -11.32 64.16
C GLU C 362 -58.23 -12.48 64.71
N SER C 363 -58.06 -12.85 65.97
CA SER C 363 -58.74 -14.01 66.57
C SER C 363 -59.94 -13.53 67.42
N ALA C 364 -59.91 -12.32 67.97
CA ALA C 364 -60.93 -11.82 68.92
C ALA C 364 -62.07 -11.09 68.19
N ASN C 365 -61.77 -10.46 67.05
CA ASN C 365 -62.59 -9.37 66.50
C ASN C 365 -62.76 -9.50 65.00
N GLY C 366 -62.33 -10.58 64.39
CA GLY C 366 -62.25 -10.63 62.92
C GLY C 366 -63.22 -11.62 62.30
N LYS C 367 -63.25 -11.63 60.98
CA LYS C 367 -64.08 -12.57 60.19
C LYS C 367 -63.39 -13.92 60.02
N TYR C 368 -62.09 -14.05 60.33
CA TYR C 368 -61.31 -15.24 59.98
C TYR C 368 -60.45 -15.76 61.14
N PRO C 369 -61.02 -15.95 62.35
CA PRO C 369 -60.19 -16.33 63.50
C PRO C 369 -59.47 -17.67 63.30
N LEU C 370 -60.14 -18.69 62.77
CA LEU C 370 -59.50 -19.99 62.57
C LEU C 370 -58.42 -19.88 61.49
N GLU C 371 -58.70 -19.20 60.37
CA GLU C 371 -57.76 -19.08 59.23
C GLU C 371 -56.55 -18.23 59.70
N SER C 372 -56.74 -17.28 60.61
CA SER C 372 -55.61 -16.47 61.18
C SER C 372 -54.66 -17.40 61.96
N VAL C 373 -55.19 -18.31 62.76
CA VAL C 373 -54.33 -19.23 63.55
C VAL C 373 -53.60 -20.15 62.56
N THR C 374 -54.32 -20.73 61.62
CA THR C 374 -53.76 -21.61 60.59
C THR C 374 -52.62 -20.92 59.83
N THR C 375 -52.86 -19.70 59.38
CA THR C 375 -51.90 -18.91 58.59
C THR C 375 -50.66 -18.67 59.46
N MET C 376 -50.85 -18.22 60.68
CA MET C 376 -49.70 -17.93 61.56
C MET C 376 -48.91 -19.23 61.78
N ALA C 377 -49.61 -20.35 61.99
CA ALA C 377 -48.99 -21.66 62.19
C ALA C 377 -48.15 -22.01 60.95
N THR C 378 -48.65 -21.78 59.75
CA THR C 378 -47.97 -22.11 58.48
C THR C 378 -46.68 -21.29 58.37
N ILE C 379 -46.77 -20.00 58.67
CA ILE C 379 -45.59 -19.10 58.58
C ILE C 379 -44.57 -19.54 59.64
N ASP C 380 -45.03 -19.76 60.88
CA ASP C 380 -44.15 -20.08 62.03
C ASP C 380 -43.39 -21.39 61.72
N LYS C 381 -44.09 -22.37 61.17
CA LYS C 381 -43.48 -23.69 60.85
C LYS C 381 -42.41 -23.53 59.76
N ASN C 382 -42.62 -22.69 58.76
CA ASN C 382 -41.68 -22.49 57.65
C ASN C 382 -40.47 -21.72 58.18
N ALA C 383 -40.67 -20.71 59.01
CA ALA C 383 -39.59 -19.88 59.57
C ALA C 383 -38.69 -20.74 60.48
N GLN C 384 -39.26 -21.68 61.23
CA GLN C 384 -38.43 -22.50 62.16
C GLN C 384 -37.39 -23.31 61.35
N ALA C 385 -37.70 -23.66 60.10
CA ALA C 385 -36.79 -24.42 59.20
C ALA C 385 -35.59 -23.55 58.76
N LEU C 386 -35.65 -22.22 58.91
CA LEU C 386 -34.56 -21.31 58.47
C LEU C 386 -33.77 -20.81 59.68
N LEU C 387 -34.09 -21.27 60.90
CA LEU C 387 -33.35 -20.80 62.11
C LEU C 387 -31.85 -21.20 62.01
N ASN C 388 -31.52 -22.35 61.45
CA ASN C 388 -30.09 -22.79 61.34
C ASN C 388 -29.32 -21.79 60.51
N GLU C 389 -29.91 -21.33 59.40
CA GLU C 389 -29.31 -20.42 58.42
C GLU C 389 -29.34 -18.94 58.88
N TYR C 390 -30.46 -18.44 59.39
CA TYR C 390 -30.70 -16.98 59.51
C TYR C 390 -30.95 -16.61 60.97
N GLY C 391 -31.10 -17.59 61.87
CA GLY C 391 -31.51 -17.31 63.26
C GLY C 391 -30.59 -16.30 63.89
N ARG C 392 -31.13 -15.32 64.62
CA ARG C 392 -30.33 -14.28 65.29
C ARG C 392 -29.79 -14.79 66.63
N LEU C 393 -30.52 -15.65 67.35
CA LEU C 393 -30.07 -16.11 68.68
C LEU C 393 -28.77 -16.90 68.51
N ASP C 394 -27.89 -16.79 69.50
CA ASP C 394 -26.57 -17.47 69.45
C ASP C 394 -26.31 -18.13 70.81
N SER C 395 -26.64 -19.41 70.94
CA SER C 395 -26.49 -20.20 72.18
C SER C 395 -25.01 -20.42 72.53
N ASP C 396 -24.10 -20.40 71.56
CA ASP C 396 -22.63 -20.61 71.78
C ASP C 396 -22.09 -19.54 72.72
N SER C 397 -22.73 -18.38 72.77
CA SER C 397 -22.33 -17.21 73.57
C SER C 397 -22.70 -17.40 75.06
N PHE C 398 -23.62 -18.29 75.43
CA PHE C 398 -24.12 -18.34 76.82
C PHE C 398 -23.06 -18.91 77.79
N GLU C 399 -22.96 -18.33 78.96
CA GLU C 399 -22.38 -19.04 80.13
C GLU C 399 -23.39 -20.14 80.55
N ARG C 400 -22.91 -21.37 80.68
CA ARG C 400 -23.68 -22.49 81.25
C ARG C 400 -23.53 -22.38 82.77
N ASN C 401 -24.55 -21.92 83.48
CA ASN C 401 -24.42 -21.42 84.87
C ASN C 401 -24.83 -22.51 85.88
N SER C 402 -25.27 -23.67 85.41
CA SER C 402 -25.63 -24.81 86.31
C SER C 402 -25.47 -26.13 85.55
N LYS C 403 -25.41 -27.25 86.29
CA LYS C 403 -25.22 -28.59 85.69
C LYS C 403 -26.43 -28.93 84.83
N THR C 404 -27.63 -28.46 85.16
CA THR C 404 -28.78 -28.71 84.25
C THR C 404 -28.53 -27.98 82.93
N GLU C 405 -28.04 -26.77 82.99
CA GLU C 405 -27.77 -25.99 81.77
C GLU C 405 -26.65 -26.65 80.96
N VAL C 406 -25.63 -27.20 81.62
CA VAL C 406 -24.58 -27.97 80.90
C VAL C 406 -25.25 -29.10 80.10
N MET C 407 -26.17 -29.83 80.73
CA MET C 407 -26.88 -30.90 80.02
C MET C 407 -27.68 -30.32 78.85
N ALA C 408 -28.37 -29.19 79.03
CA ALA C 408 -29.11 -28.52 77.93
C ALA C 408 -28.18 -28.18 76.76
N SER C 409 -26.97 -27.69 77.04
CA SER C 409 -25.95 -27.39 76.01
C SER C 409 -25.56 -28.68 75.26
N ALA C 410 -25.36 -29.77 76.00
CA ALA C 410 -24.98 -31.09 75.43
C ALA C 410 -26.11 -31.63 74.57
N VAL C 411 -27.37 -31.44 74.97
CA VAL C 411 -28.53 -31.82 74.12
C VAL C 411 -28.52 -31.03 72.80
N LYS C 412 -28.33 -29.70 72.86
CA LYS C 412 -28.19 -28.85 71.64
C LYS C 412 -27.09 -29.42 70.74
N ASP C 413 -25.94 -29.75 71.32
CA ASP C 413 -24.79 -30.31 70.57
C ASP C 413 -25.21 -31.61 69.87
N ALA C 414 -25.88 -32.54 70.56
CA ALA C 414 -26.37 -33.81 69.94
C ALA C 414 -27.29 -33.50 68.76
N THR C 415 -28.23 -32.55 68.89
CA THR C 415 -29.17 -32.22 67.80
C THR C 415 -28.49 -31.48 66.65
N SER C 416 -27.32 -30.88 66.87
CA SER C 416 -26.52 -30.26 65.77
C SER C 416 -25.66 -31.33 65.10
N SER C 417 -25.23 -32.35 65.82
CA SER C 417 -24.30 -33.42 65.32
C SER C 417 -25.01 -34.43 64.42
N MET C 418 -26.30 -34.69 64.67
CA MET C 418 -27.03 -35.71 63.91
C MET C 418 -28.51 -35.33 63.90
N ASP C 419 -29.30 -36.09 63.17
CA ASP C 419 -30.74 -35.81 62.96
C ASP C 419 -31.50 -36.45 64.13
N ILE C 420 -31.92 -35.62 65.07
CA ILE C 420 -32.69 -35.97 66.27
C ILE C 420 -34.14 -35.51 66.01
N LYS C 421 -35.08 -36.43 66.05
CA LYS C 421 -36.52 -36.15 65.85
C LYS C 421 -37.08 -35.42 67.07
N LEU C 422 -36.69 -35.85 68.26
CA LEU C 422 -37.34 -35.39 69.50
C LEU C 422 -36.33 -35.44 70.63
N VAL C 423 -36.34 -34.43 71.47
CA VAL C 423 -35.73 -34.44 72.80
C VAL C 423 -36.83 -34.68 73.83
N VAL C 424 -36.65 -35.64 74.70
CA VAL C 424 -37.61 -35.92 75.82
C VAL C 424 -36.92 -35.58 77.11
N THR C 425 -37.57 -34.75 77.95
CA THR C 425 -37.13 -34.50 79.34
C THR C 425 -38.24 -34.99 80.27
N LEU C 426 -37.86 -35.74 81.31
CA LEU C 426 -38.71 -36.03 82.46
C LEU C 426 -38.43 -34.95 83.50
N THR C 427 -39.41 -34.09 83.74
CA THR C 427 -39.19 -32.78 84.40
C THR C 427 -40.32 -32.60 85.39
N LYS C 428 -39.98 -32.47 86.67
CA LYS C 428 -40.98 -32.28 87.76
C LYS C 428 -41.52 -30.83 87.75
N THR C 429 -40.66 -29.84 87.56
CA THR C 429 -40.99 -28.40 87.64
C THR C 429 -40.95 -27.77 86.25
N GLY C 430 -40.41 -28.44 85.23
CA GLY C 430 -40.21 -27.83 83.90
C GLY C 430 -38.86 -27.14 83.75
N HIS C 431 -38.03 -27.11 84.78
CA HIS C 431 -36.71 -26.43 84.73
C HIS C 431 -35.89 -26.96 83.54
N THR C 432 -35.75 -28.28 83.42
CA THR C 432 -34.90 -28.91 82.38
C THR C 432 -35.47 -28.53 81.02
N ALA C 433 -36.79 -28.57 80.86
CA ALA C 433 -37.45 -28.25 79.58
C ALA C 433 -37.20 -26.77 79.21
N ARG C 434 -37.30 -25.86 80.18
CA ARG C 434 -37.01 -24.41 79.99
C ARG C 434 -35.57 -24.24 79.51
N LEU C 435 -34.62 -24.94 80.10
CA LEU C 435 -33.20 -24.74 79.74
C LEU C 435 -32.92 -25.38 78.38
N ILE C 436 -33.50 -26.53 78.07
CA ILE C 436 -33.42 -27.10 76.71
C ILE C 436 -34.02 -26.13 75.69
N SER C 437 -35.18 -25.57 75.98
CA SER C 437 -35.85 -24.60 75.09
C SER C 437 -34.94 -23.40 74.84
N LYS C 438 -34.33 -22.86 75.88
CA LYS C 438 -33.45 -21.67 75.77
C LYS C 438 -32.41 -21.86 74.68
N TYR C 439 -31.85 -23.08 74.57
CA TYR C 439 -30.74 -23.44 73.65
C TYR C 439 -31.27 -23.73 72.25
N ARG C 440 -32.58 -23.78 72.04
CA ARG C 440 -33.16 -23.80 70.69
C ARG C 440 -32.58 -24.99 69.92
N PRO C 441 -32.80 -26.22 70.40
CA PRO C 441 -32.33 -27.41 69.70
C PRO C 441 -33.02 -27.54 68.35
N ASN C 442 -32.36 -28.23 67.42
CA ASN C 442 -32.96 -28.60 66.12
C ASN C 442 -33.77 -29.88 66.32
N ALA C 443 -34.79 -29.79 67.17
CA ALA C 443 -35.69 -30.91 67.55
C ALA C 443 -36.86 -30.31 68.33
N ASP C 444 -38.00 -30.99 68.27
CA ASP C 444 -39.12 -30.76 69.19
C ASP C 444 -38.68 -31.26 70.56
N ILE C 445 -39.26 -30.68 71.61
CA ILE C 445 -39.00 -31.04 73.02
C ILE C 445 -40.29 -31.57 73.66
N LEU C 446 -40.30 -32.84 74.00
CA LEU C 446 -41.39 -33.46 74.77
C LEU C 446 -41.04 -33.31 76.25
N ALA C 447 -41.81 -32.51 76.97
CA ALA C 447 -41.64 -32.35 78.42
C ALA C 447 -42.67 -33.22 79.14
N LEU C 448 -42.22 -34.31 79.75
CA LEU C 448 -43.06 -35.22 80.56
C LEU C 448 -43.00 -34.74 81.97
N THR C 449 -44.15 -34.30 82.46
CA THR C 449 -44.28 -33.72 83.79
C THR C 449 -45.47 -34.37 84.51
N PHE C 450 -45.62 -34.12 85.78
CA PHE C 450 -46.41 -35.01 86.67
C PHE C 450 -47.52 -34.22 87.34
N ASP C 451 -47.75 -32.98 86.93
CA ASP C 451 -48.92 -32.19 87.40
C ASP C 451 -49.38 -31.23 86.30
N GLU C 452 -50.67 -30.92 86.26
CA GLU C 452 -51.28 -30.10 85.20
C GLU C 452 -50.75 -28.66 85.25
N LEU C 453 -50.47 -28.15 86.43
CA LEU C 453 -50.00 -26.75 86.56
C LEU C 453 -48.63 -26.63 85.86
N THR C 454 -47.73 -27.58 86.08
CA THR C 454 -46.42 -27.59 85.37
C THR C 454 -46.61 -27.79 83.88
N GLU C 455 -47.49 -28.70 83.49
CA GLU C 455 -47.81 -28.94 82.07
C GLU C 455 -48.27 -27.63 81.39
N ARG C 456 -49.31 -26.94 81.91
CA ARG C 456 -49.87 -25.74 81.24
C ARG C 456 -48.82 -24.63 81.28
N GLY C 457 -48.02 -24.58 82.33
CA GLY C 457 -46.96 -23.58 82.52
C GLY C 457 -45.88 -23.58 81.45
N LEU C 458 -45.77 -24.66 80.65
CA LEU C 458 -44.68 -24.83 79.65
C LEU C 458 -45.21 -24.52 78.26
N MET C 459 -46.49 -24.18 78.16
CA MET C 459 -47.12 -24.11 76.85
C MET C 459 -46.61 -22.93 76.04
N LEU C 460 -45.88 -21.95 76.60
CA LEU C 460 -45.40 -20.83 75.76
C LEU C 460 -43.88 -20.88 75.55
N ASN C 461 -43.23 -21.93 76.03
CA ASN C 461 -41.77 -22.15 75.82
C ASN C 461 -41.55 -22.68 74.40
N TRP C 462 -40.62 -22.07 73.69
CA TRP C 462 -40.27 -22.50 72.32
C TRP C 462 -40.02 -24.00 72.28
N GLY C 463 -40.69 -24.69 71.36
CA GLY C 463 -40.47 -26.08 71.01
C GLY C 463 -41.05 -27.06 71.98
N VAL C 464 -41.61 -26.61 73.10
CA VAL C 464 -41.92 -27.56 74.22
C VAL C 464 -43.35 -28.09 74.04
N ILE C 465 -43.49 -29.42 74.00
CA ILE C 465 -44.78 -30.15 73.95
C ILE C 465 -44.93 -30.74 75.32
N PRO C 466 -45.72 -30.14 76.22
CA PRO C 466 -45.87 -30.68 77.55
C PRO C 466 -46.85 -31.84 77.54
N MET C 467 -46.64 -32.80 78.41
CA MET C 467 -47.51 -34.01 78.43
C MET C 467 -47.51 -34.54 79.85
N LEU C 468 -48.69 -34.72 80.39
CA LEU C 468 -48.87 -35.18 81.77
C LEU C 468 -48.61 -36.69 81.80
N THR C 469 -47.86 -37.16 82.78
CA THR C 469 -47.65 -38.60 82.99
C THR C 469 -47.49 -38.86 84.47
N ASP C 470 -47.54 -40.13 84.88
CA ASP C 470 -47.33 -40.50 86.31
C ASP C 470 -45.85 -40.29 86.66
N ALA C 471 -45.55 -39.77 87.84
CA ALA C 471 -44.16 -39.66 88.35
C ALA C 471 -43.51 -41.05 88.35
N PRO C 472 -42.35 -41.22 87.66
CA PRO C 472 -41.68 -42.51 87.66
C PRO C 472 -41.32 -42.89 89.10
N SER C 473 -41.42 -44.19 89.38
CA SER C 473 -40.96 -44.87 90.62
C SER C 473 -39.48 -45.25 90.43
N SER C 474 -38.82 -45.61 91.52
CA SER C 474 -37.41 -46.12 91.55
C SER C 474 -37.26 -47.40 90.72
N THR C 475 -38.32 -48.14 90.40
CA THR C 475 -38.21 -49.41 89.63
C THR C 475 -38.57 -49.21 88.16
N ASP C 476 -38.99 -48.00 87.77
CA ASP C 476 -39.35 -47.67 86.36
C ASP C 476 -38.05 -47.47 85.57
N ASP C 477 -38.05 -47.86 84.31
CA ASP C 477 -37.05 -47.44 83.30
C ASP C 477 -37.56 -46.14 82.65
N MET C 478 -36.98 -44.98 82.98
CA MET C 478 -37.51 -43.69 82.47
C MET C 478 -37.27 -43.56 80.99
N PHE C 479 -36.30 -44.30 80.44
CA PHE C 479 -35.94 -44.23 79.00
C PHE C 479 -36.99 -45.01 78.19
N GLU C 480 -37.46 -46.13 78.71
CA GLU C 480 -38.62 -46.87 78.15
C GLU C 480 -39.90 -45.99 78.22
N ILE C 481 -40.14 -45.33 79.37
CA ILE C 481 -41.31 -44.41 79.55
C ILE C 481 -41.22 -43.32 78.49
N ALA C 482 -40.04 -42.70 78.31
CA ALA C 482 -39.84 -41.60 77.35
C ALA C 482 -40.23 -42.04 75.94
N GLU C 483 -39.73 -43.18 75.48
CA GLU C 483 -40.00 -43.67 74.12
C GLU C 483 -41.50 -43.98 73.98
N ARG C 484 -42.05 -44.67 74.96
CA ARG C 484 -43.47 -45.12 74.91
C ARG C 484 -44.37 -43.86 74.80
N LYS C 485 -44.14 -42.86 75.66
CA LYS C 485 -44.98 -41.63 75.66
C LYS C 485 -44.81 -40.94 74.31
N ALA C 486 -43.59 -40.88 73.79
CA ALA C 486 -43.33 -40.23 72.51
C ALA C 486 -44.10 -40.92 71.38
N VAL C 487 -44.11 -42.26 71.38
CA VAL C 487 -44.81 -43.07 70.33
C VAL C 487 -46.31 -42.83 70.44
N GLU C 488 -46.81 -42.85 71.67
CA GLU C 488 -48.25 -42.65 72.02
C GLU C 488 -48.74 -41.27 71.55
N ALA C 489 -47.95 -40.21 71.68
CA ALA C 489 -48.31 -38.86 71.20
C ALA C 489 -48.15 -38.75 69.67
N GLY C 490 -47.72 -39.79 68.98
CA GLY C 490 -47.48 -39.75 67.53
C GLY C 490 -46.33 -38.82 67.13
N LEU C 491 -45.37 -38.55 68.01
CA LEU C 491 -44.26 -37.62 67.73
C LEU C 491 -43.07 -38.31 67.06
N VAL C 492 -42.96 -39.62 67.21
CA VAL C 492 -41.85 -40.38 66.58
C VAL C 492 -42.42 -41.69 66.04
N GLU C 493 -41.70 -42.26 65.08
CA GLU C 493 -41.94 -43.65 64.60
C GLU C 493 -40.62 -44.45 64.68
N SER C 494 -40.75 -45.73 64.39
CA SER C 494 -39.64 -46.72 64.32
C SER C 494 -38.47 -46.16 63.56
N GLY C 495 -37.28 -46.27 64.14
CA GLY C 495 -36.06 -45.85 63.42
C GLY C 495 -35.71 -44.39 63.67
N ASP C 496 -36.60 -43.61 64.28
CA ASP C 496 -36.29 -42.21 64.64
C ASP C 496 -35.27 -42.23 65.77
N ASP C 497 -34.33 -41.30 65.75
CA ASP C 497 -33.38 -41.11 66.86
C ASP C 497 -33.88 -39.99 67.77
N ILE C 498 -33.88 -40.28 69.06
CA ILE C 498 -34.30 -39.32 70.12
C ILE C 498 -33.19 -39.18 71.15
N VAL C 499 -33.17 -38.02 71.81
CA VAL C 499 -32.31 -37.74 72.97
C VAL C 499 -33.24 -37.66 74.17
N ILE C 500 -32.94 -38.43 75.18
CA ILE C 500 -33.74 -38.43 76.42
C ILE C 500 -32.84 -37.96 77.54
N VAL C 501 -33.35 -37.07 78.38
CA VAL C 501 -32.63 -36.64 79.62
C VAL C 501 -33.53 -36.88 80.82
N ALA C 502 -32.90 -37.20 81.94
CA ALA C 502 -33.57 -37.52 83.22
C ALA C 502 -32.56 -37.41 84.34
N GLY C 503 -33.08 -37.29 85.55
CA GLY C 503 -32.36 -37.42 86.83
C GLY C 503 -32.37 -38.88 87.26
N VAL C 504 -31.28 -39.58 87.04
CA VAL C 504 -31.16 -41.05 87.30
C VAL C 504 -30.28 -41.27 88.52
N PRO C 505 -30.70 -42.14 89.47
CA PRO C 505 -32.05 -42.71 89.49
C PRO C 505 -33.02 -41.83 90.29
N VAL C 506 -34.33 -42.02 90.12
CA VAL C 506 -35.38 -41.37 90.97
C VAL C 506 -35.04 -41.64 92.43
N GLY C 507 -35.01 -40.62 93.28
CA GLY C 507 -34.79 -40.74 94.74
C GLY C 507 -33.35 -40.46 95.15
N GLU C 508 -32.41 -40.50 94.20
CA GLU C 508 -30.95 -40.26 94.41
C GLU C 508 -30.52 -38.99 93.65
N ALA C 509 -30.86 -38.88 92.35
CA ALA C 509 -30.47 -37.73 91.50
C ALA C 509 -30.97 -36.44 92.13
N VAL C 510 -30.15 -35.39 92.07
CA VAL C 510 -30.49 -34.02 92.54
C VAL C 510 -31.18 -33.30 91.39
N ARG C 511 -30.85 -33.70 90.17
CA ARG C 511 -31.13 -32.93 88.95
C ARG C 511 -31.03 -33.86 87.77
N THR C 512 -31.46 -33.38 86.64
CA THR C 512 -31.21 -34.01 85.34
C THR C 512 -29.70 -34.18 85.23
N ASN C 513 -29.26 -35.43 85.06
CA ASN C 513 -27.83 -35.76 85.14
C ASN C 513 -27.44 -36.74 84.04
N THR C 514 -28.41 -37.22 83.25
CA THR C 514 -28.18 -38.30 82.26
C THR C 514 -28.73 -37.88 80.90
N MET C 515 -27.96 -38.13 79.85
CA MET C 515 -28.44 -38.03 78.46
C MET C 515 -28.28 -39.39 77.77
N ARG C 516 -29.31 -39.82 77.08
CA ARG C 516 -29.34 -41.08 76.31
C ARG C 516 -29.73 -40.77 74.87
N ILE C 517 -29.01 -41.36 73.92
CA ILE C 517 -29.38 -41.36 72.49
C ILE C 517 -29.95 -42.75 72.20
N ARG C 518 -31.19 -42.77 71.73
CA ARG C 518 -32.02 -43.98 71.64
C ARG C 518 -32.76 -43.99 70.31
N THR C 519 -32.69 -45.11 69.61
CA THR C 519 -33.41 -45.34 68.34
C THR C 519 -34.75 -45.98 68.74
N VAL C 520 -35.84 -45.38 68.29
CA VAL C 520 -37.19 -45.88 68.62
C VAL C 520 -37.40 -47.20 67.88
N ARG C 521 -37.94 -48.19 68.57
CA ARG C 521 -38.24 -49.54 68.04
C ARG C 521 -39.19 -49.47 66.83
N MET D 21 -28.72 14.03 58.47
CA MET D 21 -28.45 12.58 58.23
C MET D 21 -29.22 12.12 56.98
N ASN D 22 -28.53 11.42 56.09
CA ASN D 22 -28.94 11.18 54.69
C ASN D 22 -29.53 9.79 54.59
N LYS D 23 -30.64 9.66 53.87
CA LYS D 23 -31.30 8.34 53.66
C LYS D 23 -30.52 7.53 52.61
N ARG D 24 -29.87 6.45 53.03
CA ARG D 24 -29.08 5.65 52.08
C ARG D 24 -29.98 4.73 51.28
N VAL D 25 -31.03 4.18 51.90
CA VAL D 25 -31.92 3.25 51.17
C VAL D 25 -32.83 4.10 50.28
N LYS D 26 -32.99 3.72 49.03
CA LYS D 26 -33.70 4.54 48.02
C LYS D 26 -35.19 4.22 48.04
N ILE D 27 -36.00 5.23 47.75
CA ILE D 27 -37.48 5.07 47.69
C ILE D 27 -37.92 5.18 46.23
N VAL D 28 -38.58 4.12 45.78
CA VAL D 28 -39.41 4.14 44.54
C VAL D 28 -40.85 4.45 44.98
N ALA D 29 -41.45 5.49 44.47
CA ALA D 29 -42.86 5.86 44.74
C ALA D 29 -43.62 5.75 43.42
N THR D 30 -44.69 5.00 43.46
CA THR D 30 -45.59 4.83 42.29
C THR D 30 -46.49 6.07 42.24
N LEU D 31 -46.65 6.66 41.06
CA LEU D 31 -47.54 7.82 40.92
C LEU D 31 -48.88 7.35 40.35
N GLY D 32 -49.88 8.13 40.68
CA GLY D 32 -51.24 7.91 40.20
C GLY D 32 -52.09 9.07 40.67
N PRO D 33 -53.42 8.89 40.63
CA PRO D 33 -54.34 9.99 40.93
C PRO D 33 -54.22 10.54 42.35
N ALA D 34 -53.69 9.76 43.30
CA ALA D 34 -53.60 10.17 44.72
C ALA D 34 -52.86 11.49 44.84
N VAL D 35 -51.86 11.78 44.00
CA VAL D 35 -51.05 13.04 44.16
C VAL D 35 -51.65 14.16 43.28
N GLU D 36 -52.66 13.85 42.47
CA GLU D 36 -53.15 14.76 41.40
C GLU D 36 -54.35 15.56 41.93
N ILE D 37 -54.28 16.88 41.73
CA ILE D 37 -55.39 17.82 42.05
C ILE D 37 -56.15 18.08 40.76
N ARG D 38 -57.47 17.98 40.85
CA ARG D 38 -58.39 18.27 39.72
C ARG D 38 -59.35 19.39 40.17
N GLY D 39 -59.26 20.55 39.52
CA GLY D 39 -60.11 21.73 39.80
C GLY D 39 -60.21 21.98 41.29
N GLY D 40 -59.07 22.02 41.99
CA GLY D 40 -59.02 22.35 43.42
C GLY D 40 -59.46 21.18 44.30
N LYS D 41 -59.87 20.04 43.74
CA LYS D 41 -60.24 18.84 44.54
C LYS D 41 -59.07 17.85 44.63
N LYS D 42 -58.89 17.27 45.80
CA LYS D 42 -57.97 16.15 46.10
C LYS D 42 -58.64 14.81 45.79
N PHE D 43 -57.82 13.78 45.57
CA PHE D 43 -58.29 12.41 45.30
C PHE D 43 -59.20 11.99 46.46
N GLY D 44 -60.33 11.38 46.12
CA GLY D 44 -61.32 10.87 47.10
C GLY D 44 -62.41 11.90 47.46
N GLU D 45 -62.27 13.18 47.09
CA GLU D 45 -63.31 14.22 47.35
C GLU D 45 -64.44 14.06 46.31
N ASP D 46 -65.68 14.41 46.69
CA ASP D 46 -66.89 14.28 45.81
C ASP D 46 -66.69 15.21 44.61
N GLY D 47 -66.90 14.69 43.40
CA GLY D 47 -66.77 15.43 42.13
C GLY D 47 -65.36 15.44 41.57
N TYR D 48 -64.38 14.81 42.24
CA TYR D 48 -62.94 14.80 41.83
C TYR D 48 -62.81 14.53 40.33
N TRP D 49 -63.36 13.42 39.86
CA TRP D 49 -63.24 12.96 38.45
C TRP D 49 -64.00 13.83 37.43
N GLY D 50 -64.92 14.69 37.87
CA GLY D 50 -65.62 15.63 36.97
C GLY D 50 -64.72 16.77 36.57
N GLU D 51 -63.71 17.09 37.40
CA GLU D 51 -62.80 18.25 37.17
C GLU D 51 -61.69 17.85 36.18
N LYS D 52 -61.03 18.84 35.58
CA LYS D 52 -59.85 18.66 34.70
C LYS D 52 -58.60 18.63 35.60
N LEU D 53 -57.53 18.03 35.13
CA LEU D 53 -56.25 17.90 35.86
C LEU D 53 -55.64 19.28 36.03
N ASP D 54 -55.31 19.69 37.25
CA ASP D 54 -54.50 20.90 37.54
C ASP D 54 -53.02 20.49 37.53
N VAL D 55 -52.30 20.78 36.45
CA VAL D 55 -50.94 20.25 36.19
C VAL D 55 -50.03 20.87 37.25
N GLU D 56 -50.11 22.17 37.45
CA GLU D 56 -49.21 22.88 38.38
C GLU D 56 -49.47 22.44 39.81
N ALA D 57 -50.72 22.38 40.25
CA ALA D 57 -51.03 21.98 41.64
C ALA D 57 -50.54 20.55 41.90
N SER D 58 -50.71 19.68 40.91
CA SER D 58 -50.26 18.28 40.94
C SER D 58 -48.73 18.24 41.07
N ALA D 59 -48.04 19.08 40.31
CA ALA D 59 -46.57 19.13 40.30
C ALA D 59 -46.07 19.62 41.68
N LYS D 60 -46.73 20.58 42.33
CA LYS D 60 -46.33 21.06 43.67
C LYS D 60 -46.47 19.90 44.66
N ASN D 61 -47.52 19.07 44.50
CA ASN D 61 -47.72 17.88 45.36
C ASN D 61 -46.57 16.89 45.17
N ILE D 62 -46.28 16.55 43.91
CA ILE D 62 -45.21 15.58 43.57
C ILE D 62 -43.87 16.11 44.09
N ALA D 63 -43.63 17.41 44.01
CA ALA D 63 -42.40 18.05 44.50
C ALA D 63 -42.26 17.82 46.00
N LYS D 64 -43.33 17.75 46.76
CA LYS D 64 -43.24 17.39 48.20
C LYS D 64 -42.73 15.95 48.41
N LEU D 65 -43.15 14.99 47.59
CA LEU D 65 -42.68 13.58 47.69
C LEU D 65 -41.19 13.55 47.37
N ILE D 66 -40.74 14.36 46.41
CA ILE D 66 -39.29 14.41 46.07
C ILE D 66 -38.55 14.92 47.30
N GLU D 67 -39.01 16.01 47.90
CA GLU D 67 -38.35 16.64 49.07
C GLU D 67 -38.32 15.61 50.22
N ALA D 68 -39.36 14.77 50.35
CA ALA D 68 -39.52 13.84 51.48
C ALA D 68 -38.66 12.58 51.30
N GLY D 69 -38.08 12.38 50.11
CA GLY D 69 -37.10 11.32 49.85
C GLY D 69 -37.51 10.34 48.76
N ALA D 70 -38.56 10.58 47.95
CA ALA D 70 -38.76 9.76 46.75
C ALA D 70 -37.54 9.94 45.83
N ASN D 71 -36.90 8.87 45.39
CA ASN D 71 -35.64 8.90 44.58
C ASN D 71 -35.95 8.54 43.13
N THR D 72 -37.08 7.90 42.91
CA THR D 72 -37.52 7.47 41.56
C THR D 72 -39.06 7.35 41.60
N PHE D 73 -39.73 7.83 40.57
CA PHE D 73 -41.17 7.57 40.40
C PHE D 73 -41.39 6.43 39.42
N ARG D 74 -42.33 5.57 39.79
CA ARG D 74 -42.79 4.41 39.02
C ARG D 74 -44.11 4.81 38.30
N PHE D 75 -44.09 4.68 36.98
CA PHE D 75 -45.24 4.81 36.05
C PHE D 75 -45.67 3.41 35.68
N ASN D 76 -46.78 2.99 36.28
CA ASN D 76 -47.30 1.61 36.10
C ASN D 76 -48.21 1.57 34.86
N PHE D 77 -47.71 1.02 33.75
CA PHE D 77 -48.44 1.01 32.43
C PHE D 77 -49.54 -0.03 32.41
N SER D 78 -49.78 -0.74 33.52
CA SER D 78 -50.97 -1.58 33.71
C SER D 78 -52.22 -0.67 33.85
N HIS D 79 -52.03 0.60 34.18
CA HIS D 79 -53.13 1.57 34.41
C HIS D 79 -53.07 2.70 33.39
N GLY D 80 -54.24 3.25 33.05
CA GLY D 80 -54.36 4.44 32.21
C GLY D 80 -53.92 4.16 30.79
N ASP D 81 -53.73 5.19 30.00
CA ASP D 81 -53.33 5.03 28.58
C ASP D 81 -52.04 5.81 28.40
N HIS D 82 -51.47 5.76 27.19
CA HIS D 82 -50.26 6.55 26.83
C HIS D 82 -50.46 8.04 27.17
N GLN D 83 -51.60 8.64 26.83
CA GLN D 83 -51.79 10.08 27.11
C GLN D 83 -51.72 10.32 28.63
N GLU D 84 -52.37 9.52 29.46
CA GLU D 84 -52.30 9.72 30.93
C GLU D 84 -50.83 9.61 31.40
N GLN D 85 -50.12 8.56 30.98
CA GLN D 85 -48.73 8.26 31.42
C GLN D 85 -47.83 9.41 30.99
N GLY D 86 -47.98 9.87 29.76
CA GLY D 86 -47.11 10.91 29.16
C GLY D 86 -47.28 12.22 29.89
N GLU D 87 -48.53 12.53 30.24
CA GLU D 87 -48.82 13.77 30.96
C GLU D 87 -48.28 13.62 32.38
N ARG D 88 -48.47 12.47 33.01
CA ARG D 88 -47.95 12.32 34.40
C ARG D 88 -46.42 12.50 34.36
N MET D 89 -45.72 11.98 33.35
CA MET D 89 -44.25 12.14 33.30
C MET D 89 -43.90 13.62 33.11
N ALA D 90 -44.66 14.36 32.30
CA ALA D 90 -44.41 15.80 32.10
C ALA D 90 -44.61 16.52 33.42
N THR D 91 -45.63 16.13 34.20
CA THR D 91 -45.92 16.77 35.51
C THR D 91 -44.73 16.58 36.47
N VAL D 92 -44.11 15.40 36.45
CA VAL D 92 -42.90 15.13 37.28
C VAL D 92 -41.76 16.04 36.87
N LYS D 93 -41.56 16.26 35.57
CA LYS D 93 -40.46 17.17 35.10
C LYS D 93 -40.70 18.56 35.67
N LEU D 94 -41.96 19.00 35.82
CA LEU D 94 -42.21 20.30 36.52
C LEU D 94 -41.88 20.18 38.02
N ALA D 95 -42.30 19.09 38.66
CA ALA D 95 -42.04 18.83 40.11
C ALA D 95 -40.55 18.88 40.40
N GLU D 96 -39.71 18.37 39.52
CA GLU D 96 -38.23 18.37 39.76
C GLU D 96 -37.73 19.81 39.88
N LYS D 97 -38.31 20.73 39.10
CA LYS D 97 -37.84 22.15 39.11
C LYS D 97 -38.38 22.84 40.34
N ILE D 98 -39.56 22.48 40.81
CA ILE D 98 -40.09 23.09 42.07
C ILE D 98 -39.20 22.61 43.23
N ALA D 99 -38.88 21.32 43.24
CA ALA D 99 -38.16 20.71 44.38
C ALA D 99 -36.67 21.09 44.31
N GLY D 100 -36.16 21.47 43.13
CA GLY D 100 -34.71 21.71 42.92
C GLY D 100 -33.92 20.43 42.99
N LYS D 101 -34.57 19.28 42.75
CA LYS D 101 -33.93 17.95 42.89
C LYS D 101 -34.48 17.07 41.79
N LYS D 102 -33.61 16.31 41.16
CA LYS D 102 -33.95 15.36 40.07
C LYS D 102 -34.31 14.01 40.65
N VAL D 103 -35.08 13.24 39.90
CA VAL D 103 -35.51 11.88 40.32
C VAL D 103 -35.39 11.00 39.12
N GLY D 104 -35.33 9.70 39.38
CA GLY D 104 -35.35 8.69 38.33
C GLY D 104 -36.75 8.47 37.80
N PHE D 105 -36.85 8.02 36.56
CA PHE D 105 -38.14 7.71 35.89
C PHE D 105 -38.15 6.24 35.54
N LEU D 106 -39.07 5.50 36.16
CA LEU D 106 -39.17 4.04 36.03
C LEU D 106 -40.51 3.68 35.39
N LEU D 107 -40.44 2.99 34.27
CA LEU D 107 -41.62 2.45 33.58
C LEU D 107 -41.78 1.02 34.03
N ASP D 108 -42.98 0.62 34.44
CA ASP D 108 -43.32 -0.74 34.90
C ASP D 108 -44.26 -1.33 33.85
N THR D 109 -43.85 -2.42 33.22
CA THR D 109 -44.59 -3.01 32.06
C THR D 109 -45.80 -3.80 32.54
N LYS D 110 -46.76 -3.95 31.64
CA LYS D 110 -47.94 -4.83 31.86
C LYS D 110 -47.45 -6.27 32.06
N GLY D 111 -46.65 -6.73 31.10
CA GLY D 111 -46.01 -8.07 31.07
C GLY D 111 -47.00 -9.17 30.70
N PRO D 112 -46.55 -10.46 30.73
CA PRO D 112 -47.40 -11.60 30.41
C PRO D 112 -48.42 -11.76 31.54
N GLU D 113 -49.40 -10.84 31.61
CA GLU D 113 -50.33 -10.77 32.76
C GLU D 113 -51.79 -10.76 32.30
N ILE D 114 -52.69 -10.89 33.27
CA ILE D 114 -54.16 -10.81 33.15
C ILE D 114 -54.60 -9.59 33.96
N ARG D 115 -55.38 -8.68 33.38
CA ARG D 115 -55.96 -7.51 34.11
C ARG D 115 -57.47 -7.55 33.89
N THR D 116 -58.26 -7.06 34.84
CA THR D 116 -59.72 -6.79 34.65
C THR D 116 -59.86 -5.72 33.55
N GLU D 117 -60.93 -5.80 32.75
CA GLU D 117 -61.21 -4.77 31.72
C GLU D 117 -61.76 -3.49 32.40
N LEU D 118 -61.86 -2.41 31.61
CA LEU D 118 -62.73 -1.23 31.85
C LEU D 118 -64.20 -1.72 31.92
N PHE D 119 -65.04 -1.07 32.74
CA PHE D 119 -66.48 -1.42 32.95
C PHE D 119 -67.34 -0.62 31.98
N GLU D 120 -68.56 -1.10 31.65
CA GLU D 120 -69.58 -0.32 30.89
C GLU D 120 -69.89 0.93 31.73
N GLY D 121 -69.97 2.11 31.09
CA GLY D 121 -70.48 3.38 31.66
C GLY D 121 -69.46 4.14 32.49
N GLU D 122 -68.15 3.91 32.27
CA GLU D 122 -67.00 4.44 33.06
C GLU D 122 -67.27 4.36 34.59
N ALA D 123 -67.95 3.29 35.06
CA ALA D 123 -67.95 2.85 36.48
C ALA D 123 -66.53 2.34 36.79
N LYS D 124 -65.92 2.83 37.87
CA LYS D 124 -64.50 2.54 38.24
C LYS D 124 -64.39 1.11 38.81
N GLU D 125 -65.40 0.65 39.56
CA GLU D 125 -65.36 -0.62 40.33
C GLU D 125 -66.75 -0.99 40.86
N TYR D 126 -66.91 -2.23 41.31
CA TYR D 126 -68.09 -2.76 42.05
C TYR D 126 -67.62 -3.50 43.31
N SER D 127 -68.47 -3.55 44.33
CA SER D 127 -68.26 -4.32 45.58
C SER D 127 -69.10 -5.60 45.51
N TYR D 128 -68.56 -6.71 46.03
CA TYR D 128 -69.13 -8.08 46.00
C TYR D 128 -69.08 -8.72 47.40
N LYS D 129 -70.09 -9.55 47.69
CA LYS D 129 -70.39 -10.21 48.98
C LYS D 129 -70.17 -11.71 48.78
N THR D 130 -69.57 -12.37 49.79
CA THR D 130 -69.32 -13.84 49.84
C THR D 130 -70.57 -14.57 49.34
N GLY D 131 -70.41 -15.58 48.47
CA GLY D 131 -71.49 -16.45 47.97
C GLY D 131 -72.18 -15.88 46.73
N GLU D 132 -71.93 -14.60 46.39
CA GLU D 132 -72.42 -14.02 45.11
C GLU D 132 -71.88 -14.87 43.94
N LYS D 133 -72.77 -15.23 43.00
CA LYS D 133 -72.44 -15.97 41.75
C LYS D 133 -72.47 -14.97 40.59
N ILE D 134 -71.31 -14.81 39.95
CA ILE D 134 -71.08 -13.84 38.83
C ILE D 134 -70.37 -14.63 37.71
N ARG D 135 -70.03 -13.99 36.58
CA ARG D 135 -69.32 -14.67 35.45
C ARG D 135 -68.00 -13.98 35.20
N VAL D 136 -67.06 -14.74 34.68
CA VAL D 136 -65.83 -14.16 34.11
C VAL D 136 -65.78 -14.60 32.67
N ALA D 137 -65.75 -13.60 31.79
CA ALA D 137 -65.61 -13.75 30.33
C ALA D 137 -64.12 -13.99 29.97
N THR D 138 -63.90 -14.81 28.92
CA THR D 138 -62.60 -15.14 28.28
C THR D 138 -62.48 -14.35 26.97
N LYS D 139 -63.61 -14.00 26.33
CA LYS D 139 -63.62 -13.19 25.08
C LYS D 139 -62.91 -11.85 25.30
N GLN D 140 -62.03 -11.52 24.36
CA GLN D 140 -61.12 -10.35 24.44
C GLN D 140 -61.78 -9.15 23.76
N GLY D 141 -61.30 -7.95 24.10
CA GLY D 141 -61.70 -6.67 23.49
C GLY D 141 -63.11 -6.25 23.89
N ILE D 142 -63.66 -6.78 25.01
CA ILE D 142 -64.98 -6.34 25.57
C ILE D 142 -64.75 -5.70 26.96
N LYS D 143 -65.71 -4.87 27.38
CA LYS D 143 -65.73 -4.17 28.70
C LYS D 143 -66.48 -5.03 29.73
N SER D 144 -66.18 -4.86 31.02
CA SER D 144 -66.81 -5.65 32.10
C SER D 144 -68.15 -5.04 32.43
N THR D 145 -69.02 -5.83 33.06
CA THR D 145 -70.23 -5.35 33.78
C THR D 145 -70.10 -5.92 35.19
N ARG D 146 -70.83 -5.36 36.14
CA ARG D 146 -70.79 -5.93 37.52
C ARG D 146 -70.88 -7.48 37.44
N GLU D 147 -71.80 -8.01 36.63
CA GLU D 147 -72.22 -9.45 36.65
C GLU D 147 -71.31 -10.30 35.73
N VAL D 148 -70.65 -9.67 34.75
CA VAL D 148 -69.73 -10.37 33.81
C VAL D 148 -68.44 -9.58 33.67
N ILE D 149 -67.42 -10.02 34.44
CA ILE D 149 -66.05 -9.44 34.46
C ILE D 149 -65.29 -9.95 33.22
N ALA D 150 -64.96 -9.02 32.34
CA ALA D 150 -64.14 -9.28 31.14
C ALA D 150 -62.67 -9.14 31.55
N LEU D 151 -61.81 -9.89 30.84
CA LEU D 151 -60.35 -10.03 31.07
C LEU D 151 -59.60 -9.40 29.92
N ASN D 152 -58.56 -8.62 30.25
CA ASN D 152 -57.50 -8.15 29.31
C ASN D 152 -56.29 -9.08 29.53
N VAL D 153 -56.14 -10.07 28.66
CA VAL D 153 -55.08 -11.11 28.72
C VAL D 153 -53.95 -10.67 27.79
N ALA D 154 -52.75 -10.46 28.32
CA ALA D 154 -51.57 -10.21 27.44
C ALA D 154 -51.70 -11.11 26.20
N GLY D 155 -51.44 -10.52 25.02
CA GLY D 155 -51.49 -11.21 23.71
C GLY D 155 -52.92 -11.55 23.28
N ALA D 156 -53.94 -11.08 24.01
CA ALA D 156 -55.38 -11.34 23.79
C ALA D 156 -55.67 -12.85 23.71
N LEU D 157 -54.94 -13.66 24.47
CA LEU D 157 -55.05 -15.14 24.47
C LEU D 157 -56.42 -15.55 24.94
N ASP D 158 -56.93 -16.62 24.34
CA ASP D 158 -58.16 -17.30 24.82
C ASP D 158 -57.69 -18.31 25.88
N ILE D 159 -58.03 -18.10 27.16
CA ILE D 159 -57.52 -18.97 28.28
C ILE D 159 -58.62 -19.93 28.75
N TYR D 160 -59.79 -19.91 28.11
CA TYR D 160 -60.98 -20.68 28.56
C TYR D 160 -60.55 -22.16 28.71
N ASP D 161 -59.81 -22.70 27.73
CA ASP D 161 -59.39 -24.14 27.72
C ASP D 161 -58.16 -24.33 28.62
N ASP D 162 -57.66 -23.29 29.28
CA ASP D 162 -56.45 -23.38 30.14
C ASP D 162 -56.84 -23.53 31.62
N VAL D 163 -58.09 -23.18 31.94
CA VAL D 163 -58.59 -23.00 33.33
C VAL D 163 -59.75 -23.97 33.58
N GLU D 164 -59.49 -24.98 34.41
CA GLU D 164 -60.46 -26.03 34.83
C GLU D 164 -61.30 -25.56 36.05
N VAL D 165 -62.54 -26.05 36.10
CA VAL D 165 -63.41 -26.16 37.31
C VAL D 165 -62.51 -26.46 38.52
N GLY D 166 -62.74 -25.78 39.64
CA GLY D 166 -61.96 -25.95 40.87
C GLY D 166 -60.83 -24.94 40.99
N ARG D 167 -60.35 -24.36 39.90
CA ARG D 167 -59.30 -23.31 39.96
C ARG D 167 -59.79 -22.03 40.66
N GLN D 168 -58.83 -21.27 41.17
CA GLN D 168 -59.12 -20.02 41.88
C GLN D 168 -58.71 -18.89 40.94
N VAL D 169 -59.59 -17.93 40.79
CA VAL D 169 -59.32 -16.64 40.11
C VAL D 169 -59.26 -15.56 41.19
N LEU D 170 -58.13 -14.89 41.28
CA LEU D 170 -57.91 -13.90 42.34
C LEU D 170 -57.75 -12.52 41.71
N VAL D 171 -58.39 -11.48 42.31
CA VAL D 171 -58.36 -10.08 41.83
C VAL D 171 -57.62 -9.18 42.83
N ASP D 172 -56.63 -8.45 42.31
CA ASP D 172 -55.90 -7.31 42.95
C ASP D 172 -54.98 -7.86 44.06
N ASP D 173 -53.77 -8.32 43.69
CA ASP D 173 -52.80 -9.02 44.60
C ASP D 173 -53.53 -9.99 45.54
N GLY D 174 -54.60 -10.66 45.08
CA GLY D 174 -55.23 -11.79 45.78
C GLY D 174 -56.20 -11.36 46.85
N LYS D 175 -56.56 -10.08 46.87
CA LYS D 175 -57.57 -9.56 47.86
C LYS D 175 -58.92 -10.28 47.74
N LEU D 176 -59.44 -10.52 46.52
CA LEU D 176 -60.77 -11.19 46.32
C LEU D 176 -60.54 -12.50 45.56
N GLY D 177 -61.03 -13.61 46.13
CA GLY D 177 -61.05 -14.94 45.53
C GLY D 177 -62.39 -15.23 44.86
N LEU D 178 -62.34 -15.74 43.62
CA LEU D 178 -63.49 -16.24 42.80
C LEU D 178 -63.23 -17.73 42.49
N ARG D 179 -64.12 -18.62 42.92
CA ARG D 179 -63.94 -20.08 42.78
C ARG D 179 -64.64 -20.51 41.49
N VAL D 180 -63.94 -21.15 40.55
CA VAL D 180 -64.57 -21.61 39.27
C VAL D 180 -65.39 -22.84 39.62
N VAL D 181 -66.72 -22.72 39.54
CA VAL D 181 -67.67 -23.77 39.95
C VAL D 181 -68.19 -24.47 38.69
N ALA D 182 -68.06 -23.82 37.54
CA ALA D 182 -68.45 -24.42 36.24
C ALA D 182 -67.90 -23.57 35.10
N LYS D 183 -68.07 -24.06 33.88
CA LYS D 183 -67.71 -23.40 32.60
C LYS D 183 -68.91 -23.47 31.65
N ASP D 184 -69.33 -22.31 31.16
CA ASP D 184 -70.40 -22.15 30.15
C ASP D 184 -69.74 -22.24 28.76
N ASP D 185 -69.72 -23.43 28.13
CA ASP D 185 -69.14 -23.62 26.77
C ASP D 185 -69.78 -22.67 25.74
N ALA D 186 -71.05 -22.27 25.88
CA ALA D 186 -71.81 -21.46 24.88
C ALA D 186 -71.26 -20.03 24.82
N THR D 187 -70.95 -19.42 25.97
CA THR D 187 -70.42 -18.04 26.08
C THR D 187 -68.91 -18.04 26.40
N ARG D 188 -68.28 -19.19 26.70
CA ARG D 188 -66.83 -19.31 27.08
C ARG D 188 -66.59 -18.39 28.31
N GLU D 189 -67.43 -18.55 29.33
CA GLU D 189 -67.36 -17.79 30.62
C GLU D 189 -67.10 -18.80 31.75
N PHE D 190 -66.31 -18.41 32.77
CA PHE D 190 -66.28 -19.09 34.10
C PHE D 190 -67.51 -18.69 34.95
N GLU D 191 -68.24 -19.68 35.45
CA GLU D 191 -69.33 -19.48 36.46
C GLU D 191 -68.64 -19.55 37.83
N VAL D 192 -68.51 -18.41 38.49
CA VAL D 192 -67.63 -18.27 39.70
C VAL D 192 -68.48 -17.88 40.92
N GLU D 193 -68.17 -18.47 42.10
CA GLU D 193 -68.64 -18.03 43.45
C GLU D 193 -67.60 -17.07 44.05
N VAL D 194 -68.02 -15.87 44.45
CA VAL D 194 -67.24 -14.94 45.33
C VAL D 194 -66.93 -15.71 46.64
N GLU D 195 -65.65 -15.86 47.02
CA GLU D 195 -65.23 -16.63 48.25
C GLU D 195 -65.31 -15.75 49.50
N ASN D 196 -65.25 -14.43 49.33
CA ASN D 196 -64.90 -13.41 50.38
C ASN D 196 -65.35 -12.01 49.92
N ASP D 197 -65.70 -11.12 50.86
CA ASP D 197 -66.08 -9.71 50.58
C ASP D 197 -64.91 -8.98 49.88
N GLY D 198 -65.16 -8.31 48.75
CA GLY D 198 -64.12 -7.47 48.11
C GLY D 198 -64.61 -6.76 46.86
N ILE D 199 -63.67 -6.05 46.24
CA ILE D 199 -63.90 -5.05 45.15
C ILE D 199 -63.23 -5.60 43.87
N ILE D 200 -63.96 -5.55 42.75
CA ILE D 200 -63.39 -5.70 41.38
C ILE D 200 -63.35 -4.30 40.75
N ALA D 201 -62.17 -3.71 40.63
CA ALA D 201 -61.96 -2.43 39.90
C ALA D 201 -61.39 -2.72 38.50
N LYS D 202 -61.44 -1.72 37.63
CA LYS D 202 -60.79 -1.75 36.28
C LYS D 202 -59.27 -1.91 36.41
N GLN D 203 -58.64 -2.61 35.47
CA GLN D 203 -57.15 -2.71 35.26
C GLN D 203 -56.46 -3.26 36.54
N LYS D 204 -57.13 -4.13 37.29
CA LYS D 204 -56.57 -4.84 38.47
C LYS D 204 -55.99 -6.19 38.04
N GLY D 205 -54.83 -6.58 38.59
CA GLY D 205 -54.22 -7.92 38.42
C GLY D 205 -55.20 -9.06 38.70
N VAL D 206 -55.14 -10.12 37.89
CA VAL D 206 -55.94 -11.37 38.07
C VAL D 206 -54.93 -12.53 38.04
N ASN D 207 -55.01 -13.40 39.04
CA ASN D 207 -54.05 -14.51 39.24
C ASN D 207 -54.86 -15.77 39.19
N ILE D 208 -54.36 -16.75 38.47
CA ILE D 208 -54.94 -18.12 38.44
C ILE D 208 -53.81 -19.09 38.73
N PRO D 209 -53.52 -19.37 40.01
CA PRO D 209 -52.39 -20.22 40.38
C PRO D 209 -52.55 -21.61 39.79
N ASN D 210 -51.42 -22.27 39.52
CA ASN D 210 -51.31 -23.63 38.94
C ASN D 210 -51.99 -23.67 37.57
N THR D 211 -51.77 -22.67 36.72
CA THR D 211 -52.08 -22.73 35.28
C THR D 211 -50.80 -22.42 34.51
N LYS D 212 -50.69 -22.92 33.27
CA LYS D 212 -49.59 -22.62 32.31
C LYS D 212 -50.20 -22.00 31.05
N ILE D 213 -50.54 -20.73 31.12
CA ILE D 213 -51.01 -19.94 29.95
C ILE D 213 -49.79 -19.61 29.13
N PRO D 214 -49.74 -19.96 27.82
CA PRO D 214 -48.52 -19.75 27.03
C PRO D 214 -48.38 -18.29 26.58
N PHE D 215 -48.10 -17.37 27.49
CA PHE D 215 -47.98 -15.95 27.11
C PHE D 215 -46.78 -15.78 26.20
N PRO D 216 -46.83 -14.85 25.24
CA PRO D 216 -45.72 -14.65 24.32
C PRO D 216 -44.45 -14.13 25.01
N ALA D 217 -43.41 -14.10 24.19
CA ALA D 217 -42.02 -13.70 24.48
C ALA D 217 -41.98 -12.28 25.06
N LEU D 218 -42.48 -11.36 24.25
CA LEU D 218 -42.75 -9.96 24.60
C LEU D 218 -44.04 -9.61 23.85
N ALA D 219 -45.10 -9.23 24.56
CA ALA D 219 -46.41 -8.92 23.98
C ALA D 219 -46.30 -7.60 23.21
N GLU D 220 -47.01 -7.49 22.09
CA GLU D 220 -47.10 -6.25 21.26
C GLU D 220 -47.40 -5.01 22.12
N ARG D 221 -48.34 -5.11 23.07
CA ARG D 221 -48.70 -4.00 24.00
C ARG D 221 -47.45 -3.55 24.79
N ASP D 222 -46.65 -4.51 25.25
CA ASP D 222 -45.42 -4.21 26.04
C ASP D 222 -44.43 -3.53 25.10
N ASN D 223 -44.30 -4.01 23.86
CA ASN D 223 -43.35 -3.40 22.89
C ASN D 223 -43.75 -1.94 22.71
N ASP D 224 -45.04 -1.67 22.49
CA ASP D 224 -45.60 -0.31 22.30
C ASP D 224 -45.33 0.56 23.55
N ASP D 225 -45.68 0.05 24.73
CA ASP D 225 -45.55 0.81 26.01
C ASP D 225 -44.09 1.22 26.22
N ILE D 226 -43.17 0.29 26.03
CA ILE D 226 -41.71 0.51 26.27
C ILE D 226 -41.26 1.58 25.29
N ARG D 227 -41.64 1.44 24.02
CA ARG D 227 -41.18 2.39 22.98
C ARG D 227 -41.73 3.77 23.31
N PHE D 228 -42.98 3.87 23.76
CA PHE D 228 -43.57 5.17 24.14
C PHE D 228 -42.77 5.75 25.31
N GLY D 229 -42.55 4.93 26.35
CA GLY D 229 -41.77 5.37 27.52
C GLY D 229 -40.39 5.84 27.10
N LEU D 230 -39.72 5.06 26.29
CA LEU D 230 -38.36 5.46 25.84
C LEU D 230 -38.41 6.80 25.11
N GLU D 231 -39.48 7.08 24.37
CA GLU D 231 -39.62 8.37 23.62
C GLU D 231 -39.83 9.52 24.60
N GLN D 232 -40.58 9.31 25.68
CA GLN D 232 -40.80 10.32 26.72
C GLN D 232 -39.50 10.64 27.46
N GLY D 233 -38.64 9.65 27.70
CA GLY D 233 -37.41 9.85 28.50
C GLY D 233 -37.54 9.12 29.84
N ILE D 234 -37.00 7.90 29.93
CA ILE D 234 -36.99 7.13 31.19
C ILE D 234 -35.56 6.69 31.53
N ASN D 235 -35.33 6.30 32.80
CA ASN D 235 -34.02 5.82 33.28
C ASN D 235 -34.08 4.32 33.51
N PHE D 236 -35.24 3.79 33.84
CA PHE D 236 -35.39 2.39 34.29
C PHE D 236 -36.65 1.78 33.67
N ILE D 237 -36.63 0.48 33.44
CA ILE D 237 -37.80 -0.34 33.09
C ILE D 237 -37.83 -1.49 34.04
N ALA D 238 -38.95 -1.65 34.76
CA ALA D 238 -39.25 -2.84 35.57
C ALA D 238 -40.10 -3.73 34.69
N ILE D 239 -39.59 -4.93 34.40
CA ILE D 239 -40.25 -5.90 33.49
C ILE D 239 -41.07 -6.87 34.32
N SER D 240 -42.40 -6.83 34.18
CA SER D 240 -43.34 -7.70 34.91
C SER D 240 -43.16 -9.16 34.50
N PHE D 241 -43.29 -10.06 35.48
CA PHE D 241 -43.36 -11.53 35.31
C PHE D 241 -42.18 -12.01 34.42
N VAL D 242 -40.95 -11.58 34.72
CA VAL D 242 -39.74 -12.13 34.05
C VAL D 242 -39.64 -13.60 34.41
N ARG D 243 -39.69 -14.43 33.36
CA ARG D 243 -39.70 -15.89 33.41
C ARG D 243 -38.29 -16.43 33.17
N THR D 244 -37.56 -15.83 32.22
CA THR D 244 -36.23 -16.29 31.76
C THR D 244 -35.44 -15.04 31.40
N ALA D 245 -34.13 -15.19 31.20
CA ALA D 245 -33.23 -14.12 30.69
C ALA D 245 -33.76 -13.56 29.35
N LYS D 246 -34.42 -14.39 28.55
CA LYS D 246 -34.98 -13.98 27.22
C LYS D 246 -35.97 -12.80 27.37
N ASP D 247 -36.77 -12.77 28.45
CA ASP D 247 -37.72 -11.66 28.71
C ASP D 247 -36.92 -10.35 28.90
N VAL D 248 -35.74 -10.42 29.51
CA VAL D 248 -34.91 -9.22 29.77
C VAL D 248 -34.30 -8.83 28.42
N ASN D 249 -33.84 -9.81 27.66
CA ASN D 249 -33.02 -9.56 26.45
C ASN D 249 -33.88 -8.94 25.33
N GLU D 250 -35.15 -9.35 25.21
CA GLU D 250 -36.17 -8.74 24.30
C GLU D 250 -36.28 -7.26 24.60
N VAL D 251 -36.27 -6.85 25.88
CA VAL D 251 -36.44 -5.41 26.22
C VAL D 251 -35.11 -4.70 26.00
N ARG D 252 -34.00 -5.34 26.36
CA ARG D 252 -32.65 -4.76 26.14
C ARG D 252 -32.46 -4.47 24.63
N ALA D 253 -32.90 -5.36 23.75
CA ALA D 253 -32.79 -5.16 22.26
C ALA D 253 -33.54 -3.90 21.84
N ILE D 254 -34.68 -3.59 22.44
CA ILE D 254 -35.42 -2.34 22.09
C ILE D 254 -34.65 -1.13 22.60
N CYS D 255 -34.19 -1.19 23.85
CA CYS D 255 -33.41 -0.07 24.44
C CYS D 255 -32.24 0.28 23.53
N GLU D 256 -31.51 -0.75 23.11
CA GLU D 256 -30.29 -0.68 22.24
C GLU D 256 -30.71 -0.10 20.86
N GLU D 257 -31.76 -0.65 20.25
CA GLU D 257 -32.21 -0.25 18.89
C GLU D 257 -32.54 1.25 18.85
N THR D 258 -33.06 1.82 19.95
CA THR D 258 -33.64 3.20 19.95
C THR D 258 -32.64 4.21 20.47
N GLY D 259 -31.39 3.78 20.66
CA GLY D 259 -30.31 4.60 21.22
C GLY D 259 -30.56 4.90 22.69
N ASN D 260 -31.21 3.97 23.39
CA ASN D 260 -31.50 4.14 24.84
C ASN D 260 -30.73 3.10 25.65
N GLY D 261 -29.48 2.80 25.28
CA GLY D 261 -28.63 1.78 25.93
C GLY D 261 -28.33 2.09 27.41
N HIS D 262 -28.44 3.34 27.82
CA HIS D 262 -28.28 3.83 29.21
C HIS D 262 -29.43 3.35 30.12
N VAL D 263 -30.54 2.88 29.55
CA VAL D 263 -31.73 2.52 30.37
C VAL D 263 -31.45 1.20 31.07
N GLN D 264 -31.70 1.17 32.37
CA GLN D 264 -31.42 -0.03 33.19
C GLN D 264 -32.72 -0.82 33.31
N LEU D 265 -32.59 -2.12 33.27
CA LEU D 265 -33.68 -3.10 33.30
C LEU D 265 -33.71 -3.80 34.64
N PHE D 266 -34.82 -3.67 35.36
CA PHE D 266 -35.13 -4.44 36.57
C PHE D 266 -36.05 -5.59 36.20
N ALA D 267 -35.61 -6.81 36.41
CA ALA D 267 -36.47 -7.99 36.24
C ALA D 267 -37.40 -8.10 37.45
N LYS D 268 -38.70 -8.14 37.24
CA LYS D 268 -39.65 -8.38 38.35
C LYS D 268 -39.76 -9.88 38.48
N ILE D 269 -39.41 -10.36 39.67
CA ILE D 269 -39.54 -11.79 40.01
C ILE D 269 -40.87 -11.94 40.74
N GLU D 270 -41.80 -12.69 40.16
CA GLU D 270 -43.17 -12.76 40.72
C GLU D 270 -43.82 -14.11 40.43
N ASN D 271 -43.05 -15.08 39.98
CA ASN D 271 -43.55 -16.47 39.95
C ASN D 271 -42.40 -17.46 40.09
N GLN D 272 -42.77 -18.74 40.08
CA GLN D 272 -41.82 -19.86 40.36
C GLN D 272 -40.77 -19.93 39.23
N GLN D 273 -41.16 -19.65 37.99
CA GLN D 273 -40.24 -19.75 36.83
C GLN D 273 -39.14 -18.70 36.99
N GLY D 274 -39.48 -17.45 37.33
CA GLY D 274 -38.47 -16.42 37.62
C GLY D 274 -37.56 -16.80 38.78
N ILE D 275 -38.11 -17.36 39.87
CA ILE D 275 -37.31 -17.91 40.99
C ILE D 275 -36.35 -18.99 40.47
N ASP D 276 -36.85 -19.96 39.71
CA ASP D 276 -36.04 -21.10 39.19
C ASP D 276 -34.91 -20.58 38.31
N ASN D 277 -35.15 -19.54 37.52
CA ASN D 277 -34.17 -18.94 36.56
C ASN D 277 -33.49 -17.69 37.12
N LEU D 278 -33.52 -17.48 38.43
CA LEU D 278 -33.02 -16.22 39.03
C LEU D 278 -31.59 -15.92 38.59
N ASP D 279 -30.68 -16.88 38.65
CA ASP D 279 -29.24 -16.61 38.36
C ASP D 279 -29.06 -16.07 36.93
N GLU D 280 -29.68 -16.69 35.91
CA GLU D 280 -29.60 -16.22 34.49
C GLU D 280 -30.31 -14.86 34.34
N ILE D 281 -31.39 -14.62 35.08
CA ILE D 281 -32.11 -13.30 35.02
C ILE D 281 -31.23 -12.22 35.62
N ILE D 282 -30.62 -12.48 36.77
CA ILE D 282 -29.67 -11.51 37.39
C ILE D 282 -28.57 -11.18 36.38
N GLU D 283 -27.95 -12.19 35.74
CA GLU D 283 -26.88 -11.94 34.74
C GLU D 283 -27.39 -11.00 33.64
N ALA D 284 -28.61 -11.18 33.12
CA ALA D 284 -29.14 -10.40 31.98
C ALA D 284 -29.62 -8.99 32.39
N ALA D 285 -30.05 -8.80 33.65
CA ALA D 285 -30.67 -7.55 34.14
C ALA D 285 -29.66 -6.62 34.80
N ASP D 286 -30.08 -5.39 35.09
CA ASP D 286 -29.32 -4.39 35.87
C ASP D 286 -29.69 -4.51 37.34
N GLY D 287 -30.72 -5.27 37.63
CA GLY D 287 -31.30 -5.34 38.97
C GLY D 287 -32.58 -6.14 38.98
N ILE D 288 -33.12 -6.30 40.19
CA ILE D 288 -34.27 -7.19 40.46
C ILE D 288 -35.26 -6.37 41.29
N MET D 289 -36.53 -6.42 40.91
CA MET D 289 -37.62 -5.93 41.76
C MET D 289 -38.31 -7.16 42.34
N ILE D 290 -38.33 -7.25 43.66
CA ILE D 290 -38.96 -8.40 44.33
C ILE D 290 -40.44 -8.03 44.42
N ALA D 291 -41.22 -8.52 43.48
CA ALA D 291 -42.65 -8.14 43.26
C ALA D 291 -43.49 -9.06 44.12
N ARG D 292 -43.54 -8.76 45.42
CA ARG D 292 -44.06 -9.70 46.44
C ARG D 292 -45.57 -9.90 46.29
N GLY D 293 -46.29 -8.98 45.64
CA GLY D 293 -47.76 -9.08 45.54
C GLY D 293 -48.13 -10.32 44.75
N ASP D 294 -47.69 -10.36 43.50
CA ASP D 294 -47.88 -11.56 42.67
C ASP D 294 -47.12 -12.74 43.29
N MET D 295 -45.88 -12.53 43.77
CA MET D 295 -45.07 -13.71 44.15
C MET D 295 -45.82 -14.50 45.24
N GLY D 296 -46.47 -13.80 46.17
CA GLY D 296 -47.11 -14.42 47.33
C GLY D 296 -48.42 -15.08 46.98
N ILE D 297 -48.89 -14.97 45.74
CA ILE D 297 -50.08 -15.73 45.23
C ILE D 297 -49.62 -16.83 44.29
N GLU D 298 -48.54 -16.59 43.53
CA GLU D 298 -48.00 -17.53 42.52
C GLU D 298 -47.16 -18.60 43.21
N VAL D 299 -46.49 -18.32 44.32
CA VAL D 299 -45.81 -19.33 45.17
C VAL D 299 -46.40 -19.30 46.56
N PRO D 300 -46.08 -20.26 47.44
CA PRO D 300 -46.59 -20.29 48.82
C PRO D 300 -46.19 -19.00 49.54
N PHE D 301 -47.17 -18.34 50.18
CA PHE D 301 -46.97 -17.01 50.78
C PHE D 301 -45.83 -17.10 51.77
N GLU D 302 -45.72 -18.20 52.49
CA GLU D 302 -44.79 -18.32 53.63
C GLU D 302 -43.37 -18.50 53.09
N MET D 303 -43.17 -18.68 51.79
CA MET D 303 -41.81 -18.78 51.19
C MET D 303 -41.30 -17.41 50.75
N VAL D 304 -42.18 -16.41 50.60
CA VAL D 304 -41.75 -15.10 50.08
C VAL D 304 -40.61 -14.54 50.93
N PRO D 305 -40.65 -14.58 52.29
CA PRO D 305 -39.52 -14.07 53.08
C PRO D 305 -38.20 -14.82 52.83
N VAL D 306 -38.25 -16.11 52.50
CA VAL D 306 -37.02 -16.91 52.22
C VAL D 306 -36.45 -16.40 50.91
N TYR D 307 -37.29 -16.28 49.89
CA TYR D 307 -36.84 -15.80 48.57
C TYR D 307 -36.40 -14.34 48.61
N GLN D 308 -37.03 -13.48 49.44
CA GLN D 308 -36.59 -12.09 49.58
C GLN D 308 -35.12 -12.03 50.04
N LYS D 309 -34.78 -12.73 51.11
CA LYS D 309 -33.42 -12.61 51.70
C LYS D 309 -32.40 -13.19 50.71
N MET D 310 -32.74 -14.29 50.08
CA MET D 310 -31.87 -14.93 49.07
C MET D 310 -31.64 -14.02 47.85
N ILE D 311 -32.69 -13.43 47.29
CA ILE D 311 -32.57 -12.51 46.13
C ILE D 311 -31.71 -11.31 46.52
N ILE D 312 -31.97 -10.70 47.67
CA ILE D 312 -31.21 -9.46 48.02
C ILE D 312 -29.72 -9.81 48.08
N LYS D 313 -29.36 -10.93 48.69
CA LYS D 313 -27.96 -11.38 48.86
C LYS D 313 -27.33 -11.60 47.46
N LYS D 314 -28.03 -12.28 46.57
CA LYS D 314 -27.52 -12.60 45.23
C LYS D 314 -27.38 -11.36 44.37
N VAL D 315 -28.33 -10.42 44.43
CA VAL D 315 -28.25 -9.22 43.57
C VAL D 315 -27.11 -8.34 44.04
N ASN D 316 -26.98 -8.20 45.35
CA ASN D 316 -25.88 -7.41 45.94
C ASN D 316 -24.54 -8.02 45.55
N ALA D 317 -24.40 -9.34 45.60
CA ALA D 317 -23.13 -10.03 45.29
C ALA D 317 -22.78 -9.77 43.81
N ALA D 318 -23.77 -9.54 42.95
CA ALA D 318 -23.58 -9.26 41.52
C ALA D 318 -23.34 -7.78 41.27
N GLY D 319 -23.35 -6.95 42.31
CA GLY D 319 -23.11 -5.50 42.18
C GLY D 319 -24.27 -4.81 41.47
N LYS D 320 -25.49 -5.32 41.59
CA LYS D 320 -26.67 -4.77 40.88
C LYS D 320 -27.68 -4.27 41.92
N VAL D 321 -28.81 -3.77 41.47
CA VAL D 321 -29.73 -3.00 42.35
C VAL D 321 -30.88 -3.93 42.71
N VAL D 322 -31.27 -3.95 43.98
CA VAL D 322 -32.47 -4.73 44.38
C VAL D 322 -33.51 -3.79 45.00
N ILE D 323 -34.76 -3.93 44.54
CA ILE D 323 -35.93 -3.19 45.06
C ILE D 323 -36.83 -4.20 45.74
N THR D 324 -37.23 -3.91 46.98
CA THR D 324 -38.24 -4.70 47.68
C THR D 324 -39.59 -3.95 47.53
N ALA D 325 -40.64 -4.66 47.12
CA ALA D 325 -41.90 -4.01 46.69
C ALA D 325 -43.12 -4.71 47.31
N THR D 326 -44.17 -3.91 47.51
CA THR D 326 -45.60 -4.28 47.66
C THR D 326 -45.99 -4.49 49.12
N ASN D 327 -47.01 -3.75 49.54
CA ASN D 327 -47.64 -3.86 50.89
C ASN D 327 -46.73 -3.31 52.00
N MET D 328 -45.64 -2.62 51.65
CA MET D 328 -44.64 -2.24 52.66
C MET D 328 -45.30 -1.34 53.72
N LEU D 329 -46.14 -0.36 53.32
CA LEU D 329 -46.90 0.48 54.28
C LEU D 329 -48.39 0.45 53.94
N GLU D 330 -48.90 -0.73 53.65
CA GLU D 330 -50.23 -0.91 53.00
C GLU D 330 -51.33 -0.09 53.71
N THR D 331 -51.38 -0.12 55.03
CA THR D 331 -52.48 0.47 55.84
C THR D 331 -52.48 1.99 55.66
N MET D 332 -51.35 2.59 55.26
CA MET D 332 -51.30 4.04 55.00
C MET D 332 -52.02 4.44 53.70
N THR D 333 -52.54 3.50 52.94
CA THR D 333 -53.51 3.82 51.87
C THR D 333 -54.71 4.55 52.49
N GLU D 334 -55.15 4.17 53.67
CA GLU D 334 -56.43 4.68 54.23
C GLU D 334 -56.21 5.33 55.60
N LYS D 335 -55.07 5.10 56.25
CA LYS D 335 -54.78 5.66 57.59
C LYS D 335 -53.44 6.38 57.61
N PRO D 336 -53.30 7.38 58.49
CA PRO D 336 -52.10 8.20 58.52
C PRO D 336 -50.89 7.48 59.15
N ARG D 337 -51.12 6.39 59.84
CA ARG D 337 -50.04 5.64 60.55
C ARG D 337 -50.07 4.18 60.10
N ALA D 338 -48.89 3.64 59.90
CA ALA D 338 -48.73 2.23 59.49
C ALA D 338 -48.90 1.30 60.70
N THR D 339 -49.20 0.04 60.44
CA THR D 339 -49.22 -1.02 61.48
C THR D 339 -47.79 -1.35 61.96
N ARG D 340 -47.71 -2.10 63.04
CA ARG D 340 -46.41 -2.55 63.62
C ARG D 340 -45.75 -3.56 62.67
N SER D 341 -46.56 -4.31 61.92
CA SER D 341 -46.02 -5.31 60.97
C SER D 341 -45.45 -4.58 59.77
N GLU D 342 -46.07 -3.49 59.32
CA GLU D 342 -45.55 -2.72 58.18
C GLU D 342 -44.19 -2.11 58.54
N VAL D 343 -44.10 -1.48 59.69
CA VAL D 343 -42.83 -0.81 60.08
C VAL D 343 -41.76 -1.91 60.15
N SER D 344 -42.08 -3.07 60.72
CA SER D 344 -41.18 -4.24 60.82
C SER D 344 -40.69 -4.68 59.44
N ASP D 345 -41.62 -4.77 58.49
CA ASP D 345 -41.32 -5.20 57.11
C ASP D 345 -40.35 -4.21 56.43
N VAL D 346 -40.56 -2.90 56.54
CA VAL D 346 -39.63 -1.93 55.92
C VAL D 346 -38.26 -2.05 56.59
N PHE D 347 -38.25 -2.03 57.91
CA PHE D 347 -37.01 -2.13 58.72
C PHE D 347 -36.22 -3.37 58.30
N ASN D 348 -36.88 -4.52 58.24
CA ASN D 348 -36.20 -5.82 57.96
C ASN D 348 -35.73 -5.84 56.50
N ALA D 349 -36.41 -5.19 55.56
CA ALA D 349 -35.97 -5.16 54.16
C ALA D 349 -34.62 -4.45 54.11
N VAL D 350 -34.48 -3.38 54.85
CA VAL D 350 -33.20 -2.60 54.93
C VAL D 350 -32.12 -3.51 55.52
N ILE D 351 -32.41 -4.19 56.63
CA ILE D 351 -31.45 -5.06 57.37
C ILE D 351 -31.05 -6.20 56.43
N ASP D 352 -32.00 -6.74 55.67
CA ASP D 352 -31.72 -7.82 54.68
C ASP D 352 -30.70 -7.36 53.62
N GLY D 353 -30.61 -6.06 53.32
CA GLY D 353 -29.66 -5.56 52.30
C GLY D 353 -30.27 -4.83 51.13
N THR D 354 -31.57 -4.54 51.15
CA THR D 354 -32.23 -3.94 49.97
C THR D 354 -31.54 -2.61 49.61
N ASP D 355 -31.36 -2.34 48.33
CA ASP D 355 -30.94 -1.01 47.83
C ASP D 355 -32.08 -0.01 48.01
N ALA D 356 -33.29 -0.47 47.75
CA ALA D 356 -34.48 0.38 47.61
C ALA D 356 -35.74 -0.31 48.15
N THR D 357 -36.63 0.51 48.70
CA THR D 357 -37.97 0.11 49.17
C THR D 357 -39.00 0.84 48.30
N MET D 358 -40.17 0.24 48.13
CA MET D 358 -41.11 0.78 47.13
C MET D 358 -42.48 1.00 47.78
N LEU D 359 -43.14 2.05 47.32
CA LEU D 359 -44.56 2.30 47.62
C LEU D 359 -45.36 2.08 46.34
N SER D 360 -46.52 1.46 46.46
CA SER D 360 -47.41 1.22 45.31
C SER D 360 -48.71 1.99 45.57
N GLY D 361 -49.77 1.35 46.03
CA GLY D 361 -51.04 2.07 46.25
C GLY D 361 -50.92 3.13 47.31
N GLU D 362 -49.94 3.03 48.22
CA GLU D 362 -49.72 4.04 49.28
C GLU D 362 -49.50 5.41 48.65
N SER D 363 -48.77 5.45 47.53
CA SER D 363 -48.42 6.73 46.91
C SER D 363 -49.36 7.00 45.72
N ALA D 364 -49.85 5.98 45.06
CA ALA D 364 -50.59 6.12 43.79
C ALA D 364 -52.10 6.29 44.03
N ASN D 365 -52.63 5.73 45.10
CA ASN D 365 -54.04 5.36 45.23
C ASN D 365 -54.55 5.65 46.63
N GLY D 366 -53.78 6.31 47.47
CA GLY D 366 -54.12 6.47 48.89
C GLY D 366 -54.40 7.89 49.28
N LYS D 367 -54.82 8.04 50.52
CA LYS D 367 -55.14 9.35 51.10
C LYS D 367 -53.89 10.02 51.62
N TYR D 368 -52.77 9.29 51.77
CA TYR D 368 -51.59 9.80 52.53
C TYR D 368 -50.30 9.57 51.73
N PRO D 369 -50.21 10.00 50.46
CA PRO D 369 -49.00 9.73 49.66
C PRO D 369 -47.75 10.40 50.23
N LEU D 370 -47.85 11.64 50.67
CA LEU D 370 -46.67 12.34 51.23
C LEU D 370 -46.23 11.68 52.51
N GLU D 371 -47.20 11.45 53.40
CA GLU D 371 -46.96 10.82 54.71
C GLU D 371 -46.32 9.44 54.50
N SER D 372 -46.76 8.68 53.50
CA SER D 372 -46.22 7.34 53.21
C SER D 372 -44.72 7.47 52.86
N VAL D 373 -44.35 8.44 52.04
CA VAL D 373 -42.91 8.67 51.70
C VAL D 373 -42.14 9.07 52.95
N THR D 374 -42.65 10.02 53.73
CA THR D 374 -42.04 10.48 54.98
C THR D 374 -41.83 9.31 55.94
N THR D 375 -42.84 8.47 56.10
CA THR D 375 -42.82 7.36 57.08
C THR D 375 -41.76 6.35 56.63
N MET D 376 -41.80 5.99 55.37
CA MET D 376 -40.82 5.05 54.81
C MET D 376 -39.41 5.64 54.96
N ALA D 377 -39.22 6.93 54.71
CA ALA D 377 -37.90 7.55 54.83
C ALA D 377 -37.43 7.46 56.28
N THR D 378 -38.30 7.72 57.24
CA THR D 378 -37.96 7.72 58.68
C THR D 378 -37.51 6.30 59.05
N ILE D 379 -38.25 5.30 58.62
CA ILE D 379 -37.90 3.90 58.95
C ILE D 379 -36.57 3.54 58.30
N ASP D 380 -36.45 3.80 57.00
CA ASP D 380 -35.21 3.50 56.22
C ASP D 380 -33.99 4.16 56.90
N LYS D 381 -34.10 5.41 57.31
CA LYS D 381 -32.97 6.13 57.96
C LYS D 381 -32.61 5.47 59.29
N ASN D 382 -33.57 5.08 60.12
CA ASN D 382 -33.26 4.40 61.40
C ASN D 382 -32.60 3.04 61.11
N ALA D 383 -33.15 2.25 60.20
CA ALA D 383 -32.65 0.90 59.89
C ALA D 383 -31.18 0.99 59.41
N GLN D 384 -30.80 2.02 58.65
CA GLN D 384 -29.43 2.03 58.06
C GLN D 384 -28.42 2.12 59.22
N ALA D 385 -28.80 2.70 60.36
CA ALA D 385 -27.93 2.88 61.53
C ALA D 385 -27.66 1.52 62.22
N LEU D 386 -28.45 0.49 61.91
CA LEU D 386 -28.30 -0.82 62.55
C LEU D 386 -27.66 -1.83 61.60
N LEU D 387 -27.22 -1.40 60.42
CA LEU D 387 -26.62 -2.34 59.44
C LEU D 387 -25.28 -2.90 60.00
N ASN D 388 -24.48 -2.11 60.69
CA ASN D 388 -23.25 -2.61 61.35
C ASN D 388 -23.57 -3.80 62.24
N GLU D 389 -24.58 -3.65 63.09
CA GLU D 389 -24.93 -4.64 64.12
C GLU D 389 -25.63 -5.88 63.54
N TYR D 390 -26.59 -5.69 62.65
CA TYR D 390 -27.61 -6.72 62.29
C TYR D 390 -27.55 -7.00 60.78
N GLY D 391 -26.90 -6.15 59.99
CA GLY D 391 -26.94 -6.26 58.53
C GLY D 391 -26.68 -7.67 58.06
N ARG D 392 -27.49 -8.19 57.14
CA ARG D 392 -27.31 -9.56 56.58
C ARG D 392 -26.21 -9.63 55.51
N LEU D 393 -25.95 -8.55 54.78
CA LEU D 393 -24.98 -8.63 53.69
C LEU D 393 -23.58 -8.78 54.31
N ASP D 394 -22.72 -9.53 53.65
CA ASP D 394 -21.30 -9.82 54.09
C ASP D 394 -20.32 -9.42 52.97
N SER D 395 -19.84 -8.18 52.93
CA SER D 395 -18.88 -7.74 51.88
C SER D 395 -17.55 -8.48 52.00
N ASP D 396 -17.22 -9.02 53.16
CA ASP D 396 -15.89 -9.70 53.37
C ASP D 396 -15.82 -10.97 52.54
N SER D 397 -16.96 -11.55 52.14
CA SER D 397 -17.03 -12.82 51.38
C SER D 397 -16.78 -12.60 49.87
N PHE D 398 -16.87 -11.37 49.35
CA PHE D 398 -16.83 -11.11 47.87
C PHE D 398 -15.41 -11.39 47.35
N GLU D 399 -15.30 -11.98 46.16
CA GLU D 399 -14.10 -11.85 45.29
C GLU D 399 -14.08 -10.42 44.77
N ARG D 400 -12.95 -9.73 44.89
CA ARG D 400 -12.70 -8.36 44.34
C ARG D 400 -12.25 -8.69 42.91
N ASN D 401 -13.06 -8.42 41.91
CA ASN D 401 -12.82 -9.04 40.59
C ASN D 401 -12.18 -8.05 39.62
N SER D 402 -11.91 -6.83 40.06
CA SER D 402 -11.34 -5.79 39.21
C SER D 402 -10.62 -4.79 40.09
N LYS D 403 -9.75 -3.98 39.51
CA LYS D 403 -9.02 -2.94 40.29
C LYS D 403 -9.98 -1.89 40.87
N THR D 404 -11.03 -1.51 40.16
CA THR D 404 -12.02 -0.56 40.73
C THR D 404 -12.70 -1.21 41.96
N GLU D 405 -12.98 -2.48 41.89
CA GLU D 405 -13.58 -3.22 43.03
C GLU D 405 -12.59 -3.32 44.22
N VAL D 406 -11.30 -3.44 43.93
CA VAL D 406 -10.24 -3.39 44.98
C VAL D 406 -10.29 -2.01 45.66
N MET D 407 -10.45 -0.94 44.88
CA MET D 407 -10.52 0.41 45.48
C MET D 407 -11.79 0.51 46.34
N ALA D 408 -12.89 -0.06 45.87
CA ALA D 408 -14.17 -0.02 46.61
C ALA D 408 -14.00 -0.74 47.96
N SER D 409 -13.38 -1.91 47.97
CA SER D 409 -13.04 -2.68 49.18
C SER D 409 -12.20 -1.80 50.11
N ALA D 410 -11.19 -1.11 49.59
CA ALA D 410 -10.32 -0.23 50.39
C ALA D 410 -11.11 0.92 51.00
N VAL D 411 -12.05 1.46 50.23
CA VAL D 411 -12.93 2.54 50.70
C VAL D 411 -13.73 2.02 51.91
N LYS D 412 -14.34 0.86 51.76
CA LYS D 412 -15.12 0.24 52.85
C LYS D 412 -14.23 0.06 54.09
N ASP D 413 -13.02 -0.44 53.87
CA ASP D 413 -12.01 -0.58 54.97
C ASP D 413 -11.77 0.75 55.70
N ALA D 414 -11.57 1.85 54.98
CA ALA D 414 -11.34 3.17 55.58
C ALA D 414 -12.55 3.59 56.43
N THR D 415 -13.75 3.38 55.92
CA THR D 415 -14.99 3.75 56.66
C THR D 415 -15.25 2.86 57.86
N SER D 416 -14.65 1.68 57.93
CA SER D 416 -14.68 0.76 59.09
C SER D 416 -13.61 1.16 60.10
N SER D 417 -12.49 1.73 59.63
CA SER D 417 -11.31 2.06 60.47
C SER D 417 -11.52 3.35 61.26
N MET D 418 -12.31 4.30 60.75
CA MET D 418 -12.46 5.63 61.36
C MET D 418 -13.80 6.22 60.89
N ASP D 419 -14.21 7.29 61.54
CA ASP D 419 -15.49 7.99 61.26
C ASP D 419 -15.32 8.80 59.98
N ILE D 420 -15.90 8.30 58.89
CA ILE D 420 -15.88 8.98 57.58
C ILE D 420 -17.30 9.50 57.33
N LYS D 421 -17.42 10.79 57.12
CA LYS D 421 -18.73 11.48 56.96
C LYS D 421 -19.24 11.21 55.56
N LEU D 422 -18.33 11.08 54.60
CA LEU D 422 -18.73 11.01 53.19
C LEU D 422 -17.61 10.38 52.37
N VAL D 423 -18.03 9.59 51.41
CA VAL D 423 -17.16 9.05 50.33
C VAL D 423 -17.51 9.83 49.08
N VAL D 424 -16.53 10.39 48.42
CA VAL D 424 -16.78 11.13 47.15
C VAL D 424 -16.11 10.36 46.03
N THR D 425 -16.84 10.10 44.95
CA THR D 425 -16.28 9.49 43.73
C THR D 425 -16.52 10.42 42.55
N LEU D 426 -15.45 10.69 41.78
CA LEU D 426 -15.57 11.36 40.47
C LEU D 426 -15.69 10.28 39.43
N THR D 427 -16.88 10.11 38.87
CA THR D 427 -17.24 8.88 38.12
C THR D 427 -17.87 9.31 36.78
N LYS D 428 -17.28 8.92 35.67
CA LYS D 428 -17.82 9.24 34.34
C LYS D 428 -19.13 8.48 34.07
N THR D 429 -19.15 7.16 34.32
CA THR D 429 -20.25 6.23 33.96
C THR D 429 -21.01 5.73 35.20
N GLY D 430 -20.54 6.04 36.40
CA GLY D 430 -21.14 5.55 37.67
C GLY D 430 -20.58 4.21 38.12
N HIS D 431 -19.68 3.57 37.35
CA HIS D 431 -19.13 2.23 37.70
C HIS D 431 -18.53 2.30 39.11
N THR D 432 -17.71 3.30 39.42
CA THR D 432 -16.98 3.34 40.71
C THR D 432 -18.04 3.51 41.81
N ALA D 433 -19.07 4.31 41.58
CA ALA D 433 -20.11 4.54 42.60
C ALA D 433 -20.85 3.23 42.84
N ARG D 434 -21.15 2.46 41.81
CA ARG D 434 -21.90 1.19 41.94
C ARG D 434 -21.09 0.21 42.81
N LEU D 435 -19.80 0.13 42.57
CA LEU D 435 -18.93 -0.80 43.33
C LEU D 435 -18.77 -0.35 44.77
N ILE D 436 -18.62 0.94 45.06
CA ILE D 436 -18.56 1.44 46.45
C ILE D 436 -19.90 1.12 47.13
N SER D 437 -21.00 1.37 46.42
CA SER D 437 -22.39 1.09 46.88
C SER D 437 -22.56 -0.39 47.24
N LYS D 438 -22.07 -1.29 46.38
CA LYS D 438 -22.10 -2.76 46.61
C LYS D 438 -21.47 -3.13 47.97
N TYR D 439 -20.39 -2.45 48.36
CA TYR D 439 -19.65 -2.72 49.61
C TYR D 439 -20.38 -2.14 50.84
N ARG D 440 -21.45 -1.34 50.69
CA ARG D 440 -22.21 -0.79 51.83
C ARG D 440 -21.27 -0.14 52.85
N PRO D 441 -20.51 0.90 52.48
CA PRO D 441 -19.64 1.59 53.41
C PRO D 441 -20.48 2.28 54.49
N ASN D 442 -19.83 2.55 55.60
CA ASN D 442 -20.40 3.25 56.77
C ASN D 442 -20.30 4.75 56.48
N ALA D 443 -20.88 5.19 55.36
CA ALA D 443 -20.86 6.61 54.93
C ALA D 443 -21.84 6.82 53.77
N ASP D 444 -22.21 8.07 53.56
CA ASP D 444 -22.93 8.48 52.33
C ASP D 444 -21.93 8.48 51.18
N ILE D 445 -22.40 8.26 49.95
CA ILE D 445 -21.55 8.24 48.73
C ILE D 445 -21.99 9.38 47.81
N LEU D 446 -21.20 10.44 47.71
CA LEU D 446 -21.46 11.51 46.71
C LEU D 446 -20.83 11.08 45.38
N ALA D 447 -21.64 10.87 44.35
CA ALA D 447 -21.17 10.48 43.02
C ALA D 447 -21.17 11.71 42.11
N LEU D 448 -19.99 12.31 41.91
CA LEU D 448 -19.81 13.48 41.00
C LEU D 448 -19.67 12.93 39.59
N THR D 449 -20.67 13.18 38.75
CA THR D 449 -20.74 12.70 37.37
C THR D 449 -21.03 13.89 36.42
N PHE D 450 -20.91 13.66 35.13
CA PHE D 450 -20.71 14.75 34.15
C PHE D 450 -21.86 14.80 33.13
N ASP D 451 -22.85 13.91 33.26
CA ASP D 451 -24.06 13.98 32.40
C ASP D 451 -25.29 13.51 33.20
N GLU D 452 -26.43 14.09 32.86
CA GLU D 452 -27.75 13.84 33.50
C GLU D 452 -28.17 12.38 33.42
N LEU D 453 -27.95 11.66 32.33
CA LEU D 453 -28.37 10.24 32.25
C LEU D 453 -27.64 9.38 33.31
N THR D 454 -26.33 9.56 33.46
CA THR D 454 -25.56 8.82 34.49
C THR D 454 -26.08 9.24 35.87
N GLU D 455 -26.30 10.53 36.07
CA GLU D 455 -26.81 11.10 37.33
C GLU D 455 -28.11 10.37 37.71
N ARG D 456 -29.11 10.39 36.85
CA ARG D 456 -30.43 9.77 37.15
C ARG D 456 -30.29 8.25 37.27
N GLY D 457 -29.41 7.65 36.48
CA GLY D 457 -29.17 6.20 36.50
C GLY D 457 -28.56 5.68 37.80
N LEU D 458 -28.04 6.55 38.66
CA LEU D 458 -27.48 6.13 39.98
C LEU D 458 -28.52 6.32 41.10
N MET D 459 -29.76 6.75 40.81
CA MET D 459 -30.63 7.20 41.91
C MET D 459 -31.22 6.04 42.72
N LEU D 460 -31.13 4.79 42.26
CA LEU D 460 -31.61 3.65 43.07
C LEU D 460 -30.46 2.82 43.67
N ASN D 461 -29.21 3.27 43.53
CA ASN D 461 -28.09 2.58 44.21
C ASN D 461 -28.06 3.01 45.67
N TRP D 462 -27.95 2.03 46.55
CA TRP D 462 -27.80 2.24 48.01
C TRP D 462 -26.74 3.28 48.30
N GLY D 463 -27.11 4.30 49.06
CA GLY D 463 -26.21 5.31 49.64
C GLY D 463 -25.72 6.34 48.62
N VAL D 464 -26.06 6.21 47.35
CA VAL D 464 -25.47 7.12 46.34
C VAL D 464 -26.30 8.41 46.18
N ILE D 465 -25.63 9.53 46.37
CA ILE D 465 -26.08 10.91 46.09
C ILE D 465 -25.42 11.33 44.78
N PRO D 466 -26.14 11.23 43.64
CA PRO D 466 -25.65 11.69 42.34
C PRO D 466 -25.63 13.22 42.33
N MET D 467 -24.61 13.81 41.71
CA MET D 467 -24.52 15.28 41.56
C MET D 467 -23.83 15.57 40.23
N LEU D 468 -24.48 16.39 39.39
CA LEU D 468 -23.92 16.84 38.09
C LEU D 468 -22.81 17.84 38.35
N THR D 469 -21.68 17.67 37.67
CA THR D 469 -20.60 18.68 37.64
C THR D 469 -19.89 18.63 36.28
N ASP D 470 -19.10 19.67 35.99
CA ASP D 470 -18.24 19.72 34.78
C ASP D 470 -17.18 18.63 34.90
N ALA D 471 -16.90 17.96 33.79
CA ALA D 471 -15.80 17.00 33.61
C ALA D 471 -14.51 17.70 34.01
N PRO D 472 -13.75 17.18 34.99
CA PRO D 472 -12.49 17.81 35.34
C PRO D 472 -11.51 17.74 34.16
N SER D 473 -10.74 18.80 33.99
CA SER D 473 -9.58 18.82 33.06
C SER D 473 -8.35 18.21 33.76
N SER D 474 -7.34 17.85 32.98
CA SER D 474 -6.02 17.33 33.44
C SER D 474 -5.34 18.36 34.35
N THR D 475 -5.85 19.60 34.38
CA THR D 475 -5.30 20.75 35.13
C THR D 475 -6.00 20.95 36.49
N ASP D 476 -7.17 20.34 36.66
CA ASP D 476 -8.02 20.54 37.87
C ASP D 476 -7.45 19.66 38.99
N ASP D 477 -7.61 20.12 40.22
CA ASP D 477 -7.38 19.35 41.46
C ASP D 477 -8.74 18.72 41.83
N MET D 478 -8.94 17.45 41.47
CA MET D 478 -10.23 16.76 41.67
C MET D 478 -10.51 16.55 43.15
N PHE D 479 -9.49 16.57 44.01
CA PHE D 479 -9.69 16.48 45.49
C PHE D 479 -10.28 17.79 46.03
N GLU D 480 -9.79 18.95 45.57
CA GLU D 480 -10.36 20.30 45.92
C GLU D 480 -11.83 20.36 45.46
N ILE D 481 -12.08 19.93 44.24
CA ILE D 481 -13.43 19.85 43.61
C ILE D 481 -14.34 19.00 44.50
N ALA D 482 -13.92 17.79 44.86
CA ALA D 482 -14.74 16.89 45.71
C ALA D 482 -15.14 17.63 47.00
N GLU D 483 -14.16 18.24 47.69
CA GLU D 483 -14.44 18.93 48.97
C GLU D 483 -15.43 20.07 48.68
N ARG D 484 -15.21 20.83 47.60
CA ARG D 484 -16.03 22.06 47.35
C ARG D 484 -17.47 21.62 47.07
N LYS D 485 -17.65 20.62 46.21
CA LYS D 485 -19.01 20.13 45.87
C LYS D 485 -19.69 19.55 47.10
N ALA D 486 -18.94 18.88 47.99
CA ALA D 486 -19.51 18.27 49.20
C ALA D 486 -19.97 19.39 50.14
N VAL D 487 -19.17 20.46 50.26
CA VAL D 487 -19.50 21.60 51.16
C VAL D 487 -20.71 22.34 50.56
N GLU D 488 -20.71 22.62 49.24
CA GLU D 488 -21.82 23.27 48.46
C GLU D 488 -23.14 22.51 48.70
N ALA D 489 -23.12 21.20 48.70
CA ALA D 489 -24.31 20.33 48.93
C ALA D 489 -24.71 20.29 50.42
N GLY D 490 -23.96 20.90 51.33
CA GLY D 490 -24.24 20.77 52.78
C GLY D 490 -24.13 19.34 53.31
N LEU D 491 -23.32 18.47 52.70
CA LEU D 491 -23.10 17.08 53.17
C LEU D 491 -21.99 17.02 54.22
N VAL D 492 -21.11 18.01 54.25
CA VAL D 492 -19.98 18.04 55.23
C VAL D 492 -19.76 19.47 55.68
N GLU D 493 -19.01 19.59 56.77
CA GLU D 493 -18.58 20.88 57.35
C GLU D 493 -17.14 20.76 57.84
N SER D 494 -16.49 21.93 58.06
CA SER D 494 -15.14 22.06 58.67
C SER D 494 -14.92 20.97 59.72
N GLY D 495 -13.84 20.21 59.60
CA GLY D 495 -13.46 19.18 60.60
C GLY D 495 -13.87 17.77 60.20
N ASP D 496 -14.83 17.64 59.28
CA ASP D 496 -15.29 16.30 58.80
C ASP D 496 -14.18 15.61 58.01
N ASP D 497 -14.03 14.30 58.21
CA ASP D 497 -13.12 13.45 57.41
C ASP D 497 -13.89 12.84 56.24
N ILE D 498 -13.34 12.93 55.03
CA ILE D 498 -13.93 12.33 53.82
C ILE D 498 -12.88 11.52 53.09
N VAL D 499 -13.40 10.54 52.38
CA VAL D 499 -12.61 9.64 51.51
C VAL D 499 -12.98 10.04 50.10
N ILE D 500 -11.99 10.39 49.30
CA ILE D 500 -12.24 10.78 47.88
C ILE D 500 -11.51 9.80 46.96
N VAL D 501 -12.20 9.31 45.95
CA VAL D 501 -11.55 8.43 44.94
C VAL D 501 -11.73 9.09 43.56
N ALA D 502 -10.80 8.82 42.68
CA ALA D 502 -10.74 9.41 41.32
C ALA D 502 -9.72 8.65 40.47
N GLY D 503 -9.85 8.76 39.14
CA GLY D 503 -8.82 8.34 38.16
C GLY D 503 -7.83 9.46 37.97
N VAL D 504 -6.64 9.35 38.56
CA VAL D 504 -5.60 10.42 38.55
C VAL D 504 -4.40 9.99 37.69
N PRO D 505 -3.90 10.87 36.79
CA PRO D 505 -4.57 12.10 36.37
C PRO D 505 -5.52 11.87 35.20
N VAL D 506 -6.43 12.82 34.96
CA VAL D 506 -7.43 12.77 33.85
C VAL D 506 -6.64 12.74 32.53
N GLY D 507 -6.94 11.79 31.63
CA GLY D 507 -6.23 11.61 30.34
C GLY D 507 -5.09 10.60 30.38
N GLU D 508 -4.59 10.19 31.56
CA GLU D 508 -3.65 9.07 31.75
C GLU D 508 -4.39 7.91 32.47
N ALA D 509 -5.02 8.19 33.61
CA ALA D 509 -5.75 7.15 34.38
C ALA D 509 -6.73 6.46 33.44
N VAL D 510 -6.84 5.14 33.52
CA VAL D 510 -7.85 4.37 32.74
C VAL D 510 -8.97 3.90 33.66
N ARG D 511 -8.90 4.21 34.95
CA ARG D 511 -9.91 3.78 35.95
C ARG D 511 -9.67 4.58 37.21
N THR D 512 -10.62 4.53 38.13
CA THR D 512 -10.36 4.99 39.50
C THR D 512 -9.10 4.26 40.02
N ASN D 513 -8.13 5.01 40.50
CA ASN D 513 -6.82 4.42 40.90
C ASN D 513 -6.28 5.04 42.18
N THR D 514 -6.98 6.01 42.76
CA THR D 514 -6.48 6.87 43.85
C THR D 514 -7.57 6.96 44.92
N MET D 515 -7.16 6.83 46.17
CA MET D 515 -7.97 7.12 47.38
C MET D 515 -7.22 8.14 48.21
N ARG D 516 -7.90 9.20 48.61
CA ARG D 516 -7.38 10.27 49.48
C ARG D 516 -8.25 10.34 50.73
N ILE D 517 -7.63 10.48 51.88
CA ILE D 517 -8.34 10.78 53.15
C ILE D 517 -8.10 12.25 53.44
N ARG D 518 -9.18 13.04 53.48
CA ARG D 518 -9.08 14.51 53.52
C ARG D 518 -9.93 15.06 54.64
N THR D 519 -9.39 16.02 55.38
CA THR D 519 -10.18 16.77 56.37
C THR D 519 -10.69 18.05 55.73
N VAL D 520 -12.01 18.25 55.75
CA VAL D 520 -12.67 19.47 55.25
C VAL D 520 -12.17 20.70 56.02
N ARG D 521 -11.75 21.75 55.32
CA ARG D 521 -11.18 23.00 55.92
C ARG D 521 -12.29 23.77 56.66
N MET E 21 49.14 1.95 33.80
CA MET E 21 49.33 3.13 32.88
C MET E 21 47.98 3.56 32.30
N ASN E 22 47.61 4.83 32.41
CA ASN E 22 46.30 5.33 31.89
C ASN E 22 46.49 5.95 30.50
N LYS E 23 45.48 5.80 29.66
CA LYS E 23 45.52 6.28 28.26
C LYS E 23 45.15 7.76 28.28
N ARG E 24 46.08 8.66 28.07
CA ARG E 24 45.78 10.10 28.12
C ARG E 24 45.09 10.58 26.84
N VAL E 25 45.45 10.01 25.69
CA VAL E 25 44.81 10.41 24.41
C VAL E 25 43.44 9.74 24.37
N LYS E 26 42.42 10.50 24.11
CA LYS E 26 41.04 10.02 24.18
C LYS E 26 40.71 9.34 22.85
N ILE E 27 39.83 8.36 22.92
CA ILE E 27 39.28 7.64 21.73
C ILE E 27 37.80 8.01 21.55
N VAL E 28 37.50 8.54 20.37
CA VAL E 28 36.12 8.65 19.80
C VAL E 28 35.86 7.40 18.95
N ALA E 29 34.83 6.65 19.32
CA ALA E 29 34.44 5.46 18.54
C ALA E 29 33.08 5.72 17.89
N THR E 30 33.02 5.60 16.58
CA THR E 30 31.73 5.69 15.80
C THR E 30 30.97 4.37 15.96
N LEU E 31 29.71 4.45 16.32
CA LEU E 31 28.86 3.24 16.49
C LEU E 31 28.04 3.05 15.21
N GLY E 32 27.70 1.81 14.95
CA GLY E 32 26.92 1.41 13.78
C GLY E 32 26.55 -0.04 13.99
N PRO E 33 26.21 -0.78 12.92
CA PRO E 33 25.72 -2.14 13.07
C PRO E 33 26.81 -3.16 13.46
N ALA E 34 28.10 -2.82 13.34
CA ALA E 34 29.19 -3.78 13.60
C ALA E 34 29.07 -4.34 15.02
N VAL E 35 28.67 -3.51 15.97
CA VAL E 35 28.52 -3.92 17.40
C VAL E 35 27.09 -4.39 17.67
N GLU E 36 26.14 -4.21 16.74
CA GLU E 36 24.69 -4.48 16.99
C GLU E 36 24.33 -5.93 16.65
N ILE E 37 23.69 -6.58 17.61
CA ILE E 37 23.12 -7.95 17.48
C ILE E 37 21.66 -7.76 17.09
N ARG E 38 21.17 -8.54 16.13
CA ARG E 38 19.76 -8.46 15.67
C ARG E 38 19.26 -9.90 15.58
N GLY E 39 18.31 -10.25 16.44
CA GLY E 39 17.75 -11.61 16.49
C GLY E 39 18.85 -12.60 16.65
N GLY E 40 19.84 -12.30 17.50
CA GLY E 40 20.97 -13.17 17.84
C GLY E 40 21.96 -13.27 16.71
N LYS E 41 21.81 -12.49 15.65
CA LYS E 41 22.73 -12.52 14.49
C LYS E 41 23.71 -11.35 14.60
N LYS E 42 24.94 -11.57 14.12
CA LYS E 42 26.06 -10.61 14.07
C LYS E 42 26.01 -9.97 12.70
N PHE E 43 26.50 -8.73 12.60
CA PHE E 43 26.61 -7.97 11.34
C PHE E 43 27.34 -8.85 10.33
N GLY E 44 26.84 -8.92 9.10
CA GLY E 44 27.39 -9.78 8.05
C GLY E 44 26.74 -11.16 7.99
N GLU E 45 25.99 -11.56 9.00
CA GLU E 45 25.33 -12.90 9.02
C GLU E 45 24.11 -12.83 8.09
N ASP E 46 23.81 -13.96 7.43
CA ASP E 46 22.60 -14.15 6.58
C ASP E 46 21.36 -13.81 7.42
N GLY E 47 20.46 -13.00 6.86
CA GLY E 47 19.18 -12.66 7.51
C GLY E 47 19.32 -11.70 8.70
N TYR E 48 20.50 -11.08 8.87
CA TYR E 48 20.77 -10.04 9.91
C TYR E 48 19.74 -8.92 9.82
N TRP E 49 19.58 -8.38 8.62
CA TRP E 49 18.71 -7.22 8.30
C TRP E 49 17.20 -7.59 8.31
N GLY E 50 16.86 -8.87 8.39
CA GLY E 50 15.46 -9.32 8.54
C GLY E 50 15.07 -9.35 9.99
N GLU E 51 16.03 -9.15 10.88
CA GLU E 51 15.79 -9.19 12.34
C GLU E 51 15.72 -7.77 12.87
N LYS E 52 15.27 -7.67 14.12
CA LYS E 52 15.05 -6.50 15.02
C LYS E 52 16.33 -6.31 15.87
N LEU E 53 16.68 -5.09 16.26
CA LEU E 53 17.82 -4.84 17.20
C LEU E 53 17.59 -5.60 18.52
N ASP E 54 18.56 -6.39 18.99
CA ASP E 54 18.63 -6.92 20.38
C ASP E 54 19.42 -5.96 21.28
N VAL E 55 18.71 -5.30 22.19
CA VAL E 55 19.20 -4.09 22.89
C VAL E 55 20.24 -4.53 23.91
N GLU E 56 19.94 -5.51 24.75
CA GLU E 56 20.82 -5.97 25.85
C GLU E 56 22.11 -6.57 25.27
N ALA E 57 22.01 -7.49 24.31
CA ALA E 57 23.17 -8.15 23.69
C ALA E 57 24.08 -7.10 23.03
N SER E 58 23.48 -6.08 22.43
CA SER E 58 24.15 -4.95 21.73
C SER E 58 24.86 -4.08 22.79
N ALA E 59 24.15 -3.76 23.87
CA ALA E 59 24.66 -2.97 25.01
C ALA E 59 25.85 -3.69 25.65
N LYS E 60 25.86 -5.02 25.73
CA LYS E 60 27.03 -5.81 26.19
C LYS E 60 28.25 -5.65 25.28
N ASN E 61 28.07 -5.70 23.96
CA ASN E 61 29.16 -5.46 22.99
C ASN E 61 29.71 -4.04 23.23
N ILE E 62 28.84 -3.06 23.27
CA ILE E 62 29.23 -1.64 23.44
C ILE E 62 30.02 -1.47 24.76
N ALA E 63 29.63 -2.15 25.84
CA ALA E 63 30.28 -2.02 27.16
C ALA E 63 31.74 -2.48 27.06
N LYS E 64 32.00 -3.48 26.23
CA LYS E 64 33.36 -4.00 25.97
C LYS E 64 34.22 -2.90 25.32
N LEU E 65 33.64 -2.04 24.48
CA LEU E 65 34.40 -0.94 23.84
C LEU E 65 34.69 0.13 24.90
N ILE E 66 33.75 0.38 25.79
CA ILE E 66 33.97 1.34 26.91
C ILE E 66 35.16 0.85 27.75
N GLU E 67 35.16 -0.43 28.12
CA GLU E 67 36.23 -1.04 28.94
C GLU E 67 37.54 -1.00 28.17
N ALA E 68 37.54 -1.11 26.84
CA ALA E 68 38.81 -1.14 26.08
C ALA E 68 39.39 0.28 25.91
N GLY E 69 38.63 1.30 26.25
CA GLY E 69 39.10 2.70 26.25
C GLY E 69 38.34 3.63 25.32
N ALA E 70 37.17 3.28 24.74
CA ALA E 70 36.35 4.31 24.06
C ALA E 70 35.92 5.34 25.11
N ASN E 71 36.19 6.63 24.90
CA ASN E 71 35.86 7.71 25.87
C ASN E 71 34.61 8.49 25.44
N THR E 72 34.22 8.38 24.16
CA THR E 72 33.06 9.07 23.56
C THR E 72 32.61 8.28 22.34
N PHE E 73 31.30 8.09 22.21
CA PHE E 73 30.69 7.46 21.03
C PHE E 73 30.14 8.54 20.13
N ARG E 74 30.36 8.37 18.83
CA ARG E 74 29.93 9.27 17.74
C ARG E 74 28.70 8.65 17.04
N PHE E 75 27.64 9.44 16.91
CA PHE E 75 26.37 9.08 16.23
C PHE E 75 26.32 9.95 14.97
N ASN E 76 26.60 9.33 13.82
CA ASN E 76 26.71 10.01 12.52
C ASN E 76 25.29 10.08 11.91
N PHE E 77 24.69 11.26 11.94
CA PHE E 77 23.30 11.47 11.46
C PHE E 77 23.23 11.46 9.92
N SER E 78 24.36 11.28 9.21
CA SER E 78 24.38 11.03 7.76
C SER E 78 23.82 9.63 7.46
N HIS E 79 23.83 8.72 8.44
CA HIS E 79 23.36 7.32 8.34
C HIS E 79 22.07 7.10 9.15
N GLY E 80 21.20 6.24 8.64
CA GLY E 80 19.94 5.86 9.33
C GLY E 80 18.98 7.03 9.41
N ASP E 81 18.10 6.98 10.40
CA ASP E 81 17.02 7.96 10.64
C ASP E 81 17.01 8.26 12.15
N HIS E 82 16.13 9.13 12.59
CA HIS E 82 16.02 9.51 14.01
C HIS E 82 15.84 8.27 14.88
N GLN E 83 15.03 7.33 14.43
CA GLN E 83 14.70 6.17 15.27
C GLN E 83 15.95 5.30 15.45
N GLU E 84 16.70 4.99 14.41
CA GLU E 84 17.96 4.20 14.55
C GLU E 84 18.89 4.96 15.53
N GLN E 85 19.04 6.26 15.38
CA GLN E 85 20.01 7.09 16.17
C GLN E 85 19.54 7.09 17.64
N GLY E 86 18.27 7.37 17.88
CA GLY E 86 17.67 7.40 19.23
C GLY E 86 17.81 6.08 19.95
N GLU E 87 17.55 4.96 19.26
CA GLU E 87 17.70 3.60 19.86
C GLU E 87 19.17 3.35 20.21
N ARG E 88 20.08 3.76 19.34
CA ARG E 88 21.52 3.47 19.55
C ARG E 88 22.00 4.28 20.76
N MET E 89 21.53 5.50 20.92
CA MET E 89 21.85 6.32 22.10
C MET E 89 21.34 5.60 23.35
N ALA E 90 20.14 4.98 23.27
CA ALA E 90 19.56 4.25 24.42
C ALA E 90 20.41 3.02 24.71
N THR E 91 20.87 2.30 23.67
CA THR E 91 21.75 1.12 23.88
C THR E 91 23.04 1.53 24.60
N VAL E 92 23.61 2.68 24.23
CA VAL E 92 24.84 3.18 24.90
C VAL E 92 24.53 3.51 26.36
N LYS E 93 23.37 4.11 26.65
CA LYS E 93 23.03 4.48 28.05
C LYS E 93 23.02 3.21 28.91
N LEU E 94 22.55 2.12 28.35
CA LEU E 94 22.52 0.81 29.05
C LEU E 94 23.95 0.25 29.15
N ALA E 95 24.76 0.41 28.11
CA ALA E 95 26.16 -0.10 28.14
C ALA E 95 26.96 0.61 29.23
N GLU E 96 26.68 1.87 29.49
CA GLU E 96 27.38 2.64 30.55
C GLU E 96 27.11 1.95 31.89
N LYS E 97 25.87 1.52 32.10
CA LYS E 97 25.48 0.84 33.36
C LYS E 97 26.16 -0.53 33.43
N ILE E 98 26.21 -1.24 32.32
CA ILE E 98 26.90 -2.55 32.29
C ILE E 98 28.40 -2.37 32.60
N ALA E 99 29.05 -1.38 32.00
CA ALA E 99 30.51 -1.18 32.10
C ALA E 99 30.86 -0.59 33.47
N GLY E 100 29.92 0.08 34.12
CA GLY E 100 30.15 0.92 35.30
C GLY E 100 31.05 2.09 34.98
N LYS E 101 31.08 2.54 33.72
CA LYS E 101 31.84 3.76 33.30
C LYS E 101 30.95 4.62 32.39
N LYS E 102 31.03 5.92 32.54
CA LYS E 102 30.34 6.86 31.64
C LYS E 102 31.20 7.20 30.41
N VAL E 103 30.54 7.64 29.35
CA VAL E 103 31.23 8.03 28.09
C VAL E 103 30.55 9.29 27.58
N GLY E 104 31.24 10.00 26.71
CA GLY E 104 30.64 11.17 26.07
C GLY E 104 29.69 10.74 24.95
N PHE E 105 28.72 11.59 24.63
CA PHE E 105 27.80 11.39 23.49
C PHE E 105 28.04 12.49 22.48
N LEU E 106 28.46 12.12 21.27
CA LEU E 106 28.78 13.15 20.23
C LEU E 106 27.88 12.91 19.01
N LEU E 107 27.12 13.92 18.61
CA LEU E 107 26.30 13.87 17.37
C LEU E 107 27.09 14.49 16.23
N ASP E 108 27.23 13.76 15.13
CA ASP E 108 27.93 14.27 13.92
C ASP E 108 26.86 14.66 12.86
N THR E 109 26.78 15.94 12.53
CA THR E 109 25.71 16.53 11.64
C THR E 109 25.94 16.11 10.20
N LYS E 110 24.88 16.21 9.39
CA LYS E 110 25.01 16.08 7.90
C LYS E 110 25.83 17.25 7.35
N GLY E 111 25.42 18.47 7.64
CA GLY E 111 26.00 19.71 7.11
C GLY E 111 25.78 19.87 5.60
N PRO E 112 26.46 20.86 4.98
CA PRO E 112 26.30 21.18 3.55
C PRO E 112 26.98 20.12 2.67
N GLU E 113 26.39 18.94 2.65
CA GLU E 113 26.98 17.73 2.05
C GLU E 113 26.03 17.14 0.99
N ILE E 114 26.58 16.25 0.20
CA ILE E 114 25.88 15.38 -0.77
C ILE E 114 26.09 13.96 -0.33
N ARG E 115 25.02 13.17 -0.31
CA ARG E 115 25.01 11.75 0.07
C ARG E 115 24.28 10.98 -1.03
N THR E 116 24.68 9.74 -1.27
CA THR E 116 23.92 8.82 -2.14
C THR E 116 22.60 8.55 -1.43
N GLU E 117 21.55 8.33 -2.21
CA GLU E 117 20.22 7.98 -1.68
C GLU E 117 20.16 6.51 -1.27
N LEU E 118 19.08 6.15 -0.54
CA LEU E 118 18.65 4.76 -0.39
C LEU E 118 18.42 4.20 -1.79
N PHE E 119 18.49 2.89 -1.93
CA PHE E 119 18.26 2.15 -3.17
C PHE E 119 16.83 1.59 -3.18
N GLU E 120 16.25 1.48 -4.37
CA GLU E 120 14.95 0.78 -4.57
C GLU E 120 15.08 -0.65 -4.02
N GLY E 121 14.09 -1.13 -3.26
CA GLY E 121 14.07 -2.52 -2.77
C GLY E 121 14.97 -2.72 -1.57
N GLU E 122 15.45 -1.64 -0.97
CA GLU E 122 16.55 -1.56 0.05
C GLU E 122 17.67 -2.61 -0.16
N ALA E 123 18.12 -2.82 -1.41
CA ALA E 123 19.52 -3.16 -1.69
C ALA E 123 20.35 -2.15 -0.87
N LYS E 124 21.46 -2.60 -0.33
CA LYS E 124 22.33 -1.72 0.51
C LYS E 124 23.42 -1.12 -0.38
N GLU E 125 23.84 -1.85 -1.41
CA GLU E 125 24.96 -1.42 -2.26
C GLU E 125 24.98 -2.25 -3.53
N TYR E 126 25.77 -1.79 -4.48
CA TYR E 126 26.12 -2.52 -5.72
C TYR E 126 27.62 -2.31 -5.94
N SER E 127 28.28 -3.28 -6.57
CA SER E 127 29.70 -3.26 -7.03
C SER E 127 29.78 -2.94 -8.52
N TYR E 128 30.73 -2.09 -8.91
CA TYR E 128 30.93 -1.63 -10.30
C TYR E 128 32.37 -1.88 -10.73
N LYS E 129 32.54 -2.04 -12.05
CA LYS E 129 33.82 -2.33 -12.74
C LYS E 129 34.19 -1.10 -13.56
N THR E 130 35.49 -0.84 -13.65
CA THR E 130 36.07 0.23 -14.49
C THR E 130 35.42 0.15 -15.87
N GLY E 131 34.97 1.28 -16.40
CA GLY E 131 34.46 1.38 -17.78
C GLY E 131 32.96 1.31 -17.82
N GLU E 132 32.27 0.84 -16.78
CA GLU E 132 30.78 0.84 -16.78
C GLU E 132 30.29 2.26 -17.00
N LYS E 133 29.18 2.38 -17.72
CA LYS E 133 28.48 3.66 -17.97
C LYS E 133 27.19 3.63 -17.15
N ILE E 134 27.03 4.57 -16.23
CA ILE E 134 25.81 4.66 -15.40
C ILE E 134 25.38 6.12 -15.39
N ARG E 135 24.37 6.44 -14.59
CA ARG E 135 23.88 7.83 -14.50
C ARG E 135 23.81 8.23 -13.04
N VAL E 136 23.95 9.53 -12.82
CA VAL E 136 23.72 10.16 -11.51
C VAL E 136 22.54 11.11 -11.71
N ALA E 137 21.45 10.91 -10.98
CA ALA E 137 20.25 11.79 -10.98
C ALA E 137 20.50 12.98 -10.09
N THR E 138 19.93 14.14 -10.46
CA THR E 138 19.94 15.37 -9.64
C THR E 138 18.56 15.57 -9.00
N LYS E 139 17.53 14.88 -9.47
CA LYS E 139 16.17 15.10 -8.93
C LYS E 139 16.19 14.65 -7.48
N GLN E 140 15.67 15.49 -6.59
CA GLN E 140 15.66 15.25 -5.12
C GLN E 140 14.41 14.44 -4.75
N GLY E 141 14.53 13.60 -3.72
CA GLY E 141 13.42 12.86 -3.12
C GLY E 141 13.16 11.52 -3.78
N ILE E 142 14.07 11.01 -4.62
CA ILE E 142 13.91 9.65 -5.24
C ILE E 142 15.01 8.72 -4.69
N LYS E 143 14.82 7.43 -4.89
CA LYS E 143 15.78 6.35 -4.60
C LYS E 143 16.67 6.09 -5.82
N SER E 144 17.85 5.53 -5.52
CA SER E 144 18.83 5.05 -6.51
C SER E 144 18.38 3.70 -7.02
N THR E 145 18.85 3.36 -8.20
CA THR E 145 18.95 1.98 -8.70
C THR E 145 20.43 1.74 -8.99
N ARG E 146 20.77 0.51 -9.36
CA ARG E 146 22.16 0.18 -9.70
C ARG E 146 22.64 1.12 -10.83
N GLU E 147 21.79 1.45 -11.80
CA GLU E 147 22.21 2.15 -13.06
C GLU E 147 22.03 3.64 -12.94
N VAL E 148 21.22 4.07 -11.97
CA VAL E 148 20.92 5.52 -11.78
C VAL E 148 21.04 5.83 -10.29
N ILE E 149 22.20 6.34 -9.89
CA ILE E 149 22.45 6.76 -8.49
C ILE E 149 21.77 8.11 -8.25
N ALA E 150 20.95 8.19 -7.22
CA ALA E 150 20.27 9.41 -6.79
C ALA E 150 21.03 10.05 -5.63
N LEU E 151 20.98 11.37 -5.56
CA LEU E 151 21.73 12.17 -4.58
C LEU E 151 20.76 12.78 -3.59
N ASN E 152 21.17 12.76 -2.33
CA ASN E 152 20.59 13.60 -1.28
C ASN E 152 21.50 14.82 -1.11
N VAL E 153 21.06 15.96 -1.57
CA VAL E 153 21.81 17.25 -1.51
C VAL E 153 21.25 18.10 -0.37
N ALA E 154 22.10 18.52 0.56
CA ALA E 154 21.68 19.37 1.68
C ALA E 154 20.85 20.55 1.14
N GLY E 155 19.67 20.78 1.73
CA GLY E 155 18.73 21.85 1.34
C GLY E 155 17.94 21.48 0.08
N ALA E 156 17.99 20.22 -0.33
CA ALA E 156 17.25 19.67 -1.49
C ALA E 156 17.55 20.51 -2.73
N LEU E 157 18.80 20.98 -2.86
CA LEU E 157 19.32 21.74 -4.02
C LEU E 157 19.34 20.86 -5.26
N ASP E 158 18.93 21.43 -6.39
CA ASP E 158 19.19 20.93 -7.77
C ASP E 158 20.60 21.35 -8.19
N ILE E 159 21.52 20.43 -8.41
CA ILE E 159 22.95 20.76 -8.69
C ILE E 159 23.25 20.54 -10.17
N TYR E 160 22.23 20.23 -11.00
CA TYR E 160 22.45 19.88 -12.43
C TYR E 160 23.29 20.97 -13.10
N ASP E 161 22.91 22.24 -12.93
CA ASP E 161 23.54 23.39 -13.63
C ASP E 161 24.89 23.77 -12.96
N ASP E 162 25.32 23.07 -11.90
CA ASP E 162 26.54 23.45 -11.11
C ASP E 162 27.72 22.55 -11.53
N VAL E 163 27.43 21.51 -12.30
CA VAL E 163 28.39 20.41 -12.56
C VAL E 163 28.59 20.34 -14.08
N GLU E 164 29.79 20.64 -14.55
CA GLU E 164 30.13 20.59 -15.99
C GLU E 164 30.50 19.17 -16.39
N VAL E 165 30.38 18.84 -17.66
CA VAL E 165 31.05 17.65 -18.25
C VAL E 165 32.54 17.77 -17.91
N GLY E 166 33.21 16.66 -17.59
CA GLY E 166 34.63 16.66 -17.20
C GLY E 166 34.82 16.65 -15.70
N ARG E 167 33.81 17.03 -14.91
CA ARG E 167 33.93 16.93 -13.44
C ARG E 167 33.92 15.47 -13.04
N GLN E 168 34.48 15.23 -11.86
CA GLN E 168 34.62 13.90 -11.24
C GLN E 168 33.67 13.89 -10.05
N VAL E 169 32.85 12.86 -9.95
CA VAL E 169 31.95 12.62 -8.80
C VAL E 169 32.62 11.50 -8.03
N LEU E 170 33.02 11.78 -6.79
CA LEU E 170 33.67 10.77 -5.91
C LEU E 170 32.67 10.31 -4.87
N VAL E 171 32.67 9.01 -4.61
CA VAL E 171 31.77 8.35 -3.64
C VAL E 171 32.62 7.70 -2.55
N ASP E 172 32.24 7.95 -1.30
CA ASP E 172 32.78 7.34 -0.07
C ASP E 172 34.24 7.74 0.13
N ASP E 173 34.52 9.00 0.50
CA ASP E 173 35.90 9.48 0.82
C ASP E 173 36.77 9.25 -0.41
N GLY E 174 36.19 9.36 -1.61
CA GLY E 174 36.92 9.22 -2.89
C GLY E 174 37.32 7.80 -3.25
N LYS E 175 36.77 6.76 -2.63
CA LYS E 175 37.15 5.36 -2.98
C LYS E 175 36.73 4.99 -4.41
N LEU E 176 35.60 5.54 -4.86
CA LEU E 176 35.09 5.31 -6.24
C LEU E 176 34.94 6.65 -6.97
N GLY E 177 35.51 6.72 -8.17
CA GLY E 177 35.41 7.89 -9.03
C GLY E 177 34.49 7.63 -10.21
N LEU E 178 33.68 8.65 -10.55
CA LEU E 178 32.74 8.69 -11.71
C LEU E 178 33.10 9.94 -12.52
N ARG E 179 33.41 9.79 -13.79
CA ARG E 179 33.71 10.95 -14.67
C ARG E 179 32.41 11.36 -15.36
N VAL E 180 32.01 12.61 -15.29
CA VAL E 180 30.83 13.08 -16.07
C VAL E 180 31.29 13.22 -17.52
N VAL E 181 30.71 12.44 -18.42
CA VAL E 181 31.07 12.45 -19.87
C VAL E 181 30.00 13.20 -20.66
N ALA E 182 28.79 13.29 -20.12
CA ALA E 182 27.66 13.92 -20.81
C ALA E 182 26.58 14.27 -19.79
N LYS E 183 25.72 15.22 -20.15
CA LYS E 183 24.56 15.71 -19.37
C LYS E 183 23.30 15.48 -20.23
N ASP E 184 22.32 14.82 -19.67
CA ASP E 184 21.00 14.53 -20.27
C ASP E 184 20.00 15.53 -19.72
N ASP E 185 19.75 16.62 -20.45
CA ASP E 185 18.83 17.71 -20.05
C ASP E 185 17.39 17.20 -19.84
N ALA E 186 16.96 16.14 -20.52
CA ALA E 186 15.58 15.62 -20.45
C ALA E 186 15.33 15.05 -19.06
N THR E 187 16.31 14.37 -18.45
CA THR E 187 16.15 13.71 -17.13
C THR E 187 16.94 14.44 -16.02
N ARG E 188 17.73 15.44 -16.38
CA ARG E 188 18.70 16.16 -15.47
C ARG E 188 19.57 15.11 -14.80
N GLU E 189 20.12 14.25 -15.63
CA GLU E 189 21.04 13.18 -15.20
C GLU E 189 22.42 13.44 -15.79
N PHE E 190 23.46 13.17 -14.99
CA PHE E 190 24.86 13.07 -15.43
C PHE E 190 25.06 11.66 -15.96
N GLU E 191 25.57 11.56 -17.19
CA GLU E 191 26.08 10.29 -17.75
C GLU E 191 27.53 10.22 -17.30
N VAL E 192 27.87 9.17 -16.57
CA VAL E 192 29.21 9.03 -15.95
C VAL E 192 29.80 7.70 -16.37
N GLU E 193 31.11 7.65 -16.31
CA GLU E 193 31.87 6.42 -16.51
C GLU E 193 32.56 6.10 -15.18
N VAL E 194 32.46 4.84 -14.79
CA VAL E 194 33.12 4.32 -13.56
C VAL E 194 34.63 4.29 -13.83
N GLU E 195 35.41 5.05 -13.05
CA GLU E 195 36.87 5.23 -13.29
C GLU E 195 37.65 4.07 -12.69
N ASN E 196 37.13 3.39 -11.67
CA ASN E 196 37.87 2.34 -10.93
C ASN E 196 36.83 1.38 -10.34
N ASP E 197 37.20 0.14 -10.10
CA ASP E 197 36.36 -0.88 -9.43
C ASP E 197 36.02 -0.39 -8.02
N GLY E 198 34.77 -0.58 -7.61
CA GLY E 198 34.35 -0.20 -6.26
C GLY E 198 32.86 -0.32 -6.06
N ILE E 199 32.42 0.15 -4.91
CA ILE E 199 31.04 -0.02 -4.40
C ILE E 199 30.40 1.35 -4.31
N ILE E 200 29.13 1.44 -4.64
CA ILE E 200 28.27 2.59 -4.25
C ILE E 200 27.27 2.01 -3.26
N ALA E 201 27.37 2.40 -2.00
CA ALA E 201 26.40 2.02 -0.96
C ALA E 201 25.51 3.23 -0.67
N LYS E 202 24.43 2.98 0.05
CA LYS E 202 23.44 4.01 0.45
C LYS E 202 24.11 4.95 1.46
N GLN E 203 23.71 6.23 1.42
CA GLN E 203 24.02 7.26 2.43
C GLN E 203 25.55 7.42 2.53
N LYS E 204 26.26 7.27 1.40
CA LYS E 204 27.73 7.52 1.31
C LYS E 204 28.01 8.95 0.89
N GLY E 205 29.11 9.54 1.39
CA GLY E 205 29.47 10.93 1.05
C GLY E 205 29.86 11.05 -0.42
N VAL E 206 29.44 12.12 -1.05
CA VAL E 206 29.72 12.40 -2.47
C VAL E 206 30.46 13.72 -2.54
N ASN E 207 31.60 13.72 -3.20
CA ASN E 207 32.39 14.95 -3.40
C ASN E 207 32.42 15.22 -4.88
N ILE E 208 32.30 16.48 -5.26
CA ILE E 208 32.46 16.89 -6.67
C ILE E 208 33.46 18.03 -6.68
N PRO E 209 34.77 17.68 -6.65
CA PRO E 209 35.80 18.71 -6.52
C PRO E 209 35.64 19.82 -7.55
N ASN E 210 35.94 21.07 -7.16
CA ASN E 210 36.02 22.23 -8.08
C ASN E 210 34.65 22.67 -8.58
N THR E 211 33.61 22.48 -7.79
CA THR E 211 32.24 23.00 -8.02
C THR E 211 31.89 23.91 -6.85
N LYS E 212 30.89 24.76 -7.01
CA LYS E 212 30.52 25.81 -6.02
C LYS E 212 29.02 25.66 -5.77
N ILE E 213 28.60 24.53 -5.21
CA ILE E 213 27.16 24.36 -4.90
C ILE E 213 26.80 25.33 -3.76
N PRO E 214 25.77 26.19 -3.96
CA PRO E 214 25.39 27.18 -2.96
C PRO E 214 24.51 26.61 -1.83
N PHE E 215 25.09 25.80 -0.96
CA PHE E 215 24.37 25.20 0.20
C PHE E 215 23.89 26.29 1.16
N PRO E 216 22.74 26.11 1.81
CA PRO E 216 22.21 27.13 2.71
C PRO E 216 22.97 27.26 4.04
N ALA E 217 22.66 28.32 4.79
CA ALA E 217 23.29 28.68 6.09
C ALA E 217 23.15 27.52 7.11
N LEU E 218 21.96 26.96 7.26
CA LEU E 218 21.71 25.76 8.09
C LEU E 218 20.53 25.02 7.48
N ALA E 219 20.77 23.83 6.97
CA ALA E 219 19.73 23.02 6.30
C ALA E 219 18.66 22.67 7.32
N GLU E 220 17.42 22.50 6.87
CA GLU E 220 16.25 22.17 7.74
C GLU E 220 16.55 20.84 8.44
N ARG E 221 17.04 19.85 7.70
CA ARG E 221 17.37 18.50 8.19
C ARG E 221 18.36 18.61 9.35
N ASP E 222 19.37 19.49 9.25
CA ASP E 222 20.41 19.68 10.32
C ASP E 222 19.75 20.29 11.56
N ASN E 223 18.97 21.35 11.39
CA ASN E 223 18.16 21.92 12.49
C ASN E 223 17.41 20.80 13.19
N ASP E 224 16.77 19.89 12.43
CA ASP E 224 15.89 18.84 13.01
C ASP E 224 16.75 17.79 13.70
N ASP E 225 17.83 17.34 13.05
CA ASP E 225 18.82 16.41 13.64
C ASP E 225 19.38 16.97 14.96
N ILE E 226 19.83 18.22 14.98
CA ILE E 226 20.49 18.82 16.18
C ILE E 226 19.44 18.88 17.29
N ARG E 227 18.24 19.38 16.99
CA ARG E 227 17.13 19.44 17.98
C ARG E 227 16.78 18.05 18.49
N PHE E 228 16.75 17.03 17.64
CA PHE E 228 16.47 15.65 18.08
C PHE E 228 17.59 15.17 19.02
N GLY E 229 18.84 15.36 18.62
CA GLY E 229 19.97 14.89 19.44
C GLY E 229 19.96 15.58 20.80
N LEU E 230 19.73 16.88 20.83
CA LEU E 230 19.69 17.66 22.09
C LEU E 230 18.57 17.13 22.99
N GLU E 231 17.47 16.65 22.42
CA GLU E 231 16.34 16.08 23.19
C GLU E 231 16.79 14.76 23.81
N GLN E 232 17.54 13.91 23.10
CA GLN E 232 17.96 12.59 23.62
C GLN E 232 18.93 12.74 24.80
N GLY E 233 19.79 13.76 24.76
CA GLY E 233 20.89 14.00 25.73
C GLY E 233 22.23 13.74 25.07
N ILE E 234 22.92 14.78 24.64
CA ILE E 234 24.30 14.69 24.06
C ILE E 234 25.21 15.71 24.75
N ASN E 235 26.53 15.52 24.61
CA ASN E 235 27.60 16.33 25.23
C ASN E 235 28.33 17.15 24.17
N PHE E 236 28.41 16.63 22.95
CA PHE E 236 29.20 17.23 21.85
C PHE E 236 28.41 17.20 20.56
N ILE E 237 28.56 18.23 19.75
CA ILE E 237 28.16 18.18 18.32
C ILE E 237 29.40 18.40 17.49
N ALA E 238 29.66 17.50 16.55
CA ALA E 238 30.66 17.69 15.49
C ALA E 238 29.93 18.23 14.26
N ILE E 239 30.18 19.47 13.89
CA ILE E 239 29.47 20.16 12.77
C ILE E 239 30.23 19.91 11.47
N SER E 240 29.66 19.11 10.56
CA SER E 240 30.27 18.75 9.25
C SER E 240 30.46 20.00 8.38
N PHE E 241 31.55 20.04 7.61
CA PHE E 241 31.85 21.09 6.61
C PHE E 241 31.59 22.48 7.16
N VAL E 242 32.19 22.77 8.31
CA VAL E 242 32.17 24.16 8.83
C VAL E 242 32.95 25.03 7.84
N ARG E 243 32.26 26.05 7.28
CA ARG E 243 32.81 26.96 6.26
C ARG E 243 33.31 28.23 6.94
N THR E 244 32.64 28.68 7.99
CA THR E 244 32.87 30.00 8.64
C THR E 244 32.41 29.89 10.09
N ALA E 245 32.76 30.86 10.91
CA ALA E 245 32.27 31.00 12.29
C ALA E 245 30.74 30.97 12.34
N LYS E 246 30.04 31.51 11.33
CA LYS E 246 28.55 31.56 11.30
C LYS E 246 28.00 30.13 11.37
N ASP E 247 28.66 29.15 10.73
CA ASP E 247 28.15 27.74 10.75
C ASP E 247 28.10 27.26 12.21
N VAL E 248 29.09 27.68 13.02
CA VAL E 248 29.21 27.28 14.43
C VAL E 248 28.15 28.05 15.23
N ASN E 249 28.07 29.36 15.04
CA ASN E 249 27.18 30.29 15.83
C ASN E 249 25.72 29.89 15.64
N GLU E 250 25.33 29.38 14.46
CA GLU E 250 23.95 28.90 14.16
C GLU E 250 23.63 27.68 15.03
N VAL E 251 24.56 26.76 15.17
CA VAL E 251 24.34 25.58 16.05
C VAL E 251 24.38 26.05 17.52
N ARG E 252 25.29 26.95 17.88
CA ARG E 252 25.38 27.47 19.27
C ARG E 252 24.01 28.04 19.67
N ALA E 253 23.39 28.80 18.77
CA ALA E 253 22.12 29.53 19.06
C ALA E 253 21.03 28.53 19.43
N ILE E 254 21.01 27.37 18.75
CA ILE E 254 20.06 26.26 19.02
C ILE E 254 20.38 25.62 20.37
N CYS E 255 21.65 25.39 20.68
CA CYS E 255 22.03 24.79 21.99
C CYS E 255 21.58 25.72 23.13
N GLU E 256 21.80 27.02 22.97
CA GLU E 256 21.47 28.04 23.99
C GLU E 256 19.95 28.18 24.11
N GLU E 257 19.23 28.24 22.98
CA GLU E 257 17.76 28.41 22.96
C GLU E 257 17.11 27.24 23.70
N THR E 258 17.60 26.02 23.55
CA THR E 258 16.94 24.81 24.13
C THR E 258 17.44 24.55 25.55
N GLY E 259 18.14 25.48 26.19
CA GLY E 259 18.79 25.26 27.51
C GLY E 259 19.85 24.16 27.49
N ASN E 260 20.64 24.01 26.40
CA ASN E 260 21.75 23.02 26.28
C ASN E 260 23.07 23.77 26.08
N GLY E 261 23.28 24.88 26.80
CA GLY E 261 24.48 25.75 26.75
C GLY E 261 25.76 24.99 27.08
N HIS E 262 25.65 23.82 27.75
CA HIS E 262 26.78 22.96 28.18
C HIS E 262 27.33 22.14 26.99
N VAL E 263 26.59 22.09 25.90
CA VAL E 263 27.01 21.25 24.74
C VAL E 263 28.19 21.92 24.07
N GLN E 264 29.21 21.12 23.78
CA GLN E 264 30.45 21.63 23.17
C GLN E 264 30.42 21.34 21.68
N LEU E 265 30.82 22.30 20.87
CA LEU E 265 30.76 22.26 19.40
C LEU E 265 32.17 22.03 18.87
N PHE E 266 32.36 20.98 18.12
CA PHE E 266 33.62 20.75 17.40
C PHE E 266 33.34 21.04 15.94
N ALA E 267 34.02 22.03 15.39
CA ALA E 267 33.93 22.31 13.96
C ALA E 267 34.71 21.23 13.23
N LYS E 268 34.08 20.56 12.27
CA LYS E 268 34.80 19.69 11.31
C LYS E 268 35.39 20.54 10.21
N ILE E 269 36.70 20.44 10.04
CA ILE E 269 37.43 21.18 8.98
C ILE E 269 37.65 20.14 7.90
N GLU E 270 36.97 20.32 6.77
CA GLU E 270 37.08 19.33 5.67
C GLU E 270 36.92 19.99 4.30
N ASN E 271 37.15 21.29 4.20
CA ASN E 271 37.21 21.93 2.88
C ASN E 271 38.09 23.15 3.02
N GLN E 272 38.38 23.75 1.88
CA GLN E 272 39.31 24.88 1.77
C GLN E 272 38.75 26.09 2.52
N GLN E 273 37.44 26.31 2.45
CA GLN E 273 36.83 27.47 3.12
C GLN E 273 37.07 27.34 4.64
N GLY E 274 36.87 26.16 5.21
CA GLY E 274 37.11 25.88 6.63
C GLY E 274 38.56 26.13 6.99
N ILE E 275 39.49 25.74 6.11
CA ILE E 275 40.94 25.99 6.32
C ILE E 275 41.18 27.49 6.26
N ASP E 276 40.62 28.19 5.27
CA ASP E 276 40.81 29.64 5.08
C ASP E 276 40.27 30.37 6.33
N ASN E 277 39.16 29.92 6.91
CA ASN E 277 38.56 30.63 8.09
C ASN E 277 38.93 29.93 9.40
N LEU E 278 40.00 29.13 9.44
CA LEU E 278 40.28 28.29 10.62
C LEU E 278 40.32 29.14 11.90
N ASP E 279 41.00 30.28 11.90
CA ASP E 279 41.20 31.06 13.14
C ASP E 279 39.86 31.51 13.74
N GLU E 280 38.98 32.12 12.94
CA GLU E 280 37.64 32.54 13.44
C GLU E 280 36.80 31.32 13.81
N ILE E 281 36.95 30.18 13.13
CA ILE E 281 36.20 28.96 13.50
C ILE E 281 36.69 28.45 14.87
N ILE E 282 38.01 28.45 15.10
CA ILE E 282 38.57 28.00 16.41
C ILE E 282 38.00 28.91 17.50
N GLU E 283 37.89 30.22 17.23
CA GLU E 283 37.40 31.21 18.24
C GLU E 283 35.94 30.87 18.59
N ALA E 284 35.12 30.50 17.60
CA ALA E 284 33.66 30.29 17.81
C ALA E 284 33.41 28.94 18.47
N ALA E 285 34.28 27.97 18.21
CA ALA E 285 34.04 26.55 18.58
C ALA E 285 34.74 26.21 19.91
N ASP E 286 34.48 25.03 20.41
CA ASP E 286 35.05 24.44 21.64
C ASP E 286 36.22 23.52 21.23
N GLY E 287 36.31 23.21 19.94
CA GLY E 287 37.27 22.22 19.47
C GLY E 287 37.12 22.03 17.97
N ILE E 288 38.04 21.28 17.41
CA ILE E 288 38.12 21.00 15.96
C ILE E 288 38.21 19.48 15.79
N MET E 289 37.42 18.96 14.87
CA MET E 289 37.64 17.61 14.32
C MET E 289 38.32 17.75 12.95
N ILE E 290 39.49 17.16 12.85
CA ILE E 290 40.31 17.14 11.61
C ILE E 290 39.71 16.01 10.76
N ALA E 291 38.75 16.36 9.90
CA ALA E 291 37.91 15.37 9.19
C ALA E 291 38.63 15.04 7.89
N ARG E 292 39.65 14.16 7.95
CA ARG E 292 40.63 14.01 6.85
C ARG E 292 40.00 13.32 5.64
N GLY E 293 38.90 12.58 5.80
CA GLY E 293 38.24 11.88 4.68
C GLY E 293 37.84 12.86 3.60
N ASP E 294 37.00 13.81 3.94
CA ASP E 294 36.59 14.88 3.02
C ASP E 294 37.77 15.82 2.75
N MET E 295 38.56 16.17 3.77
CA MET E 295 39.59 17.20 3.56
C MET E 295 40.53 16.75 2.43
N GLY E 296 40.92 15.48 2.42
CA GLY E 296 41.92 14.97 1.44
C GLY E 296 41.36 14.84 0.03
N ILE E 297 40.04 15.08 -0.13
CA ILE E 297 39.35 15.15 -1.45
C ILE E 297 39.15 16.61 -1.83
N GLU E 298 38.78 17.44 -0.87
CA GLU E 298 38.39 18.85 -1.10
C GLU E 298 39.62 19.73 -1.22
N VAL E 299 40.77 19.33 -0.66
CA VAL E 299 42.05 20.10 -0.77
C VAL E 299 43.08 19.09 -1.26
N PRO E 300 44.26 19.50 -1.78
CA PRO E 300 45.23 18.54 -2.28
C PRO E 300 45.60 17.55 -1.16
N PHE E 301 45.55 16.25 -1.45
CA PHE E 301 45.71 15.19 -0.43
C PHE E 301 47.04 15.39 0.31
N GLU E 302 48.08 15.86 -0.37
CA GLU E 302 49.44 15.96 0.22
C GLU E 302 49.51 17.11 1.23
N MET E 303 48.52 18.00 1.24
CA MET E 303 48.46 19.14 2.19
C MET E 303 47.85 18.70 3.53
N VAL E 304 47.16 17.57 3.58
CA VAL E 304 46.39 17.23 4.80
C VAL E 304 47.33 17.11 5.99
N PRO E 305 48.53 16.48 5.88
CA PRO E 305 49.43 16.35 7.03
C PRO E 305 49.94 17.71 7.52
N VAL E 306 50.13 18.65 6.61
CA VAL E 306 50.54 20.05 6.92
C VAL E 306 49.43 20.69 7.74
N TYR E 307 48.19 20.62 7.25
CA TYR E 307 47.04 21.19 7.98
C TYR E 307 46.83 20.48 9.32
N GLN E 308 47.01 19.17 9.37
CA GLN E 308 46.80 18.41 10.63
C GLN E 308 47.73 18.95 11.74
N LYS E 309 49.01 19.10 11.45
CA LYS E 309 50.00 19.57 12.44
C LYS E 309 49.66 20.99 12.86
N MET E 310 49.31 21.83 11.90
CA MET E 310 49.06 23.25 12.19
C MET E 310 47.75 23.40 13.01
N ILE E 311 46.71 22.63 12.67
CA ILE E 311 45.43 22.70 13.40
C ILE E 311 45.66 22.25 14.84
N ILE E 312 46.40 21.16 15.04
CA ILE E 312 46.63 20.61 16.40
C ILE E 312 47.35 21.67 17.25
N LYS E 313 48.38 22.30 16.70
CA LYS E 313 49.14 23.34 17.42
C LYS E 313 48.20 24.49 17.79
N LYS E 314 47.40 24.98 16.85
CA LYS E 314 46.51 26.15 17.03
C LYS E 314 45.41 25.85 18.04
N VAL E 315 44.82 24.69 17.98
CA VAL E 315 43.70 24.37 18.90
C VAL E 315 44.25 24.21 20.33
N ASN E 316 45.38 23.56 20.51
CA ASN E 316 46.06 23.44 21.82
C ASN E 316 46.40 24.84 22.35
N ALA E 317 46.87 25.76 21.50
CA ALA E 317 47.28 27.13 21.94
C ALA E 317 46.05 27.87 22.46
N ALA E 318 44.88 27.52 21.93
CA ALA E 318 43.60 28.14 22.30
C ALA E 318 42.98 27.44 23.53
N GLY E 319 43.57 26.37 24.03
CA GLY E 319 43.03 25.64 25.20
C GLY E 319 41.79 24.84 24.84
N LYS E 320 41.70 24.40 23.60
CA LYS E 320 40.49 23.70 23.10
C LYS E 320 40.88 22.27 22.73
N VAL E 321 39.93 21.48 22.25
CA VAL E 321 40.06 20.02 22.04
C VAL E 321 40.22 19.75 20.54
N VAL E 322 41.22 18.96 20.18
CA VAL E 322 41.37 18.53 18.77
C VAL E 322 41.27 17.00 18.70
N ILE E 323 40.46 16.55 17.74
CA ILE E 323 40.24 15.13 17.37
C ILE E 323 40.84 14.90 15.98
N THR E 324 41.68 13.90 15.85
CA THR E 324 42.19 13.46 14.53
C THR E 324 41.32 12.31 14.05
N ALA E 325 40.83 12.36 12.83
CA ALA E 325 39.83 11.38 12.31
C ALA E 325 40.20 10.87 10.92
N THR E 326 39.74 9.65 10.70
CA THR E 326 39.44 8.98 9.41
C THR E 326 40.63 8.16 8.94
N ASN E 327 40.40 6.86 8.74
CA ASN E 327 41.35 5.90 8.14
C ASN E 327 42.48 5.54 9.14
N MET E 328 42.39 5.90 10.42
CA MET E 328 43.54 5.74 11.35
C MET E 328 43.94 4.27 11.43
N LEU E 329 42.96 3.34 11.51
CA LEU E 329 43.23 1.88 11.47
C LEU E 329 42.34 1.19 10.44
N GLU E 330 42.21 1.80 9.25
CA GLU E 330 41.27 1.44 8.17
C GLU E 330 41.29 -0.07 7.89
N THR E 331 42.48 -0.67 7.75
CA THR E 331 42.63 -2.11 7.45
C THR E 331 41.90 -3.00 8.50
N MET E 332 41.73 -2.53 9.73
CA MET E 332 41.13 -3.38 10.80
C MET E 332 39.61 -3.53 10.62
N THR E 333 39.06 -2.81 9.65
CA THR E 333 37.69 -3.06 9.14
C THR E 333 37.60 -4.53 8.71
N GLU E 334 38.65 -5.11 8.11
CA GLU E 334 38.55 -6.50 7.60
C GLU E 334 39.64 -7.44 8.11
N LYS E 335 40.62 -6.96 8.87
CA LYS E 335 41.77 -7.79 9.30
C LYS E 335 42.02 -7.51 10.77
N PRO E 336 42.54 -8.49 11.52
CA PRO E 336 42.76 -8.32 12.95
C PRO E 336 43.98 -7.44 13.28
N ARG E 337 44.85 -7.16 12.31
CA ARG E 337 46.11 -6.38 12.52
C ARG E 337 46.16 -5.26 11.50
N ALA E 338 46.56 -4.07 11.96
CA ALA E 338 46.63 -2.85 11.14
C ALA E 338 47.90 -2.92 10.31
N THR E 339 47.97 -2.15 9.24
CA THR E 339 49.16 -1.98 8.40
C THR E 339 50.18 -1.13 9.16
N ARG E 340 51.39 -1.06 8.64
CA ARG E 340 52.46 -0.28 9.29
C ARG E 340 52.20 1.21 9.14
N SER E 341 51.55 1.60 8.05
CA SER E 341 51.20 3.01 7.78
C SER E 341 50.11 3.46 8.74
N GLU E 342 49.15 2.60 9.08
CA GLU E 342 48.08 2.96 10.04
C GLU E 342 48.65 3.13 11.44
N VAL E 343 49.51 2.22 11.88
CA VAL E 343 50.09 2.33 13.24
C VAL E 343 50.95 3.61 13.33
N SER E 344 51.70 3.92 12.30
CA SER E 344 52.49 5.17 12.13
C SER E 344 51.57 6.38 12.28
N ASP E 345 50.45 6.38 11.56
CA ASP E 345 49.51 7.52 11.56
C ASP E 345 48.99 7.77 12.98
N VAL E 346 48.59 6.73 13.69
CA VAL E 346 48.01 6.92 15.05
C VAL E 346 49.12 7.48 15.95
N PHE E 347 50.26 6.84 15.92
CA PHE E 347 51.44 7.26 16.72
C PHE E 347 51.75 8.73 16.44
N ASN E 348 51.90 9.11 15.18
CA ASN E 348 52.26 10.50 14.80
C ASN E 348 51.15 11.48 15.18
N ALA E 349 49.88 11.09 15.14
CA ALA E 349 48.80 12.01 15.57
C ALA E 349 49.02 12.32 17.07
N VAL E 350 49.38 11.32 17.87
CA VAL E 350 49.64 11.58 19.32
C VAL E 350 50.86 12.51 19.44
N ILE E 351 51.94 12.21 18.76
CA ILE E 351 53.20 13.02 18.85
C ILE E 351 52.88 14.45 18.42
N ASP E 352 52.02 14.63 17.41
CA ASP E 352 51.65 15.95 16.86
C ASP E 352 50.98 16.76 17.98
N GLY E 353 50.33 16.09 18.93
CA GLY E 353 49.67 16.76 20.05
C GLY E 353 48.16 16.61 20.09
N THR E 354 47.57 15.64 19.37
CA THR E 354 46.11 15.47 19.35
C THR E 354 45.59 15.20 20.77
N ASP E 355 44.43 15.73 21.12
CA ASP E 355 43.67 15.35 22.32
C ASP E 355 43.07 13.95 22.17
N ALA E 356 42.61 13.63 20.97
CA ALA E 356 41.79 12.44 20.73
C ALA E 356 42.08 11.91 19.32
N THR E 357 41.91 10.60 19.18
CA THR E 357 42.03 9.85 17.92
C THR E 357 40.68 9.17 17.70
N MET E 358 40.30 8.97 16.45
CA MET E 358 38.93 8.58 16.13
C MET E 358 38.95 7.29 15.31
N LEU E 359 37.96 6.46 15.59
CA LEU E 359 37.62 5.27 14.79
C LEU E 359 36.29 5.53 14.07
N SER E 360 36.21 5.20 12.78
CA SER E 360 34.98 5.40 11.98
C SER E 360 34.44 4.01 11.61
N GLY E 361 34.66 3.54 10.40
CA GLY E 361 34.20 2.22 9.95
C GLY E 361 34.84 1.09 10.71
N GLU E 362 36.04 1.30 11.29
CA GLU E 362 36.71 0.29 12.13
C GLU E 362 35.80 -0.15 13.28
N SER E 363 35.08 0.77 13.89
CA SER E 363 34.21 0.45 15.04
C SER E 363 32.75 0.33 14.57
N ALA E 364 32.36 1.03 13.50
CA ALA E 364 30.92 1.18 13.14
C ALA E 364 30.48 0.10 12.13
N ASN E 365 31.41 -0.37 11.30
CA ASN E 365 31.08 -1.09 10.05
C ASN E 365 31.99 -2.30 9.87
N GLY E 366 32.80 -2.68 10.85
CA GLY E 366 33.89 -3.65 10.61
C GLY E 366 33.68 -4.98 11.28
N LYS E 367 34.54 -5.94 10.97
CA LYS E 367 34.62 -7.28 11.59
C LYS E 367 35.30 -7.23 12.97
N TYR E 368 36.03 -6.15 13.34
CA TYR E 368 36.89 -6.18 14.55
C TYR E 368 36.76 -4.88 15.35
N PRO E 369 35.52 -4.48 15.72
CA PRO E 369 35.28 -3.23 16.43
C PRO E 369 36.01 -3.14 17.79
N LEU E 370 35.87 -4.16 18.62
CA LEU E 370 36.54 -4.19 19.93
C LEU E 370 38.06 -4.13 19.72
N GLU E 371 38.59 -5.03 18.91
CA GLU E 371 40.04 -5.14 18.61
C GLU E 371 40.58 -3.79 18.08
N SER E 372 39.79 -3.05 17.32
CA SER E 372 40.11 -1.70 16.80
C SER E 372 40.35 -0.73 17.97
N VAL E 373 39.45 -0.76 18.95
CA VAL E 373 39.60 0.14 20.12
C VAL E 373 40.87 -0.26 20.87
N THR E 374 41.06 -1.55 21.11
CA THR E 374 42.19 -2.10 21.88
C THR E 374 43.51 -1.70 21.20
N THR E 375 43.60 -1.90 19.90
CA THR E 375 44.82 -1.62 19.10
C THR E 375 45.12 -0.11 19.18
N MET E 376 44.11 0.73 19.01
CA MET E 376 44.24 2.20 19.04
C MET E 376 44.70 2.59 20.45
N ALA E 377 44.12 2.00 21.49
CA ALA E 377 44.49 2.29 22.89
C ALA E 377 45.97 1.91 23.12
N THR E 378 46.37 0.73 22.65
CA THR E 378 47.77 0.25 22.72
C THR E 378 48.73 1.24 22.04
N ILE E 379 48.44 1.68 20.82
CA ILE E 379 49.31 2.67 20.10
C ILE E 379 49.34 3.98 20.86
N ASP E 380 48.17 4.48 21.27
CA ASP E 380 48.05 5.79 21.95
C ASP E 380 48.88 5.81 23.25
N LYS E 381 48.81 4.75 24.04
CA LYS E 381 49.53 4.59 25.32
C LYS E 381 51.05 4.48 25.07
N ASN E 382 51.50 3.80 24.04
CA ASN E 382 52.95 3.74 23.73
C ASN E 382 53.42 5.15 23.34
N ALA E 383 52.67 5.84 22.48
CA ALA E 383 53.05 7.15 21.94
C ALA E 383 53.09 8.18 23.07
N GLN E 384 52.19 8.11 24.04
CA GLN E 384 52.18 9.16 25.11
C GLN E 384 53.52 9.14 25.85
N ALA E 385 54.16 7.98 25.93
CA ALA E 385 55.43 7.76 26.66
C ALA E 385 56.58 8.43 25.88
N LEU E 386 56.39 8.79 24.62
CA LEU E 386 57.44 9.41 23.77
C LEU E 386 57.24 10.92 23.65
N LEU E 387 56.21 11.50 24.28
CA LEU E 387 55.88 12.95 24.14
C LEU E 387 57.00 13.83 24.74
N ASN E 388 57.65 13.44 25.83
CA ASN E 388 58.77 14.27 26.38
C ASN E 388 59.88 14.41 25.33
N GLU E 389 60.19 13.33 24.64
CA GLU E 389 61.28 13.29 23.65
C GLU E 389 60.84 13.92 22.31
N TYR E 390 59.73 13.48 21.71
CA TYR E 390 59.36 13.77 20.29
C TYR E 390 58.16 14.76 20.22
N GLY E 391 57.47 15.02 21.31
CA GLY E 391 56.24 15.84 21.29
C GLY E 391 56.46 17.15 20.56
N ARG E 392 55.53 17.49 19.65
CA ARG E 392 55.54 18.76 18.87
C ARG E 392 55.04 19.93 19.70
N LEU E 393 54.14 19.73 20.65
CA LEU E 393 53.55 20.91 21.34
C LEU E 393 54.62 21.49 22.27
N ASP E 394 54.59 22.79 22.45
CA ASP E 394 55.59 23.50 23.29
C ASP E 394 54.88 24.48 24.22
N SER E 395 54.55 24.05 25.43
CA SER E 395 53.82 24.85 26.43
C SER E 395 54.64 26.03 26.96
N ASP E 396 55.97 25.99 26.82
CA ASP E 396 56.88 27.07 27.31
C ASP E 396 56.60 28.34 26.51
N SER E 397 56.10 28.23 25.28
CA SER E 397 55.85 29.39 24.37
C SER E 397 54.53 30.07 24.70
N PHE E 398 53.63 29.48 25.50
CA PHE E 398 52.31 30.14 25.73
C PHE E 398 52.42 31.37 26.63
N GLU E 399 51.61 32.38 26.32
CA GLU E 399 51.31 33.47 27.28
C GLU E 399 50.40 32.84 28.32
N ARG E 400 50.70 33.04 29.59
CA ARG E 400 49.78 32.68 30.69
C ARG E 400 48.84 33.88 30.87
N ASN E 401 47.60 33.76 30.38
CA ASN E 401 46.70 34.92 30.20
C ASN E 401 45.73 35.07 31.38
N SER E 402 45.75 34.17 32.34
CA SER E 402 44.92 34.30 33.57
C SER E 402 45.59 33.59 34.74
N LYS E 403 45.12 33.88 35.95
CA LYS E 403 45.66 33.30 37.20
C LYS E 403 45.45 31.79 37.25
N THR E 404 44.36 31.29 36.66
CA THR E 404 44.14 29.84 36.58
C THR E 404 45.20 29.24 35.66
N GLU E 405 45.51 29.92 34.56
CA GLU E 405 46.50 29.41 33.60
C GLU E 405 47.88 29.49 34.24
N VAL E 406 48.16 30.52 35.03
CA VAL E 406 49.44 30.59 35.80
C VAL E 406 49.54 29.35 36.69
N MET E 407 48.44 28.99 37.36
CA MET E 407 48.42 27.76 38.17
C MET E 407 48.66 26.53 37.28
N ALA E 408 48.05 26.43 36.10
CA ALA E 408 48.30 25.28 35.18
C ALA E 408 49.79 25.18 34.80
N SER E 409 50.46 26.31 34.56
CA SER E 409 51.91 26.34 34.26
C SER E 409 52.70 25.80 35.46
N ALA E 410 52.36 26.21 36.67
CA ALA E 410 53.05 25.80 37.92
C ALA E 410 52.88 24.29 38.09
N VAL E 411 51.71 23.76 37.75
CA VAL E 411 51.43 22.31 37.86
C VAL E 411 52.36 21.58 36.90
N LYS E 412 52.42 22.05 35.66
CA LYS E 412 53.30 21.39 34.67
C LYS E 412 54.73 21.43 35.19
N ASP E 413 55.13 22.54 35.81
CA ASP E 413 56.52 22.69 36.29
C ASP E 413 56.78 21.61 37.36
N ALA E 414 55.80 21.39 38.24
CA ALA E 414 55.97 20.43 39.35
C ALA E 414 56.10 19.02 38.77
N THR E 415 55.32 18.68 37.73
CA THR E 415 55.39 17.33 37.09
C THR E 415 56.69 17.18 36.29
N SER E 416 57.36 18.28 35.92
CA SER E 416 58.66 18.24 35.20
C SER E 416 59.79 18.16 36.21
N SER E 417 59.58 18.63 37.44
CA SER E 417 60.64 18.72 38.48
C SER E 417 60.77 17.41 39.25
N MET E 418 59.70 16.66 39.37
CA MET E 418 59.75 15.37 40.12
C MET E 418 58.71 14.42 39.52
N ASP E 419 58.75 13.15 39.92
CA ASP E 419 57.82 12.10 39.45
C ASP E 419 56.46 12.28 40.17
N ILE E 420 55.49 12.87 39.48
CA ILE E 420 54.12 13.07 39.99
C ILE E 420 53.24 12.00 39.36
N LYS E 421 52.51 11.28 40.18
CA LYS E 421 51.65 10.18 39.72
C LYS E 421 50.36 10.75 39.12
N LEU E 422 49.85 11.80 39.72
CA LEU E 422 48.49 12.27 39.42
C LEU E 422 48.39 13.74 39.79
N VAL E 423 47.76 14.49 38.90
CA VAL E 423 47.29 15.86 39.21
C VAL E 423 45.81 15.74 39.48
N VAL E 424 45.35 16.31 40.58
CA VAL E 424 43.92 16.37 40.96
C VAL E 424 43.48 17.81 40.95
N THR E 425 42.36 18.08 40.28
CA THR E 425 41.76 19.43 40.27
C THR E 425 40.32 19.31 40.74
N LEU E 426 39.94 20.12 41.72
CA LEU E 426 38.53 20.30 42.11
C LEU E 426 37.98 21.45 41.30
N THR E 427 37.10 21.11 40.35
CA THR E 427 36.71 21.99 39.22
C THR E 427 35.18 21.96 39.09
N LYS E 428 34.55 23.11 39.31
CA LYS E 428 33.09 23.29 39.19
C LYS E 428 32.66 23.18 37.72
N THR E 429 33.36 23.87 36.80
CA THR E 429 32.99 23.98 35.37
C THR E 429 33.96 23.20 34.48
N GLY E 430 35.09 22.71 34.99
CA GLY E 430 36.12 22.03 34.19
C GLY E 430 37.18 22.98 33.67
N HIS E 431 37.03 24.29 33.87
CA HIS E 431 38.00 25.32 33.40
C HIS E 431 39.42 24.95 33.85
N THR E 432 39.64 24.69 35.14
CA THR E 432 41.01 24.38 35.64
C THR E 432 41.53 23.10 34.99
N ALA E 433 40.68 22.09 34.83
CA ALA E 433 41.11 20.83 34.20
C ALA E 433 41.47 21.09 32.74
N ARG E 434 40.72 21.93 32.05
CA ARG E 434 41.01 22.26 30.64
C ARG E 434 42.39 22.92 30.53
N LEU E 435 42.68 23.88 31.38
CA LEU E 435 43.99 24.57 31.31
C LEU E 435 45.13 23.62 31.69
N ILE E 436 44.94 22.78 32.70
CA ILE E 436 46.02 21.83 33.06
C ILE E 436 46.28 20.92 31.85
N SER E 437 45.24 20.41 31.23
CA SER E 437 45.33 19.55 30.04
C SER E 437 46.07 20.27 28.93
N LYS E 438 45.73 21.53 28.68
CA LYS E 438 46.40 22.38 27.67
C LYS E 438 47.92 22.29 27.83
N TYR E 439 48.42 22.26 29.07
CA TYR E 439 49.89 22.30 29.35
C TYR E 439 50.50 20.91 29.22
N ARG E 440 49.68 19.86 29.04
CA ARG E 440 50.20 18.52 28.73
C ARG E 440 51.20 18.12 29.82
N PRO E 441 50.79 18.05 31.10
CA PRO E 441 51.71 17.62 32.16
C PRO E 441 52.11 16.16 32.04
N ASN E 442 53.23 15.78 32.66
CA ASN E 442 53.67 14.37 32.68
C ASN E 442 52.97 13.66 33.84
N ALA E 443 51.66 13.50 33.74
CA ALA E 443 50.81 12.92 34.78
C ALA E 443 49.40 12.86 34.21
N ASP E 444 48.61 11.92 34.73
CA ASP E 444 47.15 11.85 34.51
C ASP E 444 46.53 12.97 35.33
N ILE E 445 45.35 13.43 34.92
CA ILE E 445 44.63 14.58 35.52
C ILE E 445 43.27 14.06 35.97
N LEU E 446 43.08 13.98 37.28
CA LEU E 446 41.79 13.58 37.88
C LEU E 446 40.99 14.84 38.07
N ALA E 447 39.89 14.97 37.34
CA ALA E 447 39.08 16.20 37.46
C ALA E 447 37.85 15.87 38.31
N LEU E 448 37.88 16.32 39.55
CA LEU E 448 36.74 16.13 40.51
C LEU E 448 35.74 17.24 40.25
N THR E 449 34.55 16.86 39.75
CA THR E 449 33.50 17.83 39.41
C THR E 449 32.18 17.37 40.05
N PHE E 450 31.19 18.24 40.04
CA PHE E 450 30.02 18.18 40.93
C PHE E 450 28.73 18.02 40.12
N ASP E 451 28.78 17.76 38.81
CA ASP E 451 27.55 17.45 38.02
C ASP E 451 27.94 16.56 36.85
N GLU E 452 27.02 15.71 36.37
CA GLU E 452 27.34 14.73 35.31
C GLU E 452 27.58 15.44 33.97
N LEU E 453 27.01 16.63 33.75
CA LEU E 453 27.19 17.31 32.46
C LEU E 453 28.67 17.77 32.32
N THR E 454 29.23 18.35 33.38
CA THR E 454 30.65 18.82 33.39
C THR E 454 31.53 17.59 33.29
N GLU E 455 31.16 16.52 33.98
CA GLU E 455 31.93 15.26 33.98
C GLU E 455 32.08 14.77 32.52
N ARG E 456 30.97 14.55 31.81
CA ARG E 456 31.01 14.00 30.43
C ARG E 456 31.66 15.02 29.49
N GLY E 457 31.47 16.31 29.76
CA GLY E 457 32.04 17.42 28.99
C GLY E 457 33.56 17.44 28.93
N LEU E 458 34.24 16.75 29.85
CA LEU E 458 35.73 16.69 29.93
C LEU E 458 36.30 15.41 29.30
N MET E 459 35.44 14.53 28.80
CA MET E 459 35.89 13.20 28.39
C MET E 459 36.77 13.21 27.12
N LEU E 460 36.86 14.29 26.35
CA LEU E 460 37.76 14.31 25.17
C LEU E 460 39.01 15.18 25.43
N ASN E 461 39.13 15.80 26.59
CA ASN E 461 40.38 16.56 26.92
C ASN E 461 41.52 15.59 27.25
N TRP E 462 42.68 15.84 26.63
CA TRP E 462 43.92 15.05 26.84
C TRP E 462 44.16 14.81 28.33
N GLY E 463 44.36 13.55 28.74
CA GLY E 463 44.86 13.17 30.06
C GLY E 463 43.83 13.30 31.17
N VAL E 464 42.64 13.84 30.89
CA VAL E 464 41.62 14.14 31.93
C VAL E 464 40.78 12.88 32.22
N ILE E 465 40.73 12.51 33.49
CA ILE E 465 39.84 11.46 34.05
C ILE E 465 38.79 12.19 34.85
N PRO E 466 37.57 12.43 34.35
CA PRO E 466 36.54 13.12 35.11
C PRO E 466 35.94 12.16 36.14
N MET E 467 35.56 12.68 37.30
CA MET E 467 34.96 11.86 38.36
C MET E 467 33.97 12.71 39.13
N LEU E 468 32.75 12.21 39.26
CA LEU E 468 31.67 12.99 39.88
C LEU E 468 31.87 12.91 41.40
N THR E 469 31.78 14.02 42.10
CA THR E 469 31.84 14.01 43.59
C THR E 469 30.91 15.11 44.12
N ASP E 470 30.67 15.13 45.43
CA ASP E 470 29.80 16.13 46.08
C ASP E 470 30.57 17.44 46.05
N ALA E 471 29.94 18.59 45.78
CA ALA E 471 30.56 19.94 45.92
C ALA E 471 31.05 20.03 47.36
N PRO E 472 32.34 20.31 47.61
CA PRO E 472 32.83 20.44 48.98
C PRO E 472 32.23 21.65 49.72
N SER E 473 31.93 21.52 51.01
CA SER E 473 31.50 22.65 51.88
C SER E 473 32.71 23.48 52.32
N SER E 474 32.45 24.67 52.86
CA SER E 474 33.46 25.54 53.52
C SER E 474 34.21 24.78 54.62
N THR E 475 33.66 23.69 55.21
CA THR E 475 34.32 22.93 56.31
C THR E 475 35.07 21.66 55.83
N ASP E 476 34.90 21.23 54.58
CA ASP E 476 35.62 20.04 54.02
C ASP E 476 37.10 20.42 53.82
N ASP E 477 37.98 19.44 53.92
CA ASP E 477 39.41 19.55 53.56
C ASP E 477 39.51 19.00 52.13
N MET E 478 39.60 19.87 51.15
CA MET E 478 39.56 19.47 49.73
C MET E 478 40.77 18.60 49.38
N PHE E 479 41.86 18.66 50.16
CA PHE E 479 43.12 17.94 49.87
C PHE E 479 42.96 16.49 50.33
N GLU E 480 42.23 16.31 51.43
CA GLU E 480 41.84 14.98 51.93
C GLU E 480 40.90 14.33 50.89
N ILE E 481 39.88 15.05 50.43
CA ILE E 481 38.90 14.53 49.44
C ILE E 481 39.67 14.08 48.19
N ALA E 482 40.58 14.93 47.71
CA ALA E 482 41.37 14.64 46.49
C ALA E 482 42.10 13.31 46.64
N GLU E 483 42.82 13.11 47.73
CA GLU E 483 43.57 11.85 47.95
C GLU E 483 42.56 10.70 48.04
N ARG E 484 41.50 10.87 48.81
CA ARG E 484 40.51 9.78 49.00
C ARG E 484 39.93 9.37 47.63
N LYS E 485 39.50 10.34 46.81
CA LYS E 485 38.87 10.05 45.49
C LYS E 485 39.90 9.38 44.59
N ALA E 486 41.16 9.82 44.61
CA ALA E 486 42.23 9.21 43.79
C ALA E 486 42.49 7.78 44.26
N VAL E 487 42.51 7.54 45.55
CA VAL E 487 42.71 6.15 46.04
C VAL E 487 41.47 5.32 45.70
N GLU E 488 40.26 5.82 45.90
CA GLU E 488 39.03 5.07 45.54
C GLU E 488 39.04 4.75 44.03
N ALA E 489 39.48 5.67 43.17
CA ALA E 489 39.57 5.43 41.71
C ALA E 489 40.65 4.40 41.35
N GLY E 490 41.49 3.94 42.28
CA GLY E 490 42.62 3.05 41.96
C GLY E 490 43.72 3.77 41.16
N LEU E 491 43.84 5.09 41.26
CA LEU E 491 44.81 5.81 40.41
C LEU E 491 46.15 5.98 41.13
N VAL E 492 46.14 5.95 42.45
CA VAL E 492 47.38 6.13 43.25
C VAL E 492 47.39 5.08 44.34
N GLU E 493 48.56 4.84 44.87
CA GLU E 493 48.70 4.04 46.11
C GLU E 493 49.62 4.77 47.09
N SER E 494 49.69 4.24 48.29
CA SER E 494 50.55 4.73 49.39
C SER E 494 51.93 5.04 48.84
N GLY E 495 52.45 6.21 49.18
CA GLY E 495 53.83 6.61 48.84
C GLY E 495 53.88 7.37 47.52
N ASP E 496 52.80 7.37 46.72
CA ASP E 496 52.80 8.15 45.45
C ASP E 496 52.74 9.63 45.77
N ASP E 497 53.39 10.47 44.95
CA ASP E 497 53.30 11.95 45.07
C ASP E 497 52.24 12.48 44.10
N ILE E 498 51.36 13.36 44.57
CA ILE E 498 50.28 13.93 43.72
C ILE E 498 50.32 15.44 43.90
N VAL E 499 49.87 16.15 42.87
CA VAL E 499 49.73 17.62 42.93
C VAL E 499 48.24 17.87 42.94
N ILE E 500 47.77 18.67 43.87
CA ILE E 500 46.30 18.94 43.99
C ILE E 500 46.14 20.43 43.86
N VAL E 501 45.20 20.87 43.03
CA VAL E 501 44.82 22.30 42.95
C VAL E 501 43.34 22.45 43.25
N ALA E 502 42.99 23.56 43.89
CA ALA E 502 41.64 23.93 44.34
C ALA E 502 41.56 25.43 44.57
N GLY E 503 40.34 25.94 44.55
CA GLY E 503 39.98 27.27 45.04
C GLY E 503 39.72 27.22 46.53
N VAL E 504 40.66 27.70 47.33
CA VAL E 504 40.60 27.64 48.82
C VAL E 504 40.46 29.04 49.41
N PRO E 505 39.51 29.25 50.37
CA PRO E 505 38.55 28.22 50.78
C PRO E 505 37.26 28.33 49.95
N VAL E 506 36.45 27.29 49.96
CA VAL E 506 35.13 27.31 49.25
C VAL E 506 34.32 28.52 49.77
N GLY E 507 33.80 29.34 48.85
CA GLY E 507 32.90 30.46 49.14
C GLY E 507 33.64 31.75 49.45
N GLU E 508 34.98 31.72 49.48
CA GLU E 508 35.80 32.95 49.45
C GLU E 508 36.61 32.95 48.15
N ALA E 509 37.19 31.83 47.73
CA ALA E 509 38.03 31.80 46.50
C ALA E 509 37.16 32.16 45.30
N VAL E 510 37.67 32.95 44.38
CA VAL E 510 36.97 33.22 43.09
C VAL E 510 37.51 32.30 41.99
N ARG E 511 38.56 31.52 42.25
CA ARG E 511 39.17 30.66 41.23
C ARG E 511 40.14 29.70 41.89
N THR E 512 40.62 28.72 41.13
CA THR E 512 41.74 27.85 41.58
C THR E 512 42.92 28.76 41.95
N ASN E 513 43.35 28.70 43.20
CA ASN E 513 44.35 29.66 43.73
C ASN E 513 45.42 28.91 44.53
N THR E 514 45.30 27.59 44.70
CA THR E 514 46.20 26.86 45.64
C THR E 514 46.70 25.59 44.97
N MET E 515 47.98 25.29 45.12
CA MET E 515 48.63 24.03 44.70
C MET E 515 49.30 23.38 45.92
N ARG E 516 49.02 22.09 46.10
CA ARG E 516 49.58 21.28 47.19
C ARG E 516 50.34 20.11 46.57
N ILE E 517 51.50 19.83 47.09
CA ILE E 517 52.22 18.57 46.80
C ILE E 517 52.00 17.67 48.01
N ARG E 518 51.44 16.48 47.77
CA ARG E 518 50.98 15.59 48.88
C ARG E 518 51.43 14.18 48.56
N THR E 519 51.97 13.50 49.57
CA THR E 519 52.29 12.07 49.54
C THR E 519 51.06 11.29 50.01
N VAL E 520 50.58 10.39 49.16
CA VAL E 520 49.44 9.52 49.51
C VAL E 520 49.83 8.66 50.71
N ARG E 521 48.97 8.62 51.72
CA ARG E 521 49.27 7.87 52.96
C ARG E 521 49.20 6.36 52.70
N MET F 21 60.49 22.19 -9.28
CA MET F 21 60.83 21.64 -7.92
C MET F 21 61.20 20.15 -8.03
N ASN F 22 62.40 19.78 -7.57
CA ASN F 22 62.98 18.43 -7.71
C ASN F 22 62.68 17.62 -6.45
N LYS F 23 62.44 16.32 -6.59
CA LYS F 23 62.09 15.43 -5.47
C LYS F 23 63.39 15.02 -4.79
N ARG F 24 63.63 15.48 -3.56
CA ARG F 24 64.89 15.17 -2.85
C ARG F 24 64.84 13.78 -2.23
N VAL F 25 63.69 13.31 -1.81
CA VAL F 25 63.55 12.01 -1.13
C VAL F 25 63.48 10.99 -2.25
N LYS F 26 64.26 9.93 -2.16
CA LYS F 26 64.40 8.97 -3.27
C LYS F 26 63.30 7.90 -3.14
N ILE F 27 62.87 7.36 -4.28
CA ILE F 27 61.85 6.29 -4.30
C ILE F 27 62.52 5.01 -4.78
N VAL F 28 62.40 3.98 -3.97
CA VAL F 28 62.62 2.57 -4.35
C VAL F 28 61.28 1.96 -4.77
N ALA F 29 61.18 1.49 -6.01
CA ALA F 29 59.94 0.84 -6.50
C ALA F 29 60.25 -0.63 -6.76
N THR F 30 59.52 -1.51 -6.09
CA THR F 30 59.59 -2.96 -6.36
C THR F 30 58.94 -3.28 -7.70
N LEU F 31 59.66 -4.04 -8.51
CA LEU F 31 59.14 -4.47 -9.81
C LEU F 31 58.55 -5.89 -9.65
N GLY F 32 57.55 -6.16 -10.46
CA GLY F 32 56.84 -7.44 -10.47
C GLY F 32 55.92 -7.49 -11.70
N PRO F 33 54.97 -8.44 -11.68
CA PRO F 33 53.98 -8.58 -12.76
C PRO F 33 53.17 -7.33 -13.06
N ALA F 34 52.96 -6.47 -12.06
CA ALA F 34 52.07 -5.30 -12.22
C ALA F 34 52.48 -4.46 -13.42
N VAL F 35 53.78 -4.35 -13.71
CA VAL F 35 54.25 -3.45 -14.80
C VAL F 35 54.44 -4.25 -16.10
N GLU F 36 54.25 -5.56 -16.07
CA GLU F 36 54.62 -6.45 -17.20
C GLU F 36 53.38 -6.65 -18.09
N ILE F 37 53.57 -6.47 -19.40
CA ILE F 37 52.55 -6.70 -20.45
C ILE F 37 52.82 -8.10 -21.00
N ARG F 38 51.79 -8.92 -21.15
CA ARG F 38 51.88 -10.28 -21.74
C ARG F 38 50.87 -10.35 -22.90
N GLY F 39 51.39 -10.70 -24.09
CA GLY F 39 50.68 -10.63 -25.38
C GLY F 39 49.59 -9.59 -25.35
N GLY F 40 49.96 -8.32 -25.21
CA GLY F 40 49.07 -7.15 -25.18
C GLY F 40 48.18 -7.06 -23.93
N LYS F 41 48.24 -8.00 -22.99
CA LYS F 41 47.37 -7.98 -21.77
C LYS F 41 48.07 -7.30 -20.57
N LYS F 42 47.33 -6.47 -19.83
CA LYS F 42 47.74 -5.83 -18.54
C LYS F 42 47.47 -6.82 -17.42
N PHE F 43 48.26 -6.76 -16.36
CA PHE F 43 48.17 -7.60 -15.15
C PHE F 43 46.74 -7.51 -14.61
N GLY F 44 46.14 -8.64 -14.25
CA GLY F 44 44.76 -8.72 -13.75
C GLY F 44 43.77 -9.04 -14.86
N GLU F 45 44.15 -8.90 -16.13
CA GLU F 45 43.25 -9.20 -17.26
C GLU F 45 43.08 -10.72 -17.42
N ASP F 46 41.88 -11.10 -17.87
CA ASP F 46 41.50 -12.48 -18.25
C ASP F 46 42.51 -12.94 -19.32
N GLY F 47 43.19 -14.08 -19.10
CA GLY F 47 44.14 -14.73 -20.03
C GLY F 47 45.57 -14.18 -19.94
N TYR F 48 45.84 -13.26 -19.00
CA TYR F 48 47.15 -12.59 -18.79
C TYR F 48 48.27 -13.64 -18.71
N TRP F 49 48.18 -14.59 -17.78
CA TRP F 49 49.24 -15.62 -17.60
C TRP F 49 49.35 -16.52 -18.83
N GLY F 50 48.31 -16.59 -19.68
CA GLY F 50 48.30 -17.42 -20.90
C GLY F 50 49.26 -16.89 -21.95
N GLU F 51 49.69 -15.63 -21.82
CA GLU F 51 50.51 -14.93 -22.84
C GLU F 51 51.97 -14.92 -22.41
N LYS F 52 52.85 -14.64 -23.37
CA LYS F 52 54.31 -14.56 -23.14
C LYS F 52 54.64 -13.09 -22.81
N LEU F 53 55.71 -12.86 -22.07
CA LEU F 53 56.15 -11.49 -21.70
C LEU F 53 56.36 -10.64 -22.96
N ASP F 54 55.70 -9.49 -23.06
CA ASP F 54 56.01 -8.45 -24.08
C ASP F 54 57.15 -7.58 -23.52
N VAL F 55 58.39 -7.82 -23.95
CA VAL F 55 59.62 -7.25 -23.32
C VAL F 55 59.65 -5.74 -23.55
N GLU F 56 59.53 -5.28 -24.80
CA GLU F 56 59.58 -3.83 -25.10
C GLU F 56 58.35 -3.10 -24.55
N ALA F 57 57.15 -3.69 -24.61
CA ALA F 57 55.93 -3.06 -24.04
C ALA F 57 56.12 -2.91 -22.50
N SER F 58 56.71 -3.88 -21.86
CA SER F 58 56.96 -3.87 -20.40
C SER F 58 58.01 -2.78 -20.08
N ALA F 59 59.05 -2.66 -20.90
CA ALA F 59 60.11 -1.65 -20.75
C ALA F 59 59.49 -0.25 -20.90
N LYS F 60 58.53 -0.07 -21.81
CA LYS F 60 57.86 1.24 -22.02
C LYS F 60 57.07 1.64 -20.77
N ASN F 61 56.39 0.67 -20.16
CA ASN F 61 55.71 0.88 -18.86
C ASN F 61 56.70 1.33 -17.78
N ILE F 62 57.74 0.53 -17.59
CA ILE F 62 58.79 0.79 -16.57
C ILE F 62 59.36 2.18 -16.82
N ALA F 63 59.55 2.59 -18.07
CA ALA F 63 60.09 3.93 -18.41
C ALA F 63 59.19 5.00 -17.81
N LYS F 64 57.88 4.77 -17.77
CA LYS F 64 56.96 5.76 -17.17
C LYS F 64 57.21 5.89 -15.67
N LEU F 65 57.54 4.79 -14.96
CA LEU F 65 57.83 4.81 -13.52
C LEU F 65 59.13 5.62 -13.34
N ILE F 66 60.12 5.48 -14.24
CA ILE F 66 61.39 6.28 -14.14
C ILE F 66 61.02 7.77 -14.27
N GLU F 67 60.18 8.15 -15.24
CA GLU F 67 59.84 9.58 -15.50
C GLU F 67 59.08 10.12 -14.28
N ALA F 68 58.32 9.28 -13.62
CA ALA F 68 57.46 9.65 -12.48
C ALA F 68 58.29 9.84 -11.20
N GLY F 69 59.52 9.34 -11.14
CA GLY F 69 60.43 9.66 -10.02
C GLY F 69 60.93 8.42 -9.30
N ALA F 70 60.75 7.20 -9.85
CA ALA F 70 61.45 6.02 -9.32
C ALA F 70 62.96 6.21 -9.54
N ASN F 71 63.73 6.10 -8.46
CA ASN F 71 65.19 6.33 -8.45
C ASN F 71 65.97 5.02 -8.49
N THR F 72 65.36 3.93 -8.05
CA THR F 72 65.97 2.58 -7.95
C THR F 72 64.85 1.57 -8.03
N PHE F 73 65.07 0.46 -8.74
CA PHE F 73 64.07 -0.65 -8.75
C PHE F 73 64.62 -1.76 -7.88
N ARG F 74 63.74 -2.35 -7.09
CA ARG F 74 64.01 -3.48 -6.21
C ARG F 74 63.53 -4.74 -6.93
N PHE F 75 64.43 -5.72 -6.97
CA PHE F 75 64.22 -7.10 -7.46
C PHE F 75 64.20 -8.01 -6.24
N ASN F 76 63.03 -8.53 -5.91
CA ASN F 76 62.81 -9.33 -4.68
C ASN F 76 63.04 -10.80 -5.03
N PHE F 77 64.17 -11.35 -4.65
CA PHE F 77 64.55 -12.74 -5.02
C PHE F 77 63.78 -13.76 -4.18
N SER F 78 62.90 -13.34 -3.27
CA SER F 78 61.92 -14.24 -2.63
C SER F 78 60.89 -14.71 -3.65
N HIS F 79 60.73 -14.01 -4.77
CA HIS F 79 59.75 -14.32 -5.83
C HIS F 79 60.45 -14.74 -7.13
N GLY F 80 59.90 -15.72 -7.85
CA GLY F 80 60.35 -16.05 -9.20
C GLY F 80 61.63 -16.87 -9.17
N ASP F 81 62.27 -17.01 -10.31
CA ASP F 81 63.55 -17.75 -10.42
C ASP F 81 64.55 -16.80 -11.06
N HIS F 82 65.79 -17.24 -11.27
CA HIS F 82 66.83 -16.42 -11.91
C HIS F 82 66.44 -15.98 -13.32
N GLN F 83 65.70 -16.79 -14.09
CA GLN F 83 65.38 -16.39 -15.49
C GLN F 83 64.40 -15.21 -15.43
N GLU F 84 63.43 -15.29 -14.54
CA GLU F 84 62.42 -14.23 -14.41
C GLU F 84 63.11 -12.93 -13.93
N GLN F 85 63.97 -13.01 -12.94
CA GLN F 85 64.61 -11.79 -12.36
C GLN F 85 65.55 -11.21 -13.43
N GLY F 86 66.28 -12.08 -14.12
CA GLY F 86 67.17 -11.71 -15.23
C GLY F 86 66.46 -10.97 -16.33
N GLU F 87 65.31 -11.48 -16.79
CA GLU F 87 64.49 -10.80 -17.83
C GLU F 87 64.00 -9.46 -17.28
N ARG F 88 63.56 -9.45 -16.02
CA ARG F 88 63.06 -8.20 -15.41
C ARG F 88 64.21 -7.17 -15.35
N MET F 89 65.44 -7.57 -14.98
CA MET F 89 66.57 -6.62 -15.00
C MET F 89 66.82 -6.13 -16.43
N ALA F 90 66.69 -7.01 -17.44
CA ALA F 90 66.91 -6.59 -18.85
C ALA F 90 65.87 -5.56 -19.23
N THR F 91 64.62 -5.74 -18.82
CA THR F 91 63.52 -4.82 -19.17
C THR F 91 63.82 -3.43 -18.60
N VAL F 92 64.36 -3.39 -17.39
CA VAL F 92 64.77 -2.09 -16.78
C VAL F 92 65.85 -1.45 -17.65
N LYS F 93 66.86 -2.21 -18.08
CA LYS F 93 67.97 -1.61 -18.87
C LYS F 93 67.37 -1.07 -20.17
N LEU F 94 66.34 -1.73 -20.74
CA LEU F 94 65.62 -1.17 -21.92
C LEU F 94 64.87 0.09 -21.53
N ALA F 95 64.21 0.07 -20.37
CA ALA F 95 63.42 1.23 -19.91
C ALA F 95 64.34 2.47 -19.82
N GLU F 96 65.52 2.31 -19.26
CA GLU F 96 66.45 3.45 -19.07
C GLU F 96 66.71 4.13 -20.41
N LYS F 97 66.91 3.35 -21.48
CA LYS F 97 67.12 3.87 -22.84
C LYS F 97 65.86 4.62 -23.32
N ILE F 98 64.67 4.12 -23.02
CA ILE F 98 63.41 4.82 -23.42
C ILE F 98 63.31 6.12 -22.65
N ALA F 99 63.57 6.08 -21.34
CA ALA F 99 63.36 7.23 -20.44
C ALA F 99 64.48 8.25 -20.67
N GLY F 100 65.64 7.83 -21.20
CA GLY F 100 66.84 8.70 -21.27
C GLY F 100 67.38 9.00 -19.87
N LYS F 101 67.09 8.15 -18.90
CA LYS F 101 67.44 8.41 -17.47
C LYS F 101 67.85 7.07 -16.88
N LYS F 102 68.89 7.07 -16.07
CA LYS F 102 69.39 5.85 -15.39
C LYS F 102 68.77 5.69 -14.01
N VAL F 103 68.69 4.46 -13.53
CA VAL F 103 68.18 4.16 -12.16
C VAL F 103 69.10 3.15 -11.53
N GLY F 104 69.00 3.05 -10.21
CA GLY F 104 69.70 2.03 -9.42
C GLY F 104 69.01 0.68 -9.50
N PHE F 105 69.80 -0.38 -9.37
CA PHE F 105 69.38 -1.78 -9.35
C PHE F 105 69.69 -2.30 -7.96
N LEU F 106 68.65 -2.72 -7.25
CA LEU F 106 68.74 -3.23 -5.87
C LEU F 106 68.22 -4.66 -5.86
N LEU F 107 69.07 -5.60 -5.46
CA LEU F 107 68.68 -7.01 -5.23
C LEU F 107 68.29 -7.12 -3.76
N ASP F 108 67.13 -7.69 -3.48
CA ASP F 108 66.65 -7.96 -2.12
C ASP F 108 66.69 -9.47 -1.92
N THR F 109 67.47 -9.93 -0.94
CA THR F 109 67.77 -11.36 -0.71
C THR F 109 66.63 -12.05 0.02
N LYS F 110 66.60 -13.39 -0.05
CA LYS F 110 65.64 -14.21 0.75
C LYS F 110 65.98 -14.07 2.23
N GLY F 111 67.26 -14.29 2.57
CA GLY F 111 67.74 -14.27 3.96
C GLY F 111 67.28 -15.49 4.74
N PRO F 112 67.54 -15.51 6.07
CA PRO F 112 67.05 -16.56 6.95
C PRO F 112 65.53 -16.51 7.17
N GLU F 113 64.75 -16.86 6.15
CA GLU F 113 63.27 -16.68 6.15
C GLU F 113 62.57 -18.01 5.87
N ILE F 114 61.27 -18.04 6.14
CA ILE F 114 60.33 -19.09 5.71
C ILE F 114 59.38 -18.48 4.68
N ARG F 115 59.22 -19.15 3.54
CA ARG F 115 58.23 -18.79 2.50
C ARG F 115 57.29 -19.98 2.28
N THR F 116 56.03 -19.73 1.94
CA THR F 116 55.09 -20.74 1.42
C THR F 116 55.68 -21.26 0.12
N GLU F 117 55.41 -22.52 -0.22
CA GLU F 117 56.01 -23.15 -1.41
C GLU F 117 55.15 -22.80 -2.62
N LEU F 118 55.62 -23.14 -3.82
CA LEU F 118 54.72 -23.25 -5.00
C LEU F 118 53.60 -24.23 -4.63
N PHE F 119 52.42 -24.07 -5.22
CA PHE F 119 51.27 -25.00 -5.07
C PHE F 119 51.27 -26.03 -6.21
N GLU F 120 50.58 -27.16 -6.02
CA GLU F 120 50.23 -28.16 -7.08
C GLU F 120 49.35 -27.49 -8.15
N GLY F 121 49.60 -27.79 -9.42
CA GLY F 121 48.62 -27.65 -10.51
C GLY F 121 48.25 -26.21 -10.80
N GLU F 122 49.24 -25.32 -10.82
CA GLU F 122 49.18 -23.94 -11.40
C GLU F 122 48.13 -23.07 -10.70
N ALA F 123 47.78 -23.41 -9.45
CA ALA F 123 47.16 -22.48 -8.48
C ALA F 123 48.27 -21.57 -7.94
N LYS F 124 48.04 -20.27 -7.95
CA LYS F 124 48.98 -19.25 -7.41
C LYS F 124 48.65 -19.04 -5.93
N GLU F 125 47.37 -19.16 -5.57
CA GLU F 125 46.85 -18.87 -4.21
C GLU F 125 45.49 -19.53 -3.96
N TYR F 126 45.05 -19.49 -2.71
CA TYR F 126 43.70 -19.90 -2.24
C TYR F 126 43.24 -18.97 -1.09
N SER F 127 41.91 -18.79 -0.96
CA SER F 127 41.19 -18.08 0.14
C SER F 127 40.76 -19.09 1.21
N TYR F 128 40.91 -18.71 2.49
CA TYR F 128 40.47 -19.46 3.69
C TYR F 128 39.57 -18.56 4.53
N LYS F 129 38.69 -19.20 5.30
CA LYS F 129 37.72 -18.57 6.23
C LYS F 129 38.06 -19.03 7.65
N THR F 130 37.71 -18.19 8.64
CA THR F 130 37.95 -18.40 10.09
C THR F 130 37.36 -19.74 10.50
N GLY F 131 38.13 -20.60 11.17
CA GLY F 131 37.65 -21.92 11.64
C GLY F 131 38.18 -23.08 10.81
N GLU F 132 38.35 -22.91 9.49
CA GLU F 132 38.90 -23.97 8.60
C GLU F 132 40.14 -24.57 9.26
N LYS F 133 40.26 -25.90 9.24
CA LYS F 133 41.43 -26.63 9.82
C LYS F 133 42.25 -27.16 8.64
N ILE F 134 43.52 -26.83 8.59
CA ILE F 134 44.41 -27.23 7.46
C ILE F 134 45.69 -27.75 8.09
N ARG F 135 46.70 -28.01 7.27
CA ARG F 135 47.97 -28.57 7.75
C ARG F 135 49.12 -27.77 7.13
N VAL F 136 50.23 -27.72 7.85
CA VAL F 136 51.50 -27.11 7.35
C VAL F 136 52.57 -28.18 7.38
N ALA F 137 53.11 -28.54 6.21
CA ALA F 137 54.18 -29.55 6.05
C ALA F 137 55.54 -28.93 6.38
N THR F 138 56.34 -29.63 7.18
CA THR F 138 57.77 -29.34 7.47
C THR F 138 58.65 -29.93 6.36
N LYS F 139 58.21 -31.02 5.72
CA LYS F 139 59.01 -31.69 4.67
C LYS F 139 59.42 -30.66 3.64
N GLN F 140 60.74 -30.55 3.42
CA GLN F 140 61.37 -29.63 2.44
C GLN F 140 61.40 -30.32 1.08
N GLY F 141 61.16 -29.56 0.02
CA GLY F 141 61.35 -29.99 -1.38
C GLY F 141 60.05 -30.43 -2.02
N ILE F 142 58.91 -30.19 -1.39
CA ILE F 142 57.57 -30.58 -1.94
C ILE F 142 56.78 -29.32 -2.26
N LYS F 143 55.66 -29.47 -2.99
CA LYS F 143 54.75 -28.36 -3.36
C LYS F 143 53.59 -28.30 -2.35
N SER F 144 52.93 -27.15 -2.26
CA SER F 144 51.73 -26.93 -1.41
C SER F 144 50.51 -27.43 -2.17
N THR F 145 49.50 -27.85 -1.42
CA THR F 145 48.08 -27.93 -1.85
C THR F 145 47.29 -27.00 -0.95
N ARG F 146 46.04 -26.73 -1.30
CA ARG F 146 45.14 -25.90 -0.47
C ARG F 146 45.10 -26.44 0.96
N GLU F 147 45.20 -27.77 1.16
CA GLU F 147 44.93 -28.42 2.47
C GLU F 147 46.23 -28.66 3.22
N VAL F 148 47.36 -28.67 2.50
CA VAL F 148 48.68 -28.94 3.13
C VAL F 148 49.65 -27.93 2.56
N ILE F 149 49.91 -26.86 3.34
CA ILE F 149 50.86 -25.77 2.98
C ILE F 149 52.27 -26.28 3.26
N ALA F 150 53.10 -26.25 2.23
CA ALA F 150 54.52 -26.65 2.30
C ALA F 150 55.30 -25.36 2.53
N LEU F 151 56.36 -25.46 3.31
CA LEU F 151 57.29 -24.34 3.58
C LEU F 151 58.59 -24.60 2.81
N ASN F 152 59.13 -23.55 2.19
CA ASN F 152 60.54 -23.40 1.80
C ASN F 152 61.24 -22.66 2.95
N VAL F 153 61.95 -23.40 3.81
CA VAL F 153 62.72 -22.85 4.97
C VAL F 153 64.17 -22.66 4.51
N ALA F 154 64.80 -21.51 4.79
CA ALA F 154 66.19 -21.23 4.34
C ALA F 154 67.17 -22.24 4.96
N GLY F 155 68.01 -22.84 4.11
CA GLY F 155 68.95 -23.91 4.46
C GLY F 155 68.24 -25.25 4.59
N ALA F 156 67.04 -25.38 3.98
CA ALA F 156 66.23 -26.61 3.89
C ALA F 156 66.11 -27.26 5.27
N LEU F 157 66.06 -26.42 6.31
CA LEU F 157 65.86 -26.84 7.72
C LEU F 157 64.49 -27.54 7.88
N ASP F 158 64.46 -28.62 8.65
CA ASP F 158 63.24 -29.22 9.25
C ASP F 158 63.00 -28.45 10.56
N ILE F 159 61.79 -27.93 10.76
CA ILE F 159 61.45 -27.00 11.88
C ILE F 159 60.39 -27.63 12.79
N TYR F 160 59.95 -28.85 12.51
CA TYR F 160 58.90 -29.55 13.29
C TYR F 160 59.23 -29.51 14.79
N ASP F 161 60.50 -29.74 15.17
CA ASP F 161 60.95 -29.85 16.59
C ASP F 161 61.14 -28.45 17.21
N ASP F 162 61.21 -27.39 16.41
CA ASP F 162 61.43 -25.99 16.86
C ASP F 162 60.10 -25.30 17.16
N VAL F 163 58.95 -25.92 16.84
CA VAL F 163 57.62 -25.26 16.85
C VAL F 163 56.69 -26.01 17.79
N GLU F 164 56.33 -25.42 18.94
CA GLU F 164 55.38 -26.03 19.93
C GLU F 164 53.94 -25.91 19.41
N VAL F 165 52.99 -26.61 20.06
CA VAL F 165 51.52 -26.37 20.00
C VAL F 165 51.23 -24.97 20.60
N GLY F 166 50.18 -24.29 20.15
CA GLY F 166 49.85 -22.91 20.59
C GLY F 166 50.72 -21.84 19.93
N ARG F 167 51.72 -22.18 19.12
CA ARG F 167 52.49 -21.18 18.34
C ARG F 167 51.59 -20.65 17.24
N GLN F 168 51.79 -19.41 16.86
CA GLN F 168 50.98 -18.77 15.81
C GLN F 168 51.85 -18.75 14.57
N VAL F 169 51.27 -19.16 13.43
CA VAL F 169 51.95 -19.14 12.10
C VAL F 169 51.25 -18.05 11.27
N LEU F 170 52.04 -17.05 10.88
CA LEU F 170 51.52 -15.83 10.21
C LEU F 170 51.98 -15.86 8.77
N VAL F 171 51.07 -15.55 7.86
CA VAL F 171 51.36 -15.54 6.40
C VAL F 171 51.18 -14.13 5.84
N ASP F 172 52.20 -13.68 5.09
CA ASP F 172 52.30 -12.43 4.31
C ASP F 172 52.24 -11.19 5.22
N ASP F 173 53.34 -10.82 5.88
CA ASP F 173 53.38 -9.65 6.81
C ASP F 173 52.25 -9.80 7.85
N GLY F 174 51.89 -11.02 8.24
CA GLY F 174 50.86 -11.30 9.27
C GLY F 174 49.44 -10.94 8.85
N LYS F 175 49.13 -10.92 7.55
CA LYS F 175 47.74 -10.68 7.07
C LYS F 175 46.82 -11.82 7.53
N LEU F 176 47.31 -13.05 7.48
CA LEU F 176 46.52 -14.27 7.86
C LEU F 176 47.24 -15.00 9.00
N GLY F 177 46.51 -15.34 10.05
CA GLY F 177 47.04 -16.09 11.21
C GLY F 177 46.55 -17.54 11.19
N LEU F 178 47.45 -18.47 11.52
CA LEU F 178 47.14 -19.90 11.76
C LEU F 178 47.60 -20.26 13.18
N ARG F 179 46.72 -20.85 13.99
CA ARG F 179 47.08 -21.36 15.32
C ARG F 179 47.43 -22.84 15.21
N VAL F 180 48.64 -23.24 15.62
CA VAL F 180 49.01 -24.69 15.73
C VAL F 180 48.24 -25.27 16.92
N VAL F 181 47.31 -26.19 16.65
CA VAL F 181 46.46 -26.88 17.67
C VAL F 181 47.07 -28.24 18.06
N ALA F 182 47.68 -28.98 17.11
CA ALA F 182 48.34 -30.29 17.35
C ALA F 182 49.46 -30.52 16.34
N LYS F 183 50.30 -31.51 16.60
CA LYS F 183 51.43 -31.94 15.72
C LYS F 183 51.29 -33.43 15.41
N ASP F 184 50.85 -33.74 14.19
CA ASP F 184 50.79 -35.10 13.58
C ASP F 184 52.21 -35.64 13.35
N ASP F 185 52.72 -36.46 14.29
CA ASP F 185 54.08 -37.06 14.30
C ASP F 185 54.34 -37.87 13.03
N ALA F 186 53.32 -38.59 12.57
CA ALA F 186 53.38 -39.52 11.41
C ALA F 186 53.93 -38.74 10.21
N THR F 187 53.19 -37.71 9.76
CA THR F 187 53.48 -36.88 8.56
C THR F 187 54.49 -35.77 8.87
N ARG F 188 54.78 -35.50 10.15
CA ARG F 188 55.58 -34.35 10.65
C ARG F 188 54.94 -33.05 10.13
N GLU F 189 53.63 -32.92 10.34
CA GLU F 189 52.81 -31.76 9.93
C GLU F 189 52.36 -31.03 11.20
N PHE F 190 51.96 -29.76 11.07
CA PHE F 190 51.19 -28.99 12.07
C PHE F 190 49.71 -29.04 11.68
N GLU F 191 48.85 -29.38 12.63
CA GLU F 191 47.40 -29.18 12.44
C GLU F 191 47.14 -27.75 12.89
N VAL F 192 46.54 -26.92 12.04
CA VAL F 192 46.39 -25.47 12.31
C VAL F 192 44.94 -25.06 12.08
N GLU F 193 44.47 -24.11 12.88
CA GLU F 193 43.17 -23.44 12.71
C GLU F 193 43.41 -22.05 12.10
N VAL F 194 42.65 -21.69 11.08
CA VAL F 194 42.67 -20.34 10.46
C VAL F 194 42.01 -19.39 11.45
N GLU F 195 42.70 -18.31 11.85
CA GLU F 195 42.21 -17.39 12.91
C GLU F 195 41.33 -16.29 12.33
N ASN F 196 41.51 -15.99 11.05
CA ASN F 196 40.88 -14.83 10.35
C ASN F 196 40.85 -15.13 8.83
N ASP F 197 39.97 -14.45 8.11
CA ASP F 197 39.80 -14.62 6.64
C ASP F 197 41.02 -14.07 5.92
N GLY F 198 41.49 -14.77 4.88
CA GLY F 198 42.61 -14.28 4.07
C GLY F 198 43.13 -15.31 3.09
N ILE F 199 44.22 -14.97 2.45
CA ILE F 199 44.78 -15.66 1.26
C ILE F 199 46.11 -16.26 1.67
N ILE F 200 46.40 -17.51 1.25
CA ILE F 200 47.77 -18.08 1.24
C ILE F 200 48.20 -18.15 -0.22
N ALA F 201 49.10 -17.28 -0.65
CA ALA F 201 49.65 -17.30 -2.01
C ALA F 201 51.04 -17.94 -1.94
N LYS F 202 51.56 -18.32 -3.10
CA LYS F 202 52.91 -18.92 -3.23
C LYS F 202 53.96 -17.85 -2.88
N GLN F 203 55.10 -18.32 -2.39
CA GLN F 203 56.34 -17.54 -2.08
C GLN F 203 56.02 -16.34 -1.18
N LYS F 204 55.07 -16.51 -0.26
CA LYS F 204 54.66 -15.50 0.75
C LYS F 204 55.44 -15.72 2.03
N GLY F 205 55.89 -14.62 2.66
CA GLY F 205 56.63 -14.62 3.93
C GLY F 205 55.86 -15.36 5.02
N VAL F 206 56.57 -16.15 5.82
CA VAL F 206 55.98 -16.89 6.96
C VAL F 206 56.77 -16.52 8.21
N ASN F 207 56.04 -16.13 9.25
CA ASN F 207 56.56 -15.70 10.55
C ASN F 207 55.93 -16.60 11.62
N ILE F 208 56.76 -17.10 12.53
CA ILE F 208 56.35 -17.92 13.69
C ILE F 208 56.97 -17.24 14.89
N PRO F 209 56.30 -16.23 15.48
CA PRO F 209 56.88 -15.48 16.59
C PRO F 209 57.22 -16.38 17.80
N ASN F 210 58.29 -16.03 18.52
CA ASN F 210 58.72 -16.71 19.77
C ASN F 210 59.21 -18.13 19.44
N THR F 211 59.97 -18.30 18.36
CA THR F 211 60.67 -19.57 18.00
C THR F 211 62.11 -19.22 17.59
N LYS F 212 63.01 -20.19 17.70
CA LYS F 212 64.50 -20.01 17.59
C LYS F 212 65.03 -20.96 16.52
N ILE F 213 64.58 -20.80 15.28
CA ILE F 213 65.01 -21.68 14.16
C ILE F 213 66.50 -21.40 13.87
N PRO F 214 67.36 -22.45 13.78
CA PRO F 214 68.79 -22.25 13.59
C PRO F 214 69.21 -22.01 12.12
N PHE F 215 68.82 -20.86 11.57
CA PHE F 215 69.13 -20.49 10.17
C PHE F 215 70.64 -20.39 10.03
N PRO F 216 71.24 -20.82 8.90
CA PRO F 216 72.68 -20.70 8.74
C PRO F 216 73.19 -19.25 8.53
N ALA F 217 74.49 -19.05 8.74
CA ALA F 217 75.23 -17.78 8.49
C ALA F 217 74.75 -17.13 7.18
N LEU F 218 74.88 -17.85 6.07
CA LEU F 218 74.42 -17.41 4.72
C LEU F 218 73.98 -18.62 3.92
N ALA F 219 72.67 -18.73 3.63
CA ALA F 219 72.10 -19.91 2.96
C ALA F 219 72.68 -20.02 1.54
N GLU F 220 72.73 -21.24 1.01
CA GLU F 220 73.34 -21.48 -0.32
C GLU F 220 72.55 -20.71 -1.38
N ARG F 221 71.22 -20.64 -1.26
CA ARG F 221 70.33 -19.93 -2.22
C ARG F 221 70.64 -18.43 -2.22
N ASP F 222 70.93 -17.86 -1.06
CA ASP F 222 71.36 -16.44 -0.90
C ASP F 222 72.67 -16.27 -1.67
N ASN F 223 73.59 -17.20 -1.47
CA ASN F 223 74.92 -17.13 -2.13
C ASN F 223 74.68 -17.14 -3.65
N ASP F 224 73.85 -18.05 -4.15
CA ASP F 224 73.58 -18.20 -5.61
C ASP F 224 72.88 -16.94 -6.11
N ASP F 225 71.88 -16.45 -5.39
CA ASP F 225 71.08 -15.25 -5.76
C ASP F 225 72.00 -14.02 -5.87
N ILE F 226 72.87 -13.80 -4.89
CA ILE F 226 73.76 -12.60 -4.85
C ILE F 226 74.73 -12.69 -6.02
N ARG F 227 75.33 -13.86 -6.22
CA ARG F 227 76.31 -14.05 -7.31
C ARG F 227 75.59 -13.87 -8.65
N PHE F 228 74.36 -14.38 -8.82
CA PHE F 228 73.59 -14.13 -10.06
C PHE F 228 73.38 -12.62 -10.25
N GLY F 229 72.82 -11.95 -9.25
CA GLY F 229 72.59 -10.50 -9.35
C GLY F 229 73.87 -9.78 -9.71
N LEU F 230 74.98 -10.08 -9.03
CA LEU F 230 76.30 -9.43 -9.24
C LEU F 230 76.76 -9.65 -10.69
N GLU F 231 76.53 -10.85 -11.24
CA GLU F 231 76.93 -11.13 -12.63
C GLU F 231 76.09 -10.25 -13.56
N GLN F 232 74.80 -10.10 -13.27
CA GLN F 232 73.85 -9.37 -14.16
C GLN F 232 74.18 -7.88 -14.14
N GLY F 233 74.52 -7.36 -12.94
CA GLY F 233 74.93 -5.95 -12.76
C GLY F 233 73.98 -5.26 -11.81
N ILE F 234 74.39 -5.07 -10.56
CA ILE F 234 73.52 -4.40 -9.56
C ILE F 234 74.35 -3.33 -8.84
N ASN F 235 73.67 -2.45 -8.13
CA ASN F 235 74.31 -1.30 -7.43
C ASN F 235 74.12 -1.45 -5.92
N PHE F 236 73.06 -2.13 -5.51
CA PHE F 236 72.64 -2.22 -4.11
C PHE F 236 72.20 -3.65 -3.78
N ILE F 237 72.56 -4.15 -2.61
CA ILE F 237 71.93 -5.37 -2.04
C ILE F 237 71.22 -4.97 -0.76
N ALA F 238 69.95 -5.32 -0.65
CA ALA F 238 69.21 -5.27 0.62
C ALA F 238 69.22 -6.67 1.20
N ILE F 239 69.92 -6.85 2.32
CA ILE F 239 70.10 -8.15 3.00
C ILE F 239 68.95 -8.35 3.97
N SER F 240 68.09 -9.32 3.72
CA SER F 240 66.89 -9.57 4.57
C SER F 240 67.31 -10.09 5.95
N PHE F 241 66.57 -9.70 6.99
CA PHE F 241 66.65 -10.23 8.36
C PHE F 241 68.09 -10.20 8.88
N VAL F 242 68.79 -9.09 8.70
CA VAL F 242 70.16 -8.93 9.27
C VAL F 242 70.05 -9.05 10.79
N ARG F 243 70.78 -10.01 11.36
CA ARG F 243 70.80 -10.30 12.81
C ARG F 243 72.02 -9.64 13.50
N THR F 244 73.15 -9.66 12.84
CA THR F 244 74.42 -9.15 13.39
C THR F 244 75.21 -8.54 12.25
N ALA F 245 76.29 -7.89 12.58
CA ALA F 245 77.26 -7.37 11.60
C ALA F 245 77.80 -8.52 10.72
N LYS F 246 77.86 -9.74 11.23
CA LYS F 246 78.34 -10.93 10.47
C LYS F 246 77.53 -11.11 9.17
N ASP F 247 76.21 -10.93 9.25
CA ASP F 247 75.30 -11.12 8.07
C ASP F 247 75.68 -10.16 6.94
N VAL F 248 76.08 -8.95 7.29
CA VAL F 248 76.52 -7.92 6.30
C VAL F 248 77.91 -8.29 5.75
N ASN F 249 78.84 -8.70 6.61
CA ASN F 249 80.26 -8.98 6.23
C ASN F 249 80.31 -10.21 5.30
N GLU F 250 79.54 -11.26 5.60
CA GLU F 250 79.37 -12.44 4.70
C GLU F 250 79.07 -11.94 3.27
N VAL F 251 78.14 -10.99 3.12
CA VAL F 251 77.71 -10.52 1.78
C VAL F 251 78.81 -9.63 1.22
N ARG F 252 79.40 -8.79 2.07
CA ARG F 252 80.52 -7.90 1.66
C ARG F 252 81.66 -8.73 1.03
N ALA F 253 81.98 -9.91 1.58
CA ALA F 253 83.11 -10.75 1.12
C ALA F 253 82.86 -11.22 -0.31
N ILE F 254 81.61 -11.57 -0.63
CA ILE F 254 81.22 -12.03 -1.98
C ILE F 254 81.36 -10.86 -2.94
N CYS F 255 80.94 -9.66 -2.51
CA CYS F 255 80.98 -8.46 -3.39
C CYS F 255 82.44 -8.19 -3.73
N GLU F 256 83.32 -8.28 -2.73
CA GLU F 256 84.77 -7.97 -2.86
C GLU F 256 85.46 -9.04 -3.75
N GLU F 257 85.17 -10.32 -3.50
CA GLU F 257 85.80 -11.47 -4.20
C GLU F 257 85.56 -11.36 -5.71
N THR F 258 84.34 -10.97 -6.10
CA THR F 258 83.86 -10.95 -7.50
C THR F 258 84.26 -9.65 -8.17
N GLY F 259 84.95 -8.75 -7.47
CA GLY F 259 85.36 -7.46 -8.07
C GLY F 259 84.19 -6.48 -8.10
N ASN F 260 83.25 -6.63 -7.16
CA ASN F 260 82.03 -5.79 -7.07
C ASN F 260 82.07 -5.01 -5.76
N GLY F 261 83.25 -4.48 -5.38
CA GLY F 261 83.41 -3.74 -4.11
C GLY F 261 82.61 -2.44 -4.09
N HIS F 262 82.20 -1.94 -5.27
CA HIS F 262 81.36 -0.73 -5.42
C HIS F 262 79.92 -1.00 -4.99
N VAL F 263 79.51 -2.26 -4.80
CA VAL F 263 78.09 -2.58 -4.50
C VAL F 263 77.86 -2.16 -3.05
N GLN F 264 76.76 -1.47 -2.79
CA GLN F 264 76.42 -0.97 -1.44
C GLN F 264 75.40 -1.92 -0.79
N LEU F 265 75.57 -2.19 0.50
CA LEU F 265 74.77 -3.16 1.27
C LEU F 265 73.86 -2.41 2.23
N PHE F 266 72.57 -2.59 2.05
CA PHE F 266 71.56 -2.13 3.01
C PHE F 266 71.17 -3.32 3.87
N ALA F 267 71.38 -3.17 5.16
CA ALA F 267 70.89 -4.16 6.14
C ALA F 267 69.40 -3.94 6.30
N LYS F 268 68.58 -4.97 6.10
CA LYS F 268 67.15 -4.91 6.47
C LYS F 268 67.03 -5.26 7.95
N ILE F 269 66.43 -4.35 8.71
CA ILE F 269 66.16 -4.49 10.15
C ILE F 269 64.69 -4.86 10.29
N GLU F 270 64.44 -6.11 10.70
CA GLU F 270 63.05 -6.64 10.71
C GLU F 270 62.86 -7.67 11.81
N ASN F 271 63.72 -7.69 12.82
CA ASN F 271 63.52 -8.53 14.02
C ASN F 271 64.32 -7.93 15.18
N GLN F 272 64.08 -8.46 16.38
CA GLN F 272 64.59 -7.89 17.65
C GLN F 272 66.12 -7.98 17.63
N GLN F 273 66.70 -9.03 17.05
CA GLN F 273 68.18 -9.24 17.09
C GLN F 273 68.85 -8.11 16.28
N GLY F 274 68.30 -7.78 15.11
CA GLY F 274 68.78 -6.66 14.27
C GLY F 274 68.66 -5.33 15.01
N ILE F 275 67.56 -5.12 15.71
CA ILE F 275 67.36 -3.93 16.57
C ILE F 275 68.47 -3.92 17.63
N ASP F 276 68.65 -5.03 18.34
CA ASP F 276 69.65 -5.12 19.45
C ASP F 276 71.04 -4.83 18.90
N ASN F 277 71.36 -5.30 17.70
CA ASN F 277 72.70 -5.18 17.07
C ASN F 277 72.76 -3.97 16.12
N LEU F 278 71.87 -2.99 16.22
CA LEU F 278 71.76 -1.95 15.15
C LEU F 278 73.10 -1.21 14.97
N ASP F 279 73.77 -0.83 16.07
CA ASP F 279 75.01 -0.01 15.99
C ASP F 279 76.08 -0.74 15.19
N GLU F 280 76.34 -2.01 15.47
CA GLU F 280 77.39 -2.74 14.71
C GLU F 280 76.89 -3.01 13.30
N ILE F 281 75.57 -3.15 13.12
CA ILE F 281 75.01 -3.36 11.75
C ILE F 281 75.17 -2.04 10.95
N ILE F 282 74.89 -0.89 11.55
CA ILE F 282 75.07 0.41 10.83
C ILE F 282 76.53 0.54 10.47
N GLU F 283 77.43 0.11 11.36
CA GLU F 283 78.89 0.28 11.10
C GLU F 283 79.30 -0.56 9.89
N ALA F 284 78.79 -1.78 9.74
CA ALA F 284 79.24 -2.72 8.68
C ALA F 284 78.61 -2.39 7.31
N ALA F 285 77.43 -1.78 7.30
CA ALA F 285 76.57 -1.60 6.12
C ALA F 285 76.79 -0.23 5.51
N ASP F 286 76.20 0.00 4.35
CA ASP F 286 76.18 1.31 3.65
C ASP F 286 74.86 2.03 3.97
N GLY F 287 73.93 1.34 4.60
CA GLY F 287 72.60 1.89 4.83
C GLY F 287 71.70 0.86 5.50
N ILE F 288 70.50 1.30 5.85
CA ILE F 288 69.50 0.47 6.55
C ILE F 288 68.23 0.57 5.73
N MET F 289 67.57 -0.55 5.55
CA MET F 289 66.18 -0.55 5.08
C MET F 289 65.33 -0.89 6.30
N ILE F 290 64.42 -0.01 6.66
CA ILE F 290 63.52 -0.28 7.79
C ILE F 290 62.40 -1.14 7.24
N ALA F 291 62.49 -2.44 7.43
CA ALA F 291 61.59 -3.42 6.78
C ALA F 291 60.38 -3.60 7.70
N ARG F 292 59.43 -2.69 7.68
CA ARG F 292 58.38 -2.60 8.73
C ARG F 292 57.46 -3.83 8.69
N GLY F 293 57.37 -4.51 7.56
CA GLY F 293 56.40 -5.62 7.40
C GLY F 293 56.72 -6.73 8.38
N ASP F 294 57.91 -7.28 8.29
CA ASP F 294 58.34 -8.32 9.26
C ASP F 294 58.58 -7.69 10.63
N MET F 295 59.10 -6.46 10.68
CA MET F 295 59.43 -5.89 12.00
C MET F 295 58.17 -5.83 12.87
N GLY F 296 57.03 -5.41 12.30
CA GLY F 296 55.77 -5.24 13.03
C GLY F 296 55.13 -6.56 13.44
N ILE F 297 55.73 -7.69 13.04
CA ILE F 297 55.30 -9.06 13.45
C ILE F 297 56.29 -9.62 14.46
N GLU F 298 57.55 -9.24 14.33
CA GLU F 298 58.67 -9.84 15.08
C GLU F 298 58.84 -9.05 16.38
N VAL F 299 58.50 -7.77 16.43
CA VAL F 299 58.50 -6.95 17.68
C VAL F 299 57.09 -6.41 17.81
N PRO F 300 56.71 -5.84 18.97
CA PRO F 300 55.38 -5.30 19.16
C PRO F 300 55.10 -4.17 18.14
N PHE F 301 53.94 -4.25 17.50
CA PHE F 301 53.60 -3.35 16.36
C PHE F 301 53.74 -1.90 16.81
N GLU F 302 53.38 -1.60 18.05
CA GLU F 302 53.27 -0.20 18.52
C GLU F 302 54.68 0.41 18.72
N MET F 303 55.72 -0.43 18.69
CA MET F 303 57.15 -0.01 18.85
C MET F 303 57.76 0.35 17.50
N VAL F 304 57.12 -0.01 16.39
CA VAL F 304 57.78 0.19 15.08
C VAL F 304 58.01 1.70 14.83
N PRO F 305 57.06 2.62 15.09
CA PRO F 305 57.30 4.05 14.88
C PRO F 305 58.47 4.56 15.75
N VAL F 306 58.63 4.01 16.96
CA VAL F 306 59.76 4.40 17.86
C VAL F 306 61.07 4.05 17.16
N TYR F 307 61.17 2.81 16.71
CA TYR F 307 62.41 2.28 16.10
C TYR F 307 62.69 3.01 14.79
N GLN F 308 61.65 3.33 14.05
CA GLN F 308 61.82 4.01 12.73
C GLN F 308 62.50 5.35 12.97
N LYS F 309 62.02 6.18 13.89
CA LYS F 309 62.57 7.53 14.15
C LYS F 309 64.03 7.43 14.60
N MET F 310 64.30 6.49 15.50
CA MET F 310 65.65 6.22 16.09
C MET F 310 66.62 5.70 15.01
N ILE F 311 66.22 4.73 14.18
CA ILE F 311 67.07 4.27 13.04
C ILE F 311 67.39 5.42 12.08
N ILE F 312 66.42 6.19 11.63
CA ILE F 312 66.68 7.29 10.67
C ILE F 312 67.71 8.26 11.27
N LYS F 313 67.54 8.63 12.54
CA LYS F 313 68.48 9.58 13.20
C LYS F 313 69.88 8.97 13.19
N LYS F 314 70.04 7.72 13.63
CA LYS F 314 71.36 7.05 13.73
C LYS F 314 72.00 6.89 12.37
N VAL F 315 71.25 6.41 11.38
CA VAL F 315 71.82 6.20 10.03
C VAL F 315 72.25 7.53 9.44
N ASN F 316 71.44 8.58 9.58
CA ASN F 316 71.83 9.91 9.04
C ASN F 316 73.10 10.39 9.78
N ALA F 317 73.20 10.19 11.10
CA ALA F 317 74.38 10.67 11.87
C ALA F 317 75.63 9.90 11.41
N ALA F 318 75.45 8.69 10.88
CA ALA F 318 76.56 7.87 10.35
C ALA F 318 76.89 8.27 8.91
N GLY F 319 76.12 9.20 8.31
CA GLY F 319 76.37 9.63 6.91
C GLY F 319 75.99 8.56 5.89
N LYS F 320 75.05 7.71 6.24
CA LYS F 320 74.63 6.56 5.41
C LYS F 320 73.17 6.77 4.97
N VAL F 321 72.65 5.83 4.21
CA VAL F 321 71.35 5.97 3.55
C VAL F 321 70.33 5.18 4.35
N VAL F 322 69.15 5.75 4.63
CA VAL F 322 68.05 4.96 5.22
C VAL F 322 66.84 4.97 4.28
N ILE F 323 66.31 3.76 4.08
CA ILE F 323 65.06 3.50 3.30
C ILE F 323 63.93 3.17 4.29
N THR F 324 62.80 3.86 4.19
CA THR F 324 61.59 3.48 4.96
C THR F 324 60.68 2.63 4.04
N ALA F 325 60.24 1.45 4.48
CA ALA F 325 59.59 0.43 3.60
C ALA F 325 58.31 -0.11 4.20
N THR F 326 57.37 -0.45 3.32
CA THR F 326 56.28 -1.43 3.48
C THR F 326 55.01 -0.74 3.94
N ASN F 327 53.95 -0.93 3.14
CA ASN F 327 52.56 -0.48 3.39
C ASN F 327 52.44 1.04 3.21
N MET F 328 53.45 1.72 2.68
CA MET F 328 53.43 3.20 2.66
C MET F 328 52.19 3.73 1.92
N LEU F 329 51.80 3.13 0.79
CA LEU F 329 50.58 3.51 0.02
C LEU F 329 49.75 2.25 -0.31
N GLU F 330 49.62 1.39 0.68
CA GLU F 330 49.14 -0.01 0.53
C GLU F 330 47.82 -0.05 -0.25
N THR F 331 46.91 0.86 0.06
CA THR F 331 45.53 0.89 -0.48
C THR F 331 45.62 1.07 -2.00
N MET F 332 46.70 1.69 -2.51
CA MET F 332 46.83 1.98 -3.94
C MET F 332 47.17 0.71 -4.73
N THR F 333 47.34 -0.43 -4.07
CA THR F 333 47.42 -1.74 -4.73
C THR F 333 46.09 -2.05 -5.42
N GLU F 334 44.97 -1.57 -4.86
CA GLU F 334 43.61 -1.90 -5.41
C GLU F 334 42.82 -0.64 -5.79
N LYS F 335 43.24 0.53 -5.33
CA LYS F 335 42.49 1.80 -5.50
C LYS F 335 43.40 2.90 -6.01
N PRO F 336 42.86 3.87 -6.77
CA PRO F 336 43.65 4.93 -7.35
C PRO F 336 44.10 6.02 -6.38
N ARG F 337 43.50 6.08 -5.20
CA ARG F 337 43.83 7.09 -4.16
C ARG F 337 44.20 6.36 -2.86
N ALA F 338 45.19 6.90 -2.16
CA ALA F 338 45.65 6.33 -0.88
C ALA F 338 44.72 6.80 0.22
N THR F 339 44.75 6.12 1.35
CA THR F 339 44.03 6.52 2.58
C THR F 339 44.75 7.72 3.22
N ARG F 340 44.08 8.31 4.19
CA ARG F 340 44.63 9.48 4.90
C ARG F 340 45.80 9.03 5.76
N SER F 341 45.79 7.80 6.24
CA SER F 341 46.86 7.26 7.14
C SER F 341 48.09 6.92 6.30
N GLU F 342 47.92 6.46 5.07
CA GLU F 342 49.04 6.24 4.12
C GLU F 342 49.73 7.55 3.73
N VAL F 343 48.99 8.58 3.38
CA VAL F 343 49.60 9.88 3.01
C VAL F 343 50.38 10.41 4.22
N SER F 344 49.78 10.33 5.40
CA SER F 344 50.38 10.73 6.67
C SER F 344 51.70 9.99 6.90
N ASP F 345 51.68 8.68 6.69
CA ASP F 345 52.86 7.81 6.87
C ASP F 345 54.01 8.25 5.92
N VAL F 346 53.76 8.49 4.64
CA VAL F 346 54.81 8.92 3.68
C VAL F 346 55.33 10.30 4.14
N PHE F 347 54.42 11.21 4.48
CA PHE F 347 54.80 12.58 4.87
C PHE F 347 55.71 12.50 6.10
N ASN F 348 55.31 11.73 7.11
CA ASN F 348 56.06 11.66 8.41
C ASN F 348 57.39 10.94 8.21
N ALA F 349 57.50 9.98 7.30
CA ALA F 349 58.80 9.33 7.00
C ALA F 349 59.80 10.39 6.49
N VAL F 350 59.33 11.26 5.61
CA VAL F 350 60.14 12.39 5.10
C VAL F 350 60.55 13.30 6.28
N ILE F 351 59.60 13.69 7.12
CA ILE F 351 59.88 14.63 8.24
C ILE F 351 60.84 13.97 9.21
N ASP F 352 60.67 12.66 9.46
CA ASP F 352 61.57 11.89 10.35
C ASP F 352 63.00 11.98 9.81
N GLY F 353 63.19 12.14 8.50
CA GLY F 353 64.55 12.28 7.92
C GLY F 353 64.94 11.21 6.93
N THR F 354 64.01 10.35 6.47
CA THR F 354 64.37 9.24 5.56
C THR F 354 65.06 9.78 4.29
N ASP F 355 66.04 9.05 3.80
CA ASP F 355 66.60 9.40 2.49
C ASP F 355 65.61 8.90 1.41
N ALA F 356 65.00 7.77 1.63
CA ALA F 356 64.18 7.11 0.58
C ALA F 356 62.92 6.49 1.15
N THR F 357 61.87 6.50 0.33
CA THR F 357 60.57 5.85 0.58
C THR F 357 60.45 4.69 -0.41
N MET F 358 59.77 3.63 -0.03
CA MET F 358 59.74 2.41 -0.87
C MET F 358 58.28 2.04 -1.16
N LEU F 359 58.06 1.55 -2.38
CA LEU F 359 56.83 0.86 -2.80
C LEU F 359 57.17 -0.62 -2.93
N SER F 360 56.27 -1.46 -2.45
CA SER F 360 56.37 -2.92 -2.58
C SER F 360 55.25 -3.40 -3.52
N GLY F 361 54.20 -3.98 -2.95
CA GLY F 361 53.04 -4.48 -3.70
C GLY F 361 52.42 -3.37 -4.54
N GLU F 362 52.54 -2.12 -4.12
CA GLU F 362 51.89 -0.99 -4.86
C GLU F 362 52.45 -0.93 -6.28
N SER F 363 53.74 -1.16 -6.45
CA SER F 363 54.44 -1.09 -7.75
C SER F 363 54.58 -2.51 -8.34
N ALA F 364 54.62 -3.56 -7.53
CA ALA F 364 54.96 -4.92 -8.02
C ALA F 364 53.71 -5.76 -8.33
N ASN F 365 52.61 -5.54 -7.63
CA ASN F 365 51.50 -6.52 -7.51
C ASN F 365 50.14 -5.80 -7.61
N GLY F 366 50.13 -4.55 -8.08
CA GLY F 366 48.93 -3.72 -7.97
C GLY F 366 48.36 -3.29 -9.31
N LYS F 367 47.18 -2.66 -9.26
CA LYS F 367 46.52 -2.10 -10.46
C LYS F 367 47.08 -0.72 -10.79
N TYR F 368 47.85 -0.05 -9.91
CA TYR F 368 48.18 1.38 -10.10
C TYR F 368 49.66 1.65 -9.84
N PRO F 369 50.60 0.91 -10.47
CA PRO F 369 52.02 1.10 -10.19
C PRO F 369 52.48 2.50 -10.59
N LEU F 370 52.05 3.03 -11.72
CA LEU F 370 52.51 4.39 -12.14
C LEU F 370 51.91 5.43 -11.19
N GLU F 371 50.63 5.30 -10.86
CA GLU F 371 49.95 6.28 -10.00
C GLU F 371 50.55 6.24 -8.58
N SER F 372 50.99 5.07 -8.12
CA SER F 372 51.63 4.85 -6.81
C SER F 372 52.96 5.61 -6.80
N VAL F 373 53.74 5.53 -7.86
CA VAL F 373 55.02 6.27 -7.90
C VAL F 373 54.71 7.77 -7.93
N THR F 374 53.77 8.18 -8.77
CA THR F 374 53.36 9.60 -8.88
C THR F 374 52.90 10.14 -7.51
N THR F 375 52.03 9.41 -6.85
CA THR F 375 51.45 9.85 -5.56
C THR F 375 52.58 9.98 -4.53
N MET F 376 53.43 8.97 -4.44
CA MET F 376 54.55 9.00 -3.48
C MET F 376 55.41 10.24 -3.77
N ALA F 377 55.74 10.51 -5.04
CA ALA F 377 56.56 11.67 -5.45
C ALA F 377 55.90 12.97 -5.02
N THR F 378 54.60 13.10 -5.24
CA THR F 378 53.82 14.28 -4.86
C THR F 378 53.95 14.51 -3.35
N ILE F 379 53.77 13.47 -2.53
CA ILE F 379 53.76 13.63 -1.05
C ILE F 379 55.19 13.99 -0.65
N ASP F 380 56.17 13.24 -1.16
CA ASP F 380 57.60 13.43 -0.85
C ASP F 380 58.00 14.89 -1.14
N LYS F 381 57.61 15.42 -2.29
CA LYS F 381 57.95 16.80 -2.71
C LYS F 381 57.31 17.82 -1.77
N ASN F 382 56.06 17.61 -1.37
CA ASN F 382 55.42 18.56 -0.43
C ASN F 382 56.11 18.50 0.94
N ALA F 383 56.41 17.30 1.45
CA ALA F 383 57.03 17.08 2.77
C ALA F 383 58.42 17.73 2.85
N GLN F 384 59.18 17.71 1.77
CA GLN F 384 60.58 18.27 1.81
C GLN F 384 60.51 19.77 2.09
N ALA F 385 59.42 20.43 1.69
CA ALA F 385 59.27 21.89 1.83
C ALA F 385 58.95 22.21 3.30
N LEU F 386 58.66 21.22 4.14
CA LEU F 386 58.38 21.44 5.57
C LEU F 386 59.51 20.96 6.48
N LEU F 387 60.65 20.56 5.91
CA LEU F 387 61.76 20.03 6.73
C LEU F 387 62.34 21.18 7.56
N ASN F 388 62.41 22.39 6.98
CA ASN F 388 62.90 23.57 7.74
C ASN F 388 62.13 23.69 9.06
N GLU F 389 60.81 23.65 8.99
CA GLU F 389 59.89 23.90 10.12
C GLU F 389 59.73 22.66 11.02
N TYR F 390 59.60 21.45 10.47
CA TYR F 390 59.18 20.26 11.24
C TYR F 390 60.28 19.20 11.25
N GLY F 391 61.33 19.30 10.41
CA GLY F 391 62.31 18.19 10.28
C GLY F 391 62.90 17.78 11.62
N ARG F 392 63.01 16.49 11.87
CA ARG F 392 63.57 15.92 13.14
C ARG F 392 65.11 15.87 13.14
N LEU F 393 65.76 15.72 11.98
CA LEU F 393 67.24 15.61 11.91
C LEU F 393 67.81 16.96 12.35
N ASP F 394 68.95 16.96 13.00
CA ASP F 394 69.59 18.21 13.49
C ASP F 394 71.07 18.12 13.19
N SER F 395 71.51 18.71 12.08
CA SER F 395 72.91 18.69 11.61
C SER F 395 73.78 19.53 12.55
N ASP F 396 73.20 20.51 13.24
CA ASP F 396 73.96 21.37 14.20
C ASP F 396 74.62 20.49 15.27
N SER F 397 74.06 19.33 15.59
CA SER F 397 74.61 18.44 16.66
C SER F 397 75.77 17.55 16.16
N PHE F 398 76.09 17.46 14.87
CA PHE F 398 77.14 16.51 14.38
C PHE F 398 78.53 17.02 14.74
N GLU F 399 79.42 16.12 15.12
CA GLU F 399 80.89 16.37 15.08
C GLU F 399 81.28 16.40 13.61
N ARG F 400 81.94 17.45 13.14
CA ARG F 400 82.46 17.48 11.76
C ARG F 400 83.81 16.75 11.78
N ASN F 401 83.88 15.54 11.22
CA ASN F 401 84.99 14.59 11.55
C ASN F 401 86.08 14.62 10.48
N SER F 402 85.98 15.48 9.48
CA SER F 402 86.99 15.49 8.40
C SER F 402 86.84 16.82 7.68
N LYS F 403 87.82 17.19 6.87
CA LYS F 403 87.80 18.48 6.15
C LYS F 403 86.69 18.47 5.09
N THR F 404 86.42 17.35 4.44
CA THR F 404 85.27 17.30 3.51
C THR F 404 83.98 17.57 4.29
N GLU F 405 83.82 16.99 5.46
CA GLU F 405 82.58 17.20 6.28
C GLU F 405 82.51 18.67 6.75
N VAL F 406 83.67 19.28 7.02
CA VAL F 406 83.70 20.75 7.35
C VAL F 406 83.14 21.51 6.16
N MET F 407 83.52 21.16 4.94
CA MET F 407 83.00 21.86 3.75
C MET F 407 81.51 21.57 3.60
N ALA F 408 81.06 20.37 3.91
CA ALA F 408 79.61 20.05 3.82
C ALA F 408 78.81 20.95 4.79
N SER F 409 79.29 21.10 6.02
CA SER F 409 78.71 22.02 7.05
C SER F 409 78.62 23.46 6.49
N ALA F 410 79.64 23.92 5.81
CA ALA F 410 79.68 25.31 5.31
C ALA F 410 78.74 25.49 4.13
N VAL F 411 78.62 24.48 3.27
CA VAL F 411 77.57 24.47 2.22
C VAL F 411 76.21 24.60 2.87
N LYS F 412 75.89 23.83 3.90
CA LYS F 412 74.57 23.90 4.58
C LYS F 412 74.37 25.32 5.10
N ASP F 413 75.43 25.90 5.69
CA ASP F 413 75.39 27.28 6.23
C ASP F 413 75.01 28.25 5.09
N ALA F 414 75.68 28.19 3.95
CA ALA F 414 75.38 29.07 2.81
C ALA F 414 73.92 28.91 2.38
N THR F 415 73.39 27.67 2.31
CA THR F 415 71.98 27.43 1.93
C THR F 415 71.02 27.89 3.02
N SER F 416 71.45 28.04 4.27
CA SER F 416 70.60 28.60 5.36
C SER F 416 70.67 30.14 5.35
N SER F 417 71.77 30.71 4.85
CA SER F 417 72.04 32.18 4.89
C SER F 417 71.27 32.88 3.77
N MET F 418 71.10 32.24 2.64
CA MET F 418 70.48 32.84 1.44
C MET F 418 69.82 31.75 0.59
N ASP F 419 69.02 32.18 -0.37
CA ASP F 419 68.29 31.31 -1.32
C ASP F 419 69.29 30.76 -2.34
N ILE F 420 69.69 29.51 -2.17
CA ILE F 420 70.55 28.74 -3.10
C ILE F 420 69.64 27.77 -3.87
N LYS F 421 69.64 27.86 -5.18
CA LYS F 421 68.83 27.01 -6.05
C LYS F 421 69.47 25.63 -6.08
N LEU F 422 70.81 25.56 -6.07
CA LEU F 422 71.51 24.28 -6.34
C LEU F 422 72.88 24.29 -5.70
N VAL F 423 73.23 23.15 -5.13
CA VAL F 423 74.61 22.81 -4.72
C VAL F 423 75.16 21.88 -5.78
N VAL F 424 76.34 22.19 -6.30
CA VAL F 424 77.03 21.33 -7.29
C VAL F 424 78.34 20.88 -6.66
N THR F 425 78.56 19.56 -6.62
CA THR F 425 79.85 18.92 -6.20
C THR F 425 80.44 18.16 -7.40
N LEU F 426 81.73 18.42 -7.67
CA LEU F 426 82.56 17.57 -8.57
C LEU F 426 83.23 16.52 -7.71
N THR F 427 82.76 15.28 -7.85
CA THR F 427 83.00 14.18 -6.89
C THR F 427 83.40 12.94 -7.68
N LYS F 428 84.60 12.45 -7.43
CA LYS F 428 85.18 11.25 -8.05
C LYS F 428 84.46 10.00 -7.51
N THR F 429 84.23 9.92 -6.19
CA THR F 429 83.76 8.69 -5.52
C THR F 429 82.34 8.92 -4.98
N GLY F 430 81.82 10.15 -5.04
CA GLY F 430 80.54 10.51 -4.37
C GLY F 430 80.69 10.88 -2.89
N HIS F 431 81.88 10.79 -2.28
CA HIS F 431 82.12 11.10 -0.85
C HIS F 431 81.64 12.51 -0.51
N THR F 432 81.99 13.50 -1.30
CA THR F 432 81.58 14.88 -1.03
C THR F 432 80.06 14.95 -1.13
N ALA F 433 79.46 14.24 -2.10
CA ALA F 433 77.98 14.31 -2.29
C ALA F 433 77.27 13.66 -1.10
N ARG F 434 77.79 12.56 -0.56
CA ARG F 434 77.21 11.84 0.59
C ARG F 434 77.25 12.77 1.81
N LEU F 435 78.38 13.46 2.04
CA LEU F 435 78.50 14.36 3.21
C LEU F 435 77.58 15.59 3.07
N ILE F 436 77.46 16.18 1.90
CA ILE F 436 76.52 17.31 1.69
C ILE F 436 75.10 16.79 1.94
N SER F 437 74.78 15.61 1.41
CA SER F 437 73.46 14.97 1.57
C SER F 437 73.17 14.79 3.08
N LYS F 438 74.15 14.30 3.84
CA LYS F 438 73.97 14.08 5.30
C LYS F 438 73.49 15.36 5.99
N TYR F 439 73.98 16.53 5.56
CA TYR F 439 73.66 17.82 6.21
C TYR F 439 72.31 18.37 5.74
N ARG F 440 71.64 17.71 4.79
CA ARG F 440 70.26 18.08 4.37
C ARG F 440 70.20 19.57 4.08
N PRO F 441 70.97 20.07 3.10
CA PRO F 441 70.90 21.48 2.78
C PRO F 441 69.52 21.83 2.20
N ASN F 442 69.16 23.10 2.31
CA ASN F 442 67.95 23.72 1.71
C ASN F 442 68.17 23.96 0.21
N ALA F 443 68.45 22.90 -0.56
CA ALA F 443 68.82 22.94 -2.01
C ALA F 443 68.97 21.51 -2.52
N ASP F 444 68.79 21.36 -3.83
CA ASP F 444 69.11 20.12 -4.58
C ASP F 444 70.64 20.05 -4.70
N ILE F 445 71.16 18.84 -4.81
CA ILE F 445 72.61 18.58 -4.87
C ILE F 445 72.91 17.91 -6.19
N LEU F 446 73.51 18.62 -7.14
CA LEU F 446 73.98 18.03 -8.42
C LEU F 446 75.39 17.46 -8.22
N ALA F 447 75.49 16.12 -8.22
CA ALA F 447 76.75 15.36 -8.07
C ALA F 447 77.31 15.00 -9.45
N LEU F 448 78.28 15.79 -9.93
CA LEU F 448 79.00 15.55 -11.21
C LEU F 448 80.09 14.54 -10.91
N THR F 449 79.97 13.32 -11.45
CA THR F 449 80.93 12.21 -11.25
C THR F 449 81.33 11.69 -12.65
N PHE F 450 82.36 10.86 -12.68
CA PHE F 450 83.12 10.57 -13.92
C PHE F 450 83.00 9.09 -14.29
N ASP F 451 82.22 8.29 -13.58
CA ASP F 451 81.90 6.90 -14.01
C ASP F 451 80.49 6.54 -13.61
N GLU F 452 79.94 5.56 -14.30
CA GLU F 452 78.51 5.22 -14.21
C GLU F 452 78.26 4.54 -12.86
N LEU F 453 79.19 3.72 -12.35
CA LEU F 453 79.01 2.99 -11.07
C LEU F 453 78.86 3.97 -9.89
N THR F 454 79.68 5.00 -9.85
CA THR F 454 79.55 6.08 -8.86
C THR F 454 78.19 6.77 -9.03
N GLU F 455 77.81 7.12 -10.26
CA GLU F 455 76.56 7.81 -10.61
C GLU F 455 75.37 7.01 -10.06
N ARG F 456 75.26 5.74 -10.40
CA ARG F 456 74.13 4.92 -9.89
C ARG F 456 74.21 4.75 -8.38
N GLY F 457 75.43 4.66 -7.83
CA GLY F 457 75.64 4.44 -6.38
C GLY F 457 75.10 5.56 -5.52
N LEU F 458 74.84 6.72 -6.12
CA LEU F 458 74.36 7.92 -5.39
C LEU F 458 72.83 8.05 -5.50
N MET F 459 72.15 7.08 -6.13
CA MET F 459 70.75 7.35 -6.54
C MET F 459 69.77 7.29 -5.37
N LEU F 460 70.18 6.75 -4.24
CA LEU F 460 69.32 6.66 -3.05
C LEU F 460 69.76 7.67 -1.99
N ASN F 461 70.75 8.53 -2.28
CA ASN F 461 71.11 9.58 -1.28
C ASN F 461 70.16 10.75 -1.36
N TRP F 462 69.71 11.22 -0.20
CA TRP F 462 68.79 12.36 -0.12
C TRP F 462 69.32 13.54 -0.95
N GLY F 463 68.47 14.08 -1.83
CA GLY F 463 68.67 15.34 -2.56
C GLY F 463 69.67 15.22 -3.69
N VAL F 464 70.30 14.07 -3.92
CA VAL F 464 71.43 13.99 -4.88
C VAL F 464 70.93 13.64 -6.29
N ILE F 465 71.28 14.50 -7.25
CA ILE F 465 71.02 14.31 -8.70
C ILE F 465 72.36 13.93 -9.29
N PRO F 466 72.61 12.62 -9.52
CA PRO F 466 73.90 12.22 -10.06
C PRO F 466 73.91 12.56 -11.54
N MET F 467 75.05 12.94 -12.06
CA MET F 467 75.20 13.28 -13.50
C MET F 467 76.62 12.95 -13.92
N LEU F 468 76.71 12.14 -14.97
CA LEU F 468 77.99 11.65 -15.53
C LEU F 468 78.60 12.79 -16.32
N THR F 469 79.89 13.05 -16.12
CA THR F 469 80.62 14.06 -16.94
C THR F 469 82.06 13.58 -17.13
N ASP F 470 82.77 14.17 -18.07
CA ASP F 470 84.23 13.88 -18.27
C ASP F 470 84.99 14.31 -17.02
N ALA F 471 85.99 13.54 -16.55
CA ALA F 471 86.95 13.97 -15.50
C ALA F 471 87.60 15.29 -15.91
N PRO F 472 87.52 16.36 -15.09
CA PRO F 472 88.14 17.62 -15.47
C PRO F 472 89.67 17.46 -15.46
N SER F 473 90.30 18.08 -16.44
CA SER F 473 91.78 18.25 -16.52
C SER F 473 92.24 19.40 -15.60
N SER F 474 93.55 19.50 -15.41
CA SER F 474 94.23 20.62 -14.73
C SER F 474 93.96 21.96 -15.46
N THR F 475 93.57 21.93 -16.74
CA THR F 475 93.31 23.14 -17.58
C THR F 475 91.86 23.63 -17.50
N ASP F 476 90.94 22.86 -16.94
CA ASP F 476 89.49 23.17 -17.02
C ASP F 476 89.15 24.11 -15.88
N ASP F 477 88.17 24.98 -16.08
CA ASP F 477 87.52 25.77 -15.01
C ASP F 477 86.35 24.94 -14.47
N MET F 478 86.54 24.25 -13.35
CA MET F 478 85.46 23.37 -12.83
C MET F 478 84.20 24.18 -12.49
N PHE F 479 84.29 25.48 -12.21
CA PHE F 479 83.13 26.28 -11.77
C PHE F 479 82.32 26.62 -13.01
N GLU F 480 82.97 26.73 -14.17
CA GLU F 480 82.29 26.98 -15.48
C GLU F 480 81.57 25.67 -15.90
N ILE F 481 82.26 24.54 -15.80
CA ILE F 481 81.67 23.19 -16.04
C ILE F 481 80.42 23.03 -15.15
N ALA F 482 80.53 23.31 -13.84
CA ALA F 482 79.39 23.16 -12.90
C ALA F 482 78.19 23.93 -13.43
N GLU F 483 78.35 25.22 -13.74
CA GLU F 483 77.21 26.04 -14.19
C GLU F 483 76.66 25.48 -15.52
N ARG F 484 77.53 25.10 -16.44
CA ARG F 484 77.14 24.62 -17.79
C ARG F 484 76.33 23.33 -17.60
N LYS F 485 76.79 22.40 -16.74
CA LYS F 485 76.06 21.12 -16.51
C LYS F 485 74.70 21.41 -15.86
N ALA F 486 74.65 22.27 -14.85
CA ALA F 486 73.41 22.66 -14.18
C ALA F 486 72.43 23.26 -15.21
N VAL F 487 72.91 24.16 -16.06
CA VAL F 487 72.03 24.85 -17.06
C VAL F 487 71.56 23.78 -18.07
N GLU F 488 72.45 22.90 -18.51
CA GLU F 488 72.08 21.86 -19.52
C GLU F 488 71.04 20.92 -18.91
N ALA F 489 71.10 20.63 -17.61
CA ALA F 489 70.17 19.72 -16.90
C ALA F 489 68.82 20.41 -16.68
N GLY F 490 68.69 21.69 -17.01
CA GLY F 490 67.50 22.51 -16.73
C GLY F 490 67.26 22.72 -15.23
N LEU F 491 68.29 22.71 -14.39
CA LEU F 491 68.12 22.84 -12.91
C LEU F 491 68.17 24.31 -12.48
N VAL F 492 68.81 25.20 -13.24
CA VAL F 492 68.96 26.62 -12.86
C VAL F 492 68.74 27.47 -14.09
N GLU F 493 68.47 28.75 -13.89
CA GLU F 493 68.41 29.74 -15.00
C GLU F 493 69.15 31.02 -14.58
N SER F 494 69.42 31.90 -15.56
CA SER F 494 70.04 33.24 -15.36
C SER F 494 69.53 33.82 -14.07
N GLY F 495 70.43 34.28 -13.20
CA GLY F 495 70.07 35.04 -11.99
C GLY F 495 69.95 34.14 -10.77
N ASP F 496 69.91 32.82 -10.96
CA ASP F 496 69.87 31.88 -9.80
C ASP F 496 71.26 31.85 -9.16
N ASP F 497 71.30 31.68 -7.84
CA ASP F 497 72.58 31.58 -7.08
C ASP F 497 72.84 30.11 -6.78
N ILE F 498 74.05 29.65 -7.03
CA ILE F 498 74.44 28.24 -6.79
C ILE F 498 75.72 28.20 -5.96
N VAL F 499 75.86 27.18 -5.19
CA VAL F 499 77.10 26.89 -4.41
C VAL F 499 77.80 25.76 -5.15
N ILE F 500 79.09 25.92 -5.45
CA ILE F 500 79.87 24.85 -6.15
C ILE F 500 81.03 24.45 -5.24
N VAL F 501 81.25 23.15 -5.07
CA VAL F 501 82.46 22.65 -4.34
C VAL F 501 83.24 21.73 -5.27
N ALA F 502 84.55 21.77 -5.12
CA ALA F 502 85.52 21.00 -5.90
C ALA F 502 86.84 20.90 -5.11
N GLY F 503 87.67 19.92 -5.44
CA GLY F 503 89.08 19.87 -5.05
C GLY F 503 89.88 20.63 -6.07
N VAL F 504 90.36 21.82 -5.74
CA VAL F 504 91.04 22.73 -6.70
C VAL F 504 92.50 22.83 -6.27
N PRO F 505 93.47 22.73 -7.20
CA PRO F 505 93.24 22.38 -8.61
C PRO F 505 93.35 20.87 -8.81
N VAL F 506 92.84 20.32 -9.92
CA VAL F 506 92.90 18.85 -10.14
C VAL F 506 94.39 18.46 -10.15
N GLY F 507 94.78 17.43 -9.39
CA GLY F 507 96.16 16.88 -9.35
C GLY F 507 97.04 17.51 -8.29
N GLU F 508 96.52 18.43 -7.49
CA GLU F 508 97.20 18.96 -6.28
C GLU F 508 96.26 18.72 -5.09
N ALA F 509 94.98 19.05 -5.24
CA ALA F 509 93.94 18.87 -4.19
C ALA F 509 93.86 17.38 -3.88
N VAL F 510 93.88 17.01 -2.61
CA VAL F 510 93.66 15.62 -2.13
C VAL F 510 92.20 15.42 -1.71
N ARG F 511 91.39 16.49 -1.68
CA ARG F 511 89.96 16.40 -1.32
C ARG F 511 89.25 17.66 -1.77
N THR F 512 87.94 17.64 -1.65
CA THR F 512 87.13 18.87 -1.85
C THR F 512 87.66 19.92 -0.86
N ASN F 513 88.05 21.07 -1.37
CA ASN F 513 88.75 22.08 -0.53
C ASN F 513 88.23 23.49 -0.83
N THR F 514 87.30 23.65 -1.76
CA THR F 514 86.90 24.95 -2.31
C THR F 514 85.39 25.02 -2.41
N MET F 515 84.83 26.10 -1.90
CA MET F 515 83.41 26.50 -2.05
C MET F 515 83.35 27.84 -2.79
N ARG F 516 82.54 27.88 -3.84
CA ARG F 516 82.30 29.09 -4.68
C ARG F 516 80.82 29.37 -4.66
N ILE F 517 80.46 30.63 -4.49
CA ILE F 517 79.04 31.08 -4.67
C ILE F 517 78.98 31.80 -6.00
N ARG F 518 78.09 31.38 -6.88
CA ARG F 518 78.09 31.84 -8.29
C ARG F 518 76.68 32.20 -8.73
N THR F 519 76.55 33.30 -9.47
CA THR F 519 75.29 33.70 -10.12
C THR F 519 75.32 33.15 -11.54
N VAL F 520 74.34 32.34 -11.90
CA VAL F 520 74.18 31.80 -13.27
C VAL F 520 73.88 32.98 -14.21
N ARG F 521 74.57 33.09 -15.34
CA ARG F 521 74.26 34.18 -16.30
C ARG F 521 74.91 33.84 -17.63
N MET G 21 11.79 14.44 -35.56
CA MET G 21 12.12 15.50 -36.58
C MET G 21 10.84 15.89 -37.36
N ASN G 22 10.48 17.16 -37.35
CA ASN G 22 9.27 17.68 -38.03
C ASN G 22 9.65 18.08 -39.46
N LYS G 23 8.78 17.79 -40.41
CA LYS G 23 9.00 18.17 -41.83
C LYS G 23 8.68 19.64 -42.02
N ARG G 24 9.69 20.46 -42.27
CA ARG G 24 9.45 21.91 -42.45
C ARG G 24 8.81 22.23 -43.80
N VAL G 25 9.26 21.56 -44.84
CA VAL G 25 8.73 21.87 -46.20
C VAL G 25 7.35 21.21 -46.31
N LYS G 26 6.36 21.95 -46.74
CA LYS G 26 4.95 21.48 -46.76
C LYS G 26 4.70 20.70 -48.04
N ILE G 27 3.77 19.75 -47.97
CA ILE G 27 3.39 18.89 -49.10
C ILE G 27 1.96 19.27 -49.46
N VAL G 28 1.75 19.67 -50.70
CA VAL G 28 0.42 19.69 -51.34
C VAL G 28 0.22 18.36 -52.04
N ALA G 29 -0.82 17.62 -51.68
CA ALA G 29 -1.11 16.35 -52.37
C ALA G 29 -2.41 16.54 -53.16
N THR G 30 -2.35 16.30 -54.45
CA THR G 30 -3.55 16.30 -55.33
C THR G 30 -4.38 15.03 -55.09
N LEU G 31 -5.66 15.18 -54.89
CA LEU G 31 -6.53 14.00 -54.66
C LEU G 31 -7.25 13.66 -55.96
N GLY G 32 -7.60 12.40 -56.06
CA GLY G 32 -8.23 11.86 -57.26
C GLY G 32 -8.69 10.46 -56.92
N PRO G 33 -9.03 9.66 -57.94
CA PRO G 33 -9.48 8.29 -57.71
C PRO G 33 -8.47 7.36 -57.04
N ALA G 34 -7.17 7.64 -57.13
CA ALA G 34 -6.12 6.70 -56.65
C ALA G 34 -6.35 6.30 -55.21
N VAL G 35 -6.81 7.21 -54.36
CA VAL G 35 -7.03 6.96 -52.92
C VAL G 35 -8.46 6.47 -52.66
N GLU G 36 -9.34 6.49 -53.69
CA GLU G 36 -10.79 6.22 -53.47
C GLU G 36 -11.10 4.72 -53.66
N ILE G 37 -11.89 4.20 -52.73
CA ILE G 37 -12.38 2.80 -52.78
C ILE G 37 -13.81 2.89 -53.31
N ARG G 38 -14.16 2.03 -54.26
CA ARG G 38 -15.54 2.02 -54.81
C ARG G 38 -16.05 0.57 -54.77
N GLY G 39 -17.09 0.35 -54.00
CA GLY G 39 -17.66 -1.00 -53.82
C GLY G 39 -16.58 -1.97 -53.39
N GLY G 40 -15.68 -1.60 -52.48
CA GLY G 40 -14.60 -2.50 -52.03
C GLY G 40 -13.48 -2.62 -53.04
N LYS G 41 -13.54 -1.96 -54.19
CA LYS G 41 -12.49 -2.07 -55.22
C LYS G 41 -11.53 -0.88 -55.14
N LYS G 42 -10.23 -1.16 -55.35
CA LYS G 42 -9.16 -0.14 -55.45
C LYS G 42 -9.11 0.38 -56.89
N PHE G 43 -8.61 1.59 -57.06
CA PHE G 43 -8.38 2.20 -58.40
C PHE G 43 -7.53 1.23 -59.23
N GLY G 44 -7.96 0.94 -60.45
CA GLY G 44 -7.28 0.02 -61.38
C GLY G 44 -7.88 -1.37 -61.42
N GLU G 45 -8.69 -1.75 -60.43
CA GLU G 45 -9.28 -3.11 -60.40
C GLU G 45 -10.46 -3.16 -61.38
N ASP G 46 -10.73 -4.35 -61.93
CA ASP G 46 -11.82 -4.55 -62.92
C ASP G 46 -13.14 -4.14 -62.27
N GLY G 47 -13.96 -3.34 -62.98
CA GLY G 47 -15.31 -2.94 -62.55
C GLY G 47 -15.34 -1.84 -61.51
N TYR G 48 -14.18 -1.26 -61.20
CA TYR G 48 -14.05 -0.10 -60.26
C TYR G 48 -15.10 0.99 -60.59
N TRP G 49 -15.18 1.42 -61.84
CA TRP G 49 -16.02 2.58 -62.25
C TRP G 49 -17.52 2.23 -62.24
N GLY G 50 -17.87 0.94 -62.16
CA GLY G 50 -19.27 0.48 -62.05
C GLY G 50 -19.79 0.57 -60.65
N GLU G 51 -18.89 0.76 -59.68
CA GLU G 51 -19.23 0.87 -58.26
C GLU G 51 -19.42 2.35 -57.86
N LYS G 52 -20.10 2.57 -56.74
CA LYS G 52 -20.18 3.91 -56.16
C LYS G 52 -19.07 4.05 -55.07
N LEU G 53 -18.75 5.28 -54.76
CA LEU G 53 -17.71 5.68 -53.77
C LEU G 53 -18.02 5.07 -52.39
N ASP G 54 -17.04 4.42 -51.78
CA ASP G 54 -17.09 4.00 -50.35
C ASP G 54 -16.46 5.13 -49.53
N VAL G 55 -17.27 5.99 -48.95
CA VAL G 55 -16.82 7.27 -48.32
C VAL G 55 -15.90 6.97 -47.15
N GLU G 56 -16.29 6.06 -46.26
CA GLU G 56 -15.49 5.77 -45.04
C GLU G 56 -14.16 5.11 -45.42
N ALA G 57 -14.14 4.07 -46.26
CA ALA G 57 -12.88 3.42 -46.70
C ALA G 57 -11.93 4.46 -47.33
N SER G 58 -12.48 5.37 -48.12
CA SER G 58 -11.74 6.41 -48.88
C SER G 58 -11.18 7.45 -47.90
N ALA G 59 -11.97 7.81 -46.90
CA ALA G 59 -11.55 8.78 -45.85
C ALA G 59 -10.43 8.15 -45.04
N LYS G 60 -10.48 6.83 -44.78
CA LYS G 60 -9.38 6.15 -44.04
C LYS G 60 -8.10 6.25 -44.87
N ASN G 61 -8.20 6.02 -46.18
CA ASN G 61 -7.06 6.13 -47.10
C ASN G 61 -6.46 7.54 -47.04
N ILE G 62 -7.30 8.56 -47.14
CA ILE G 62 -6.83 9.97 -47.16
C ILE G 62 -6.20 10.32 -45.79
N ALA G 63 -6.75 9.82 -44.70
CA ALA G 63 -6.22 10.04 -43.33
C ALA G 63 -4.76 9.55 -43.26
N LYS G 64 -4.43 8.48 -43.96
CA LYS G 64 -3.05 7.94 -44.02
C LYS G 64 -2.14 8.94 -44.73
N LEU G 65 -2.61 9.61 -45.78
CA LEU G 65 -1.81 10.67 -46.45
C LEU G 65 -1.58 11.85 -45.50
N ILE G 66 -2.59 12.22 -44.69
CA ILE G 66 -2.48 13.31 -43.68
C ILE G 66 -1.37 12.93 -42.71
N GLU G 67 -1.46 11.71 -42.20
CA GLU G 67 -0.46 11.21 -41.20
C GLU G 67 0.90 11.13 -41.87
N ALA G 68 1.01 10.86 -43.16
CA ALA G 68 2.34 10.69 -43.79
C ALA G 68 2.97 12.07 -44.05
N GLY G 69 2.23 13.16 -43.91
CA GLY G 69 2.79 14.50 -44.11
C GLY G 69 2.11 15.34 -45.17
N ALA G 70 0.96 14.96 -45.76
CA ALA G 70 0.23 15.92 -46.63
C ALA G 70 -0.28 17.07 -45.76
N ASN G 71 0.02 18.33 -46.12
CA ASN G 71 -0.37 19.53 -45.34
C ASN G 71 -1.60 20.22 -45.96
N THR G 72 -1.86 19.97 -47.23
CA THR G 72 -2.94 20.62 -48.00
C THR G 72 -3.32 19.66 -49.14
N PHE G 73 -4.62 19.51 -49.39
CA PHE G 73 -5.12 18.72 -50.53
C PHE G 73 -5.56 19.69 -51.61
N ARG G 74 -5.16 19.38 -52.83
CA ARG G 74 -5.49 20.08 -54.08
C ARG G 74 -6.69 19.37 -54.75
N PHE G 75 -7.74 20.13 -54.99
CA PHE G 75 -8.92 19.72 -55.81
C PHE G 75 -8.81 20.45 -57.15
N ASN G 76 -8.46 19.68 -58.18
CA ASN G 76 -8.26 20.20 -59.55
C ASN G 76 -9.62 20.19 -60.27
N PHE G 77 -10.21 21.37 -60.45
CA PHE G 77 -11.52 21.57 -61.11
C PHE G 77 -11.43 21.44 -62.64
N SER G 78 -10.27 21.12 -63.21
CA SER G 78 -10.13 20.73 -64.63
C SER G 78 -10.67 19.31 -64.81
N HIS G 79 -10.83 18.59 -63.71
CA HIS G 79 -11.27 17.18 -63.69
C HIS G 79 -12.62 17.03 -62.99
N GLY G 80 -13.42 16.09 -63.47
CA GLY G 80 -14.70 15.74 -62.84
C GLY G 80 -15.69 16.87 -63.02
N ASP G 81 -16.67 16.95 -62.12
CA ASP G 81 -17.73 17.96 -62.08
C ASP G 81 -17.85 18.41 -60.62
N HIS G 82 -18.74 19.34 -60.35
CA HIS G 82 -18.90 19.98 -59.02
C HIS G 82 -19.26 18.89 -58.02
N GLN G 83 -20.18 17.98 -58.37
CA GLN G 83 -20.60 16.96 -57.39
C GLN G 83 -19.40 16.11 -56.97
N GLU G 84 -18.58 15.65 -57.91
CA GLU G 84 -17.38 14.84 -57.62
C GLU G 84 -16.41 15.63 -56.70
N GLN G 85 -16.17 16.90 -57.00
CA GLN G 85 -15.26 17.78 -56.24
C GLN G 85 -15.85 17.97 -54.83
N GLY G 86 -17.14 18.26 -54.72
CA GLY G 86 -17.83 18.56 -53.46
C GLY G 86 -17.81 17.35 -52.55
N GLU G 87 -17.99 16.18 -53.14
CA GLU G 87 -18.02 14.91 -52.39
C GLU G 87 -16.61 14.64 -51.87
N ARG G 88 -15.61 14.85 -52.71
CA ARG G 88 -14.20 14.60 -52.32
C ARG G 88 -13.81 15.54 -51.17
N MET G 89 -14.24 16.79 -51.20
CA MET G 89 -14.00 17.74 -50.10
C MET G 89 -14.65 17.21 -48.82
N ALA G 90 -15.89 16.69 -48.93
CA ALA G 90 -16.60 16.07 -47.78
C ALA G 90 -15.80 14.86 -47.26
N THR G 91 -15.27 14.00 -48.15
CA THR G 91 -14.46 12.83 -47.74
C THR G 91 -13.19 13.29 -46.98
N VAL G 92 -12.55 14.38 -47.39
CA VAL G 92 -11.33 14.87 -46.70
C VAL G 92 -11.72 15.36 -45.29
N LYS G 93 -12.85 16.03 -45.16
CA LYS G 93 -13.31 16.53 -43.84
C LYS G 93 -13.50 15.35 -42.88
N LEU G 94 -14.00 14.21 -43.35
CA LEU G 94 -14.07 12.98 -42.55
C LEU G 94 -12.66 12.47 -42.24
N ALA G 95 -11.74 12.46 -43.22
CA ALA G 95 -10.34 11.98 -43.03
C ALA G 95 -9.65 12.80 -41.92
N GLU G 96 -9.87 14.12 -41.87
CA GLU G 96 -9.31 15.00 -40.81
C GLU G 96 -9.76 14.50 -39.45
N LYS G 97 -11.00 14.06 -39.30
CA LYS G 97 -11.51 13.56 -38.00
C LYS G 97 -10.87 12.20 -37.70
N ILE G 98 -10.67 11.34 -38.69
CA ILE G 98 -10.00 10.03 -38.49
C ILE G 98 -8.56 10.29 -38.05
N ALA G 99 -7.85 11.15 -38.76
CA ALA G 99 -6.42 11.36 -38.49
C ALA G 99 -6.23 12.16 -37.19
N GLY G 100 -7.24 12.92 -36.76
CA GLY G 100 -7.15 13.94 -35.71
C GLY G 100 -6.20 15.07 -36.09
N LYS G 101 -6.06 15.37 -37.38
CA LYS G 101 -5.19 16.48 -37.86
C LYS G 101 -5.89 17.21 -38.99
N LYS G 102 -5.80 18.53 -38.99
CA LYS G 102 -6.41 19.37 -40.03
C LYS G 102 -5.43 19.54 -41.20
N VAL G 103 -5.98 19.81 -42.38
CA VAL G 103 -5.17 20.12 -43.59
C VAL G 103 -5.81 21.29 -44.27
N GLY G 104 -5.06 21.92 -45.14
CA GLY G 104 -5.61 22.97 -45.99
C GLY G 104 -6.37 22.35 -47.17
N PHE G 105 -7.29 23.14 -47.68
CA PHE G 105 -8.14 22.89 -48.85
C PHE G 105 -7.78 23.91 -49.93
N LEU G 106 -7.22 23.44 -51.04
CA LEU G 106 -6.77 24.28 -52.17
C LEU G 106 -7.59 23.86 -53.41
N LEU G 107 -8.25 24.83 -54.02
CA LEU G 107 -8.98 24.67 -55.29
C LEU G 107 -8.06 25.16 -56.41
N ASP G 108 -7.87 24.33 -57.42
CA ASP G 108 -7.07 24.68 -58.61
C ASP G 108 -8.04 24.94 -59.78
N THR G 109 -8.02 26.15 -60.32
CA THR G 109 -8.96 26.65 -61.36
C THR G 109 -8.59 26.08 -62.73
N LYS G 110 -9.55 26.06 -63.63
CA LYS G 110 -9.28 25.76 -65.06
C LYS G 110 -8.37 26.85 -65.66
N GLY G 111 -8.79 28.11 -65.57
CA GLY G 111 -8.10 29.26 -66.18
C GLY G 111 -8.27 29.28 -67.69
N PRO G 112 -7.49 30.14 -68.37
CA PRO G 112 -7.51 30.23 -69.83
C PRO G 112 -6.74 29.10 -70.52
N GLU G 113 -7.33 27.91 -70.47
CA GLU G 113 -6.72 26.63 -70.86
C GLU G 113 -7.58 25.96 -71.94
N ILE G 114 -6.96 24.99 -72.57
CA ILE G 114 -7.64 24.04 -73.46
C ILE G 114 -7.55 22.66 -72.82
N ARG G 115 -8.66 21.94 -72.82
CA ARG G 115 -8.72 20.54 -72.33
C ARG G 115 -9.41 19.67 -73.39
N THR G 116 -9.03 18.39 -73.44
CA THR G 116 -9.75 17.33 -74.21
C THR G 116 -11.15 17.18 -73.58
N GLU G 117 -12.15 16.98 -74.42
CA GLU G 117 -13.54 16.77 -73.98
C GLU G 117 -13.73 15.35 -73.44
N LEU G 118 -14.90 15.13 -72.82
CA LEU G 118 -15.45 13.77 -72.56
C LEU G 118 -15.55 13.04 -73.89
N PHE G 119 -15.43 11.71 -73.89
CA PHE G 119 -15.62 10.88 -75.09
C PHE G 119 -17.09 10.45 -75.18
N GLU G 120 -17.54 10.16 -76.40
CA GLU G 120 -18.86 9.51 -76.68
C GLU G 120 -18.87 8.14 -75.98
N GLY G 121 -19.98 7.84 -75.30
CA GLY G 121 -20.23 6.53 -74.66
C GLY G 121 -19.36 6.33 -73.42
N GLU G 122 -18.93 7.44 -72.83
CA GLU G 122 -17.93 7.57 -71.73
C GLU G 122 -16.89 6.41 -71.69
N ALA G 123 -16.33 6.05 -72.85
CA ALA G 123 -14.90 5.66 -72.93
C ALA G 123 -14.17 6.74 -72.15
N LYS G 124 -13.11 6.42 -71.41
CA LYS G 124 -12.35 7.47 -70.67
C LYS G 124 -11.11 7.92 -71.44
N GLU G 125 -10.57 7.05 -72.27
CA GLU G 125 -9.32 7.31 -73.00
C GLU G 125 -9.20 6.32 -74.15
N TYR G 126 -8.31 6.62 -75.07
CA TYR G 126 -7.83 5.68 -76.11
C TYR G 126 -6.32 5.85 -76.24
N SER G 127 -5.70 4.81 -76.81
CA SER G 127 -4.24 4.67 -77.05
C SER G 127 -3.97 4.79 -78.52
N TYR G 128 -2.89 5.47 -78.89
CA TYR G 128 -2.53 5.80 -80.29
C TYR G 128 -1.08 5.43 -80.52
N LYS G 129 -0.78 5.08 -81.75
CA LYS G 129 0.59 4.70 -82.19
C LYS G 129 1.08 5.78 -83.14
N THR G 130 2.40 5.97 -83.17
CA THR G 130 3.11 6.88 -84.08
C THR G 130 2.60 6.63 -85.49
N GLY G 131 2.25 7.69 -86.21
CA GLY G 131 1.93 7.63 -87.64
C GLY G 131 0.43 7.60 -87.89
N GLU G 132 -0.37 7.30 -86.86
CA GLU G 132 -1.85 7.32 -86.99
C GLU G 132 -2.29 8.72 -87.43
N LYS G 133 -3.33 8.78 -88.24
CA LYS G 133 -3.87 10.05 -88.75
C LYS G 133 -5.25 10.19 -88.12
N ILE G 134 -5.45 11.25 -87.35
CA ILE G 134 -6.72 11.52 -86.61
C ILE G 134 -7.06 12.99 -86.81
N ARG G 135 -8.16 13.42 -86.21
CA ARG G 135 -8.62 14.81 -86.30
C ARG G 135 -8.78 15.37 -84.89
N VAL G 136 -8.62 16.66 -84.81
CA VAL G 136 -8.96 17.50 -83.65
C VAL G 136 -10.04 18.48 -84.12
N ALA G 137 -11.21 18.39 -83.51
CA ALA G 137 -12.35 19.28 -83.78
C ALA G 137 -12.14 20.58 -83.04
N THR G 138 -12.63 21.69 -83.60
CA THR G 138 -12.65 22.99 -82.93
C THR G 138 -14.06 23.36 -82.54
N LYS G 139 -15.10 22.67 -83.06
CA LYS G 139 -16.48 22.97 -82.63
C LYS G 139 -16.58 22.78 -81.11
N GLN G 140 -17.26 23.69 -80.39
CA GLN G 140 -17.38 23.65 -78.90
C GLN G 140 -18.70 22.98 -78.49
N GLY G 141 -18.72 22.47 -77.27
CA GLY G 141 -19.89 21.81 -76.66
C GLY G 141 -20.16 20.42 -77.22
N ILE G 142 -19.18 19.76 -77.85
CA ILE G 142 -19.38 18.37 -78.35
C ILE G 142 -18.45 17.40 -77.60
N LYS G 143 -18.57 16.11 -77.88
CA LYS G 143 -17.72 15.05 -77.27
C LYS G 143 -16.74 14.55 -78.29
N SER G 144 -15.62 14.05 -77.78
CA SER G 144 -14.59 13.35 -78.58
C SER G 144 -15.11 11.97 -79.00
N THR G 145 -14.56 11.48 -80.09
CA THR G 145 -14.50 10.07 -80.45
C THR G 145 -13.03 9.69 -80.56
N ARG G 146 -12.75 8.41 -80.70
CA ARG G 146 -11.35 7.97 -80.86
C ARG G 146 -10.70 8.76 -82.02
N GLU G 147 -11.40 8.91 -83.16
CA GLU G 147 -10.78 9.42 -84.41
C GLU G 147 -10.85 10.96 -84.49
N VAL G 148 -11.74 11.58 -83.72
CA VAL G 148 -11.98 13.04 -83.70
C VAL G 148 -12.01 13.53 -82.26
N ILE G 149 -10.88 14.09 -81.83
CA ILE G 149 -10.73 14.66 -80.47
C ILE G 149 -11.33 16.05 -80.46
N ALA G 150 -12.23 16.31 -79.53
CA ALA G 150 -12.84 17.64 -79.34
C ALA G 150 -12.18 18.32 -78.14
N LEU G 151 -12.23 19.63 -78.16
CA LEU G 151 -11.55 20.55 -77.23
C LEU G 151 -12.60 21.34 -76.50
N ASN G 152 -12.40 21.44 -75.20
CA ASN G 152 -13.07 22.41 -74.32
C ASN G 152 -12.11 23.60 -74.19
N VAL G 153 -12.29 24.61 -75.03
CA VAL G 153 -11.50 25.87 -75.01
C VAL G 153 -12.17 26.81 -74.01
N ALA G 154 -11.43 27.33 -73.03
CA ALA G 154 -11.99 28.31 -72.08
C ALA G 154 -12.66 29.45 -72.86
N GLY G 155 -13.86 29.84 -72.43
CA GLY G 155 -14.64 30.90 -73.07
C GLY G 155 -15.40 30.36 -74.28
N ALA G 156 -15.31 29.06 -74.57
CA ALA G 156 -15.92 28.39 -75.75
C ALA G 156 -15.44 29.08 -77.05
N LEU G 157 -14.16 29.44 -77.11
CA LEU G 157 -13.58 30.15 -78.27
C LEU G 157 -13.50 29.16 -79.42
N ASP G 158 -13.63 29.70 -80.63
CA ASP G 158 -13.37 29.00 -81.91
C ASP G 158 -11.91 29.23 -82.27
N ILE G 159 -11.06 28.20 -82.25
CA ILE G 159 -9.58 28.41 -82.42
C ILE G 159 -9.14 28.00 -83.82
N TYR G 160 -10.08 27.61 -84.72
CA TYR G 160 -9.73 27.05 -86.05
C TYR G 160 -8.78 28.00 -86.81
N ASP G 161 -9.06 29.29 -86.76
CA ASP G 161 -8.26 30.32 -87.51
C ASP G 161 -6.95 30.66 -86.78
N ASP G 162 -6.77 30.26 -85.51
CA ASP G 162 -5.61 30.64 -84.66
C ASP G 162 -4.46 29.63 -84.84
N VAL G 163 -4.73 28.49 -85.46
CA VAL G 163 -3.76 27.38 -85.56
C VAL G 163 -3.50 27.12 -87.02
N GLU G 164 -2.25 27.31 -87.42
CA GLU G 164 -1.78 27.04 -88.78
C GLU G 164 -1.27 25.62 -88.91
N VAL G 165 -1.29 25.11 -90.15
CA VAL G 165 -0.59 23.89 -90.56
C VAL G 165 0.85 24.00 -90.07
N GLY G 166 1.40 22.92 -89.52
CA GLY G 166 2.78 22.85 -89.01
C GLY G 166 2.83 23.01 -87.49
N ARG G 167 1.79 23.55 -86.87
CA ARG G 167 1.75 23.67 -85.39
C ARG G 167 1.70 22.27 -84.79
N GLN G 168 2.09 22.20 -83.52
CA GLN G 168 2.04 20.95 -82.73
C GLN G 168 0.95 21.10 -81.69
N VAL G 169 0.11 20.09 -81.57
CA VAL G 169 -0.90 20.02 -80.50
C VAL G 169 -0.37 19.00 -79.49
N LEU G 170 -0.14 19.42 -78.26
CA LEU G 170 0.41 18.56 -77.19
C LEU G 170 -0.71 18.20 -76.22
N VAL G 171 -0.77 16.94 -75.85
CA VAL G 171 -1.78 16.41 -74.92
C VAL G 171 -1.08 15.92 -73.65
N ASP G 172 -1.59 16.39 -72.52
CA ASP G 172 -1.23 15.97 -71.14
C ASP G 172 0.26 16.28 -70.82
N ASP G 173 0.56 17.55 -70.53
CA ASP G 173 1.93 17.99 -70.13
C ASP G 173 2.90 17.55 -71.24
N GLY G 174 2.45 17.58 -72.49
CA GLY G 174 3.30 17.28 -73.66
C GLY G 174 3.67 15.81 -73.79
N LYS G 175 2.97 14.91 -73.14
CA LYS G 175 3.32 13.47 -73.28
C LYS G 175 3.09 13.01 -74.73
N LEU G 176 2.01 13.46 -75.37
CA LEU G 176 1.65 13.07 -76.76
C LEU G 176 1.63 14.31 -77.64
N GLY G 177 2.33 14.24 -78.75
CA GLY G 177 2.31 15.27 -79.79
C GLY G 177 1.50 14.85 -81.02
N LEU G 178 0.78 15.83 -81.55
CA LEU G 178 -0.04 15.71 -82.79
C LEU G 178 0.42 16.82 -83.71
N ARG G 179 0.93 16.49 -84.89
CA ARG G 179 1.35 17.52 -85.87
C ARG G 179 0.16 17.92 -86.77
N VAL G 180 -0.18 19.19 -86.86
CA VAL G 180 -1.23 19.67 -87.80
C VAL G 180 -0.62 19.57 -89.21
N VAL G 181 -1.15 18.67 -90.02
CA VAL G 181 -0.66 18.41 -91.40
C VAL G 181 -1.62 19.04 -92.42
N ALA G 182 -2.87 19.31 -92.05
CA ALA G 182 -3.85 19.97 -92.95
C ALA G 182 -5.01 20.47 -92.11
N LYS G 183 -5.85 21.33 -92.68
CA LYS G 183 -7.04 21.91 -92.03
C LYS G 183 -8.21 21.62 -92.96
N ASP G 184 -9.27 21.00 -92.44
CA ASP G 184 -10.48 20.66 -93.23
C ASP G 184 -11.52 21.75 -92.95
N ASP G 185 -11.76 22.67 -93.90
CA ASP G 185 -12.76 23.75 -93.69
C ASP G 185 -14.20 23.19 -93.57
N ALA G 186 -14.53 22.06 -94.19
CA ALA G 186 -15.91 21.52 -94.14
C ALA G 186 -16.28 21.17 -92.69
N THR G 187 -15.33 20.70 -91.90
CA THR G 187 -15.61 20.30 -90.50
C THR G 187 -14.92 21.23 -89.50
N ARG G 188 -14.08 22.18 -89.94
CA ARG G 188 -13.26 23.02 -89.04
C ARG G 188 -12.49 22.08 -88.10
N GLU G 189 -11.95 21.00 -88.65
CA GLU G 189 -11.04 20.05 -87.97
C GLU G 189 -9.59 20.26 -88.44
N PHE G 190 -8.66 20.16 -87.51
CA PHE G 190 -7.22 19.90 -87.78
C PHE G 190 -7.06 18.43 -88.16
N GLU G 191 -6.43 18.15 -89.31
CA GLU G 191 -6.01 16.78 -89.64
C GLU G 191 -4.62 16.65 -89.02
N VAL G 192 -4.44 15.67 -88.15
CA VAL G 192 -3.18 15.61 -87.36
C VAL G 192 -2.54 14.26 -87.58
N GLU G 193 -1.23 14.22 -87.44
CA GLU G 193 -0.48 12.96 -87.37
C GLU G 193 0.00 12.78 -85.94
N VAL G 194 -0.16 11.60 -85.42
CA VAL G 194 0.34 11.24 -84.06
C VAL G 194 1.87 11.09 -84.16
N GLU G 195 2.61 11.85 -83.36
CA GLU G 195 4.08 11.92 -83.48
C GLU G 195 4.74 10.83 -82.66
N ASN G 196 4.06 10.31 -81.62
CA ASN G 196 4.68 9.36 -80.66
C ASN G 196 3.56 8.53 -80.05
N ASP G 197 3.88 7.34 -79.54
CA ASP G 197 2.90 6.46 -78.87
C ASP G 197 2.40 7.16 -77.61
N GLY G 198 1.09 7.12 -77.37
CA GLY G 198 0.57 7.74 -76.15
C GLY G 198 -0.93 7.63 -76.04
N ILE G 199 -1.45 8.23 -74.98
CA ILE G 199 -2.89 8.12 -74.63
C ILE G 199 -3.49 9.50 -74.79
N ILE G 200 -4.71 9.56 -75.29
CA ILE G 200 -5.60 10.74 -75.11
C ILE G 200 -6.73 10.34 -74.18
N ALA G 201 -6.77 10.94 -72.99
CA ALA G 201 -7.84 10.75 -72.00
C ALA G 201 -8.67 12.02 -71.98
N LYS G 202 -9.85 11.88 -71.39
CA LYS G 202 -10.75 13.01 -71.20
C LYS G 202 -10.09 13.99 -70.23
N GLN G 203 -10.42 15.26 -70.39
CA GLN G 203 -10.17 16.38 -69.46
C GLN G 203 -8.65 16.48 -69.25
N LYS G 204 -7.89 16.21 -70.31
CA LYS G 204 -6.41 16.37 -70.30
C LYS G 204 -6.02 17.72 -70.91
N GLY G 205 -4.92 18.27 -70.40
CA GLY G 205 -4.40 19.58 -70.83
C GLY G 205 -3.88 19.51 -72.25
N VAL G 206 -4.21 20.54 -73.02
CA VAL G 206 -3.80 20.67 -74.43
C VAL G 206 -3.04 21.98 -74.55
N ASN G 207 -1.86 21.91 -75.13
CA ASN G 207 -1.00 23.10 -75.39
C ASN G 207 -0.80 23.16 -76.90
N ILE G 208 -0.86 24.35 -77.46
CA ILE G 208 -0.51 24.57 -78.88
C ILE G 208 0.56 25.64 -78.90
N PRO G 209 1.84 25.27 -78.76
CA PRO G 209 2.88 26.27 -78.58
C PRO G 209 2.92 27.23 -79.77
N ASN G 210 3.25 28.49 -79.51
CA ASN G 210 3.46 29.53 -80.55
C ASN G 210 2.12 29.94 -81.16
N THR G 211 1.01 29.88 -80.41
CA THR G 211 -0.29 30.43 -80.86
C THR G 211 -0.71 31.53 -79.89
N LYS G 212 -1.65 32.39 -80.29
CA LYS G 212 -2.10 33.54 -79.47
C LYS G 212 -3.63 33.49 -79.34
N ILE G 213 -4.14 32.42 -78.82
CA ILE G 213 -5.62 32.35 -78.58
C ILE G 213 -6.01 33.47 -77.61
N PRO G 214 -7.02 34.29 -77.98
CA PRO G 214 -7.44 35.44 -77.18
C PRO G 214 -8.38 35.06 -76.03
N PHE G 215 -7.88 34.39 -75.00
CA PHE G 215 -8.77 33.94 -73.90
C PHE G 215 -9.36 35.14 -73.20
N PRO G 216 -10.58 35.01 -72.65
CA PRO G 216 -11.24 36.08 -71.93
C PRO G 216 -10.59 36.36 -70.57
N ALA G 217 -11.05 37.43 -69.92
CA ALA G 217 -10.60 37.92 -68.60
C ALA G 217 -10.77 36.82 -67.56
N LEU G 218 -12.00 36.42 -67.27
CA LEU G 218 -12.31 35.32 -66.34
C LEU G 218 -13.50 34.56 -66.93
N ALA G 219 -13.33 33.33 -67.35
CA ALA G 219 -14.39 32.51 -67.97
C ALA G 219 -15.52 32.31 -66.95
N GLU G 220 -16.76 32.22 -67.44
CA GLU G 220 -17.96 31.98 -66.62
C GLU G 220 -17.77 30.67 -65.82
N ARG G 221 -17.26 29.63 -66.44
CA ARG G 221 -16.98 28.32 -65.78
C ARG G 221 -16.04 28.53 -64.57
N ASP G 222 -14.97 29.31 -64.69
CA ASP G 222 -14.07 29.59 -63.54
C ASP G 222 -14.86 30.31 -62.44
N ASN G 223 -15.64 31.30 -62.84
CA ASN G 223 -16.51 32.05 -61.89
C ASN G 223 -17.35 31.03 -61.13
N ASP G 224 -18.02 30.13 -61.86
CA ASP G 224 -18.92 29.11 -61.25
C ASP G 224 -18.09 28.22 -60.34
N ASP G 225 -16.95 27.74 -60.82
CA ASP G 225 -16.11 26.77 -60.09
C ASP G 225 -15.65 27.41 -58.77
N ILE G 226 -15.12 28.62 -58.86
CA ILE G 226 -14.59 29.33 -57.66
C ILE G 226 -15.73 29.54 -56.66
N ARG G 227 -16.92 29.90 -57.11
CA ARG G 227 -18.03 30.22 -56.18
C ARG G 227 -18.52 28.93 -55.54
N PHE G 228 -18.57 27.83 -56.29
CA PHE G 228 -18.96 26.52 -55.74
C PHE G 228 -17.94 26.11 -54.66
N GLY G 229 -16.65 26.27 -54.97
CA GLY G 229 -15.55 25.94 -54.05
C GLY G 229 -15.61 26.77 -52.78
N LEU G 230 -15.85 28.07 -52.90
CA LEU G 230 -15.99 29.00 -51.75
C LEU G 230 -17.17 28.56 -50.88
N GLU G 231 -18.23 28.04 -51.49
CA GLU G 231 -19.44 27.54 -50.78
C GLU G 231 -19.05 26.33 -49.94
N GLN G 232 -18.25 25.42 -50.48
CA GLN G 232 -17.87 24.18 -49.75
C GLN G 232 -16.99 24.53 -48.53
N GLY G 233 -16.19 25.59 -48.61
CA GLY G 233 -15.17 25.96 -47.60
C GLY G 233 -13.78 25.56 -48.07
N ILE G 234 -13.05 26.52 -48.62
CA ILE G 234 -11.64 26.32 -49.01
C ILE G 234 -10.75 27.36 -48.30
N ASN G 235 -9.43 27.12 -48.34
CA ASN G 235 -8.42 28.01 -47.68
C ASN G 235 -7.58 28.67 -48.76
N PHE G 236 -7.39 27.98 -49.88
CA PHE G 236 -6.50 28.47 -50.96
C PHE G 236 -7.15 28.27 -52.33
N ILE G 237 -6.87 29.20 -53.23
CA ILE G 237 -7.13 29.00 -54.67
C ILE G 237 -5.80 29.13 -55.43
N ALA G 238 -5.45 28.09 -56.19
CA ALA G 238 -4.37 28.18 -57.18
C ALA G 238 -4.99 28.55 -58.53
N ILE G 239 -4.68 29.74 -59.03
CA ILE G 239 -5.27 30.29 -60.28
C ILE G 239 -4.41 29.88 -61.47
N SER G 240 -4.93 29.05 -62.35
CA SER G 240 -4.16 28.55 -63.51
C SER G 240 -3.87 29.69 -64.51
N PHE G 241 -2.72 29.62 -65.17
CA PHE G 241 -2.27 30.50 -66.28
C PHE G 241 -2.50 31.97 -65.91
N VAL G 242 -2.05 32.40 -64.74
CA VAL G 242 -2.11 33.84 -64.39
C VAL G 242 -1.24 34.61 -65.37
N ARG G 243 -1.85 35.55 -66.09
CA ARG G 243 -1.20 36.28 -67.19
C ARG G 243 -0.74 37.64 -66.67
N THR G 244 -1.53 38.24 -65.78
CA THR G 244 -1.33 39.61 -65.24
C THR G 244 -1.85 39.65 -63.82
N ALA G 245 -1.61 40.74 -63.11
CA ALA G 245 -2.19 41.01 -61.76
C ALA G 245 -3.71 41.02 -61.88
N LYS G 246 -4.25 41.52 -62.99
CA LYS G 246 -5.72 41.58 -63.19
C LYS G 246 -6.31 40.18 -62.97
N ASP G 247 -5.66 39.12 -63.45
CA ASP G 247 -6.23 37.76 -63.32
C ASP G 247 -6.38 37.42 -61.83
N VAL G 248 -5.43 37.85 -60.98
CA VAL G 248 -5.47 37.60 -59.52
C VAL G 248 -6.62 38.41 -58.90
N ASN G 249 -6.72 39.70 -59.25
CA ASN G 249 -7.70 40.66 -58.68
C ASN G 249 -9.11 40.21 -59.03
N GLU G 250 -9.35 39.60 -60.19
CA GLU G 250 -10.72 39.12 -60.55
C GLU G 250 -11.16 38.09 -59.52
N VAL G 251 -10.24 37.22 -59.11
CA VAL G 251 -10.57 36.14 -58.14
C VAL G 251 -10.72 36.76 -56.76
N ARG G 252 -9.84 37.71 -56.44
CA ARG G 252 -9.87 38.41 -55.13
C ARG G 252 -11.24 39.08 -54.92
N ALA G 253 -11.75 39.76 -55.95
CA ALA G 253 -13.08 40.42 -55.95
C ALA G 253 -14.17 39.41 -55.56
N ILE G 254 -14.11 38.19 -56.06
CA ILE G 254 -15.15 37.16 -55.78
C ILE G 254 -15.00 36.71 -54.34
N CYS G 255 -13.77 36.45 -53.91
CA CYS G 255 -13.48 36.05 -52.52
C CYS G 255 -14.01 37.12 -51.58
N GLU G 256 -13.78 38.39 -51.89
CA GLU G 256 -14.20 39.49 -50.99
C GLU G 256 -15.73 39.59 -50.96
N GLU G 257 -16.37 39.58 -52.13
CA GLU G 257 -17.84 39.76 -52.30
C GLU G 257 -18.59 38.71 -51.48
N THR G 258 -18.13 37.46 -51.48
CA THR G 258 -18.77 36.32 -50.79
C THR G 258 -18.39 36.17 -49.31
N GLY G 259 -17.68 37.14 -48.72
CA GLY G 259 -17.28 37.10 -47.30
C GLY G 259 -16.19 36.07 -47.07
N ASN G 260 -15.34 35.84 -48.07
CA ASN G 260 -14.26 34.82 -48.06
C ASN G 260 -12.92 35.54 -48.24
N GLY G 261 -12.75 36.68 -47.58
CA GLY G 261 -11.52 37.49 -47.64
C GLY G 261 -10.29 36.78 -47.08
N HIS G 262 -10.48 35.74 -46.28
CA HIS G 262 -9.41 34.92 -45.68
C HIS G 262 -8.76 33.99 -46.71
N VAL G 263 -9.43 33.72 -47.81
CA VAL G 263 -8.91 32.72 -48.78
C VAL G 263 -7.66 33.33 -49.41
N GLN G 264 -6.59 32.55 -49.49
CA GLN G 264 -5.34 33.07 -50.07
C GLN G 264 -5.23 32.60 -51.51
N LEU G 265 -4.66 33.44 -52.35
CA LEU G 265 -4.55 33.17 -53.80
C LEU G 265 -3.12 32.93 -54.18
N PHE G 266 -2.87 31.79 -54.84
CA PHE G 266 -1.58 31.40 -55.40
C PHE G 266 -1.71 31.53 -56.91
N ALA G 267 -0.97 32.45 -57.51
CA ALA G 267 -0.91 32.60 -58.97
C ALA G 267 -0.10 31.44 -59.51
N LYS G 268 -0.65 30.70 -60.48
CA LYS G 268 0.15 29.66 -61.16
C LYS G 268 0.87 30.35 -62.32
N ILE G 269 2.18 30.22 -62.36
CA ILE G 269 2.98 30.81 -63.43
C ILE G 269 3.28 29.65 -64.36
N GLU G 270 2.79 29.71 -65.58
CA GLU G 270 2.98 28.59 -66.51
C GLU G 270 3.01 29.06 -67.96
N ASN G 271 3.29 30.35 -68.20
CA ASN G 271 3.48 30.86 -69.59
C ASN G 271 4.32 32.12 -69.55
N GLN G 272 4.74 32.58 -70.70
CA GLN G 272 5.72 33.68 -70.82
C GLN G 272 5.11 34.94 -70.24
N GLN G 273 3.82 35.18 -70.44
CA GLN G 273 3.13 36.40 -69.95
C GLN G 273 3.20 36.44 -68.41
N GLY G 274 2.97 35.32 -67.75
CA GLY G 274 3.08 35.18 -66.28
C GLY G 274 4.48 35.53 -65.82
N ILE G 275 5.47 35.03 -66.56
CA ILE G 275 6.89 35.31 -66.24
C ILE G 275 7.17 36.80 -66.46
N ASP G 276 6.70 37.38 -67.57
CA ASP G 276 6.94 38.81 -67.89
C ASP G 276 6.33 39.70 -66.80
N ASN G 277 5.21 39.31 -66.22
CA ASN G 277 4.45 40.13 -65.26
C ASN G 277 4.68 39.62 -63.82
N LEU G 278 5.74 38.86 -63.58
CA LEU G 278 5.90 38.11 -62.30
C LEU G 278 5.82 39.08 -61.13
N ASP G 279 6.48 40.24 -61.21
CA ASP G 279 6.58 41.14 -60.04
C ASP G 279 5.19 41.65 -59.65
N GLU G 280 4.39 42.07 -60.62
CA GLU G 280 3.04 42.61 -60.34
C GLU G 280 2.14 41.46 -59.85
N ILE G 281 2.35 40.25 -60.35
CA ILE G 281 1.54 39.08 -59.92
C ILE G 281 1.89 38.74 -58.46
N ILE G 282 3.18 38.72 -58.13
CA ILE G 282 3.62 38.45 -56.73
C ILE G 282 2.98 39.48 -55.82
N GLU G 283 2.97 40.75 -56.25
CA GLU G 283 2.42 41.83 -55.40
C GLU G 283 0.92 41.58 -55.17
N ALA G 284 0.19 41.12 -56.19
CA ALA G 284 -1.28 40.98 -56.10
C ALA G 284 -1.66 39.70 -55.36
N ALA G 285 -0.83 38.65 -55.43
CA ALA G 285 -1.15 37.30 -54.89
C ALA G 285 -0.58 37.08 -53.48
N ASP G 286 -1.01 35.99 -52.86
CA ASP G 286 -0.54 35.52 -51.54
C ASP G 286 0.63 34.57 -51.73
N GLY G 287 0.91 34.18 -52.96
CA GLY G 287 1.93 33.18 -53.24
C GLY G 287 1.90 32.79 -54.70
N ILE G 288 2.87 31.99 -55.07
CA ILE G 288 3.09 31.48 -56.44
C ILE G 288 3.12 29.97 -56.41
N MET G 289 2.44 29.36 -57.38
CA MET G 289 2.69 27.95 -57.69
C MET G 289 3.50 27.90 -58.96
N ILE G 290 4.67 27.27 -58.90
CA ILE G 290 5.55 27.09 -60.07
C ILE G 290 5.01 25.86 -60.83
N ALA G 291 4.10 26.12 -61.76
CA ALA G 291 3.33 25.09 -62.50
C ALA G 291 4.21 24.62 -63.65
N ARG G 292 5.18 23.74 -63.35
CA ARG G 292 6.27 23.45 -64.29
C ARG G 292 5.78 22.63 -65.50
N GLY G 293 4.67 21.89 -65.38
CA GLY G 293 4.15 21.04 -66.48
C GLY G 293 3.85 21.89 -67.71
N ASP G 294 2.96 22.85 -67.57
CA ASP G 294 2.66 23.79 -68.67
C ASP G 294 3.85 24.72 -68.89
N MET G 295 4.52 25.20 -67.84
CA MET G 295 5.60 26.20 -68.06
C MET G 295 6.63 25.64 -69.07
N GLY G 296 7.02 24.38 -68.94
CA GLY G 296 8.10 23.78 -69.73
C GLY G 296 7.68 23.49 -71.18
N ILE G 297 6.39 23.67 -71.49
CA ILE G 297 5.86 23.58 -72.87
C ILE G 297 5.69 24.98 -73.44
N GLU G 298 5.28 25.94 -72.62
CA GLU G 298 4.94 27.31 -73.05
C GLU G 298 6.18 28.21 -73.13
N VAL G 299 7.25 27.88 -72.41
CA VAL G 299 8.57 28.58 -72.50
C VAL G 299 9.60 27.49 -72.80
N PRO G 300 10.84 27.82 -73.20
CA PRO G 300 11.84 26.77 -73.45
C PRO G 300 12.05 25.91 -72.21
N PHE G 301 11.97 24.59 -72.35
CA PHE G 301 11.99 23.63 -71.20
C PHE G 301 13.27 23.87 -70.36
N GLU G 302 14.37 24.25 -70.98
CA GLU G 302 15.67 24.36 -70.29
C GLU G 302 15.71 25.62 -69.40
N MET G 303 14.76 26.54 -69.57
CA MET G 303 14.65 27.80 -68.81
C MET G 303 13.86 27.53 -67.53
N VAL G 304 13.15 26.39 -67.44
CA VAL G 304 12.26 26.27 -66.25
C VAL G 304 13.09 26.27 -64.96
N PRO G 305 14.25 25.59 -64.87
CA PRO G 305 15.06 25.64 -63.64
C PRO G 305 15.54 27.04 -63.25
N VAL G 306 15.84 27.88 -64.26
CA VAL G 306 16.24 29.29 -64.05
C VAL G 306 15.09 30.05 -63.41
N TYR G 307 13.90 29.94 -63.99
CA TYR G 307 12.70 30.62 -63.48
C TYR G 307 12.32 30.06 -62.12
N GLN G 308 12.50 28.76 -61.91
CA GLN G 308 12.15 28.16 -60.60
C GLN G 308 12.95 28.87 -59.48
N LYS G 309 14.25 28.97 -59.65
CA LYS G 309 15.15 29.46 -58.57
C LYS G 309 14.84 30.94 -58.35
N MET G 310 14.63 31.68 -59.44
CA MET G 310 14.36 33.13 -59.34
C MET G 310 12.97 33.37 -58.71
N ILE G 311 11.96 32.60 -59.05
CA ILE G 311 10.62 32.77 -58.45
C ILE G 311 10.70 32.52 -56.95
N ILE G 312 11.38 31.46 -56.54
CA ILE G 312 11.43 31.04 -55.12
C ILE G 312 12.08 32.18 -54.35
N LYS G 313 13.13 32.75 -54.91
CA LYS G 313 13.86 33.83 -54.22
C LYS G 313 12.94 35.04 -54.11
N LYS G 314 12.30 35.44 -55.20
CA LYS G 314 11.42 36.63 -55.16
C LYS G 314 10.24 36.43 -54.22
N VAL G 315 9.64 35.25 -54.19
CA VAL G 315 8.41 35.08 -53.38
C VAL G 315 8.82 35.10 -51.89
N ASN G 316 9.94 34.48 -51.58
CA ASN G 316 10.49 34.46 -50.21
C ASN G 316 10.80 35.90 -49.78
N ALA G 317 11.38 36.72 -50.66
CA ALA G 317 11.74 38.14 -50.34
C ALA G 317 10.45 38.94 -50.06
N ALA G 318 9.33 38.54 -50.65
CA ALA G 318 8.03 39.24 -50.46
C ALA G 318 7.34 38.74 -49.20
N GLY G 319 7.85 37.70 -48.57
CA GLY G 319 7.21 37.13 -47.36
C GLY G 319 6.00 36.29 -47.69
N LYS G 320 6.01 35.65 -48.86
CA LYS G 320 4.81 34.95 -49.39
C LYS G 320 5.16 33.48 -49.58
N VAL G 321 4.21 32.68 -50.09
CA VAL G 321 4.35 31.20 -50.12
C VAL G 321 4.68 30.74 -51.54
N VAL G 322 5.66 29.87 -51.69
CA VAL G 322 5.97 29.30 -53.03
C VAL G 322 5.81 27.79 -52.99
N ILE G 323 5.08 27.26 -53.97
CA ILE G 323 4.89 25.81 -54.19
C ILE G 323 5.65 25.44 -55.45
N THR G 324 6.51 24.43 -55.40
CA THR G 324 7.11 23.81 -56.60
C THR G 324 6.23 22.60 -57.00
N ALA G 325 5.84 22.52 -58.27
CA ALA G 325 4.85 21.52 -58.76
C ALA G 325 5.33 20.77 -60.00
N THR G 326 4.85 19.52 -60.08
CA THR G 326 4.73 18.68 -61.30
C THR G 326 5.96 17.83 -61.58
N ASN G 327 5.75 16.51 -61.64
CA ASN G 327 6.72 15.45 -62.04
C ASN G 327 7.74 15.19 -60.93
N MET G 328 7.55 15.77 -59.74
CA MET G 328 8.56 15.69 -58.66
C MET G 328 8.86 14.22 -58.35
N LEU G 329 7.87 13.33 -58.30
CA LEU G 329 8.16 11.88 -58.09
C LEU G 329 7.37 11.07 -59.13
N GLU G 330 7.46 11.49 -60.39
CA GLU G 330 6.53 11.05 -61.48
C GLU G 330 6.46 9.53 -61.54
N THR G 331 7.62 8.89 -61.49
CA THR G 331 7.81 7.43 -61.71
C THR G 331 7.07 6.65 -60.63
N MET G 332 6.83 7.25 -59.48
CA MET G 332 6.07 6.59 -58.39
C MET G 332 4.57 6.51 -58.71
N THR G 333 4.12 7.09 -59.82
CA THR G 333 2.75 6.85 -60.36
C THR G 333 2.59 5.35 -60.63
N GLU G 334 3.65 4.69 -61.11
CA GLU G 334 3.65 3.29 -61.59
C GLU G 334 4.59 2.41 -60.78
N LYS G 335 5.60 2.93 -60.09
CA LYS G 335 6.67 2.10 -59.45
C LYS G 335 6.78 2.48 -57.99
N PRO G 336 7.23 1.56 -57.12
CA PRO G 336 7.36 1.84 -55.70
C PRO G 336 8.55 2.75 -55.33
N ARG G 337 9.48 2.98 -56.25
CA ARG G 337 10.66 3.83 -56.04
C ARG G 337 10.76 4.90 -57.12
N ALA G 338 11.16 6.09 -56.70
CA ALA G 338 11.45 7.25 -57.54
C ALA G 338 12.80 7.04 -58.25
N THR G 339 12.96 7.71 -59.39
CA THR G 339 14.25 7.77 -60.10
C THR G 339 15.22 8.68 -59.33
N ARG G 340 16.49 8.59 -59.67
CA ARG G 340 17.55 9.43 -59.05
C ARG G 340 17.26 10.89 -59.41
N SER G 341 16.78 11.14 -60.62
CA SER G 341 16.49 12.51 -61.10
C SER G 341 15.31 13.06 -60.33
N GLU G 342 14.32 12.24 -59.97
CA GLU G 342 13.17 12.72 -59.18
C GLU G 342 13.59 13.08 -57.75
N VAL G 343 14.35 12.22 -57.10
CA VAL G 343 14.81 12.52 -55.71
C VAL G 343 15.67 13.79 -55.76
N SER G 344 16.56 13.91 -56.74
CA SER G 344 17.37 15.14 -56.95
C SER G 344 16.46 16.38 -57.07
N ASP G 345 15.41 16.29 -57.89
CA ASP G 345 14.46 17.41 -58.10
C ASP G 345 13.87 17.84 -56.75
N VAL G 346 13.29 16.91 -56.00
CA VAL G 346 12.66 17.28 -54.73
C VAL G 346 13.72 17.92 -53.82
N PHE G 347 14.87 17.28 -53.69
CA PHE G 347 15.93 17.75 -52.78
C PHE G 347 16.32 19.19 -53.15
N ASN G 348 16.54 19.43 -54.43
CA ASN G 348 17.01 20.76 -54.93
C ASN G 348 15.89 21.80 -54.85
N ALA G 349 14.61 21.44 -54.93
CA ALA G 349 13.51 22.41 -54.70
C ALA G 349 13.62 22.92 -53.26
N VAL G 350 13.83 22.03 -52.31
CA VAL G 350 14.00 22.43 -50.89
C VAL G 350 15.22 23.37 -50.78
N ILE G 351 16.35 22.99 -51.33
CA ILE G 351 17.61 23.79 -51.18
C ILE G 351 17.39 25.17 -51.84
N ASP G 352 16.68 25.22 -52.96
CA ASP G 352 16.35 26.48 -53.68
C ASP G 352 15.57 27.45 -52.75
N GLY G 353 14.79 26.92 -51.81
CA GLY G 353 14.06 27.66 -50.77
C GLY G 353 12.56 27.48 -50.82
N THR G 354 12.03 26.47 -51.51
CA THR G 354 10.57 26.30 -51.65
C THR G 354 9.89 26.19 -50.27
N ASP G 355 8.71 26.77 -50.12
CA ASP G 355 7.90 26.55 -48.91
C ASP G 355 7.28 25.14 -48.94
N ALA G 356 6.93 24.69 -50.16
CA ALA G 356 6.13 23.47 -50.36
C ALA G 356 6.54 22.80 -51.66
N THR G 357 6.34 21.47 -51.67
CA THR G 357 6.50 20.54 -52.81
C THR G 357 5.14 19.86 -53.04
N MET G 358 4.86 19.54 -54.28
CA MET G 358 3.50 19.14 -54.68
C MET G 358 3.56 17.80 -55.36
N LEU G 359 2.53 17.01 -55.13
CA LEU G 359 2.28 15.74 -55.82
C LEU G 359 1.00 15.94 -56.64
N SER G 360 1.02 15.49 -57.88
CA SER G 360 -0.10 15.58 -58.84
C SER G 360 -0.63 14.16 -59.10
N GLY G 361 -0.29 13.58 -60.23
CA GLY G 361 -0.65 12.19 -60.51
C GLY G 361 -0.14 11.18 -59.53
N GLU G 362 1.02 11.42 -58.87
CA GLU G 362 1.56 10.48 -57.88
C GLU G 362 0.48 10.19 -56.84
N SER G 363 -0.24 11.21 -56.39
CA SER G 363 -1.22 11.06 -55.31
C SER G 363 -2.65 10.92 -55.87
N ALA G 364 -2.93 11.45 -57.05
CA ALA G 364 -4.32 11.51 -57.55
C ALA G 364 -4.63 10.31 -58.45
N ASN G 365 -3.63 9.82 -59.15
CA ASN G 365 -3.81 8.97 -60.36
C ASN G 365 -2.91 7.72 -60.29
N GLY G 366 -2.21 7.45 -59.20
CA GLY G 366 -1.13 6.44 -59.20
C GLY G 366 -1.43 5.20 -58.37
N LYS G 367 -0.56 4.22 -58.50
CA LYS G 367 -0.63 2.96 -57.75
C LYS G 367 -0.11 3.13 -56.32
N TYR G 368 0.58 4.23 -55.99
CA TYR G 368 1.37 4.34 -54.74
C TYR G 368 1.20 5.74 -54.14
N PRO G 369 -0.04 6.21 -53.92
CA PRO G 369 -0.25 7.53 -53.38
C PRO G 369 0.34 7.69 -51.97
N LEU G 370 0.09 6.73 -51.08
CA LEU G 370 0.58 6.83 -49.69
C LEU G 370 2.11 6.89 -49.74
N GLU G 371 2.72 6.00 -50.50
CA GLU G 371 4.19 5.85 -50.57
C GLU G 371 4.81 7.07 -51.23
N SER G 372 4.08 7.72 -52.15
CA SER G 372 4.53 8.98 -52.81
C SER G 372 4.63 10.07 -51.74
N VAL G 373 3.65 10.19 -50.83
CA VAL G 373 3.71 11.20 -49.75
C VAL G 373 4.88 10.85 -48.81
N THR G 374 4.96 9.61 -48.35
CA THR G 374 6.06 9.14 -47.45
C THR G 374 7.44 9.45 -48.07
N THR G 375 7.62 9.14 -49.35
CA THR G 375 8.89 9.35 -50.04
C THR G 375 9.20 10.85 -50.11
N MET G 376 8.22 11.67 -50.49
CA MET G 376 8.42 13.12 -50.59
C MET G 376 8.76 13.69 -49.20
N ALA G 377 8.11 13.20 -48.14
CA ALA G 377 8.37 13.63 -46.75
C ALA G 377 9.83 13.29 -46.34
N THR G 378 10.29 12.10 -46.65
CA THR G 378 11.63 11.60 -46.35
C THR G 378 12.64 12.50 -47.03
N ILE G 379 12.42 12.84 -48.31
CA ILE G 379 13.42 13.64 -49.04
C ILE G 379 13.41 15.03 -48.44
N ASP G 380 12.21 15.56 -48.24
CA ASP G 380 12.02 16.95 -47.74
C ASP G 380 12.73 17.10 -46.38
N LYS G 381 12.57 16.13 -45.49
CA LYS G 381 13.14 16.16 -44.13
C LYS G 381 14.66 16.11 -44.23
N ASN G 382 15.22 15.26 -45.10
CA ASN G 382 16.68 15.13 -45.24
C ASN G 382 17.20 16.45 -45.78
N ALA G 383 16.55 17.00 -46.83
CA ALA G 383 17.04 18.24 -47.46
C ALA G 383 17.01 19.40 -46.46
N GLN G 384 16.02 19.49 -45.56
CA GLN G 384 15.96 20.67 -44.63
C GLN G 384 17.22 20.73 -43.76
N ALA G 385 17.85 19.62 -43.48
CA ALA G 385 19.04 19.54 -42.62
C ALA G 385 20.28 20.06 -43.37
N LEU G 386 20.18 20.28 -44.68
CA LEU G 386 21.29 20.84 -45.48
C LEU G 386 21.06 22.27 -45.88
N LEU G 387 19.99 22.92 -45.40
CA LEU G 387 19.75 24.34 -45.77
C LEU G 387 20.86 25.25 -45.21
N ASN G 388 21.40 25.03 -43.99
CA ASN G 388 22.55 25.83 -43.47
C ASN G 388 23.74 25.68 -44.41
N GLU G 389 24.04 24.47 -44.86
CA GLU G 389 25.22 24.26 -45.74
C GLU G 389 24.99 24.84 -47.14
N TYR G 390 23.88 24.54 -47.80
CA TYR G 390 23.68 24.72 -49.26
C TYR G 390 22.51 25.66 -49.59
N GLY G 391 21.67 26.03 -48.62
CA GLY G 391 20.41 26.77 -48.86
C GLY G 391 20.64 28.03 -49.65
N ARG G 392 19.79 28.33 -50.63
CA ARG G 392 20.02 29.45 -51.56
C ARG G 392 19.48 30.74 -50.93
N LEU G 393 18.47 30.66 -50.08
CA LEU G 393 17.83 31.92 -49.61
C LEU G 393 18.82 32.57 -48.67
N ASP G 394 18.77 33.90 -48.57
CA ASP G 394 19.71 34.67 -47.74
C ASP G 394 18.95 35.78 -47.02
N SER G 395 18.48 35.49 -45.82
CA SER G 395 17.70 36.40 -44.97
C SER G 395 18.57 37.58 -44.53
N ASP G 396 19.90 37.49 -44.61
CA ASP G 396 20.82 38.58 -44.16
C ASP G 396 20.62 39.79 -45.07
N SER G 397 20.19 39.56 -46.31
CA SER G 397 20.04 40.64 -47.32
C SER G 397 18.68 41.36 -47.23
N PHE G 398 17.70 40.86 -46.46
CA PHE G 398 16.38 41.52 -46.38
C PHE G 398 16.45 42.87 -45.67
N GLU G 399 15.69 43.84 -46.14
CA GLU G 399 15.33 45.02 -45.34
C GLU G 399 14.25 44.57 -44.34
N ARG G 400 14.44 44.88 -43.07
CA ARG G 400 13.41 44.60 -42.04
C ARG G 400 12.45 45.80 -42.05
N ASN G 401 11.28 45.66 -42.66
CA ASN G 401 10.41 46.79 -43.07
C ASN G 401 9.37 47.11 -42.02
N SER G 402 9.36 46.42 -40.89
CA SER G 402 8.39 46.67 -39.79
C SER G 402 8.95 46.08 -38.50
N LYS G 403 8.38 46.45 -37.36
CA LYS G 403 8.82 45.98 -36.04
C LYS G 403 8.51 44.50 -35.86
N THR G 404 7.46 43.98 -36.46
CA THR G 404 7.25 42.51 -36.40
C THR G 404 8.40 41.82 -37.16
N GLU G 405 8.82 42.40 -38.27
CA GLU G 405 9.87 41.76 -39.09
C GLU G 405 11.23 41.86 -38.35
N VAL G 406 11.46 42.97 -37.64
CA VAL G 406 12.65 43.07 -36.72
C VAL G 406 12.62 41.93 -35.70
N MET G 407 11.47 41.66 -35.13
CA MET G 407 11.38 40.55 -34.16
C MET G 407 11.68 39.23 -34.87
N ALA G 408 11.17 39.04 -36.10
CA ALA G 408 11.41 37.81 -36.89
C ALA G 408 12.93 37.62 -37.10
N SER G 409 13.63 38.70 -37.42
CA SER G 409 15.11 38.68 -37.60
C SER G 409 15.80 38.28 -36.28
N ALA G 410 15.37 38.85 -35.17
CA ALA G 410 15.95 38.57 -33.84
C ALA G 410 15.71 37.10 -33.47
N VAL G 411 14.51 36.60 -33.73
CA VAL G 411 14.21 35.15 -33.58
C VAL G 411 15.24 34.33 -34.37
N LYS G 412 15.46 34.66 -35.64
CA LYS G 412 16.36 33.87 -36.51
C LYS G 412 17.77 33.95 -35.90
N ASP G 413 18.12 35.12 -35.39
CA ASP G 413 19.46 35.33 -34.78
C ASP G 413 19.60 34.40 -33.58
N ALA G 414 18.58 34.32 -32.71
CA ALA G 414 18.62 33.42 -31.53
C ALA G 414 18.79 31.95 -31.95
N THR G 415 18.09 31.49 -33.00
CA THR G 415 18.21 30.10 -33.50
C THR G 415 19.55 29.86 -34.16
N SER G 416 20.20 30.91 -34.63
CA SER G 416 21.58 30.82 -35.16
C SER G 416 22.60 30.76 -34.03
N SER G 417 22.34 31.42 -32.90
CA SER G 417 23.30 31.55 -31.76
C SER G 417 23.34 30.32 -30.88
N MET G 418 22.25 29.57 -30.78
CA MET G 418 22.16 28.40 -29.91
C MET G 418 21.15 27.40 -30.49
N ASP G 419 21.11 26.20 -29.92
CA ASP G 419 20.22 25.08 -30.38
C ASP G 419 18.80 25.37 -29.82
N ILE G 420 17.93 25.90 -30.66
CA ILE G 420 16.52 26.20 -30.31
C ILE G 420 15.67 25.10 -30.91
N LYS G 421 14.91 24.39 -30.07
CA LYS G 421 14.09 23.23 -30.50
C LYS G 421 12.89 23.78 -31.27
N LEU G 422 12.35 24.91 -30.81
CA LEU G 422 11.03 25.37 -31.31
C LEU G 422 10.94 26.86 -31.12
N VAL G 423 10.41 27.52 -32.14
CA VAL G 423 9.91 28.90 -32.01
C VAL G 423 8.39 28.83 -31.82
N VAL G 424 7.88 29.49 -30.80
CA VAL G 424 6.41 29.65 -30.58
C VAL G 424 6.02 31.09 -30.81
N THR G 425 4.96 31.29 -31.63
CA THR G 425 4.34 32.63 -31.84
C THR G 425 2.85 32.56 -31.50
N LEU G 426 2.38 33.47 -30.65
CA LEU G 426 0.94 33.69 -30.40
C LEU G 426 0.46 34.75 -31.38
N THR G 427 -0.34 34.35 -32.36
CA THR G 427 -0.56 35.12 -33.58
C THR G 427 -2.07 35.12 -33.86
N LYS G 428 -2.70 36.28 -33.87
CA LYS G 428 -4.15 36.44 -34.13
C LYS G 428 -4.42 36.21 -35.63
N THR G 429 -3.61 36.75 -36.53
CA THR G 429 -3.84 36.68 -37.99
C THR G 429 -2.80 35.79 -38.69
N GLY G 430 -1.76 35.33 -38.01
CA GLY G 430 -0.66 34.54 -38.63
C GLY G 430 0.47 35.41 -39.17
N HIS G 431 0.33 36.73 -39.08
CA HIS G 431 1.33 37.70 -39.60
C HIS G 431 2.74 37.41 -39.00
N THR G 432 2.85 37.28 -37.68
CA THR G 432 4.15 37.01 -37.02
C THR G 432 4.70 35.67 -37.51
N ALA G 433 3.86 34.64 -37.64
CA ALA G 433 4.26 33.31 -38.11
C ALA G 433 4.79 33.40 -39.55
N ARG G 434 4.15 34.18 -40.41
CA ARG G 434 4.60 34.33 -41.82
C ARG G 434 5.97 35.02 -41.89
N LEU G 435 6.22 36.01 -41.03
CA LEU G 435 7.52 36.75 -41.08
C LEU G 435 8.62 35.88 -40.46
N ILE G 436 8.35 35.16 -39.37
CA ILE G 436 9.33 34.17 -38.83
C ILE G 436 9.66 33.14 -39.89
N SER G 437 8.63 32.58 -40.52
CA SER G 437 8.79 31.60 -41.61
C SER G 437 9.67 32.16 -42.74
N LYS G 438 9.42 33.39 -43.16
CA LYS G 438 10.21 34.08 -44.20
C LYS G 438 11.72 33.97 -43.91
N TYR G 439 12.13 34.15 -42.65
CA TYR G 439 13.53 34.15 -42.23
C TYR G 439 14.12 32.76 -42.10
N ARG G 440 13.32 31.69 -42.26
CA ARG G 440 13.81 30.30 -42.35
C ARG G 440 14.66 29.99 -41.12
N PRO G 441 14.12 30.10 -39.89
CA PRO G 441 14.89 29.78 -38.69
C PRO G 441 15.30 28.31 -38.67
N ASN G 442 16.41 28.01 -37.99
CA ASN G 442 16.84 26.61 -37.71
C ASN G 442 16.03 26.09 -36.51
N ALA G 443 14.71 26.07 -36.68
CA ALA G 443 13.74 25.57 -35.70
C ALA G 443 12.40 25.39 -36.41
N ASP G 444 11.54 24.57 -35.84
CA ASP G 444 10.11 24.48 -36.18
C ASP G 444 9.42 25.69 -35.58
N ILE G 445 8.30 26.09 -36.14
CA ILE G 445 7.55 27.26 -35.72
C ILE G 445 6.13 26.84 -35.32
N LEU G 446 5.84 26.87 -34.03
CA LEU G 446 4.47 26.59 -33.54
C LEU G 446 3.72 27.91 -33.53
N ALA G 447 2.67 27.99 -34.36
CA ALA G 447 1.80 29.16 -34.49
C ALA G 447 0.53 28.87 -33.70
N LEU G 448 0.42 29.52 -32.55
CA LEU G 448 -0.78 29.41 -31.69
C LEU G 448 -1.72 30.50 -32.16
N THR G 449 -2.85 30.11 -32.77
CA THR G 449 -3.84 31.09 -33.29
C THR G 449 -5.22 30.70 -32.75
N PHE G 450 -6.20 31.55 -32.96
CA PHE G 450 -7.44 31.53 -32.14
C PHE G 450 -8.66 31.30 -33.01
N ASP G 451 -8.48 31.05 -34.31
CA ASP G 451 -9.59 30.65 -35.20
C ASP G 451 -9.10 29.64 -36.23
N GLU G 452 -10.00 28.80 -36.67
CA GLU G 452 -9.68 27.67 -37.57
C GLU G 452 -9.29 28.19 -38.96
N LEU G 453 -9.81 29.34 -39.38
CA LEU G 453 -9.48 29.89 -40.71
C LEU G 453 -8.01 30.33 -40.75
N THR G 454 -7.54 30.97 -39.69
CA THR G 454 -6.12 31.41 -39.59
C THR G 454 -5.23 30.16 -39.50
N GLU G 455 -5.65 29.18 -38.71
CA GLU G 455 -4.95 27.88 -38.53
C GLU G 455 -4.68 27.20 -39.89
N ARG G 456 -5.72 26.93 -40.67
CA ARG G 456 -5.57 26.24 -41.99
C ARG G 456 -4.77 27.12 -42.96
N GLY G 457 -4.96 28.44 -42.85
CA GLY G 457 -4.33 29.46 -43.68
C GLY G 457 -2.81 29.48 -43.58
N LEU G 458 -2.23 28.87 -42.53
CA LEU G 458 -0.77 28.81 -42.32
C LEU G 458 -0.19 27.47 -42.75
N MET G 459 -0.99 26.56 -43.27
CA MET G 459 -0.53 25.17 -43.47
C MET G 459 0.50 25.02 -44.60
N LEU G 460 0.68 26.01 -45.47
CA LEU G 460 1.67 25.92 -46.58
C LEU G 460 2.88 26.80 -46.29
N ASN G 461 2.93 27.51 -45.16
CA ASN G 461 4.14 28.33 -44.83
C ASN G 461 5.26 27.43 -44.30
N TRP G 462 6.46 27.58 -44.81
CA TRP G 462 7.64 26.79 -44.42
C TRP G 462 7.76 26.75 -42.89
N GLY G 463 7.92 25.55 -42.35
CA GLY G 463 8.26 25.29 -40.93
C GLY G 463 7.10 25.52 -39.96
N VAL G 464 5.94 26.02 -40.41
CA VAL G 464 4.87 26.47 -39.49
C VAL G 464 3.94 25.32 -39.10
N ILE G 465 3.77 25.12 -37.80
CA ILE G 465 2.84 24.11 -37.21
C ILE G 465 1.74 24.90 -36.56
N PRO G 466 0.60 25.03 -37.27
CA PRO G 466 -0.53 25.82 -36.79
C PRO G 466 -1.23 24.99 -35.73
N MET G 467 -1.69 25.67 -34.69
CA MET G 467 -2.38 24.98 -33.58
C MET G 467 -3.41 25.95 -33.02
N LEU G 468 -4.67 25.52 -32.93
CA LEU G 468 -5.81 26.30 -32.40
C LEU G 468 -5.73 26.35 -30.89
N THR G 469 -5.94 27.52 -30.29
CA THR G 469 -6.00 27.65 -28.81
C THR G 469 -6.96 28.78 -28.48
N ASP G 470 -7.34 28.93 -27.22
CA ASP G 470 -8.19 30.07 -26.78
C ASP G 470 -7.37 31.36 -26.90
N ALA G 471 -7.95 32.46 -27.37
CA ALA G 471 -7.35 33.81 -27.27
C ALA G 471 -7.04 34.08 -25.81
N PRO G 472 -5.79 34.44 -25.46
CA PRO G 472 -5.42 34.70 -24.09
C PRO G 472 -6.04 36.00 -23.55
N SER G 473 -6.44 36.04 -22.27
CA SER G 473 -6.83 37.28 -21.55
C SER G 473 -5.57 38.06 -21.16
N SER G 474 -5.69 39.36 -20.86
CA SER G 474 -4.59 40.20 -20.32
C SER G 474 -4.10 39.66 -18.96
N THR G 475 -4.83 38.74 -18.34
CA THR G 475 -4.53 37.98 -17.09
C THR G 475 -3.63 36.76 -17.35
N ASP G 476 -3.67 36.15 -18.54
CA ASP G 476 -2.98 34.87 -18.81
C ASP G 476 -1.48 35.13 -18.94
N ASP G 477 -0.66 34.13 -18.59
CA ASP G 477 0.80 34.11 -18.88
C ASP G 477 0.95 33.44 -20.25
N MET G 478 1.12 34.22 -21.31
CA MET G 478 1.26 33.68 -22.68
C MET G 478 2.51 32.82 -22.80
N PHE G 479 3.54 33.03 -21.98
CA PHE G 479 4.79 32.25 -22.07
C PHE G 479 4.56 30.86 -21.46
N GLU G 480 3.77 30.77 -20.39
CA GLU G 480 3.36 29.47 -19.80
C GLU G 480 2.42 28.76 -20.78
N ILE G 481 1.50 29.50 -21.42
CA ILE G 481 0.60 28.89 -22.43
C ILE G 481 1.47 28.30 -23.54
N ALA G 482 2.44 29.06 -24.06
CA ALA G 482 3.26 28.60 -25.20
C ALA G 482 3.89 27.26 -24.83
N GLU G 483 4.54 27.20 -23.65
CA GLU G 483 5.26 25.99 -23.22
C GLU G 483 4.28 24.82 -23.08
N ARG G 484 3.13 25.05 -22.44
CA ARG G 484 2.13 23.98 -22.21
C ARG G 484 1.66 23.42 -23.56
N LYS G 485 1.32 24.29 -24.52
CA LYS G 485 0.85 23.84 -25.84
C LYS G 485 1.94 23.07 -26.60
N ALA G 486 3.20 23.50 -26.53
CA ALA G 486 4.32 22.80 -27.20
C ALA G 486 4.51 21.41 -26.59
N VAL G 487 4.39 21.28 -25.27
CA VAL G 487 4.56 19.96 -24.58
C VAL G 487 3.37 19.05 -24.96
N GLU G 488 2.13 19.57 -24.91
CA GLU G 488 0.87 18.88 -25.34
C GLU G 488 1.01 18.37 -26.78
N ALA G 489 1.59 19.16 -27.66
CA ALA G 489 1.76 18.76 -29.08
C ALA G 489 2.87 17.71 -29.23
N GLY G 490 3.60 17.38 -28.17
CA GLY G 490 4.79 16.49 -28.23
C GLY G 490 5.94 17.08 -29.03
N LEU G 491 6.05 18.41 -29.16
CA LEU G 491 7.10 19.07 -29.99
C LEU G 491 8.36 19.28 -29.16
N VAL G 492 8.24 19.29 -27.83
CA VAL G 492 9.37 19.62 -26.91
C VAL G 492 9.27 18.69 -25.72
N GLU G 493 10.41 18.42 -25.09
CA GLU G 493 10.47 17.78 -23.75
C GLU G 493 11.32 18.65 -22.80
N SER G 494 11.32 18.29 -21.53
CA SER G 494 12.13 18.92 -20.46
C SER G 494 13.54 19.18 -20.96
N GLY G 495 14.05 20.40 -20.75
CA GLY G 495 15.43 20.76 -21.08
C GLY G 495 15.55 21.39 -22.46
N ASP G 496 14.55 21.23 -23.32
CA ASP G 496 14.51 21.91 -24.65
C ASP G 496 14.43 23.41 -24.44
N ASP G 497 15.21 24.13 -25.26
CA ASP G 497 15.23 25.60 -25.27
C ASP G 497 14.29 26.03 -26.38
N ILE G 498 13.34 26.91 -26.04
CA ILE G 498 12.39 27.48 -27.01
C ILE G 498 12.46 28.99 -27.01
N VAL G 499 12.10 29.56 -28.13
CA VAL G 499 11.93 31.00 -28.32
C VAL G 499 10.43 31.24 -28.47
N ILE G 500 9.90 32.13 -27.66
CA ILE G 500 8.46 32.50 -27.68
C ILE G 500 8.40 33.98 -27.97
N VAL G 501 7.55 34.34 -28.92
CA VAL G 501 7.18 35.75 -29.16
C VAL G 501 5.67 35.94 -28.99
N ALA G 502 5.31 37.16 -28.63
CA ALA G 502 3.92 37.57 -28.31
C ALA G 502 3.86 39.08 -28.29
N GLY G 503 2.65 39.62 -28.45
CA GLY G 503 2.30 41.02 -28.16
C GLY G 503 1.88 41.18 -26.72
N VAL G 504 2.77 41.70 -25.84
CA VAL G 504 2.41 41.75 -24.40
C VAL G 504 2.34 43.20 -23.93
N PRO G 505 1.35 43.51 -23.05
CA PRO G 505 0.23 42.61 -22.77
C PRO G 505 -0.95 42.69 -23.76
N VAL G 506 -1.77 41.64 -23.77
CA VAL G 506 -3.03 41.57 -24.57
C VAL G 506 -3.85 42.81 -24.22
N GLY G 507 -4.30 43.56 -25.23
CA GLY G 507 -5.14 44.77 -25.07
C GLY G 507 -4.33 46.04 -25.23
N GLU G 508 -3.06 46.03 -24.81
CA GLU G 508 -2.13 47.18 -24.88
C GLU G 508 -1.23 47.03 -26.12
N ALA G 509 -0.61 45.88 -26.37
CA ALA G 509 0.36 45.70 -27.48
C ALA G 509 -0.41 45.82 -28.80
N VAL G 510 0.15 46.51 -29.78
CA VAL G 510 -0.48 46.65 -31.11
C VAL G 510 0.19 45.62 -32.04
N ARG G 511 1.21 44.92 -31.58
CA ARG G 511 1.96 43.96 -32.42
C ARG G 511 2.80 43.06 -31.52
N THR G 512 3.32 42.00 -32.10
CA THR G 512 4.34 41.15 -31.45
C THR G 512 5.48 42.08 -31.04
N ASN G 513 5.84 42.11 -29.77
CA ASN G 513 6.82 43.11 -29.24
C ASN G 513 7.80 42.47 -28.26
N THR G 514 7.66 41.17 -27.98
CA THR G 514 8.37 40.50 -26.88
C THR G 514 8.92 39.17 -27.37
N MET G 515 10.17 38.91 -27.08
CA MET G 515 10.81 37.60 -27.32
C MET G 515 11.36 37.07 -26.00
N ARG G 516 11.05 35.82 -25.68
CA ARG G 516 11.50 35.14 -24.46
C ARG G 516 12.28 33.88 -24.86
N ILE G 517 13.44 33.66 -24.26
CA ILE G 517 14.14 32.36 -24.31
C ILE G 517 13.82 31.57 -23.04
N ARG G 518 13.23 30.38 -23.20
CA ARG G 518 12.66 29.60 -22.08
C ARG G 518 13.15 28.16 -22.19
N THR G 519 13.50 27.60 -21.07
CA THR G 519 13.87 26.18 -20.95
C THR G 519 12.61 25.46 -20.49
N VAL G 520 12.21 24.44 -21.24
CA VAL G 520 10.99 23.65 -20.92
C VAL G 520 11.23 22.87 -19.63
N ARG G 521 10.26 22.89 -18.74
CA ARG G 521 10.35 22.17 -17.47
C ARG G 521 10.07 20.67 -17.67
N MET H 21 27.49 29.04 -79.51
CA MET H 21 28.09 28.98 -78.14
C MET H 21 28.24 27.49 -77.76
N ASN H 22 29.32 27.16 -77.07
CA ASN H 22 29.90 25.80 -77.07
C ASN H 22 29.52 25.16 -75.77
N LYS H 23 29.24 23.86 -75.81
CA LYS H 23 28.77 23.09 -74.64
C LYS H 23 29.98 22.74 -73.76
N ARG H 24 30.08 23.32 -72.53
CA ARG H 24 31.28 23.12 -71.70
C ARG H 24 31.14 21.81 -70.94
N VAL H 25 29.91 21.46 -70.52
CA VAL H 25 29.70 20.19 -69.78
C VAL H 25 29.73 19.06 -70.80
N LYS H 26 30.48 18.01 -70.50
CA LYS H 26 30.68 16.90 -71.45
C LYS H 26 29.56 15.86 -71.30
N ILE H 27 29.24 15.20 -72.41
CA ILE H 27 28.22 14.12 -72.42
C ILE H 27 28.89 12.77 -72.65
N VAL H 28 28.63 11.82 -71.77
CA VAL H 28 28.91 10.37 -71.94
C VAL H 28 27.60 9.75 -72.40
N ALA H 29 27.59 9.11 -73.57
CA ALA H 29 26.37 8.44 -74.09
C ALA H 29 26.66 6.93 -74.16
N THR H 30 25.88 6.11 -73.47
CA THR H 30 26.02 4.63 -73.56
C THR H 30 25.44 4.19 -74.92
N LEU H 31 26.18 3.35 -75.62
CA LEU H 31 25.74 2.77 -76.91
C LEU H 31 25.11 1.42 -76.65
N GLY H 32 24.28 1.01 -77.59
CA GLY H 32 23.57 -0.26 -77.52
C GLY H 32 22.74 -0.40 -78.77
N PRO H 33 21.75 -1.32 -78.76
CA PRO H 33 21.04 -1.62 -79.99
C PRO H 33 20.17 -0.42 -80.42
N ALA H 34 19.92 0.53 -79.53
CA ALA H 34 19.07 1.68 -79.83
C ALA H 34 19.53 2.38 -81.10
N VAL H 35 20.83 2.56 -81.31
CA VAL H 35 21.32 3.31 -82.50
C VAL H 35 21.59 2.36 -83.66
N GLU H 36 21.41 1.05 -83.47
CA GLU H 36 21.91 0.06 -84.46
C GLU H 36 20.75 -0.35 -85.37
N ILE H 37 20.99 -0.29 -86.68
CA ILE H 37 20.06 -0.72 -87.77
C ILE H 37 20.46 -2.15 -88.13
N ARG H 38 19.46 -3.03 -88.27
CA ARG H 38 19.64 -4.44 -88.68
C ARG H 38 18.68 -4.72 -89.86
N GLY H 39 19.26 -5.14 -90.99
CA GLY H 39 18.53 -5.44 -92.24
C GLY H 39 17.39 -4.45 -92.46
N GLY H 40 17.68 -3.15 -92.33
CA GLY H 40 16.68 -2.08 -92.51
C GLY H 40 15.73 -1.90 -91.34
N LYS H 41 15.84 -2.68 -90.26
CA LYS H 41 14.93 -2.52 -89.08
C LYS H 41 15.61 -1.72 -87.95
N LYS H 42 14.85 -0.86 -87.29
CA LYS H 42 15.20 -0.11 -86.05
C LYS H 42 14.92 -1.00 -84.85
N PHE H 43 15.67 -0.80 -83.75
CA PHE H 43 15.48 -1.51 -82.45
C PHE H 43 14.01 -1.38 -82.04
N GLY H 44 13.35 -2.48 -81.69
CA GLY H 44 11.93 -2.46 -81.30
C GLY H 44 10.97 -2.84 -82.41
N GLU H 45 11.44 -3.01 -83.67
CA GLU H 45 10.65 -3.52 -84.82
C GLU H 45 10.76 -5.05 -84.88
N ASP H 46 9.75 -5.71 -85.47
CA ASP H 46 9.61 -7.18 -85.42
C ASP H 46 10.63 -7.77 -86.41
N GLY H 47 11.35 -8.82 -85.98
CA GLY H 47 12.40 -9.47 -86.76
C GLY H 47 13.77 -8.82 -86.59
N TYR H 48 13.84 -7.65 -85.93
CA TYR H 48 15.08 -6.85 -85.76
C TYR H 48 16.25 -7.79 -85.49
N TRP H 49 16.11 -8.65 -84.49
CA TRP H 49 17.22 -9.53 -84.01
C TRP H 49 17.51 -10.66 -85.01
N GLY H 50 16.61 -10.88 -85.99
CA GLY H 50 16.81 -11.83 -87.10
C GLY H 50 17.80 -11.31 -88.13
N GLU H 51 17.64 -10.03 -88.48
CA GLU H 51 18.47 -9.32 -89.49
C GLU H 51 19.93 -9.29 -89.01
N LYS H 52 20.85 -8.94 -89.90
CA LYS H 52 22.31 -8.80 -89.63
C LYS H 52 22.59 -7.30 -89.40
N LEU H 53 23.63 -7.00 -88.63
CA LEU H 53 24.02 -5.60 -88.25
C LEU H 53 24.39 -4.81 -89.52
N ASP H 54 23.68 -3.73 -89.81
CA ASP H 54 24.11 -2.77 -90.86
C ASP H 54 25.12 -1.81 -90.22
N VAL H 55 26.40 -2.05 -90.45
CA VAL H 55 27.46 -1.30 -89.74
C VAL H 55 27.39 0.17 -90.20
N GLU H 56 27.21 0.42 -91.50
CA GLU H 56 27.36 1.76 -92.10
C GLU H 56 26.13 2.61 -91.74
N ALA H 57 24.93 2.02 -91.80
CA ALA H 57 23.72 2.72 -91.35
C ALA H 57 23.86 3.06 -89.86
N SER H 58 24.41 2.14 -89.07
CA SER H 58 24.53 2.27 -87.59
C SER H 58 25.55 3.39 -87.29
N ALA H 59 26.65 3.44 -88.04
CA ALA H 59 27.70 4.47 -87.92
C ALA H 59 27.12 5.83 -88.30
N LYS H 60 26.23 5.90 -89.27
CA LYS H 60 25.63 7.19 -89.65
C LYS H 60 24.76 7.69 -88.49
N ASN H 61 24.09 6.79 -87.78
CA ASN H 61 23.27 7.18 -86.60
C ASN H 61 24.19 7.68 -85.49
N ILE H 62 25.26 6.94 -85.20
CA ILE H 62 26.20 7.27 -84.10
C ILE H 62 26.83 8.64 -84.44
N ALA H 63 27.18 8.88 -85.69
CA ALA H 63 27.74 10.17 -86.15
C ALA H 63 26.80 11.32 -85.78
N LYS H 64 25.48 11.10 -85.87
CA LYS H 64 24.48 12.13 -85.48
C LYS H 64 24.63 12.40 -83.97
N LEU H 65 24.86 11.39 -83.13
CA LEU H 65 25.00 11.58 -81.66
C LEU H 65 26.27 12.42 -81.41
N ILE H 66 27.33 12.16 -82.17
CA ILE H 66 28.62 12.91 -82.06
C ILE H 66 28.36 14.37 -82.37
N GLU H 67 27.63 14.64 -83.46
CA GLU H 67 27.30 16.01 -83.90
C GLU H 67 26.42 16.67 -82.84
N ALA H 68 25.55 15.94 -82.15
CA ALA H 68 24.61 16.55 -81.20
C ALA H 68 25.30 16.88 -79.86
N GLY H 69 26.48 16.32 -79.63
CA GLY H 69 27.31 16.72 -78.48
C GLY H 69 27.75 15.56 -77.60
N ALA H 70 27.64 14.29 -78.02
CA ALA H 70 28.23 13.17 -77.25
C ALA H 70 29.76 13.30 -77.35
N ASN H 71 30.46 13.33 -76.22
CA ASN H 71 31.92 13.59 -76.17
C ASN H 71 32.69 12.29 -75.95
N THR H 72 31.99 11.24 -75.50
CA THR H 72 32.56 9.93 -75.14
C THR H 72 31.40 8.94 -75.16
N PHE H 73 31.64 7.75 -75.70
CA PHE H 73 30.70 6.62 -75.73
C PHE H 73 31.14 5.63 -74.67
N ARG H 74 30.17 5.16 -73.92
CA ARG H 74 30.33 4.14 -72.86
C ARG H 74 29.91 2.78 -73.44
N PHE H 75 30.80 1.82 -73.34
CA PHE H 75 30.58 0.40 -73.69
C PHE H 75 30.39 -0.34 -72.39
N ASN H 76 29.14 -0.68 -72.06
CA ASN H 76 28.81 -1.33 -70.76
C ASN H 76 29.00 -2.85 -70.91
N PHE H 77 30.03 -3.42 -70.31
CA PHE H 77 30.38 -4.85 -70.46
C PHE H 77 29.57 -5.76 -69.52
N SER H 78 28.65 -5.18 -68.75
CA SER H 78 27.55 -5.92 -68.10
C SER H 78 26.68 -6.58 -69.18
N HIS H 79 26.63 -6.05 -70.39
CA HIS H 79 25.69 -6.50 -71.44
C HIS H 79 26.52 -6.88 -72.65
N GLY H 80 26.23 -8.05 -73.23
CA GLY H 80 26.82 -8.45 -74.52
C GLY H 80 28.22 -9.00 -74.34
N ASP H 81 28.63 -9.89 -75.24
CA ASP H 81 29.93 -10.59 -75.22
C ASP H 81 30.99 -9.73 -75.94
N HIS H 82 32.22 -10.22 -76.02
CA HIS H 82 33.36 -9.46 -76.59
C HIS H 82 33.09 -9.19 -78.06
N GLN H 83 32.52 -10.15 -78.77
CA GLN H 83 32.21 -9.95 -80.21
C GLN H 83 31.30 -8.72 -80.34
N GLU H 84 30.23 -8.61 -79.54
CA GLU H 84 29.24 -7.51 -79.69
C GLU H 84 29.93 -6.19 -79.29
N GLN H 85 30.70 -6.19 -78.21
CA GLN H 85 31.41 -4.96 -77.75
C GLN H 85 32.40 -4.50 -78.83
N GLY H 86 33.28 -5.40 -79.30
CA GLY H 86 34.32 -5.08 -80.28
C GLY H 86 33.74 -4.59 -81.60
N GLU H 87 32.67 -5.24 -82.06
CA GLU H 87 31.93 -4.82 -83.26
C GLU H 87 31.41 -3.39 -83.05
N ARG H 88 30.86 -3.09 -81.88
CA ARG H 88 30.23 -1.77 -81.63
C ARG H 88 31.34 -0.70 -81.62
N MET H 89 32.46 -1.01 -81.00
CA MET H 89 33.61 -0.09 -80.97
C MET H 89 34.09 0.18 -82.40
N ALA H 90 34.08 -0.82 -83.29
CA ALA H 90 34.52 -0.63 -84.71
C ALA H 90 33.50 0.29 -85.38
N THR H 91 32.23 0.16 -85.04
CA THR H 91 31.14 0.95 -85.66
C THR H 91 31.36 2.41 -85.27
N VAL H 92 31.71 2.65 -84.03
CA VAL H 92 32.00 4.04 -83.56
C VAL H 92 33.19 4.62 -84.33
N LYS H 93 34.22 3.83 -84.58
CA LYS H 93 35.45 4.31 -85.28
C LYS H 93 35.07 4.80 -86.69
N LEU H 94 34.08 4.17 -87.35
CA LEU H 94 33.61 4.64 -88.66
C LEU H 94 32.76 5.88 -88.45
N ALA H 95 31.91 5.92 -87.41
CA ALA H 95 31.06 7.11 -87.10
C ALA H 95 31.97 8.34 -86.94
N GLU H 96 33.13 8.19 -86.28
CA GLU H 96 34.03 9.37 -86.08
C GLU H 96 34.49 9.88 -87.45
N LYS H 97 34.80 8.95 -88.36
CA LYS H 97 35.29 9.27 -89.73
C LYS H 97 34.17 9.97 -90.49
N ILE H 98 32.92 9.54 -90.33
CA ILE H 98 31.75 10.17 -90.99
C ILE H 98 31.47 11.54 -90.41
N ALA H 99 31.45 11.66 -89.08
CA ALA H 99 31.19 12.96 -88.40
C ALA H 99 32.38 13.93 -88.60
N GLY H 100 33.59 13.44 -88.89
CA GLY H 100 34.86 14.20 -88.87
C GLY H 100 35.19 14.72 -87.47
N LYS H 101 34.70 14.06 -86.42
CA LYS H 101 34.88 14.49 -85.01
C LYS H 101 35.27 13.26 -84.22
N LYS H 102 36.26 13.37 -83.35
CA LYS H 102 36.68 12.23 -82.49
C LYS H 102 35.86 12.27 -81.22
N VAL H 103 35.78 11.12 -80.56
CA VAL H 103 35.13 10.98 -79.23
C VAL H 103 36.01 10.09 -78.39
N GLY H 104 35.87 10.20 -77.10
CA GLY H 104 36.44 9.19 -76.17
C GLY H 104 35.69 7.86 -76.21
N PHE H 105 36.42 6.81 -75.86
CA PHE H 105 35.95 5.40 -75.74
C PHE H 105 36.09 5.04 -74.27
N LEU H 106 34.98 4.69 -73.63
CA LEU H 106 34.97 4.38 -72.17
C LEU H 106 34.41 2.97 -72.02
N LEU H 107 35.17 2.12 -71.33
CA LEU H 107 34.72 0.76 -70.96
C LEU H 107 34.21 0.81 -69.51
N ASP H 108 32.98 0.34 -69.29
CA ASP H 108 32.35 0.25 -67.97
C ASP H 108 32.31 -1.23 -67.59
N THR H 109 32.96 -1.58 -66.48
CA THR H 109 33.14 -3.00 -66.09
C THR H 109 31.81 -3.57 -65.58
N LYS H 110 31.65 -4.89 -65.70
CA LYS H 110 30.53 -5.63 -65.07
C LYS H 110 30.64 -5.47 -63.55
N GLY H 111 31.81 -5.75 -62.97
CA GLY H 111 32.01 -5.75 -61.52
C GLY H 111 31.12 -6.79 -60.82
N PRO H 112 30.93 -6.66 -59.50
CA PRO H 112 30.29 -7.71 -58.70
C PRO H 112 28.76 -7.75 -58.79
N GLU H 113 28.18 -7.94 -59.96
CA GLU H 113 26.69 -7.84 -60.03
C GLU H 113 26.07 -9.21 -59.72
N ILE H 114 24.88 -9.14 -59.16
CA ILE H 114 24.02 -10.30 -58.76
C ILE H 114 22.71 -10.17 -59.54
N ARG H 115 22.36 -11.23 -60.28
CA ARG H 115 21.22 -11.32 -61.23
C ARG H 115 20.31 -12.48 -60.75
N THR H 116 18.99 -12.30 -60.83
CA THR H 116 18.00 -13.42 -60.75
C THR H 116 18.39 -14.42 -61.85
N GLU H 117 18.16 -15.73 -61.63
CA GLU H 117 18.50 -16.76 -62.64
C GLU H 117 17.33 -16.90 -63.63
N LEU H 118 17.55 -17.65 -64.73
CA LEU H 118 16.47 -18.24 -65.58
C LEU H 118 15.51 -19.03 -64.68
N PHE H 119 14.25 -19.17 -65.11
CA PHE H 119 13.26 -20.07 -64.45
C PHE H 119 13.25 -21.41 -65.19
N GLU H 120 12.90 -22.49 -64.46
CA GLU H 120 12.64 -23.87 -65.00
C GLU H 120 11.33 -23.82 -65.82
N GLY H 121 11.40 -24.20 -67.10
CA GLY H 121 10.26 -24.20 -68.05
C GLY H 121 10.12 -22.86 -68.74
N GLU H 122 11.23 -22.35 -69.31
CA GLU H 122 11.47 -20.97 -69.83
C GLU H 122 10.39 -19.97 -69.37
N ALA H 123 9.84 -20.10 -68.15
CA ALA H 123 8.93 -19.11 -67.52
C ALA H 123 9.73 -17.84 -67.25
N LYS H 124 9.28 -16.68 -67.77
CA LYS H 124 10.06 -15.41 -67.82
C LYS H 124 10.10 -14.76 -66.41
N GLU H 125 8.94 -14.58 -65.79
CA GLU H 125 8.75 -13.91 -64.47
C GLU H 125 7.59 -14.57 -63.72
N TYR H 126 7.44 -14.28 -62.43
CA TYR H 126 6.21 -14.59 -61.64
C TYR H 126 5.75 -13.32 -60.92
N SER H 127 4.43 -13.10 -60.84
CA SER H 127 3.79 -12.05 -60.02
C SER H 127 3.65 -12.57 -58.58
N TYR H 128 3.94 -11.71 -57.60
CA TYR H 128 3.93 -12.02 -56.15
C TYR H 128 3.13 -10.94 -55.42
N LYS H 129 2.49 -11.34 -54.31
CA LYS H 129 1.72 -10.45 -53.40
C LYS H 129 2.55 -10.22 -52.12
N THR H 130 2.42 -9.02 -51.53
CA THR H 130 2.88 -8.67 -50.17
C THR H 130 2.58 -9.85 -49.24
N GLY H 131 3.52 -10.23 -48.37
CA GLY H 131 3.30 -11.17 -47.26
C GLY H 131 3.63 -12.61 -47.60
N GLU H 132 3.47 -13.03 -48.87
CA GLU H 132 3.95 -14.37 -49.36
C GLU H 132 5.33 -14.64 -48.74
N LYS H 133 5.67 -15.90 -48.51
CA LYS H 133 7.02 -16.32 -48.02
C LYS H 133 7.61 -17.29 -49.05
N ILE H 134 8.73 -16.93 -49.69
CA ILE H 134 9.40 -17.83 -50.69
C ILE H 134 10.82 -18.11 -50.21
N ARG H 135 11.63 -18.73 -51.08
CA ARG H 135 13.05 -19.00 -50.76
C ARG H 135 13.95 -18.44 -51.87
N VAL H 136 15.14 -18.03 -51.43
CA VAL H 136 16.28 -17.56 -52.27
C VAL H 136 17.45 -18.51 -52.04
N ALA H 137 17.76 -19.32 -53.05
CA ALA H 137 18.91 -20.25 -53.10
C ALA H 137 20.24 -19.47 -53.29
N THR H 138 21.27 -19.85 -52.54
CA THR H 138 22.66 -19.35 -52.66
C THR H 138 23.45 -20.22 -53.65
N LYS H 139 22.94 -21.41 -54.02
CA LYS H 139 23.67 -22.38 -54.88
C LYS H 139 23.71 -21.87 -56.33
N GLN H 140 24.88 -21.88 -56.97
CA GLN H 140 25.07 -21.34 -58.34
C GLN H 140 24.78 -22.44 -59.35
N GLY H 141 24.50 -22.07 -60.60
CA GLY H 141 24.42 -23.02 -61.72
C GLY H 141 23.01 -23.58 -61.89
N ILE H 142 22.19 -23.60 -60.83
CA ILE H 142 20.78 -24.11 -60.85
C ILE H 142 19.89 -23.06 -61.53
N LYS H 143 18.61 -23.39 -61.73
CA LYS H 143 17.55 -22.48 -62.25
C LYS H 143 16.58 -22.11 -61.11
N SER H 144 15.76 -21.08 -61.33
CA SER H 144 14.74 -20.57 -60.38
C SER H 144 13.42 -21.29 -60.62
N THR H 145 12.68 -21.60 -59.55
CA THR H 145 11.22 -21.86 -59.57
C THR H 145 10.52 -20.65 -58.96
N ARG H 146 9.19 -20.59 -59.02
CA ARG H 146 8.39 -19.49 -58.42
C ARG H 146 8.74 -19.35 -56.93
N GLU H 147 8.84 -20.47 -56.19
CA GLU H 147 8.98 -20.52 -54.71
C GLU H 147 10.46 -20.58 -54.29
N VAL H 148 11.37 -20.88 -55.24
CA VAL H 148 12.86 -20.90 -55.04
C VAL H 148 13.53 -20.02 -56.13
N ILE H 149 13.96 -18.81 -55.76
CA ILE H 149 14.74 -17.89 -56.65
C ILE H 149 16.22 -18.23 -56.48
N ALA H 150 16.88 -18.58 -57.58
CA ALA H 150 18.35 -18.78 -57.63
C ALA H 150 18.99 -17.51 -58.21
N LEU H 151 20.22 -17.21 -57.74
CA LEU H 151 20.99 -15.97 -58.05
C LEU H 151 22.22 -16.33 -58.87
N ASN H 152 22.42 -15.66 -60.00
CA ASN H 152 23.73 -15.63 -60.70
C ASN H 152 24.59 -14.56 -60.00
N VAL H 153 25.43 -14.99 -59.05
CA VAL H 153 26.44 -14.14 -58.36
C VAL H 153 27.72 -14.15 -59.20
N ALA H 154 28.36 -12.98 -59.39
CA ALA H 154 29.67 -12.83 -60.08
C ALA H 154 30.72 -13.75 -59.46
N GLY H 155 31.49 -14.46 -60.28
CA GLY H 155 32.60 -15.33 -59.85
C GLY H 155 32.12 -16.63 -59.21
N ALA H 156 30.85 -16.96 -59.44
CA ALA H 156 30.10 -18.10 -58.84
C ALA H 156 30.32 -18.17 -57.34
N LEU H 157 30.37 -17.03 -56.65
CA LEU H 157 30.54 -16.99 -55.17
C LEU H 157 29.25 -17.53 -54.52
N ASP H 158 29.41 -18.17 -53.36
CA ASP H 158 28.32 -18.62 -52.45
C ASP H 158 28.22 -17.56 -51.36
N ILE H 159 27.05 -16.96 -51.15
CA ILE H 159 26.90 -15.72 -50.32
C ILE H 159 26.17 -16.00 -48.98
N TYR H 160 25.85 -17.26 -48.68
CA TYR H 160 25.02 -17.70 -47.52
C TYR H 160 25.62 -17.21 -46.20
N ASP H 161 26.95 -17.28 -46.06
CA ASP H 161 27.74 -16.86 -44.87
C ASP H 161 27.89 -15.33 -44.77
N ASP H 162 27.54 -14.56 -45.82
CA ASP H 162 27.85 -13.11 -45.95
C ASP H 162 26.58 -12.24 -45.73
N VAL H 163 25.41 -12.85 -45.61
CA VAL H 163 24.11 -12.14 -45.36
C VAL H 163 23.44 -12.74 -44.12
N GLU H 164 22.98 -11.89 -43.20
CA GLU H 164 22.32 -12.27 -41.92
C GLU H 164 20.79 -12.30 -42.09
N VAL H 165 20.07 -12.62 -41.00
CA VAL H 165 18.60 -12.42 -40.88
C VAL H 165 18.37 -10.91 -40.68
N GLY H 166 17.26 -10.38 -41.20
CA GLY H 166 16.94 -8.94 -41.13
C GLY H 166 17.49 -8.17 -42.34
N ARG H 167 18.21 -8.84 -43.24
CA ARG H 167 18.75 -8.27 -44.50
C ARG H 167 17.67 -8.27 -45.58
N GLN H 168 17.79 -7.28 -46.46
CA GLN H 168 16.87 -7.03 -47.59
C GLN H 168 17.55 -7.49 -48.87
N VAL H 169 16.85 -8.30 -49.67
CA VAL H 169 17.24 -8.69 -51.05
C VAL H 169 16.32 -7.91 -51.98
N LEU H 170 16.84 -6.89 -52.66
CA LEU H 170 16.04 -6.04 -53.61
C LEU H 170 16.20 -6.60 -55.02
N VAL H 171 15.12 -6.62 -55.82
CA VAL H 171 15.10 -7.16 -57.21
C VAL H 171 14.60 -6.11 -58.21
N ASP H 172 15.39 -5.92 -59.29
CA ASP H 172 15.16 -5.00 -60.44
C ASP H 172 15.04 -3.58 -59.89
N ASP H 173 16.19 -2.93 -59.69
CA ASP H 173 16.29 -1.51 -59.27
C ASP H 173 15.47 -1.26 -58.01
N GLY H 174 15.46 -2.18 -57.04
CA GLY H 174 14.81 -1.98 -55.72
C GLY H 174 13.27 -1.94 -55.76
N LYS H 175 12.67 -2.43 -56.84
CA LYS H 175 11.20 -2.54 -57.01
C LYS H 175 10.68 -3.57 -55.99
N LEU H 176 11.10 -4.84 -56.08
CA LEU H 176 10.59 -5.90 -55.15
C LEU H 176 11.53 -6.10 -53.95
N GLY H 177 11.03 -5.83 -52.74
CA GLY H 177 11.74 -6.05 -51.46
C GLY H 177 11.42 -7.42 -50.88
N LEU H 178 12.47 -8.21 -50.58
CA LEU H 178 12.40 -9.56 -49.94
C LEU H 178 13.26 -9.54 -48.67
N ARG H 179 12.62 -9.62 -47.50
CA ARG H 179 13.27 -9.64 -46.16
C ARG H 179 13.64 -11.08 -45.78
N VAL H 180 14.93 -11.34 -45.54
CA VAL H 180 15.41 -12.65 -45.01
C VAL H 180 14.84 -12.78 -43.60
N VAL H 181 13.89 -13.71 -43.39
CA VAL H 181 13.26 -13.97 -42.05
C VAL H 181 14.09 -15.04 -41.30
N ALA H 182 14.59 -16.08 -41.99
CA ALA H 182 15.43 -17.15 -41.41
C ALA H 182 16.47 -17.63 -42.43
N LYS H 183 17.36 -18.53 -41.99
CA LYS H 183 18.45 -19.14 -42.82
C LYS H 183 18.44 -20.67 -42.61
N ASP H 184 18.06 -21.40 -43.66
CA ASP H 184 17.98 -22.88 -43.75
C ASP H 184 19.38 -23.44 -44.09
N ASP H 185 20.16 -23.83 -43.07
CA ASP H 185 21.55 -24.36 -43.18
C ASP H 185 21.59 -25.61 -44.07
N ALA H 186 20.54 -26.45 -44.03
CA ALA H 186 20.46 -27.75 -44.74
C ALA H 186 20.66 -27.57 -46.26
N THR H 187 20.04 -26.56 -46.90
CA THR H 187 20.17 -26.31 -48.37
C THR H 187 20.74 -24.91 -48.66
N ARG H 188 21.33 -24.24 -47.66
CA ARG H 188 21.97 -22.90 -47.82
C ARG H 188 20.97 -21.99 -48.55
N GLU H 189 19.79 -21.82 -47.96
CA GLU H 189 18.68 -21.01 -48.52
C GLU H 189 18.32 -19.90 -47.54
N PHE H 190 17.89 -18.75 -48.06
CA PHE H 190 17.19 -17.72 -47.28
C PHE H 190 15.68 -18.00 -47.37
N GLU H 191 15.01 -18.03 -46.22
CA GLU H 191 13.52 -17.92 -46.13
C GLU H 191 13.25 -16.41 -46.15
N VAL H 192 12.44 -15.97 -47.11
CA VAL H 192 12.18 -14.51 -47.32
C VAL H 192 10.67 -14.26 -47.29
N GLU H 193 10.31 -13.07 -46.76
CA GLU H 193 8.94 -12.47 -46.77
C GLU H 193 8.88 -11.34 -47.81
N VAL H 194 8.06 -11.51 -48.85
CA VAL H 194 7.74 -10.47 -49.89
C VAL H 194 7.15 -9.24 -49.18
N GLU H 195 7.85 -8.11 -49.19
CA GLU H 195 7.47 -6.87 -48.43
C GLU H 195 6.47 -6.03 -49.24
N ASN H 196 6.38 -6.22 -50.56
CA ASN H 196 5.49 -5.43 -51.43
C ASN H 196 5.18 -6.24 -52.69
N ASP H 197 3.97 -6.07 -53.20
CA ASP H 197 3.50 -6.64 -54.49
C ASP H 197 4.55 -6.30 -55.57
N GLY H 198 4.76 -7.18 -56.55
CA GLY H 198 5.69 -6.94 -57.66
C GLY H 198 6.12 -8.21 -58.37
N ILE H 199 6.97 -8.06 -59.38
CA ILE H 199 7.46 -9.12 -60.31
C ILE H 199 8.94 -9.44 -60.00
N ILE H 200 9.27 -10.74 -59.95
CA ILE H 200 10.65 -11.30 -60.07
C ILE H 200 10.79 -11.87 -61.49
N ALA H 201 11.40 -11.08 -62.40
CA ALA H 201 11.73 -11.47 -63.78
C ALA H 201 13.13 -12.11 -63.81
N LYS H 202 13.45 -12.83 -64.89
CA LYS H 202 14.75 -13.52 -65.11
C LYS H 202 15.83 -12.45 -65.38
N GLN H 203 17.08 -12.77 -65.02
CA GLN H 203 18.32 -11.97 -65.27
C GLN H 203 18.07 -10.50 -64.95
N LYS H 204 17.51 -10.21 -63.76
CA LYS H 204 17.28 -8.83 -63.23
C LYS H 204 18.27 -8.52 -62.11
N GLY H 205 18.71 -7.27 -62.03
CA GLY H 205 19.67 -6.75 -61.03
C GLY H 205 19.20 -7.06 -59.61
N VAL H 206 20.07 -7.62 -58.80
CA VAL H 206 19.77 -7.80 -57.36
C VAL H 206 20.78 -6.99 -56.55
N ASN H 207 20.31 -6.41 -55.46
CA ASN H 207 21.16 -5.67 -54.49
C ASN H 207 20.82 -6.28 -53.13
N ILE H 208 21.82 -6.51 -52.29
CA ILE H 208 21.62 -6.89 -50.85
C ILE H 208 22.32 -5.82 -50.05
N PRO H 209 21.65 -4.70 -49.71
CA PRO H 209 22.31 -3.60 -49.02
C PRO H 209 22.88 -4.03 -47.65
N ASN H 210 24.02 -3.41 -47.28
CA ASN H 210 24.61 -3.40 -45.92
C ASN H 210 25.33 -4.73 -45.65
N THR H 211 25.60 -5.52 -46.70
CA THR H 211 26.46 -6.74 -46.66
C THR H 211 27.85 -6.35 -47.17
N LYS H 212 28.88 -7.16 -46.88
CA LYS H 212 30.24 -7.03 -47.48
C LYS H 212 30.62 -8.40 -48.05
N ILE H 213 29.80 -8.93 -48.98
CA ILE H 213 30.09 -10.17 -49.76
C ILE H 213 31.52 -10.06 -50.25
N PRO H 214 32.41 -11.07 -50.03
CA PRO H 214 33.84 -10.92 -50.28
C PRO H 214 34.24 -11.05 -51.75
N PHE H 215 33.68 -10.24 -52.65
CA PHE H 215 34.10 -10.15 -54.08
C PHE H 215 35.58 -9.80 -54.08
N PRO H 216 36.40 -10.29 -55.03
CA PRO H 216 37.83 -9.93 -55.06
C PRO H 216 38.03 -8.51 -55.60
N ALA H 217 39.22 -7.92 -55.39
CA ALA H 217 39.54 -6.53 -55.80
C ALA H 217 39.41 -6.44 -57.31
N LEU H 218 39.83 -7.50 -58.03
CA LEU H 218 39.61 -7.63 -59.50
C LEU H 218 39.28 -9.07 -59.91
N ALA H 219 38.02 -9.32 -60.25
CA ALA H 219 37.52 -10.63 -60.75
C ALA H 219 38.19 -10.93 -62.08
N GLU H 220 38.39 -12.21 -62.38
CA GLU H 220 38.98 -12.67 -63.66
C GLU H 220 38.17 -12.14 -64.85
N ARG H 221 36.86 -12.23 -64.80
CA ARG H 221 35.93 -11.72 -65.86
C ARG H 221 36.24 -10.23 -66.12
N ASP H 222 36.33 -9.40 -65.07
CA ASP H 222 36.59 -7.95 -65.25
C ASP H 222 38.01 -7.81 -65.80
N ASN H 223 38.96 -8.61 -65.29
CA ASN H 223 40.35 -8.69 -65.84
C ASN H 223 40.29 -8.95 -67.36
N ASP H 224 39.59 -10.00 -67.81
CA ASP H 224 39.48 -10.36 -69.24
C ASP H 224 38.80 -9.20 -70.00
N ASP H 225 37.69 -8.66 -69.49
CA ASP H 225 36.96 -7.57 -70.20
C ASP H 225 37.90 -6.38 -70.40
N ILE H 226 38.59 -5.95 -69.35
CA ILE H 226 39.53 -4.78 -69.44
C ILE H 226 40.60 -5.07 -70.47
N ARG H 227 41.19 -6.26 -70.43
CA ARG H 227 42.30 -6.60 -71.36
C ARG H 227 41.75 -6.57 -72.78
N PHE H 228 40.55 -7.10 -73.02
CA PHE H 228 39.96 -7.06 -74.39
C PHE H 228 39.81 -5.59 -74.81
N GLY H 229 39.20 -4.76 -73.95
CA GLY H 229 38.95 -3.34 -74.29
C GLY H 229 40.25 -2.61 -74.57
N LEU H 230 41.28 -2.85 -73.75
CA LEU H 230 42.61 -2.21 -73.95
C LEU H 230 43.16 -2.62 -75.31
N GLU H 231 42.92 -3.86 -75.76
CA GLU H 231 43.41 -4.32 -77.09
C GLU H 231 42.66 -3.59 -78.21
N GLN H 232 41.35 -3.36 -78.07
CA GLN H 232 40.51 -2.65 -79.10
C GLN H 232 40.97 -1.20 -79.21
N GLY H 233 41.38 -0.57 -78.11
CA GLY H 233 41.80 0.84 -78.08
C GLY H 233 40.75 1.67 -77.35
N ILE H 234 40.97 1.96 -76.08
CA ILE H 234 40.03 2.74 -75.23
C ILE H 234 40.81 3.86 -74.52
N ASN H 235 40.09 4.87 -74.03
CA ASN H 235 40.70 6.05 -73.39
C ASN H 235 40.37 6.08 -71.91
N PHE H 236 39.29 5.43 -71.50
CA PHE H 236 38.72 5.50 -70.14
C PHE H 236 38.20 4.12 -69.75
N ILE H 237 38.33 3.81 -68.46
CA ILE H 237 37.66 2.67 -67.81
C ILE H 237 36.92 3.21 -66.60
N ALA H 238 35.62 2.93 -66.53
CA ALA H 238 34.81 3.18 -65.33
C ALA H 238 34.68 1.84 -64.61
N ILE H 239 35.20 1.81 -63.40
CA ILE H 239 35.31 0.60 -62.56
C ILE H 239 34.10 0.55 -61.64
N SER H 240 33.22 -0.41 -61.90
CA SER H 240 31.97 -0.61 -61.13
C SER H 240 32.28 -1.01 -59.68
N PHE H 241 31.51 -0.48 -58.73
CA PHE H 241 31.53 -0.83 -57.28
C PHE H 241 32.96 -0.77 -56.72
N VAL H 242 33.69 0.32 -56.97
CA VAL H 242 35.00 0.55 -56.32
C VAL H 242 34.77 0.72 -54.81
N ARG H 243 35.42 -0.10 -53.98
CA ARG H 243 35.24 -0.06 -52.52
C ARG H 243 36.41 0.68 -51.85
N THR H 244 37.59 0.58 -52.43
CA THR H 244 38.88 1.01 -51.83
C THR H 244 39.81 1.38 -52.98
N ALA H 245 40.91 2.04 -52.67
CA ALA H 245 41.98 2.37 -53.63
C ALA H 245 42.50 1.11 -54.32
N LYS H 246 42.49 -0.04 -53.64
CA LYS H 246 42.99 -1.33 -54.19
C LYS H 246 42.21 -1.69 -55.46
N ASP H 247 40.90 -1.50 -55.47
CA ASP H 247 40.04 -1.81 -56.66
C ASP H 247 40.57 -1.01 -57.84
N VAL H 248 41.00 0.23 -57.62
CA VAL H 248 41.50 1.11 -58.71
C VAL H 248 42.90 0.63 -59.11
N ASN H 249 43.80 0.41 -58.14
CA ASN H 249 45.25 0.13 -58.40
C ASN H 249 45.41 -1.20 -59.16
N GLU H 250 44.55 -2.20 -58.90
CA GLU H 250 44.58 -3.47 -59.68
C GLU H 250 44.34 -3.18 -61.15
N VAL H 251 43.40 -2.29 -61.50
CA VAL H 251 43.13 -1.93 -62.92
C VAL H 251 44.32 -1.14 -63.46
N ARG H 252 44.83 -0.18 -62.68
CA ARG H 252 45.99 0.63 -63.05
C ARG H 252 47.15 -0.29 -63.45
N ALA H 253 47.42 -1.33 -62.66
CA ALA H 253 48.56 -2.27 -62.87
C ALA H 253 48.45 -2.85 -64.29
N ILE H 254 47.23 -3.22 -64.69
CA ILE H 254 46.98 -3.82 -66.03
C ILE H 254 47.22 -2.78 -67.12
N CYS H 255 46.71 -1.55 -66.96
CA CYS H 255 46.96 -0.48 -67.96
C CYS H 255 48.48 -0.28 -68.12
N GLU H 256 49.28 -0.27 -67.04
CA GLU H 256 50.74 0.02 -67.13
C GLU H 256 51.41 -1.17 -67.84
N GLU H 257 51.09 -2.39 -67.39
CA GLU H 257 51.66 -3.68 -67.89
C GLU H 257 51.44 -3.82 -69.40
N THR H 258 50.30 -3.40 -69.95
CA THR H 258 49.93 -3.61 -71.37
C THR H 258 50.41 -2.43 -72.23
N GLY H 259 51.07 -1.43 -71.65
CA GLY H 259 51.51 -0.23 -72.39
C GLY H 259 50.36 0.75 -72.62
N ASN H 260 49.38 0.79 -71.73
CA ASN H 260 48.16 1.65 -71.86
C ASN H 260 48.11 2.59 -70.65
N GLY H 261 49.27 3.13 -70.23
CA GLY H 261 49.40 4.02 -69.06
C GLY H 261 48.66 5.33 -69.27
N HIS H 262 48.32 5.65 -70.52
CA HIS H 262 47.52 6.83 -70.93
C HIS H 262 46.04 6.65 -70.54
N VAL H 263 45.58 5.43 -70.29
CA VAL H 263 44.13 5.17 -70.01
C VAL H 263 43.77 5.72 -68.62
N GLN H 264 42.69 6.47 -68.55
CA GLN H 264 42.29 7.11 -67.28
C GLN H 264 41.21 6.27 -66.61
N LEU H 265 41.28 6.13 -65.29
CA LEU H 265 40.37 5.29 -64.51
C LEU H 265 39.39 6.17 -63.76
N PHE H 266 38.10 5.91 -63.97
CA PHE H 266 36.97 6.51 -63.23
C PHE H 266 36.51 5.46 -62.24
N ALA H 267 36.63 5.75 -60.96
CA ALA H 267 36.05 4.88 -59.94
C ALA H 267 34.55 5.15 -59.92
N LYS H 268 33.73 4.12 -60.05
CA LYS H 268 32.27 4.25 -59.84
C LYS H 268 32.01 4.09 -58.36
N ILE H 269 31.46 5.12 -57.76
CA ILE H 269 31.02 5.07 -56.36
C ILE H 269 29.53 4.72 -56.33
N GLU H 270 29.20 3.57 -55.77
CA GLU H 270 27.81 3.09 -55.80
C GLU H 270 27.48 2.29 -54.55
N ASN H 271 28.28 2.39 -53.50
CA ASN H 271 27.94 1.74 -52.21
C ASN H 271 28.61 2.47 -51.05
N GLN H 272 28.28 2.07 -49.82
CA GLN H 272 28.69 2.81 -48.60
C GLN H 272 30.21 2.78 -48.46
N GLN H 273 30.84 1.68 -48.86
CA GLN H 273 32.30 1.48 -48.72
C GLN H 273 32.99 2.50 -49.62
N GLY H 274 32.50 2.65 -50.85
CA GLY H 274 33.00 3.63 -51.84
C GLY H 274 32.88 5.04 -51.29
N ILE H 275 31.78 5.37 -50.63
CA ILE H 275 31.57 6.69 -49.97
C ILE H 275 32.59 6.83 -48.83
N ASP H 276 32.68 5.84 -47.95
CA ASP H 276 33.54 5.88 -46.74
C ASP H 276 35.00 6.04 -47.15
N ASN H 277 35.42 5.37 -48.24
CA ASN H 277 36.83 5.41 -48.75
C ASN H 277 37.03 6.42 -49.90
N LEU H 278 36.16 7.43 -50.05
CA LEU H 278 36.18 8.34 -51.23
C LEU H 278 37.54 9.02 -51.37
N ASP H 279 38.12 9.54 -50.28
CA ASP H 279 39.37 10.34 -50.40
C ASP H 279 40.48 9.48 -51.01
N GLU H 280 40.65 8.25 -50.52
CA GLU H 280 41.75 7.38 -51.03
C GLU H 280 41.39 6.96 -52.47
N ILE H 281 40.10 6.76 -52.76
CA ILE H 281 39.66 6.38 -54.13
C ILE H 281 39.98 7.55 -55.05
N ILE H 282 39.67 8.79 -54.65
CA ILE H 282 39.95 9.97 -55.53
C ILE H 282 41.47 10.04 -55.76
N GLU H 283 42.28 9.79 -54.73
CA GLU H 283 43.76 9.91 -54.86
C GLU H 283 44.28 8.90 -55.90
N ALA H 284 43.76 7.66 -55.89
CA ALA H 284 44.17 6.57 -56.82
C ALA H 284 43.61 6.76 -58.24
N ALA H 285 42.39 7.31 -58.39
CA ALA H 285 41.71 7.37 -59.71
C ALA H 285 42.03 8.68 -60.43
N ASP H 286 41.55 8.82 -61.66
CA ASP H 286 41.66 10.05 -62.48
C ASP H 286 40.34 10.81 -62.40
N GLY H 287 39.35 10.17 -61.80
CA GLY H 287 38.02 10.76 -61.64
C GLY H 287 37.05 9.78 -61.04
N ILE H 288 35.82 10.27 -60.88
CA ILE H 288 34.75 9.52 -60.22
C ILE H 288 33.56 9.56 -61.16
N MET H 289 32.89 8.43 -61.29
CA MET H 289 31.53 8.38 -61.84
C MET H 289 30.58 8.16 -60.68
N ILE H 290 29.69 9.11 -60.47
CA ILE H 290 28.65 9.05 -59.43
C ILE H 290 27.53 8.17 -60.01
N ALA H 291 27.55 6.90 -59.68
CA ALA H 291 26.70 5.85 -60.26
C ALA H 291 25.46 5.73 -59.39
N ARG H 292 24.53 6.67 -59.60
CA ARG H 292 23.42 6.95 -58.67
C ARG H 292 22.46 5.78 -58.66
N GLY H 293 22.38 5.01 -59.74
CA GLY H 293 21.41 3.91 -59.87
C GLY H 293 21.61 2.95 -58.72
N ASP H 294 22.77 2.30 -58.65
CA ASP H 294 23.13 1.40 -57.52
C ASP H 294 23.28 2.18 -56.22
N MET H 295 23.86 3.38 -56.26
CA MET H 295 24.10 4.14 -55.02
C MET H 295 22.77 4.34 -54.30
N GLY H 296 21.69 4.63 -55.05
CA GLY H 296 20.38 4.97 -54.47
C GLY H 296 19.62 3.75 -53.98
N ILE H 297 20.16 2.55 -54.17
CA ILE H 297 19.62 1.29 -53.60
C ILE H 297 20.50 0.85 -52.42
N GLU H 298 21.82 0.96 -52.56
CA GLU H 298 22.82 0.51 -51.54
C GLU H 298 22.84 1.43 -50.33
N VAL H 299 22.57 2.74 -50.50
CA VAL H 299 22.43 3.73 -49.39
C VAL H 299 21.05 4.35 -49.46
N PRO H 300 20.59 5.03 -48.38
CA PRO H 300 19.28 5.67 -48.39
C PRO H 300 19.17 6.63 -49.59
N PHE H 301 18.12 6.47 -50.40
CA PHE H 301 17.96 7.21 -51.67
C PHE H 301 18.05 8.71 -51.39
N GLU H 302 17.56 9.18 -50.24
CA GLU H 302 17.47 10.63 -49.96
C GLU H 302 18.88 11.22 -49.69
N MET H 303 19.88 10.38 -49.45
CA MET H 303 21.29 10.82 -49.20
C MET H 303 21.98 11.01 -50.55
N VAL H 304 21.48 10.45 -51.65
CA VAL H 304 22.27 10.55 -52.90
C VAL H 304 22.55 12.02 -53.26
N PRO H 305 21.57 12.95 -53.17
CA PRO H 305 21.86 14.34 -53.52
C PRO H 305 22.94 14.99 -52.65
N VAL H 306 23.02 14.58 -51.39
CA VAL H 306 24.08 15.04 -50.43
C VAL H 306 25.43 14.52 -50.92
N TYR H 307 25.54 13.23 -51.24
CA TYR H 307 26.82 12.67 -51.70
C TYR H 307 27.20 13.23 -53.07
N GLN H 308 26.23 13.50 -53.95
CA GLN H 308 26.52 14.01 -55.31
C GLN H 308 27.25 15.34 -55.17
N LYS H 309 26.70 16.27 -54.40
CA LYS H 309 27.29 17.64 -54.28
C LYS H 309 28.69 17.52 -53.67
N MET H 310 28.80 16.73 -52.61
CA MET H 310 30.08 16.55 -51.85
C MET H 310 31.13 15.90 -52.77
N ILE H 311 30.77 14.87 -53.56
CA ILE H 311 31.73 14.20 -54.50
C ILE H 311 32.23 15.18 -55.55
N ILE H 312 31.32 15.94 -56.16
CA ILE H 312 31.67 16.87 -57.26
C ILE H 312 32.68 17.92 -56.72
N LYS H 313 32.41 18.44 -55.53
CA LYS H 313 33.33 19.42 -54.91
C LYS H 313 34.70 18.79 -54.66
N LYS H 314 34.74 17.60 -54.07
CA LYS H 314 36.02 16.92 -53.75
C LYS H 314 36.79 16.62 -55.03
N VAL H 315 36.14 16.10 -56.06
CA VAL H 315 36.85 15.68 -57.30
C VAL H 315 37.40 16.92 -58.01
N ASN H 316 36.61 17.98 -58.08
CA ASN H 316 37.06 19.26 -58.69
C ASN H 316 38.25 19.84 -57.88
N ALA H 317 38.21 19.79 -56.55
CA ALA H 317 39.31 20.27 -55.67
C ALA H 317 40.61 19.49 -56.00
N ALA H 318 40.50 18.23 -56.42
CA ALA H 318 41.65 17.37 -56.78
C ALA H 318 42.09 17.58 -58.23
N GLY H 319 41.41 18.41 -59.02
CA GLY H 319 41.81 18.60 -60.43
C GLY H 319 41.47 17.38 -61.27
N LYS H 320 40.45 16.64 -60.85
CA LYS H 320 40.07 15.39 -61.54
C LYS H 320 38.67 15.54 -62.15
N VAL H 321 38.17 14.50 -62.80
CA VAL H 321 36.98 14.57 -63.68
C VAL H 321 35.83 13.89 -62.94
N VAL H 322 34.68 14.55 -62.88
CA VAL H 322 33.48 13.92 -62.26
C VAL H 322 32.37 13.81 -63.32
N ILE H 323 31.79 12.61 -63.40
CA ILE H 323 30.62 12.27 -64.25
C ILE H 323 29.42 12.01 -63.35
N THR H 324 28.32 12.70 -63.56
CA THR H 324 27.05 12.43 -62.85
C THR H 324 26.22 11.52 -63.77
N ALA H 325 25.73 10.42 -63.23
CA ALA H 325 25.15 9.32 -64.04
C ALA H 325 23.82 8.85 -63.49
N THR H 326 22.97 8.36 -64.41
CA THR H 326 21.81 7.46 -64.19
C THR H 326 20.51 8.21 -63.99
N ASN H 327 19.56 7.90 -64.89
CA ASN H 327 18.14 8.34 -64.82
C ASN H 327 18.04 9.80 -65.21
N MET H 328 19.13 10.39 -65.71
CA MET H 328 19.14 11.87 -65.90
C MET H 328 18.00 12.30 -66.84
N LEU H 329 17.72 11.53 -67.89
CA LEU H 329 16.56 11.86 -68.77
C LEU H 329 15.74 10.58 -68.98
N GLU H 330 15.46 9.88 -67.88
CA GLU H 330 14.92 8.49 -67.91
C GLU H 330 13.71 8.38 -68.84
N THR H 331 12.75 9.28 -68.68
CA THR H 331 11.45 9.23 -69.40
C THR H 331 11.71 9.21 -70.91
N MET H 332 12.84 9.75 -71.40
CA MET H 332 13.09 9.84 -72.86
C MET H 332 13.47 8.49 -73.43
N THR H 333 13.55 7.46 -72.60
CA THR H 333 13.63 6.05 -73.05
C THR H 333 12.36 5.72 -73.85
N GLU H 334 11.20 6.25 -73.48
CA GLU H 334 9.90 5.88 -74.09
C GLU H 334 9.18 7.10 -74.70
N LYS H 335 9.57 8.32 -74.34
CA LYS H 335 8.86 9.56 -74.72
C LYS H 335 9.87 10.54 -75.27
N PRO H 336 9.44 11.37 -76.22
CA PRO H 336 10.34 12.29 -76.92
C PRO H 336 10.70 13.49 -76.05
N ARG H 337 9.96 13.73 -74.97
CA ARG H 337 10.22 14.87 -74.05
C ARG H 337 10.37 14.36 -72.61
N ALA H 338 11.30 14.98 -71.91
CA ALA H 338 11.70 14.64 -70.52
C ALA H 338 10.73 15.30 -69.58
N THR H 339 10.65 14.80 -68.36
CA THR H 339 9.85 15.38 -67.28
C THR H 339 10.54 16.62 -66.73
N ARG H 340 9.79 17.42 -65.98
CA ARG H 340 10.30 18.65 -65.35
C ARG H 340 11.39 18.28 -64.34
N SER H 341 11.29 17.11 -63.69
CA SER H 341 12.26 16.62 -62.67
C SER H 341 13.57 16.21 -63.36
N GLU H 342 13.48 15.59 -64.52
CA GLU H 342 14.69 15.24 -65.32
C GLU H 342 15.45 16.48 -65.77
N VAL H 343 14.76 17.46 -66.35
CA VAL H 343 15.44 18.71 -66.78
C VAL H 343 16.12 19.32 -65.55
N SER H 344 15.40 19.39 -64.43
CA SER H 344 15.90 19.94 -63.15
C SER H 344 17.18 19.20 -62.73
N ASP H 345 17.16 17.89 -62.77
CA ASP H 345 18.31 17.04 -62.39
C ASP H 345 19.54 17.37 -63.25
N VAL H 346 19.37 17.44 -64.58
CA VAL H 346 20.52 17.75 -65.47
C VAL H 346 21.03 19.14 -65.14
N PHE H 347 20.14 20.12 -65.11
CA PHE H 347 20.51 21.53 -64.83
C PHE H 347 21.25 21.61 -63.49
N ASN H 348 20.73 20.98 -62.44
CA ASN H 348 21.31 21.06 -61.09
C ASN H 348 22.67 20.35 -61.04
N ALA H 349 22.88 19.29 -61.83
CA ALA H 349 24.17 18.58 -61.86
C ALA H 349 25.24 19.53 -62.42
N VAL H 350 24.85 20.31 -63.42
CA VAL H 350 25.77 21.33 -64.00
C VAL H 350 26.12 22.36 -62.92
N ILE H 351 25.12 22.88 -62.23
CA ILE H 351 25.30 23.97 -61.21
C ILE H 351 26.15 23.42 -60.09
N ASP H 352 25.97 22.15 -59.71
CA ASP H 352 26.79 21.50 -58.63
C ASP H 352 28.26 21.54 -59.03
N GLY H 353 28.59 21.54 -60.33
CA GLY H 353 29.98 21.55 -60.80
C GLY H 353 30.40 20.33 -61.58
N THR H 354 29.49 19.49 -62.05
CA THR H 354 29.89 18.27 -62.77
C THR H 354 30.70 18.62 -64.03
N ASP H 355 31.75 17.87 -64.32
CA ASP H 355 32.44 17.94 -65.62
C ASP H 355 31.51 17.37 -66.71
N ALA H 356 30.78 16.32 -66.41
CA ALA H 356 30.09 15.52 -67.43
C ALA H 356 28.78 15.01 -66.89
N THR H 357 27.85 14.85 -67.81
CA THR H 357 26.53 14.22 -67.55
C THR H 357 26.44 12.98 -68.43
N MET H 358 25.68 11.99 -68.00
CA MET H 358 25.72 10.70 -68.68
C MET H 358 24.31 10.26 -69.06
N LEU H 359 24.23 9.52 -70.14
CA LEU H 359 23.00 8.82 -70.58
C LEU H 359 23.32 7.34 -70.57
N SER H 360 22.38 6.54 -70.09
CA SER H 360 22.53 5.07 -70.03
C SER H 360 21.46 4.46 -70.96
N GLY H 361 20.36 3.91 -70.43
CA GLY H 361 19.24 3.35 -71.22
C GLY H 361 18.73 4.34 -72.26
N GLU H 362 18.81 5.65 -71.97
CA GLU H 362 18.26 6.70 -72.85
C GLU H 362 18.94 6.65 -74.22
N SER H 363 20.23 6.40 -74.28
CA SER H 363 20.98 6.38 -75.55
C SER H 363 21.22 4.94 -76.00
N ALA H 364 21.23 3.98 -75.08
CA ALA H 364 21.61 2.59 -75.39
C ALA H 364 20.39 1.76 -75.80
N ASN H 365 19.21 2.06 -75.23
CA ASN H 365 18.07 1.11 -75.17
C ASN H 365 16.75 1.77 -75.51
N GLY H 366 16.74 3.07 -75.77
CA GLY H 366 15.49 3.82 -75.83
C GLY H 366 15.04 4.10 -77.25
N LYS H 367 13.88 4.72 -77.36
CA LYS H 367 13.28 5.03 -78.66
C LYS H 367 13.88 6.31 -79.21
N TYR H 368 14.56 7.12 -78.39
CA TYR H 368 14.91 8.50 -78.75
C TYR H 368 16.37 8.81 -78.40
N PRO H 369 17.36 8.04 -78.87
CA PRO H 369 18.76 8.24 -78.50
C PRO H 369 19.33 9.58 -78.97
N LEU H 370 19.02 9.98 -80.20
CA LEU H 370 19.51 11.27 -80.72
C LEU H 370 18.84 12.44 -79.97
N GLU H 371 17.53 12.38 -79.78
CA GLU H 371 16.76 13.45 -79.09
C GLU H 371 17.22 13.54 -77.62
N SER H 372 17.63 12.42 -76.99
CA SER H 372 18.15 12.39 -75.60
C SER H 372 19.48 13.16 -75.53
N VAL H 373 20.43 12.89 -76.43
CA VAL H 373 21.70 13.67 -76.49
C VAL H 373 21.39 15.15 -76.74
N THR H 374 20.52 15.45 -77.70
CA THR H 374 20.21 16.85 -78.07
C THR H 374 19.63 17.58 -76.85
N THR H 375 18.71 16.91 -76.14
CA THR H 375 18.03 17.48 -74.97
C THR H 375 19.06 17.75 -73.87
N MET H 376 19.92 16.79 -73.59
CA MET H 376 20.94 16.93 -72.52
C MET H 376 21.84 18.12 -72.90
N ALA H 377 22.27 18.21 -74.16
CA ALA H 377 23.19 19.26 -74.64
C ALA H 377 22.49 20.60 -74.47
N THR H 378 21.22 20.69 -74.82
CA THR H 378 20.46 21.95 -74.67
C THR H 378 20.46 22.36 -73.19
N ILE H 379 20.16 21.45 -72.28
CA ILE H 379 20.03 21.83 -70.85
C ILE H 379 21.41 22.25 -70.37
N ASP H 380 22.42 21.46 -70.74
CA ASP H 380 23.81 21.62 -70.26
C ASP H 380 24.31 23.00 -70.70
N LYS H 381 23.99 23.39 -71.92
CA LYS H 381 24.41 24.70 -72.50
C LYS H 381 23.68 25.83 -71.79
N ASN H 382 22.40 25.67 -71.44
CA ASN H 382 21.69 26.73 -70.71
C ASN H 382 22.27 26.84 -69.29
N ALA H 383 22.56 25.71 -68.62
CA ALA H 383 22.98 25.68 -67.21
C ALA H 383 24.36 26.33 -67.08
N GLN H 384 25.22 26.18 -68.08
CA GLN H 384 26.60 26.73 -68.02
C GLN H 384 26.51 28.27 -67.95
N ALA H 385 25.49 28.89 -68.55
CA ALA H 385 25.30 30.36 -68.50
C ALA H 385 24.95 30.84 -67.07
N LEU H 386 24.56 29.96 -66.15
CA LEU H 386 24.20 30.38 -64.78
C LEU H 386 25.27 30.03 -63.74
N LEU H 387 26.41 29.46 -64.14
CA LEU H 387 27.49 29.07 -63.20
C LEU H 387 28.05 30.34 -62.53
N ASN H 388 28.11 31.45 -63.24
CA ASN H 388 28.52 32.74 -62.62
C ASN H 388 27.61 33.10 -61.45
N GLU H 389 26.30 32.95 -61.58
CA GLU H 389 25.33 33.35 -60.54
C GLU H 389 25.22 32.30 -59.42
N TYR H 390 25.06 31.03 -59.78
CA TYR H 390 24.51 29.97 -58.89
C TYR H 390 25.55 28.87 -58.65
N GLY H 391 26.66 28.85 -59.37
CA GLY H 391 27.59 27.70 -59.37
C GLY H 391 28.05 27.39 -57.97
N ARG H 392 28.15 26.11 -57.60
CA ARG H 392 28.53 25.70 -56.24
C ARG H 392 30.06 25.72 -56.10
N LEU H 393 30.81 25.47 -57.17
CA LEU H 393 32.27 25.32 -57.01
C LEU H 393 32.86 26.70 -56.67
N ASP H 394 33.94 26.71 -55.90
CA ASP H 394 34.59 27.96 -55.41
C ASP H 394 36.10 27.89 -55.63
N SER H 395 36.60 28.32 -56.77
CA SER H 395 38.03 28.21 -57.12
C SER H 395 38.85 29.17 -56.24
N ASP H 396 38.23 30.17 -55.60
CA ASP H 396 38.94 31.11 -54.68
C ASP H 396 39.47 30.35 -53.46
N SER H 397 38.86 29.24 -53.09
CA SER H 397 39.22 28.42 -51.90
C SER H 397 40.48 27.58 -52.14
N PHE H 398 40.88 27.32 -53.39
CA PHE H 398 41.96 26.34 -53.69
C PHE H 398 43.32 26.90 -53.24
N GLU H 399 44.17 26.03 -52.71
CA GLU H 399 45.63 26.26 -52.68
C GLU H 399 46.17 26.05 -54.10
N ARG H 400 46.96 27.01 -54.58
CA ARG H 400 47.65 26.91 -55.89
C ARG H 400 48.97 26.19 -55.62
N ASN H 401 49.07 24.93 -56.03
CA ASN H 401 50.11 24.02 -55.50
C ASN H 401 51.29 23.91 -56.45
N SER H 402 51.27 24.59 -57.59
CA SER H 402 52.33 24.48 -58.61
C SER H 402 52.24 25.71 -59.48
N LYS H 403 53.32 25.98 -60.21
CA LYS H 403 53.40 27.15 -61.09
C LYS H 403 52.40 27.04 -62.23
N THR H 404 52.15 25.84 -62.76
CA THR H 404 51.11 25.71 -63.79
C THR H 404 49.76 26.11 -63.17
N GLU H 405 49.49 25.72 -61.93
CA GLU H 405 48.20 26.02 -61.27
C GLU H 405 48.08 27.54 -61.02
N VAL H 406 49.18 28.20 -60.65
CA VAL H 406 49.23 29.69 -60.53
C VAL H 406 48.79 30.28 -61.86
N MET H 407 49.30 29.76 -62.98
CA MET H 407 48.90 30.30 -64.30
C MET H 407 47.40 30.06 -64.52
N ALA H 408 46.88 28.90 -64.16
CA ALA H 408 45.44 28.57 -64.31
C ALA H 408 44.58 29.57 -63.52
N SER H 409 45.00 29.89 -62.30
CA SER H 409 44.35 30.91 -61.46
C SER H 409 44.34 32.28 -62.13
N ALA H 410 45.46 32.69 -62.72
CA ALA H 410 45.57 33.99 -63.42
C ALA H 410 44.67 34.01 -64.65
N VAL H 411 44.58 32.90 -65.38
CA VAL H 411 43.69 32.79 -66.57
C VAL H 411 42.26 33.00 -66.08
N LYS H 412 41.87 32.37 -64.98
CA LYS H 412 40.51 32.52 -64.40
C LYS H 412 40.27 33.99 -64.06
N ASP H 413 41.27 34.62 -63.47
CA ASP H 413 41.18 36.06 -63.10
C ASP H 413 40.97 36.92 -64.36
N ALA H 414 41.69 36.67 -65.44
CA ALA H 414 41.55 37.46 -66.69
C ALA H 414 40.12 37.28 -67.24
N THR H 415 39.57 36.06 -67.22
CA THR H 415 38.20 35.78 -67.73
C THR H 415 37.15 36.34 -66.79
N SER H 416 37.49 36.68 -65.55
CA SER H 416 36.54 37.36 -64.63
C SER H 416 36.67 38.88 -64.82
N SER H 417 37.82 39.39 -65.25
CA SER H 417 38.08 40.85 -65.30
C SER H 417 37.47 41.42 -66.58
N MET H 418 37.33 40.62 -67.63
CA MET H 418 36.88 41.12 -68.95
C MET H 418 36.26 39.96 -69.74
N ASP H 419 35.63 40.29 -70.86
CA ASP H 419 34.90 39.31 -71.70
C ASP H 419 35.93 38.57 -72.56
N ILE H 420 36.32 37.37 -72.14
CA ILE H 420 37.25 36.52 -72.93
C ILE H 420 36.43 35.46 -73.65
N LYS H 421 36.57 35.38 -74.97
CA LYS H 421 35.79 34.44 -75.82
C LYS H 421 36.34 33.03 -75.63
N LEU H 422 37.67 32.89 -75.52
CA LEU H 422 38.35 31.60 -75.57
C LEU H 422 39.70 31.72 -74.86
N VAL H 423 40.04 30.66 -74.12
CA VAL H 423 41.38 30.38 -73.57
C VAL H 423 41.98 29.33 -74.47
N VAL H 424 43.21 29.55 -74.90
CA VAL H 424 43.96 28.55 -75.69
C VAL H 424 45.18 28.14 -74.90
N THR H 425 45.38 26.84 -74.73
CA THR H 425 46.57 26.28 -74.07
C THR H 425 47.26 25.37 -75.07
N LEU H 426 48.57 25.56 -75.22
CA LEU H 426 49.40 24.61 -76.00
C LEU H 426 49.97 23.64 -75.00
N THR H 427 49.49 22.41 -75.01
CA THR H 427 49.69 21.44 -73.90
C THR H 427 50.15 20.11 -74.53
N LYS H 428 51.29 19.57 -74.07
CA LYS H 428 51.89 18.28 -74.52
C LYS H 428 51.12 17.10 -73.92
N THR H 429 50.81 17.15 -72.62
CA THR H 429 50.19 16.03 -71.86
C THR H 429 48.76 16.34 -71.44
N GLY H 430 48.32 17.59 -71.60
CA GLY H 430 47.00 18.09 -71.18
C GLY H 430 46.98 18.67 -69.78
N HIS H 431 48.09 18.67 -69.05
CA HIS H 431 48.17 19.09 -67.63
C HIS H 431 47.63 20.52 -67.48
N THR H 432 48.03 21.41 -68.35
CA THR H 432 47.65 22.85 -68.31
C THR H 432 46.15 22.94 -68.57
N ALA H 433 45.64 22.19 -69.56
CA ALA H 433 44.19 22.20 -69.88
C ALA H 433 43.42 21.68 -68.66
N ARG H 434 43.92 20.65 -67.99
CA ARG H 434 43.26 20.07 -66.80
C ARG H 434 43.20 21.12 -65.70
N LEU H 435 44.29 21.84 -65.47
CA LEU H 435 44.29 22.86 -64.39
C LEU H 435 43.44 24.07 -64.78
N ILE H 436 43.47 24.50 -66.00
CA ILE H 436 42.57 25.64 -66.39
C ILE H 436 41.11 25.19 -66.22
N SER H 437 40.78 23.99 -66.69
CA SER H 437 39.41 23.41 -66.55
C SER H 437 39.00 23.37 -65.08
N LYS H 438 39.86 22.89 -64.20
CA LYS H 438 39.60 22.88 -62.73
C LYS H 438 39.10 24.24 -62.21
N TYR H 439 39.59 25.37 -62.73
CA TYR H 439 39.30 26.74 -62.26
C TYR H 439 37.99 27.25 -62.90
N ARG H 440 37.42 26.49 -63.84
CA ARG H 440 36.07 26.76 -64.38
C ARG H 440 36.04 28.18 -64.90
N PRO H 441 36.89 28.56 -65.88
CA PRO H 441 36.89 29.92 -66.41
C PRO H 441 35.57 30.23 -67.14
N ASN H 442 35.29 31.52 -67.27
CA ASN H 442 34.14 32.07 -68.01
C ASN H 442 34.52 32.14 -69.49
N ALA H 443 34.86 30.99 -70.07
CA ALA H 443 35.33 30.85 -71.46
C ALA H 443 35.45 29.38 -71.80
N ASP H 444 35.36 29.06 -73.10
CA ASP H 444 35.75 27.73 -73.64
C ASP H 444 37.28 27.63 -73.59
N ILE H 445 37.78 26.42 -73.53
CA ILE H 445 39.23 26.12 -73.41
C ILE H 445 39.62 25.28 -74.63
N LEU H 446 40.35 25.87 -75.55
CA LEU H 446 40.89 25.12 -76.70
C LEU H 446 42.25 24.58 -76.31
N ALA H 447 42.35 23.26 -76.22
CA ALA H 447 43.59 22.55 -75.87
C ALA H 447 44.25 22.02 -77.14
N LEU H 448 45.30 22.73 -77.57
CA LEU H 448 46.12 22.31 -78.73
C LEU H 448 47.16 21.34 -78.20
N THR H 449 47.07 20.09 -78.63
CA THR H 449 47.95 18.98 -78.22
C THR H 449 48.46 18.27 -79.49
N PHE H 450 49.45 17.41 -79.33
CA PHE H 450 50.33 16.97 -80.44
C PHE H 450 50.24 15.45 -80.65
N ASP H 451 49.38 14.74 -79.91
CA ASP H 451 49.07 13.31 -80.16
C ASP H 451 47.60 13.02 -79.84
N GLU H 452 47.05 11.97 -80.47
CA GLU H 452 45.62 11.58 -80.39
C GLU H 452 45.26 11.02 -79.02
N LEU H 453 46.16 10.31 -78.35
CA LEU H 453 45.87 9.78 -77.00
C LEU H 453 45.62 10.96 -76.05
N THR H 454 46.44 12.00 -76.09
CA THR H 454 46.26 13.17 -75.21
C THR H 454 44.94 13.86 -75.59
N GLU H 455 44.71 13.99 -76.87
CA GLU H 455 43.50 14.65 -77.45
C GLU H 455 42.27 13.93 -76.88
N ARG H 456 42.14 12.63 -77.09
CA ARG H 456 40.94 11.90 -76.63
C ARG H 456 40.83 11.94 -75.09
N GLY H 457 41.95 11.85 -74.39
CA GLY H 457 41.95 11.82 -72.93
C GLY H 457 41.46 13.09 -72.29
N LEU H 458 41.31 14.20 -73.04
CA LEU H 458 40.81 15.49 -72.50
C LEU H 458 39.31 15.63 -72.74
N MET H 459 38.65 14.65 -73.33
CA MET H 459 37.30 14.90 -73.85
C MET H 459 36.25 14.93 -72.75
N LEU H 460 36.56 14.51 -71.52
CA LEU H 460 35.56 14.55 -70.42
C LEU H 460 35.85 15.67 -69.42
N ASN H 461 36.84 16.51 -69.70
CA ASN H 461 37.18 17.71 -68.86
C ASN H 461 36.31 18.90 -69.24
N TRP H 462 35.65 19.48 -68.24
CA TRP H 462 34.77 20.67 -68.34
C TRP H 462 35.41 21.72 -69.23
N GLY H 463 34.67 22.16 -70.24
CA GLY H 463 35.02 23.28 -71.13
C GLY H 463 36.10 22.98 -72.18
N VAL H 464 36.76 21.84 -72.15
CA VAL H 464 37.98 21.62 -72.98
C VAL H 464 37.59 21.07 -74.36
N ILE H 465 37.95 21.81 -75.38
CA ILE H 465 37.87 21.45 -76.81
C ILE H 465 39.27 21.02 -77.23
N PRO H 466 39.52 19.69 -77.30
CA PRO H 466 40.83 19.17 -77.68
C PRO H 466 40.98 19.26 -79.20
N MET H 467 42.15 19.70 -79.66
CA MET H 467 42.45 19.84 -81.09
C MET H 467 43.90 19.41 -81.33
N LEU H 468 44.07 18.50 -82.29
CA LEU H 468 45.36 17.88 -82.63
C LEU H 468 46.06 18.88 -83.54
N THR H 469 47.33 19.13 -83.29
CA THR H 469 48.17 20.03 -84.11
C THR H 469 49.63 19.57 -84.05
N ASP H 470 50.46 20.03 -84.97
CA ASP H 470 51.91 19.75 -85.01
C ASP H 470 52.58 20.37 -83.77
N ALA H 471 53.52 19.67 -83.13
CA ALA H 471 54.37 20.23 -82.05
C ALA H 471 55.07 21.48 -82.58
N PRO H 472 54.92 22.64 -81.91
CA PRO H 472 55.60 23.86 -82.34
C PRO H 472 57.12 23.69 -82.22
N SER H 473 57.88 24.27 -83.15
CA SER H 473 59.37 24.38 -83.05
C SER H 473 59.72 25.65 -82.27
N SER H 474 60.99 25.88 -81.94
CA SER H 474 61.43 27.13 -81.26
C SER H 474 61.45 28.30 -82.25
N THR H 475 61.12 28.06 -83.52
CA THR H 475 61.00 29.07 -84.61
C THR H 475 59.57 29.59 -84.73
N ASP H 476 58.59 28.81 -84.26
CA ASP H 476 57.15 29.13 -84.47
C ASP H 476 56.74 30.18 -83.45
N ASP H 477 55.78 31.02 -83.80
CA ASP H 477 55.10 31.95 -82.86
C ASP H 477 53.84 31.21 -82.39
N MET H 478 53.89 30.66 -81.18
CA MET H 478 52.75 29.87 -80.63
C MET H 478 51.48 30.74 -80.50
N PHE H 479 51.60 32.05 -80.32
CA PHE H 479 50.42 32.93 -80.14
C PHE H 479 49.71 33.14 -81.48
N GLU H 480 50.47 33.28 -82.57
CA GLU H 480 49.96 33.26 -83.97
C GLU H 480 49.28 31.90 -84.22
N ILE H 481 49.93 30.79 -83.88
CA ILE H 481 49.34 29.44 -84.09
C ILE H 481 48.01 29.36 -83.35
N ALA H 482 48.01 29.75 -82.08
CA ALA H 482 46.83 29.65 -81.20
C ALA H 482 45.68 30.39 -81.90
N GLU H 483 45.93 31.61 -82.36
CA GLU H 483 44.87 32.42 -82.99
C GLU H 483 44.42 31.70 -84.25
N ARG H 484 45.35 31.17 -85.03
CA ARG H 484 45.02 30.57 -86.35
C ARG H 484 44.11 29.33 -86.15
N LYS H 485 44.45 28.46 -85.19
CA LYS H 485 43.68 27.23 -84.91
C LYS H 485 42.29 27.60 -84.41
N ALA H 486 42.18 28.65 -83.58
CA ALA H 486 40.89 29.13 -83.04
C ALA H 486 39.99 29.63 -84.18
N VAL H 487 40.54 30.43 -85.09
CA VAL H 487 39.79 30.96 -86.28
C VAL H 487 39.36 29.78 -87.17
N GLU H 488 40.24 28.79 -87.35
CA GLU H 488 40.01 27.62 -88.24
C GLU H 488 39.01 26.65 -87.61
N ALA H 489 38.82 26.68 -86.30
CA ALA H 489 37.80 25.83 -85.63
C ALA H 489 36.46 26.56 -85.54
N GLY H 490 36.43 27.80 -86.03
CA GLY H 490 35.24 28.67 -85.97
C GLY H 490 34.92 29.11 -84.54
N LEU H 491 35.90 29.09 -83.62
CA LEU H 491 35.61 29.39 -82.18
C LEU H 491 35.62 30.91 -81.94
N VAL H 492 36.23 31.70 -82.80
CA VAL H 492 36.45 33.16 -82.55
C VAL H 492 36.34 33.88 -83.89
N GLU H 493 35.97 35.15 -83.86
CA GLU H 493 36.03 36.04 -85.05
C GLU H 493 36.73 37.33 -84.67
N SER H 494 37.07 38.11 -85.69
CA SER H 494 37.78 39.42 -85.58
C SER H 494 37.17 40.23 -84.46
N GLY H 495 38.02 40.86 -83.65
CA GLY H 495 37.60 41.70 -82.52
C GLY H 495 37.46 40.89 -81.24
N ASP H 496 37.49 39.55 -81.30
CA ASP H 496 37.34 38.71 -80.07
C ASP H 496 38.63 38.82 -79.25
N ASP H 497 38.52 38.81 -77.92
CA ASP H 497 39.68 38.80 -77.00
C ASP H 497 39.88 37.35 -76.55
N ILE H 498 41.10 36.85 -76.67
CA ILE H 498 41.45 35.48 -76.22
C ILE H 498 42.63 35.56 -75.26
N VAL H 499 42.68 34.58 -74.38
CA VAL H 499 43.83 34.40 -73.48
C VAL H 499 44.56 33.18 -74.00
N ILE H 500 45.87 33.26 -74.16
CA ILE H 500 46.69 32.14 -74.69
C ILE H 500 47.78 31.86 -73.66
N VAL H 501 47.97 30.60 -73.31
CA VAL H 501 49.07 30.17 -72.41
C VAL H 501 49.94 29.16 -73.17
N ALA H 502 51.21 29.16 -72.84
CA ALA H 502 52.20 28.27 -73.46
C ALA H 502 53.47 28.26 -72.59
N GLY H 503 54.32 27.25 -72.77
CA GLY H 503 55.69 27.23 -72.23
C GLY H 503 56.58 27.85 -73.27
N VAL H 504 56.99 29.09 -73.04
CA VAL H 504 57.81 29.87 -74.03
C VAL H 504 59.24 30.03 -73.50
N PRO H 505 60.29 29.85 -74.32
CA PRO H 505 60.19 29.25 -75.67
C PRO H 505 60.26 27.72 -75.63
N VAL H 506 59.82 27.04 -76.69
CA VAL H 506 59.95 25.55 -76.70
C VAL H 506 61.46 25.27 -76.75
N GLY H 507 61.89 24.28 -75.97
CA GLY H 507 63.30 23.91 -75.79
C GLY H 507 63.88 24.45 -74.49
N GLU H 508 63.27 25.47 -73.88
CA GLU H 508 63.83 26.14 -72.67
C GLU H 508 62.78 26.09 -71.56
N ALA H 509 61.52 26.46 -71.86
CA ALA H 509 60.41 26.40 -70.87
C ALA H 509 60.27 24.96 -70.42
N VAL H 510 60.16 24.74 -69.10
CA VAL H 510 59.89 23.39 -68.52
C VAL H 510 58.41 23.22 -68.22
N ARG H 511 57.60 24.26 -68.37
CA ARG H 511 56.14 24.24 -68.09
C ARG H 511 55.50 25.44 -68.76
N THR H 512 54.18 25.46 -68.83
CA THR H 512 53.39 26.68 -69.12
C THR H 512 53.87 27.82 -68.20
N ASN H 513 54.39 28.89 -68.80
CA ASN H 513 55.01 30.00 -68.04
C ASN H 513 54.52 31.37 -68.54
N THR H 514 53.71 31.41 -69.58
CA THR H 514 53.36 32.64 -70.31
C THR H 514 51.85 32.72 -70.49
N MET H 515 51.29 33.92 -70.29
CA MET H 515 49.88 34.25 -70.58
C MET H 515 49.88 35.50 -71.44
N ARG H 516 49.19 35.45 -72.56
CA ARG H 516 49.06 36.59 -73.48
C ARG H 516 47.57 36.89 -73.64
N ILE H 517 47.17 38.15 -73.59
CA ILE H 517 45.80 38.56 -73.95
C ILE H 517 45.89 39.13 -75.35
N ARG H 518 45.14 38.55 -76.30
CA ARG H 518 45.28 38.86 -77.74
C ARG H 518 43.90 39.14 -78.36
N THR H 519 43.86 40.16 -79.22
CA THR H 519 42.68 40.54 -80.00
C THR H 519 42.80 39.84 -81.37
N VAL H 520 41.81 39.03 -81.70
CA VAL H 520 41.81 38.30 -83.00
C VAL H 520 41.66 39.31 -84.12
N ARG H 521 42.55 39.22 -85.11
CA ARG H 521 42.63 40.10 -86.30
C ARG H 521 41.38 39.99 -87.17
#